data_6ZTG
#
_entry.id   6ZTG
#
_entity_poly.entity_id   1
_entity_poly.type   'polypeptide(L)'
_entity_poly.pdbx_seq_one_letter_code
;DGQKKHYQDEFAAIPLVPKAGDRDEPDMMPAATQALPTQPPEGAAEEVRAGDAAAPSLDPATIAANNTEFEPEPAPVAPP
KPKPVEPPKPKVEAPPAPKPEPKPVVEEKAAPTGKAYVVQLGALKNADKVNEIVGKLRGAGYRVYTSPSTPVQGKITRIL
VGPDASKDKLKGSLGELKQLSGLSGVVMGYTPN
;
_entity_poly.pdbx_strand_id   A
#
# COMPACT_ATOMS: atom_id res chain seq x y z
N ASP A 1 35.49 26.07 28.55
CA ASP A 1 36.69 25.34 28.08
C ASP A 1 37.16 24.35 29.12
N GLY A 2 36.84 23.09 28.89
CA GLY A 2 37.25 22.05 29.81
C GLY A 2 37.90 20.90 29.08
N GLN A 3 38.66 20.09 29.80
CA GLN A 3 39.24 18.88 29.21
C GLN A 3 38.17 17.80 29.14
N LYS A 4 37.14 17.98 29.95
CA LYS A 4 35.98 17.09 29.95
C LYS A 4 34.71 17.93 29.93
N LYS A 5 34.06 17.95 28.77
CA LYS A 5 32.79 18.64 28.60
C LYS A 5 31.75 18.00 29.51
N HIS A 6 31.68 16.67 29.41
CA HIS A 6 30.84 15.81 30.25
C HIS A 6 30.77 14.44 29.57
N TYR A 7 30.15 14.43 28.40
CA TYR A 7 30.10 13.27 27.53
C TYR A 7 29.40 13.67 26.23
N GLN A 8 30.20 13.93 25.19
CA GLN A 8 29.71 14.51 23.93
C GLN A 8 29.38 15.98 24.13
N ASP A 9 28.95 16.65 23.08
CA ASP A 9 28.59 18.05 23.15
C ASP A 9 27.10 18.19 23.33
N GLU A 10 26.67 18.69 24.49
CA GLU A 10 25.27 18.80 24.80
C GLU A 10 24.72 20.18 24.45
N PHE A 11 23.52 20.19 23.92
CA PHE A 11 22.79 21.43 23.68
C PHE A 11 21.30 21.16 23.85
N ALA A 12 20.87 20.01 23.38
CA ALA A 12 19.50 19.58 23.55
C ALA A 12 19.30 19.02 24.95
N ALA A 13 18.17 19.38 25.57
CA ALA A 13 17.80 18.89 26.90
C ALA A 13 18.84 19.29 27.95
N ILE A 14 18.99 20.58 28.17
CA ILE A 14 19.83 21.10 29.24
C ILE A 14 19.03 22.04 30.14
N PRO A 15 18.21 21.48 31.04
CA PRO A 15 17.37 22.26 31.96
C PRO A 15 18.19 22.89 33.07
N LEU A 16 19.19 23.68 32.68
CA LEU A 16 20.07 24.37 33.61
C LEU A 16 20.80 23.37 34.51
N VAL A 17 21.08 22.20 33.95
CA VAL A 17 21.74 21.13 34.68
C VAL A 17 23.26 21.26 34.58
N PRO A 18 23.84 21.41 33.37
CA PRO A 18 25.28 21.68 33.23
C PRO A 18 25.60 23.13 33.59
N LYS A 19 26.88 23.47 33.63
CA LYS A 19 27.28 24.84 33.96
C LYS A 19 26.74 25.81 32.92
N ALA A 20 26.91 25.46 31.65
CA ALA A 20 26.41 26.28 30.57
C ALA A 20 25.68 25.43 29.53
N GLY A 21 26.13 24.18 29.38
CA GLY A 21 25.54 23.30 28.39
C GLY A 21 26.01 23.64 27.00
N ASP A 22 25.46 24.72 26.46
CA ASP A 22 25.88 25.24 25.16
C ASP A 22 27.37 25.56 25.18
N ARG A 23 28.09 24.99 24.22
CA ARG A 23 29.54 25.17 24.15
C ARG A 23 29.89 26.62 23.87
N ASP A 24 30.65 27.23 24.78
CA ASP A 24 31.07 28.61 24.63
C ASP A 24 32.22 28.69 23.62
N GLU A 25 31.94 29.28 22.47
CA GLU A 25 32.89 29.32 21.36
C GLU A 25 33.85 30.50 21.47
N PRO A 26 35.11 30.29 21.01
CA PRO A 26 36.18 31.29 21.12
C PRO A 26 36.09 32.42 20.10
N ASP A 27 35.54 32.12 18.93
CA ASP A 27 35.44 33.09 17.85
C ASP A 27 34.66 32.52 16.67
N MET A 28 33.46 33.08 16.44
CA MET A 28 32.63 32.72 15.29
C MET A 28 31.30 33.47 15.34
N MET A 29 30.67 33.46 16.51
CA MET A 29 29.41 34.16 16.70
C MET A 29 29.33 34.77 18.11
N PRO A 30 29.62 34.00 19.19
CA PRO A 30 29.66 34.55 20.54
C PRO A 30 30.97 35.30 20.78
N ALA A 31 30.93 36.61 20.55
CA ALA A 31 32.11 37.47 20.67
C ALA A 31 33.15 37.11 19.60
N ALA A 32 34.26 37.83 19.59
CA ALA A 32 35.26 37.64 18.54
C ALA A 32 36.68 37.71 19.08
N THR A 33 37.58 37.01 18.40
CA THR A 33 39.01 37.03 18.71
C THR A 33 39.32 36.30 20.02
N GLN A 34 39.02 36.94 21.15
CA GLN A 34 39.29 36.33 22.44
C GLN A 34 38.00 36.25 23.26
N ALA A 35 37.13 35.35 22.85
CA ALA A 35 35.91 35.10 23.59
C ALA A 35 36.11 33.97 24.58
N LEU A 36 37.08 33.12 24.28
CA LEU A 36 37.39 31.97 25.10
C LEU A 36 38.89 31.75 25.16
N PRO A 37 39.52 32.15 26.28
CA PRO A 37 40.96 31.97 26.51
C PRO A 37 41.42 30.55 26.21
N THR A 38 40.60 29.58 26.59
CA THR A 38 40.86 28.16 26.31
C THR A 38 42.16 27.69 26.95
N GLN A 39 42.06 27.16 28.16
CA GLN A 39 43.23 26.59 28.83
C GLN A 39 43.33 25.09 28.51
N PRO A 40 42.25 24.30 28.69
CA PRO A 40 42.19 22.93 28.18
C PRO A 40 41.69 22.92 26.74
N PRO A 41 42.08 21.91 25.95
CA PRO A 41 41.80 21.86 24.50
C PRO A 41 40.32 21.84 24.17
N GLU A 42 39.51 21.46 25.16
CA GLU A 42 38.05 21.36 25.03
C GLU A 42 37.67 20.31 23.98
N GLY A 43 37.71 20.69 22.71
CA GLY A 43 37.37 19.76 21.65
C GLY A 43 38.03 20.14 20.36
N ALA A 44 37.74 21.34 19.87
CA ALA A 44 38.24 21.85 18.59
C ALA A 44 37.67 21.05 17.42
N ALA A 45 38.13 19.81 17.30
CA ALA A 45 37.67 18.91 16.25
C ALA A 45 38.20 17.51 16.51
N GLU A 46 39.53 17.42 16.63
CA GLU A 46 40.24 16.16 16.91
C GLU A 46 40.14 15.21 15.73
N GLU A 47 38.97 14.63 15.57
CA GLU A 47 38.68 13.74 14.45
C GLU A 47 37.17 13.69 14.25
N VAL A 48 36.47 13.21 15.25
CA VAL A 48 35.02 13.26 15.27
C VAL A 48 34.56 14.47 16.06
N ARG A 49 34.39 15.58 15.36
CA ARG A 49 34.02 16.84 15.97
C ARG A 49 32.62 16.77 16.57
N ALA A 50 31.64 16.45 15.73
CA ALA A 50 30.27 16.33 16.19
C ALA A 50 29.45 15.48 15.21
N GLY A 51 29.10 16.07 14.09
CA GLY A 51 28.36 15.34 13.07
C GLY A 51 29.26 14.82 11.98
N ASP A 52 30.30 14.12 12.39
CA ASP A 52 31.29 13.61 11.45
C ASP A 52 31.02 12.15 11.15
N ALA A 53 30.83 11.85 9.86
CA ALA A 53 30.46 10.51 9.40
C ALA A 53 29.05 10.15 9.86
N ALA A 54 28.93 9.76 11.13
CA ALA A 54 27.64 9.41 11.73
C ALA A 54 26.90 8.39 10.87
N ALA A 55 27.59 7.31 10.52
CA ALA A 55 27.04 6.32 9.62
C ALA A 55 27.13 4.92 10.22
N PRO A 56 26.00 4.21 10.33
CA PRO A 56 25.96 2.83 10.83
C PRO A 56 26.88 1.92 10.01
N SER A 57 27.72 1.18 10.71
CA SER A 57 28.71 0.33 10.05
C SER A 57 28.12 -1.02 9.65
N LEU A 58 27.16 -1.49 10.44
CA LEU A 58 26.52 -2.77 10.16
C LEU A 58 25.39 -2.60 9.16
N ASP A 59 24.50 -1.66 9.45
CA ASP A 59 23.35 -1.39 8.59
C ASP A 59 23.73 -0.45 7.45
N PRO A 60 23.68 -0.93 6.20
CA PRO A 60 23.97 -0.11 5.02
C PRO A 60 22.89 0.95 4.79
N ALA A 61 21.67 0.60 5.18
CA ALA A 61 20.53 1.51 5.06
C ALA A 61 19.42 1.07 6.00
N THR A 62 19.42 1.64 7.20
CA THR A 62 18.45 1.26 8.22
C THR A 62 17.01 1.50 7.77
N ILE A 63 16.80 2.56 7.00
CA ILE A 63 15.45 2.92 6.55
C ILE A 63 15.00 2.04 5.38
N ALA A 64 15.90 1.22 4.87
CA ALA A 64 15.57 0.33 3.76
C ALA A 64 15.61 -1.13 4.18
N ALA A 65 16.59 -1.45 5.02
CA ALA A 65 16.73 -2.79 5.57
C ALA A 65 16.02 -2.87 6.91
N ASN A 66 16.44 -3.81 7.76
CA ASN A 66 15.90 -3.96 9.10
C ASN A 66 14.44 -4.42 9.07
N ASN A 67 13.61 -3.88 9.95
CA ASN A 67 12.24 -4.36 10.09
C ASN A 67 11.36 -3.87 8.95
N THR A 68 11.96 -3.19 8.01
CA THR A 68 11.25 -2.67 6.84
C THR A 68 10.63 -3.81 6.04
N GLU A 69 11.34 -4.94 6.00
CA GLU A 69 10.84 -6.13 5.33
C GLU A 69 11.24 -7.38 6.10
N PHE A 70 11.34 -7.21 7.42
CA PHE A 70 11.70 -8.30 8.34
C PHE A 70 13.11 -8.83 8.06
N GLU A 71 14.08 -8.20 8.71
CA GLU A 71 15.47 -8.62 8.59
C GLU A 71 16.03 -9.02 9.96
N PRO A 72 15.86 -10.30 10.33
CA PRO A 72 16.34 -10.84 11.60
C PRO A 72 17.75 -11.41 11.50
N GLU A 73 18.60 -11.07 12.46
CA GLU A 73 19.97 -11.58 12.50
C GLU A 73 20.04 -12.96 13.17
N PRO A 74 19.47 -13.14 14.39
CA PRO A 74 19.55 -14.42 15.10
C PRO A 74 18.81 -15.54 14.38
N ALA A 75 17.59 -15.26 13.94
CA ALA A 75 16.80 -16.25 13.21
C ALA A 75 16.37 -15.71 11.85
N PRO A 76 17.28 -15.72 10.87
CA PRO A 76 17.00 -15.23 9.51
C PRO A 76 15.87 -16.00 8.84
N VAL A 77 15.03 -15.29 8.11
CA VAL A 77 13.89 -15.89 7.45
C VAL A 77 14.30 -16.53 6.12
N ALA A 78 15.09 -17.58 6.21
CA ALA A 78 15.59 -18.28 5.04
C ALA A 78 14.47 -19.07 4.35
N PRO A 79 14.49 -19.15 3.01
CA PRO A 79 13.43 -19.82 2.23
C PRO A 79 13.04 -21.22 2.76
N PRO A 80 14.00 -22.15 2.99
CA PRO A 80 13.68 -23.53 3.40
C PRO A 80 12.84 -23.60 4.67
N LYS A 81 12.22 -24.76 4.90
CA LYS A 81 11.32 -25.00 6.02
C LYS A 81 9.96 -24.35 5.77
N PRO A 82 8.90 -25.17 5.73
CA PRO A 82 7.54 -24.70 5.47
C PRO A 82 7.00 -23.85 6.61
N LYS A 83 6.74 -22.58 6.32
CA LYS A 83 6.26 -21.65 7.31
C LYS A 83 5.19 -20.74 6.73
N PRO A 84 3.98 -20.79 7.28
CA PRO A 84 2.89 -19.94 6.84
C PRO A 84 2.95 -18.55 7.45
N VAL A 85 2.20 -17.61 6.90
CA VAL A 85 2.13 -16.27 7.42
C VAL A 85 0.70 -16.01 7.93
N GLU A 86 0.24 -16.95 8.75
CA GLU A 86 -1.14 -16.96 9.25
C GLU A 86 -2.12 -17.11 8.09
N PRO A 87 -2.38 -18.35 7.66
CA PRO A 87 -3.25 -18.64 6.53
C PRO A 87 -4.70 -18.22 6.78
N PRO A 88 -5.48 -17.98 5.71
CA PRO A 88 -6.86 -17.54 5.81
C PRO A 88 -7.81 -18.68 6.20
N LYS A 89 -7.54 -19.30 7.33
CA LYS A 89 -8.35 -20.42 7.81
C LYS A 89 -9.74 -19.93 8.28
N PRO A 90 -9.82 -18.93 9.19
CA PRO A 90 -11.12 -18.42 9.68
C PRO A 90 -11.96 -17.81 8.57
N LYS A 91 -11.30 -17.19 7.61
CA LYS A 91 -11.97 -16.59 6.47
C LYS A 91 -10.97 -16.39 5.33
N VAL A 92 -11.33 -16.86 4.15
CA VAL A 92 -10.46 -16.76 2.99
C VAL A 92 -11.09 -15.86 1.92
N GLU A 93 -10.60 -14.63 1.86
CA GLU A 93 -11.15 -13.62 0.95
C GLU A 93 -12.65 -13.45 1.18
N ALA A 94 -13.02 -13.17 2.41
CA ALA A 94 -14.41 -12.95 2.75
C ALA A 94 -14.78 -11.50 2.49
N PRO A 95 -15.66 -11.25 1.51
CA PRO A 95 -16.07 -9.89 1.15
C PRO A 95 -16.91 -9.25 2.25
N PRO A 96 -16.42 -8.16 2.83
CA PRO A 96 -17.15 -7.42 3.87
C PRO A 96 -18.50 -6.92 3.37
N ALA A 97 -19.58 -7.46 3.92
CA ALA A 97 -20.91 -7.02 3.57
C ALA A 97 -21.10 -5.54 3.94
N PRO A 98 -20.77 -5.11 5.18
CA PRO A 98 -20.67 -3.70 5.49
C PRO A 98 -19.28 -3.15 5.16
N LYS A 99 -19.22 -1.93 4.66
CA LYS A 99 -17.95 -1.32 4.32
C LYS A 99 -17.36 -0.63 5.55
N PRO A 100 -16.25 -1.18 6.08
CA PRO A 100 -15.60 -0.63 7.26
C PRO A 100 -14.74 0.59 6.92
N GLU A 101 -14.80 1.58 7.79
CA GLU A 101 -14.00 2.79 7.61
C GLU A 101 -13.15 3.06 8.86
N PRO A 102 -12.06 2.30 9.04
CA PRO A 102 -11.15 2.48 10.17
C PRO A 102 -10.27 3.70 9.98
N LYS A 103 -10.85 4.88 10.19
CA LYS A 103 -10.21 6.16 9.92
C LYS A 103 -10.05 6.37 8.41
N PRO A 104 -10.72 7.40 7.87
CA PRO A 104 -10.63 7.74 6.44
C PRO A 104 -9.18 7.90 5.99
N VAL A 105 -8.84 7.29 4.87
CA VAL A 105 -7.47 7.28 4.38
C VAL A 105 -7.14 8.56 3.61
N VAL A 106 -7.51 9.68 4.22
CA VAL A 106 -7.25 10.99 3.65
C VAL A 106 -5.90 11.50 4.12
N GLU A 107 -5.08 10.59 4.61
CA GLU A 107 -3.74 10.90 5.06
C GLU A 107 -2.76 10.54 3.96
N GLU A 108 -1.47 10.66 4.23
CA GLU A 108 -0.47 10.26 3.26
C GLU A 108 -0.33 8.75 3.24
N LYS A 109 0.43 8.22 4.20
CA LYS A 109 0.64 6.79 4.38
C LYS A 109 1.63 6.27 3.34
N ALA A 110 2.74 5.76 3.84
CA ALA A 110 3.93 5.53 3.02
C ALA A 110 4.45 6.87 2.53
N ALA A 111 3.85 7.37 1.46
CA ALA A 111 4.09 8.72 0.98
C ALA A 111 3.35 8.95 -0.33
N PRO A 112 2.84 10.17 -0.57
CA PRO A 112 2.12 10.51 -1.79
C PRO A 112 3.05 10.56 -2.99
N THR A 113 2.89 9.57 -3.89
CA THR A 113 3.72 9.46 -5.10
C THR A 113 5.10 8.88 -4.75
N GLY A 114 5.48 8.97 -3.48
CA GLY A 114 6.77 8.46 -3.05
C GLY A 114 6.79 6.94 -2.96
N LYS A 115 6.19 6.41 -1.91
CA LYS A 115 6.15 4.96 -1.71
C LYS A 115 4.79 4.40 -2.05
N ALA A 116 4.38 4.63 -3.29
CA ALA A 116 3.13 4.11 -3.82
C ALA A 116 3.29 2.64 -4.18
N TYR A 117 2.18 1.95 -4.40
CA TYR A 117 2.23 0.54 -4.73
C TYR A 117 1.24 0.19 -5.84
N VAL A 118 1.53 -0.91 -6.53
CA VAL A 118 0.69 -1.42 -7.61
C VAL A 118 0.88 -2.94 -7.73
N VAL A 119 -0.14 -3.64 -8.20
CA VAL A 119 -0.05 -5.09 -8.36
C VAL A 119 -0.03 -5.50 -9.83
N GLN A 120 1.12 -5.98 -10.29
CA GLN A 120 1.29 -6.34 -11.70
C GLN A 120 0.80 -7.76 -11.99
N LEU A 121 -0.27 -7.89 -12.79
CA LEU A 121 -0.82 -9.20 -13.10
C LEU A 121 -0.21 -9.74 -14.38
N GLY A 122 0.09 -8.86 -15.31
CA GLY A 122 0.61 -9.27 -16.58
C GLY A 122 1.62 -8.31 -17.17
N ALA A 123 2.22 -8.70 -18.28
CA ALA A 123 3.22 -7.89 -18.95
C ALA A 123 3.54 -8.51 -20.31
N LEU A 124 3.02 -7.92 -21.36
CA LEU A 124 3.17 -8.46 -22.69
C LEU A 124 3.25 -7.35 -23.72
N LYS A 125 3.84 -7.68 -24.86
CA LYS A 125 4.10 -6.70 -25.89
C LYS A 125 3.03 -6.77 -26.97
N ASN A 126 1.94 -7.43 -26.64
CA ASN A 126 0.81 -7.54 -27.55
C ASN A 126 -0.38 -6.78 -26.96
N ALA A 127 -0.69 -5.63 -27.54
CA ALA A 127 -1.73 -4.77 -27.01
C ALA A 127 -3.09 -5.43 -27.09
N ASP A 128 -3.24 -6.35 -28.03
CA ASP A 128 -4.46 -7.13 -28.18
C ASP A 128 -4.74 -7.88 -26.89
N LYS A 129 -3.68 -8.37 -26.29
CA LYS A 129 -3.77 -9.11 -25.04
C LYS A 129 -3.92 -8.15 -23.86
N VAL A 130 -3.28 -6.99 -23.99
CA VAL A 130 -3.41 -5.92 -23.00
C VAL A 130 -4.87 -5.52 -22.84
N ASN A 131 -5.54 -5.38 -23.98
CA ASN A 131 -6.94 -4.95 -24.00
C ASN A 131 -7.83 -5.96 -23.26
N GLU A 132 -7.44 -7.24 -23.29
CA GLU A 132 -8.20 -8.26 -22.58
C GLU A 132 -8.06 -8.07 -21.09
N ILE A 133 -6.82 -8.19 -20.63
CA ILE A 133 -6.51 -8.14 -19.20
C ILE A 133 -7.14 -6.90 -18.54
N VAL A 134 -6.97 -5.77 -19.20
CA VAL A 134 -7.54 -4.52 -18.72
C VAL A 134 -9.05 -4.51 -18.93
N GLY A 135 -9.50 -5.12 -20.01
CA GLY A 135 -10.92 -5.21 -20.27
C GLY A 135 -11.64 -6.07 -19.25
N LYS A 136 -10.94 -7.09 -18.73
CA LYS A 136 -11.50 -7.96 -17.73
C LYS A 136 -11.70 -7.18 -16.42
N LEU A 137 -10.63 -6.52 -16.00
CA LEU A 137 -10.62 -5.82 -14.71
C LEU A 137 -11.16 -4.40 -14.77
N ARG A 138 -10.58 -3.58 -15.63
CA ARG A 138 -10.94 -2.17 -15.69
C ARG A 138 -12.35 -2.06 -16.25
N GLY A 139 -12.68 -3.02 -17.09
CA GLY A 139 -14.00 -3.07 -17.67
C GLY A 139 -15.06 -3.42 -16.64
N ALA A 140 -14.63 -4.10 -15.58
CA ALA A 140 -15.50 -4.46 -14.48
C ALA A 140 -15.57 -3.34 -13.46
N GLY A 141 -14.76 -2.32 -13.67
CA GLY A 141 -14.78 -1.15 -12.80
C GLY A 141 -13.75 -1.21 -11.70
N TYR A 142 -12.67 -1.95 -11.91
CA TYR A 142 -11.59 -1.99 -10.94
C TYR A 142 -10.51 -0.98 -11.29
N ARG A 143 -9.76 -0.55 -10.29
CA ARG A 143 -8.64 0.35 -10.51
C ARG A 143 -7.51 -0.40 -11.20
N VAL A 144 -7.44 -0.25 -12.51
CA VAL A 144 -6.46 -0.96 -13.31
C VAL A 144 -5.78 -0.02 -14.28
N TYR A 145 -4.48 -0.01 -14.22
CA TYR A 145 -3.69 0.77 -15.15
C TYR A 145 -2.53 -0.04 -15.69
N THR A 146 -1.82 0.57 -16.60
CA THR A 146 -0.81 -0.12 -17.38
C THR A 146 0.58 0.45 -17.13
N SER A 147 1.55 -0.07 -17.88
CA SER A 147 2.93 0.36 -17.76
C SER A 147 3.07 1.88 -17.91
N PRO A 148 4.12 2.45 -17.32
CA PRO A 148 4.31 3.91 -17.20
C PRO A 148 3.95 4.71 -18.45
N SER A 149 4.72 4.55 -19.52
CA SER A 149 4.62 5.47 -20.64
C SER A 149 3.38 5.23 -21.51
N THR A 150 3.28 4.06 -22.14
CA THR A 150 2.15 3.76 -23.01
C THR A 150 2.11 2.29 -23.43
N PRO A 151 0.94 1.64 -23.28
CA PRO A 151 0.64 0.38 -23.96
C PRO A 151 0.63 0.54 -25.46
N VAL A 152 1.42 -0.25 -26.15
CA VAL A 152 1.43 -0.23 -27.60
C VAL A 152 1.88 -1.60 -28.11
N GLN A 153 1.44 -1.92 -29.31
CA GLN A 153 1.77 -3.21 -29.92
C GLN A 153 3.25 -3.25 -30.31
N GLY A 154 3.96 -4.23 -29.76
CA GLY A 154 5.38 -4.37 -30.03
C GLY A 154 6.23 -4.04 -28.81
N LYS A 155 5.70 -3.19 -27.94
CA LYS A 155 6.41 -2.80 -26.73
C LYS A 155 5.77 -3.42 -25.51
N ILE A 156 6.55 -3.57 -24.44
CA ILE A 156 6.10 -4.26 -23.25
C ILE A 156 5.06 -3.43 -22.48
N THR A 157 3.86 -3.98 -22.38
CA THR A 157 2.81 -3.36 -21.60
C THR A 157 2.50 -4.19 -20.36
N ARG A 158 2.82 -3.63 -19.22
CA ARG A 158 2.51 -4.28 -17.96
C ARG A 158 1.11 -3.92 -17.52
N ILE A 159 0.42 -4.87 -16.89
CA ILE A 159 -0.92 -4.62 -16.40
C ILE A 159 -0.92 -4.65 -14.89
N LEU A 160 -1.39 -3.58 -14.28
CA LEU A 160 -1.28 -3.42 -12.84
C LEU A 160 -2.63 -3.07 -12.22
N VAL A 161 -2.99 -3.81 -11.20
CA VAL A 161 -4.21 -3.58 -10.45
C VAL A 161 -3.91 -2.86 -9.16
N GLY A 162 -4.80 -1.95 -8.80
CA GLY A 162 -4.69 -1.28 -7.54
C GLY A 162 -3.59 -0.24 -7.49
N PRO A 163 -3.50 0.69 -8.46
CA PRO A 163 -2.62 1.83 -8.30
C PRO A 163 -3.07 2.68 -7.14
N ASP A 164 -2.16 2.91 -6.22
CA ASP A 164 -2.46 3.74 -5.07
C ASP A 164 -1.17 4.18 -4.41
N ALA A 165 -1.21 5.34 -3.80
CA ALA A 165 -0.04 5.90 -3.16
C ALA A 165 0.03 5.48 -1.69
N SER A 166 -1.03 4.88 -1.21
CA SER A 166 -1.11 4.44 0.18
C SER A 166 -0.76 2.97 0.28
N LYS A 167 0.46 2.70 0.71
CA LYS A 167 0.92 1.33 0.87
C LYS A 167 0.11 0.63 1.94
N ASP A 168 -0.15 1.32 3.05
CA ASP A 168 -0.91 0.74 4.14
C ASP A 168 -2.28 0.26 3.68
N LYS A 169 -2.99 1.16 3.01
CA LYS A 169 -4.33 0.86 2.52
C LYS A 169 -4.31 -0.25 1.47
N LEU A 170 -3.46 -0.11 0.47
CA LEU A 170 -3.49 -0.98 -0.69
C LEU A 170 -2.66 -2.25 -0.51
N LYS A 171 -1.52 -2.15 0.16
CA LYS A 171 -0.56 -3.25 0.17
C LYS A 171 -0.99 -4.30 1.21
N GLY A 172 -1.81 -3.86 2.15
CA GLY A 172 -2.41 -4.78 3.09
C GLY A 172 -3.63 -5.43 2.48
N SER A 173 -4.06 -4.87 1.35
CA SER A 173 -5.27 -5.30 0.67
C SER A 173 -4.99 -6.40 -0.35
N LEU A 174 -3.73 -6.68 -0.61
CA LEU A 174 -3.36 -7.63 -1.66
C LEU A 174 -3.97 -9.00 -1.42
N GLY A 175 -4.03 -9.39 -0.16
CA GLY A 175 -4.61 -10.67 0.21
C GLY A 175 -6.03 -10.81 -0.29
N GLU A 176 -6.84 -9.78 -0.08
CA GLU A 176 -8.23 -9.80 -0.53
C GLU A 176 -8.31 -9.35 -1.99
N LEU A 177 -7.26 -8.71 -2.48
CA LEU A 177 -7.23 -8.25 -3.86
C LEU A 177 -7.21 -9.44 -4.81
N LYS A 178 -6.70 -10.57 -4.35
CA LYS A 178 -6.77 -11.82 -5.09
C LYS A 178 -8.23 -12.24 -5.31
N GLN A 179 -9.12 -11.65 -4.53
CA GLN A 179 -10.55 -11.79 -4.76
C GLN A 179 -11.02 -10.67 -5.68
N LEU A 180 -10.48 -9.48 -5.45
CA LEU A 180 -10.84 -8.30 -6.22
C LEU A 180 -10.48 -8.47 -7.69
N SER A 181 -9.25 -8.82 -7.98
CA SER A 181 -8.84 -9.02 -9.35
C SER A 181 -8.82 -10.51 -9.68
N GLY A 182 -8.21 -11.28 -8.80
CA GLY A 182 -8.13 -12.71 -8.98
C GLY A 182 -7.12 -13.11 -10.04
N LEU A 183 -6.41 -12.13 -10.57
CA LEU A 183 -5.38 -12.37 -11.56
C LEU A 183 -4.04 -12.47 -10.88
N SER A 184 -3.09 -13.10 -11.53
CA SER A 184 -1.80 -13.38 -10.93
C SER A 184 -0.94 -12.13 -10.88
N GLY A 185 -1.03 -11.41 -9.77
CA GLY A 185 -0.32 -10.17 -9.63
C GLY A 185 0.77 -10.20 -8.59
N VAL A 186 1.89 -9.56 -8.91
CA VAL A 186 3.01 -9.48 -7.99
C VAL A 186 3.10 -8.10 -7.37
N VAL A 187 3.55 -8.06 -6.13
CA VAL A 187 3.64 -6.82 -5.37
C VAL A 187 4.80 -5.95 -5.87
N MET A 188 4.46 -4.79 -6.43
CA MET A 188 5.45 -3.86 -6.95
C MET A 188 5.21 -2.48 -6.39
N GLY A 189 6.29 -1.78 -6.08
CA GLY A 189 6.16 -0.43 -5.61
C GLY A 189 5.97 0.55 -6.75
N TYR A 190 4.93 1.34 -6.63
CA TYR A 190 4.49 2.28 -7.64
C TYR A 190 5.24 3.61 -7.50
N THR A 191 5.74 4.10 -8.61
CA THR A 191 6.35 5.42 -8.65
C THR A 191 5.80 6.19 -9.85
N PRO A 192 4.71 6.95 -9.62
CA PRO A 192 4.01 7.70 -10.67
C PRO A 192 4.92 8.63 -11.48
N ASN A 193 4.50 8.88 -12.72
CA ASN A 193 5.23 9.78 -13.61
C ASN A 193 4.27 10.82 -14.14
N ASP A 1 -1.06 25.43 57.42
CA ASP A 1 -1.92 25.46 58.62
C ASP A 1 -2.85 24.25 58.65
N GLY A 2 -2.75 23.38 57.65
CA GLY A 2 -3.68 22.29 57.53
C GLY A 2 -3.00 20.94 57.39
N GLN A 3 -3.58 19.92 57.99
CA GLN A 3 -3.09 18.57 57.91
C GLN A 3 -3.79 17.82 56.76
N LYS A 4 -4.55 18.57 55.98
CA LYS A 4 -5.26 18.02 54.84
C LYS A 4 -4.39 18.18 53.59
N LYS A 5 -4.22 17.10 52.84
CA LYS A 5 -3.34 17.10 51.68
C LYS A 5 -3.83 18.02 50.57
N HIS A 6 -5.09 18.44 50.66
CA HIS A 6 -5.64 19.41 49.72
C HIS A 6 -4.90 20.74 49.86
N TYR A 7 -4.31 20.96 51.04
CA TYR A 7 -3.52 22.14 51.29
C TYR A 7 -2.05 21.76 51.41
N GLN A 8 -1.19 22.48 50.70
CA GLN A 8 0.24 22.23 50.77
C GLN A 8 0.86 23.06 51.88
N ASP A 9 1.59 22.39 52.77
CA ASP A 9 2.26 23.05 53.89
C ASP A 9 3.28 24.04 53.36
N GLU A 10 3.46 25.16 54.04
CA GLU A 10 4.28 26.24 53.52
C GLU A 10 5.49 26.51 54.42
N PHE A 11 6.67 26.45 53.83
CA PHE A 11 7.91 26.73 54.55
C PHE A 11 8.43 28.12 54.20
N ALA A 12 7.64 28.86 53.43
CA ALA A 12 8.05 30.18 52.97
C ALA A 12 7.80 31.25 54.04
N ALA A 13 6.55 31.67 54.21
CA ALA A 13 6.23 32.73 55.15
C ALA A 13 6.11 32.20 56.57
N ILE A 14 5.98 30.87 56.68
CA ILE A 14 5.90 30.17 57.97
C ILE A 14 5.11 30.96 59.03
N PRO A 15 3.79 31.11 58.82
CA PRO A 15 2.91 31.86 59.72
C PRO A 15 2.61 31.09 60.99
N LEU A 16 3.65 30.77 61.74
CA LEU A 16 3.54 30.06 63.01
C LEU A 16 2.98 28.66 62.80
N VAL A 17 3.05 28.18 61.57
CA VAL A 17 2.53 26.86 61.25
C VAL A 17 3.59 25.78 61.53
N PRO A 18 4.71 25.74 60.78
CA PRO A 18 5.82 24.85 61.13
C PRO A 18 6.54 25.35 62.38
N LYS A 19 6.11 24.86 63.53
CA LYS A 19 6.66 25.29 64.80
C LYS A 19 8.02 24.63 65.06
N ALA A 20 8.91 24.78 64.09
CA ALA A 20 10.26 24.24 64.18
C ALA A 20 11.23 25.10 63.39
N GLY A 21 10.73 26.25 62.94
CA GLY A 21 11.55 27.13 62.13
C GLY A 21 11.62 26.67 60.68
N ASP A 22 12.71 27.04 60.01
CA ASP A 22 12.91 26.64 58.62
C ASP A 22 13.37 25.21 58.55
N ARG A 23 12.54 24.37 57.94
CA ARG A 23 12.87 22.96 57.75
C ARG A 23 12.55 22.55 56.32
N ASP A 24 12.94 23.39 55.38
CA ASP A 24 12.64 23.13 53.97
C ASP A 24 13.80 22.39 53.32
N GLU A 25 13.56 21.12 53.02
CA GLU A 25 14.50 20.32 52.26
C GLU A 25 14.18 20.47 50.78
N PRO A 26 15.20 20.62 49.91
CA PRO A 26 15.03 20.74 48.46
C PRO A 26 13.97 19.78 47.91
N ASP A 27 13.12 20.29 47.02
CA ASP A 27 11.92 19.57 46.57
C ASP A 27 12.25 18.47 45.54
N MET A 28 13.32 17.73 45.80
CA MET A 28 13.63 16.55 45.01
C MET A 28 12.81 15.36 45.51
N MET A 29 12.66 15.28 46.82
CA MET A 29 11.93 14.20 47.44
C MET A 29 10.74 14.72 48.25
N PRO A 30 10.93 15.72 49.16
CA PRO A 30 9.84 16.31 49.95
C PRO A 30 8.66 16.74 49.10
N ALA A 31 7.55 16.03 49.27
CA ALA A 31 6.28 16.33 48.61
C ALA A 31 6.33 16.04 47.11
N ALA A 32 7.49 15.59 46.64
CA ALA A 32 7.66 15.27 45.24
C ALA A 32 7.44 13.79 44.98
N THR A 33 8.49 13.00 45.15
CA THR A 33 8.38 11.56 44.98
C THR A 33 8.05 10.88 46.30
N GLN A 34 8.03 11.67 47.37
CA GLN A 34 7.68 11.18 48.69
C GLN A 34 6.83 12.22 49.41
N ALA A 35 5.58 11.89 49.67
CA ALA A 35 4.66 12.81 50.33
C ALA A 35 5.08 13.08 51.76
N LEU A 36 4.84 14.30 52.21
CA LEU A 36 5.16 14.70 53.58
C LEU A 36 3.93 14.57 54.46
N PRO A 37 3.90 13.55 55.34
CA PRO A 37 2.75 13.31 56.22
C PRO A 37 2.80 14.17 57.48
N THR A 38 3.72 15.12 57.50
CA THR A 38 3.86 16.03 58.61
C THR A 38 2.69 17.01 58.67
N GLN A 39 2.71 18.01 57.79
CA GLN A 39 1.65 19.01 57.68
C GLN A 39 1.16 19.49 59.04
N PRO A 40 1.89 20.44 59.66
CA PRO A 40 1.54 20.98 60.99
C PRO A 40 0.12 21.52 61.03
N PRO A 41 -0.77 20.84 61.78
CA PRO A 41 -2.17 21.23 61.89
C PRO A 41 -2.35 22.46 62.79
N GLU A 42 -3.04 23.45 62.27
CA GLU A 42 -3.48 24.58 63.08
C GLU A 42 -4.97 24.46 63.32
N GLY A 43 -5.69 24.13 62.25
CA GLY A 43 -7.10 23.85 62.36
C GLY A 43 -7.37 22.53 63.04
N ALA A 44 -8.28 22.55 64.01
CA ALA A 44 -8.64 21.37 64.80
C ALA A 44 -7.52 20.96 65.77
N ALA A 45 -6.46 21.76 65.80
CA ALA A 45 -5.35 21.52 66.71
C ALA A 45 -5.47 22.41 67.94
N GLU A 46 -6.29 23.45 67.82
CA GLU A 46 -6.56 24.34 68.93
C GLU A 46 -7.45 23.65 69.95
N GLU A 47 -6.82 22.84 70.80
CA GLU A 47 -7.53 22.05 71.80
C GLU A 47 -8.38 20.96 71.14
N VAL A 48 -9.03 20.14 71.96
CA VAL A 48 -9.83 19.01 71.50
C VAL A 48 -8.95 17.94 70.87
N ARG A 49 -8.55 18.17 69.61
CA ARG A 49 -7.65 17.25 68.90
C ARG A 49 -8.19 15.83 68.90
N ALA A 50 -9.50 15.71 68.72
CA ALA A 50 -10.15 14.41 68.72
C ALA A 50 -10.70 14.10 67.34
N GLY A 51 -11.59 13.12 67.26
CA GLY A 51 -12.18 12.75 65.99
C GLY A 51 -13.14 13.80 65.48
N ASP A 52 -12.62 14.74 64.71
CA ASP A 52 -13.43 15.81 64.14
C ASP A 52 -13.50 15.65 62.63
N ALA A 53 -14.33 16.45 61.97
CA ALA A 53 -14.58 16.29 60.54
C ALA A 53 -13.56 17.06 59.71
N ALA A 54 -12.53 17.57 60.37
CA ALA A 54 -11.45 18.25 59.67
C ALA A 54 -10.63 17.24 58.87
N ALA A 55 -10.47 16.06 59.42
CA ALA A 55 -9.79 14.97 58.74
C ALA A 55 -10.78 13.87 58.39
N PRO A 56 -11.29 13.87 57.15
CA PRO A 56 -12.27 12.88 56.68
C PRO A 56 -11.79 11.45 56.85
N SER A 57 -10.47 11.27 56.75
CA SER A 57 -9.79 9.98 56.96
C SER A 57 -10.04 9.01 55.80
N LEU A 58 -11.29 8.91 55.35
CA LEU A 58 -11.63 8.05 54.22
C LEU A 58 -11.32 8.74 52.90
N ASP A 59 -10.98 7.94 51.90
CA ASP A 59 -10.66 8.46 50.58
C ASP A 59 -11.93 8.78 49.82
N PRO A 60 -11.99 9.98 49.21
CA PRO A 60 -13.16 10.46 48.46
C PRO A 60 -13.50 9.56 47.28
N ALA A 61 -12.48 8.88 46.74
CA ALA A 61 -12.70 7.89 45.70
C ALA A 61 -13.06 6.55 46.33
N THR A 62 -14.20 6.55 47.01
CA THR A 62 -14.66 5.37 47.73
C THR A 62 -15.09 4.27 46.77
N ILE A 63 -14.53 3.08 46.95
CA ILE A 63 -14.80 1.95 46.06
C ILE A 63 -16.18 1.37 46.32
N ALA A 64 -16.53 1.21 47.60
CA ALA A 64 -17.84 0.71 48.00
C ALA A 64 -18.13 -0.66 47.39
N ALA A 65 -17.60 -1.69 48.04
CA ALA A 65 -17.74 -3.08 47.54
C ALA A 65 -19.20 -3.47 47.41
N ASN A 66 -20.01 -3.09 48.38
CA ASN A 66 -21.43 -3.40 48.38
C ASN A 66 -22.24 -2.17 47.97
N ASN A 67 -21.60 -1.29 47.22
CA ASN A 67 -22.24 -0.07 46.72
C ASN A 67 -22.79 0.79 47.86
N THR A 68 -22.06 0.84 48.96
CA THR A 68 -22.46 1.65 50.11
C THR A 68 -22.32 3.14 49.79
N GLU A 69 -21.45 3.44 48.83
CA GLU A 69 -21.29 4.81 48.36
C GLU A 69 -21.82 4.91 46.93
N PHE A 70 -22.35 3.78 46.46
CA PHE A 70 -22.89 3.64 45.10
C PHE A 70 -21.81 3.89 44.05
N GLU A 71 -21.15 2.83 43.59
CA GLU A 71 -20.14 2.96 42.56
C GLU A 71 -20.75 3.36 41.21
N PRO A 72 -21.81 2.67 40.72
CA PRO A 72 -22.40 2.94 39.40
C PRO A 72 -23.29 4.18 39.41
N GLU A 73 -22.72 5.31 39.78
CA GLU A 73 -23.43 6.57 39.76
C GLU A 73 -23.17 7.30 38.44
N PRO A 74 -24.19 7.99 37.91
CA PRO A 74 -24.08 8.71 36.64
C PRO A 74 -23.20 9.95 36.75
N ALA A 75 -22.61 10.15 37.92
CA ALA A 75 -21.70 11.25 38.16
C ALA A 75 -20.52 10.77 39.01
N PRO A 76 -19.46 10.26 38.36
CA PRO A 76 -18.27 9.78 39.05
C PRO A 76 -17.54 10.90 39.78
N VAL A 77 -16.98 10.59 40.95
CA VAL A 77 -16.28 11.58 41.74
C VAL A 77 -14.88 11.84 41.14
N ALA A 78 -14.82 12.81 40.25
CA ALA A 78 -13.58 13.18 39.58
C ALA A 78 -13.70 14.57 38.99
N PRO A 79 -12.61 15.34 39.00
CA PRO A 79 -12.58 16.69 38.41
C PRO A 79 -12.83 16.64 36.90
N PRO A 80 -13.39 17.74 36.34
CA PRO A 80 -13.71 17.81 34.91
C PRO A 80 -12.47 17.99 34.03
N LYS A 81 -11.43 17.23 34.33
CA LYS A 81 -10.18 17.32 33.59
C LYS A 81 -10.10 16.22 32.51
N PRO A 82 -10.21 14.92 32.86
CA PRO A 82 -10.15 13.84 31.86
C PRO A 82 -11.15 14.03 30.72
N LYS A 83 -10.67 13.89 29.50
CA LYS A 83 -11.50 14.12 28.32
C LYS A 83 -11.01 13.23 27.16
N PRO A 84 -11.92 12.49 26.52
CA PRO A 84 -11.57 11.63 25.39
C PRO A 84 -11.09 12.43 24.19
N VAL A 85 -10.03 11.94 23.55
CA VAL A 85 -9.44 12.64 22.40
C VAL A 85 -10.09 12.16 21.11
N GLU A 86 -11.41 12.22 21.12
CA GLU A 86 -12.24 11.86 19.96
C GLU A 86 -11.96 10.43 19.49
N PRO A 87 -12.54 9.43 20.16
CA PRO A 87 -12.43 8.03 19.73
C PRO A 87 -13.21 7.78 18.44
N PRO A 88 -12.62 7.08 17.47
CA PRO A 88 -13.26 6.82 16.19
C PRO A 88 -14.45 5.87 16.31
N LYS A 89 -15.59 6.27 15.74
CA LYS A 89 -16.77 5.43 15.74
C LYS A 89 -17.00 4.86 14.34
N PRO A 90 -16.68 3.56 14.14
CA PRO A 90 -16.96 2.87 12.89
C PRO A 90 -18.47 2.65 12.70
N LYS A 91 -19.09 2.08 13.72
CA LYS A 91 -20.53 1.84 13.70
C LYS A 91 -21.14 2.06 15.07
N VAL A 92 -20.51 2.95 15.85
CA VAL A 92 -20.94 3.26 17.21
C VAL A 92 -20.68 2.07 18.17
N GLU A 93 -20.49 2.38 19.45
CA GLU A 93 -20.22 1.37 20.49
C GLU A 93 -18.85 0.74 20.30
N ALA A 94 -17.90 1.54 19.84
CA ALA A 94 -16.54 1.09 19.61
C ALA A 94 -15.71 1.16 20.90
N PRO A 95 -15.31 0.01 21.45
CA PRO A 95 -14.44 -0.06 22.61
C PRO A 95 -12.97 -0.18 22.21
N PRO A 96 -12.08 0.55 22.90
CA PRO A 96 -10.64 0.51 22.63
C PRO A 96 -9.98 -0.74 23.20
N ALA A 97 -10.45 -1.90 22.75
CA ALA A 97 -9.91 -3.18 23.20
C ALA A 97 -9.83 -4.18 22.03
N PRO A 98 -10.97 -4.50 21.35
CA PRO A 98 -10.93 -5.38 20.17
C PRO A 98 -10.07 -4.81 19.05
N LYS A 99 -10.09 -3.50 18.93
CA LYS A 99 -9.26 -2.82 17.97
C LYS A 99 -8.45 -1.72 18.67
N PRO A 100 -7.22 -2.04 19.08
CA PRO A 100 -6.34 -1.09 19.75
C PRO A 100 -5.88 0.01 18.79
N GLU A 101 -5.59 1.18 19.33
CA GLU A 101 -5.15 2.30 18.51
C GLU A 101 -3.69 2.13 18.10
N PRO A 102 -3.43 2.11 16.78
CA PRO A 102 -2.09 2.07 16.24
C PRO A 102 -1.53 3.49 16.07
N LYS A 103 -0.69 3.69 15.07
CA LYS A 103 -0.19 5.01 14.77
C LYS A 103 -1.18 5.74 13.86
N PRO A 104 -1.51 6.99 14.17
CA PRO A 104 -2.41 7.79 13.34
C PRO A 104 -1.85 7.98 11.93
N VAL A 105 -2.50 7.37 10.97
CA VAL A 105 -2.04 7.41 9.58
C VAL A 105 -2.59 8.64 8.87
N VAL A 106 -2.36 9.79 9.48
CA VAL A 106 -2.82 11.05 8.94
C VAL A 106 -1.93 11.47 7.78
N GLU A 107 -2.50 12.22 6.85
CA GLU A 107 -1.76 12.75 5.69
C GLU A 107 -1.39 11.62 4.72
N GLU A 108 -0.38 10.83 5.08
CA GLU A 108 0.10 9.75 4.25
C GLU A 108 1.10 8.89 5.04
N LYS A 109 1.54 7.79 4.47
CA LYS A 109 2.42 6.85 5.17
C LYS A 109 3.51 6.32 4.26
N ALA A 110 3.17 6.11 2.98
CA ALA A 110 4.15 5.66 2.01
C ALA A 110 4.56 6.82 1.11
N ALA A 111 4.00 7.99 1.41
CA ALA A 111 4.17 9.21 0.64
C ALA A 111 3.49 9.13 -0.72
N PRO A 112 2.88 10.23 -1.19
CA PRO A 112 2.03 10.25 -2.39
C PRO A 112 2.65 9.56 -3.60
N THR A 113 3.87 9.93 -3.94
CA THR A 113 4.55 9.35 -5.08
C THR A 113 5.89 8.77 -4.68
N GLY A 114 6.15 8.75 -3.38
CA GLY A 114 7.42 8.26 -2.87
C GLY A 114 7.52 6.75 -2.93
N LYS A 115 6.69 6.08 -2.16
CA LYS A 115 6.66 4.63 -2.13
C LYS A 115 5.26 4.13 -2.40
N ALA A 116 4.69 4.58 -3.50
CA ALA A 116 3.39 4.09 -3.93
C ALA A 116 3.53 2.69 -4.47
N TYR A 117 2.45 1.96 -4.59
CA TYR A 117 2.51 0.57 -5.02
C TYR A 117 1.31 0.19 -5.90
N VAL A 118 1.50 -0.85 -6.73
CA VAL A 118 0.42 -1.43 -7.54
C VAL A 118 0.71 -2.92 -7.74
N VAL A 119 -0.30 -3.71 -8.08
CA VAL A 119 -0.11 -5.14 -8.29
C VAL A 119 -0.04 -5.47 -9.78
N GLN A 120 1.15 -5.84 -10.25
CA GLN A 120 1.36 -6.13 -11.67
C GLN A 120 1.03 -7.59 -11.99
N LEU A 121 -0.06 -7.80 -12.70
CA LEU A 121 -0.51 -9.16 -13.00
C LEU A 121 0.23 -9.69 -14.21
N GLY A 122 0.41 -8.84 -15.20
CA GLY A 122 1.03 -9.26 -16.44
C GLY A 122 1.86 -8.16 -17.07
N ALA A 123 2.68 -8.54 -18.03
CA ALA A 123 3.49 -7.59 -18.77
C ALA A 123 3.87 -8.19 -20.12
N LEU A 124 3.16 -7.78 -21.16
CA LEU A 124 3.35 -8.37 -22.49
C LEU A 124 3.79 -7.31 -23.47
N LYS A 125 4.39 -7.78 -24.54
CA LYS A 125 4.79 -6.90 -25.62
C LYS A 125 3.77 -7.05 -26.73
N ASN A 126 2.57 -7.44 -26.32
CA ASN A 126 1.46 -7.72 -27.21
C ASN A 126 0.19 -7.11 -26.62
N ALA A 127 -0.32 -6.08 -27.28
CA ALA A 127 -1.46 -5.32 -26.76
C ALA A 127 -2.75 -6.13 -26.83
N ASP A 128 -2.78 -7.16 -27.67
CA ASP A 128 -3.94 -8.03 -27.78
C ASP A 128 -4.18 -8.75 -26.48
N LYS A 129 -3.08 -9.01 -25.78
CA LYS A 129 -3.10 -9.66 -24.49
C LYS A 129 -3.51 -8.66 -23.43
N VAL A 130 -3.03 -7.44 -23.59
CA VAL A 130 -3.38 -6.33 -22.72
C VAL A 130 -4.89 -6.12 -22.70
N ASN A 131 -5.50 -6.21 -23.87
CA ASN A 131 -6.93 -5.98 -24.04
C ASN A 131 -7.77 -6.92 -23.18
N GLU A 132 -7.26 -8.13 -22.92
CA GLU A 132 -8.00 -9.07 -22.09
C GLU A 132 -7.82 -8.71 -20.63
N ILE A 133 -6.57 -8.74 -20.20
CA ILE A 133 -6.23 -8.46 -18.80
C ILE A 133 -6.87 -7.14 -18.36
N VAL A 134 -6.77 -6.14 -19.21
CA VAL A 134 -7.33 -4.84 -18.90
C VAL A 134 -8.85 -4.87 -19.09
N GLY A 135 -9.30 -5.59 -20.10
CA GLY A 135 -10.74 -5.72 -20.33
C GLY A 135 -11.43 -6.40 -19.16
N LYS A 136 -10.70 -7.26 -18.46
CA LYS A 136 -11.22 -7.95 -17.29
C LYS A 136 -11.38 -6.99 -16.12
N LEU A 137 -10.31 -6.26 -15.80
CA LEU A 137 -10.33 -5.37 -14.64
C LEU A 137 -10.90 -4.00 -14.98
N ARG A 138 -10.33 -3.34 -15.98
CA ARG A 138 -10.78 -2.02 -16.38
C ARG A 138 -12.22 -2.09 -16.85
N GLY A 139 -12.50 -3.14 -17.63
CA GLY A 139 -13.80 -3.30 -18.23
C GLY A 139 -14.90 -3.59 -17.23
N ALA A 140 -14.50 -3.90 -16.01
CA ALA A 140 -15.46 -4.14 -14.94
C ALA A 140 -15.47 -2.96 -13.96
N GLY A 141 -14.62 -1.97 -14.21
CA GLY A 141 -14.61 -0.76 -13.40
C GLY A 141 -13.65 -0.82 -12.24
N TYR A 142 -12.74 -1.79 -12.24
CA TYR A 142 -11.82 -1.95 -11.13
C TYR A 142 -10.65 -1.01 -11.28
N ARG A 143 -10.01 -0.68 -10.16
CA ARG A 143 -8.88 0.21 -10.19
C ARG A 143 -7.68 -0.47 -10.81
N VAL A 144 -7.41 -0.10 -12.03
CA VAL A 144 -6.38 -0.73 -12.81
C VAL A 144 -5.69 0.32 -13.67
N TYR A 145 -4.39 0.21 -13.81
CA TYR A 145 -3.67 1.02 -14.78
C TYR A 145 -2.59 0.20 -15.47
N THR A 146 -1.96 0.83 -16.42
CA THR A 146 -1.06 0.17 -17.35
C THR A 146 0.35 0.72 -17.30
N SER A 147 1.18 0.22 -18.21
CA SER A 147 2.58 0.58 -18.28
C SER A 147 2.82 2.09 -18.26
N PRO A 148 4.00 2.47 -17.73
CA PRO A 148 4.45 3.84 -17.54
C PRO A 148 3.80 4.87 -18.46
N SER A 149 4.13 4.84 -19.75
CA SER A 149 3.63 5.87 -20.65
C SER A 149 2.27 5.49 -21.27
N THR A 150 2.22 4.40 -22.02
CA THR A 150 1.03 4.04 -22.78
C THR A 150 1.12 2.59 -23.32
N PRO A 151 0.07 1.77 -23.14
CA PRO A 151 -0.07 0.51 -23.85
C PRO A 151 -0.04 0.70 -25.36
N VAL A 152 0.85 -0.01 -26.02
CA VAL A 152 1.06 0.16 -27.43
C VAL A 152 1.48 -1.17 -28.05
N GLN A 153 1.32 -1.29 -29.35
CA GLN A 153 1.65 -2.52 -30.05
C GLN A 153 3.16 -2.72 -30.13
N GLY A 154 3.60 -3.92 -29.81
CA GLY A 154 5.00 -4.26 -29.96
C GLY A 154 5.84 -3.99 -28.71
N LYS A 155 5.41 -3.05 -27.89
CA LYS A 155 6.19 -2.66 -26.71
C LYS A 155 5.58 -3.27 -25.46
N ILE A 156 6.34 -3.20 -24.37
CA ILE A 156 5.94 -3.85 -23.12
C ILE A 156 4.84 -3.06 -22.40
N THR A 157 3.66 -3.64 -22.37
CA THR A 157 2.55 -3.09 -21.62
C THR A 157 2.34 -3.92 -20.36
N ARG A 158 2.70 -3.34 -19.23
CA ARG A 158 2.55 -4.00 -17.95
C ARG A 158 1.20 -3.65 -17.36
N ILE A 159 0.49 -4.67 -16.86
CA ILE A 159 -0.84 -4.49 -16.33
C ILE A 159 -0.81 -4.53 -14.81
N LEU A 160 -1.28 -3.47 -14.19
CA LEU A 160 -1.20 -3.35 -12.75
C LEU A 160 -2.55 -2.98 -12.16
N VAL A 161 -2.98 -3.78 -11.19
CA VAL A 161 -4.25 -3.57 -10.52
C VAL A 161 -4.03 -2.94 -9.15
N GLY A 162 -4.83 -1.94 -8.86
CA GLY A 162 -4.83 -1.32 -7.56
C GLY A 162 -3.76 -0.28 -7.39
N PRO A 163 -3.61 0.69 -8.32
CA PRO A 163 -2.67 1.78 -8.13
C PRO A 163 -3.00 2.55 -6.87
N ASP A 164 -2.02 2.67 -5.98
CA ASP A 164 -2.26 3.32 -4.72
C ASP A 164 -0.98 3.94 -4.20
N ALA A 165 -1.14 5.00 -3.42
CA ALA A 165 -0.01 5.74 -2.90
C ALA A 165 0.42 5.22 -1.53
N SER A 166 -0.36 4.31 -0.97
CA SER A 166 -0.02 3.74 0.32
C SER A 166 0.20 2.25 0.22
N LYS A 167 1.47 1.87 0.28
CA LYS A 167 1.86 0.48 0.25
C LYS A 167 1.23 -0.28 1.40
N ASP A 168 1.39 0.24 2.60
CA ASP A 168 0.89 -0.43 3.81
C ASP A 168 -0.61 -0.68 3.71
N LYS A 169 -1.34 0.34 3.27
CA LYS A 169 -2.78 0.24 3.09
C LYS A 169 -3.13 -0.81 2.04
N LEU A 170 -2.46 -0.75 0.90
CA LEU A 170 -2.77 -1.62 -0.22
C LEU A 170 -2.20 -3.03 0.01
N LYS A 171 -1.21 -3.12 0.87
CA LYS A 171 -0.61 -4.40 1.24
C LYS A 171 -1.62 -5.27 1.94
N GLY A 172 -2.42 -4.65 2.79
CA GLY A 172 -3.49 -5.34 3.48
C GLY A 172 -4.67 -5.54 2.57
N SER A 173 -4.63 -4.84 1.46
CA SER A 173 -5.71 -4.87 0.48
C SER A 173 -5.57 -6.06 -0.47
N LEU A 174 -4.43 -6.74 -0.43
CA LEU A 174 -4.17 -7.82 -1.36
C LEU A 174 -5.15 -8.97 -1.15
N GLY A 175 -5.51 -9.18 0.12
CA GLY A 175 -6.41 -10.26 0.45
C GLY A 175 -7.77 -10.11 -0.21
N GLU A 176 -8.26 -8.88 -0.27
CA GLU A 176 -9.54 -8.61 -0.92
C GLU A 176 -9.35 -8.39 -2.42
N LEU A 177 -8.14 -8.02 -2.81
CA LEU A 177 -7.86 -7.68 -4.21
C LEU A 177 -7.80 -8.94 -5.07
N LYS A 178 -7.35 -10.04 -4.50
CA LYS A 178 -7.32 -11.32 -5.21
C LYS A 178 -8.74 -11.81 -5.47
N GLN A 179 -9.70 -11.23 -4.77
CA GLN A 179 -11.09 -11.46 -5.06
C GLN A 179 -11.60 -10.46 -6.09
N LEU A 180 -11.01 -9.26 -6.09
CA LEU A 180 -11.40 -8.19 -6.98
C LEU A 180 -10.87 -8.41 -8.39
N SER A 181 -9.57 -8.66 -8.50
CA SER A 181 -8.97 -8.91 -9.80
C SER A 181 -8.87 -10.40 -10.04
N GLY A 182 -8.45 -11.11 -9.00
CA GLY A 182 -8.32 -12.56 -9.07
C GLY A 182 -7.19 -13.00 -9.96
N LEU A 183 -6.44 -12.04 -10.48
CA LEU A 183 -5.34 -12.32 -11.37
C LEU A 183 -4.06 -12.39 -10.57
N SER A 184 -3.10 -13.14 -11.08
CA SER A 184 -1.85 -13.35 -10.38
C SER A 184 -0.88 -12.23 -10.66
N GLY A 185 -0.67 -11.38 -9.66
CA GLY A 185 0.20 -10.26 -9.85
C GLY A 185 1.27 -10.14 -8.78
N VAL A 186 2.29 -9.36 -9.09
CA VAL A 186 3.40 -9.14 -8.19
C VAL A 186 3.27 -7.78 -7.53
N VAL A 187 3.71 -7.69 -6.28
CA VAL A 187 3.69 -6.42 -5.57
C VAL A 187 4.82 -5.55 -6.09
N MET A 188 4.45 -4.56 -6.89
CA MET A 188 5.44 -3.69 -7.53
C MET A 188 5.29 -2.27 -7.06
N GLY A 189 6.42 -1.61 -6.89
CA GLY A 189 6.40 -0.23 -6.45
C GLY A 189 5.92 0.69 -7.54
N TYR A 190 5.39 1.82 -7.13
CA TYR A 190 4.68 2.72 -8.00
C TYR A 190 5.18 4.14 -7.81
N THR A 191 5.46 4.82 -8.90
CA THR A 191 5.83 6.21 -8.87
C THR A 191 5.32 6.90 -10.13
N PRO A 192 4.12 7.50 -10.06
CA PRO A 192 3.45 8.09 -11.23
C PRO A 192 4.17 9.30 -11.79
N ASN A 193 4.08 9.46 -13.11
CA ASN A 193 4.71 10.57 -13.82
C ASN A 193 6.22 10.54 -13.65
N ASP A 1 -0.29 53.37 -0.45
CA ASP A 1 -0.63 51.93 -0.44
C ASP A 1 -1.03 51.49 -1.85
N GLY A 2 -0.84 50.22 -2.16
CA GLY A 2 -1.08 49.76 -3.50
C GLY A 2 -1.82 48.44 -3.57
N GLN A 3 -1.09 47.35 -3.73
CA GLN A 3 -1.71 46.05 -3.95
C GLN A 3 -1.41 45.07 -2.82
N LYS A 4 -0.31 44.34 -2.92
CA LYS A 4 0.00 43.28 -1.97
C LYS A 4 1.49 43.24 -1.66
N LYS A 5 1.84 42.45 -0.62
CA LYS A 5 3.21 42.32 -0.14
C LYS A 5 3.78 43.66 0.30
N HIS A 6 4.45 44.35 -0.63
CA HIS A 6 5.11 45.63 -0.37
C HIS A 6 6.00 45.97 -1.56
N TYR A 7 6.90 45.05 -1.88
CA TYR A 7 7.76 45.16 -3.05
C TYR A 7 8.81 44.06 -2.98
N GLN A 8 9.69 44.17 -1.99
CA GLN A 8 10.77 43.20 -1.79
C GLN A 8 11.61 43.13 -3.07
N ASP A 9 12.28 44.24 -3.36
CA ASP A 9 13.00 44.43 -4.61
C ASP A 9 14.24 43.55 -4.70
N GLU A 10 14.25 42.67 -5.69
CA GLU A 10 15.42 41.85 -6.03
C GLU A 10 15.92 41.03 -4.83
N PHE A 11 15.01 40.43 -4.09
CA PHE A 11 15.38 39.53 -3.02
C PHE A 11 14.93 38.12 -3.35
N ALA A 12 15.39 37.63 -4.49
CA ALA A 12 15.01 36.31 -4.97
C ALA A 12 16.19 35.36 -4.94
N ALA A 13 17.15 35.64 -4.07
CA ALA A 13 18.32 34.77 -3.91
C ALA A 13 17.94 33.51 -3.14
N ILE A 14 16.77 33.55 -2.51
CA ILE A 14 16.26 32.41 -1.78
C ILE A 14 14.84 32.08 -2.22
N PRO A 15 14.65 31.65 -3.48
CA PRO A 15 13.33 31.34 -4.02
C PRO A 15 12.84 29.97 -3.55
N LEU A 16 12.62 29.87 -2.24
CA LEU A 16 12.15 28.64 -1.62
C LEU A 16 13.15 27.50 -1.81
N VAL A 17 14.42 27.87 -2.03
CA VAL A 17 15.48 26.88 -2.18
C VAL A 17 15.94 26.37 -0.82
N PRO A 18 16.41 27.26 0.10
CA PRO A 18 16.76 26.85 1.46
C PRO A 18 15.54 26.34 2.22
N LYS A 19 14.53 27.20 2.35
CA LYS A 19 13.26 26.83 2.97
C LYS A 19 12.27 27.99 2.88
N ALA A 20 12.56 29.06 3.62
CA ALA A 20 11.69 30.23 3.65
C ALA A 20 12.41 31.43 4.28
N GLY A 21 13.69 31.57 3.96
CA GLY A 21 14.49 32.62 4.57
C GLY A 21 14.46 33.91 3.77
N ASP A 22 13.27 34.44 3.55
CA ASP A 22 13.10 35.71 2.84
C ASP A 22 13.72 36.86 3.62
N ARG A 23 14.26 37.82 2.89
CA ARG A 23 14.90 38.98 3.50
C ARG A 23 13.87 39.86 4.19
N ASP A 24 13.86 39.83 5.51
CA ASP A 24 12.95 40.63 6.29
C ASP A 24 13.62 41.91 6.74
N GLU A 25 13.05 43.04 6.35
CA GLU A 25 13.57 44.33 6.77
C GLU A 25 12.98 44.72 8.11
N PRO A 26 13.85 45.13 9.05
CA PRO A 26 13.44 45.51 10.41
C PRO A 26 12.69 46.84 10.45
N ASP A 27 12.65 47.53 9.31
CA ASP A 27 11.98 48.83 9.24
C ASP A 27 10.74 48.74 8.37
N MET A 28 9.71 49.49 8.77
CA MET A 28 8.46 49.59 8.02
C MET A 28 7.68 48.27 8.01
N MET A 29 8.10 47.31 7.19
CA MET A 29 7.38 46.06 7.04
C MET A 29 8.35 44.90 6.86
N PRO A 30 8.20 43.84 7.64
CA PRO A 30 9.04 42.64 7.55
C PRO A 30 8.53 41.66 6.50
N ALA A 31 9.40 40.72 6.09
CA ALA A 31 9.06 39.74 5.07
C ALA A 31 8.09 38.69 5.58
N ALA A 32 7.63 38.88 6.82
CA ALA A 32 6.62 38.02 7.39
C ALA A 32 5.29 38.19 6.63
N THR A 33 5.02 39.43 6.24
CA THR A 33 3.81 39.74 5.50
C THR A 33 4.10 39.85 4.00
N GLN A 34 5.30 40.31 3.66
CA GLN A 34 5.68 40.50 2.28
C GLN A 34 6.64 39.43 1.80
N ALA A 35 6.30 38.18 2.06
CA ALA A 35 7.13 37.06 1.64
C ALA A 35 6.97 36.78 0.15
N LEU A 36 8.03 36.25 -0.47
CA LEU A 36 8.04 35.92 -1.89
C LEU A 36 7.96 37.20 -2.74
N PRO A 37 9.09 37.62 -3.32
CA PRO A 37 9.18 38.88 -4.06
C PRO A 37 8.17 38.96 -5.21
N THR A 38 7.67 40.16 -5.47
CA THR A 38 6.66 40.35 -6.48
C THR A 38 6.69 41.78 -7.01
N GLN A 39 5.98 42.02 -8.10
CA GLN A 39 5.92 43.36 -8.69
C GLN A 39 4.94 44.29 -7.92
N PRO A 40 3.69 43.81 -7.62
CA PRO A 40 2.73 44.59 -6.82
C PRO A 40 3.35 45.41 -5.69
N PRO A 41 3.26 46.74 -5.79
CA PRO A 41 3.84 47.65 -4.81
C PRO A 41 2.90 47.96 -3.65
N GLU A 42 3.50 48.14 -2.47
CA GLU A 42 2.80 48.53 -1.24
C GLU A 42 1.73 47.53 -0.82
N GLY A 43 1.98 46.84 0.28
CA GLY A 43 1.07 45.82 0.75
C GLY A 43 -0.19 46.39 1.34
N ALA A 44 -1.23 46.47 0.52
CA ALA A 44 -2.51 47.00 0.96
C ALA A 44 -3.55 45.87 1.00
N ALA A 45 -3.19 44.80 1.70
CA ALA A 45 -4.05 43.63 1.75
C ALA A 45 -3.81 42.83 3.03
N GLU A 46 -2.55 42.54 3.32
CA GLU A 46 -2.19 41.69 4.45
C GLU A 46 -2.81 40.30 4.24
N GLU A 47 -2.78 39.87 2.98
CA GLU A 47 -3.36 38.60 2.57
C GLU A 47 -2.29 37.70 1.99
N VAL A 48 -2.72 36.53 1.50
CA VAL A 48 -1.83 35.52 0.91
C VAL A 48 -0.51 35.40 1.67
N ARG A 49 -0.63 35.21 2.97
CA ARG A 49 0.52 35.17 3.85
C ARG A 49 0.73 33.77 4.41
N ALA A 50 -0.37 33.06 4.64
CA ALA A 50 -0.29 31.75 5.28
C ALA A 50 -0.88 30.65 4.39
N GLY A 51 -2.18 30.44 4.49
CA GLY A 51 -2.84 29.41 3.71
C GLY A 51 -4.10 29.92 3.05
N ASP A 52 -3.92 30.68 1.98
CA ASP A 52 -5.03 31.33 1.32
C ASP A 52 -5.34 30.65 -0.01
N ALA A 53 -6.62 30.63 -0.36
CA ALA A 53 -7.04 30.00 -1.60
C ALA A 53 -6.76 30.88 -2.80
N ALA A 54 -6.34 32.11 -2.51
CA ALA A 54 -5.95 33.09 -3.52
C ALA A 54 -7.10 33.41 -4.45
N ALA A 55 -8.29 33.53 -3.88
CA ALA A 55 -9.49 33.81 -4.65
C ALA A 55 -10.42 34.74 -3.88
N PRO A 56 -10.34 36.06 -4.12
CA PRO A 56 -11.24 37.05 -3.51
C PRO A 56 -12.70 36.68 -3.70
N SER A 57 -13.37 36.34 -2.62
CA SER A 57 -14.74 35.86 -2.68
C SER A 57 -15.67 36.74 -1.84
N LEU A 58 -15.20 37.91 -1.46
CA LEU A 58 -16.01 38.85 -0.70
C LEU A 58 -16.47 39.98 -1.60
N ASP A 59 -15.52 40.74 -2.11
CA ASP A 59 -15.81 41.80 -3.07
C ASP A 59 -15.89 41.19 -4.46
N PRO A 60 -16.87 41.64 -5.27
CA PRO A 60 -17.08 41.11 -6.63
C PRO A 60 -15.86 41.26 -7.54
N ALA A 61 -14.95 42.18 -7.16
CA ALA A 61 -13.72 42.46 -7.91
C ALA A 61 -14.03 43.13 -9.25
N THR A 62 -14.78 42.44 -10.08
CA THR A 62 -15.18 42.94 -11.38
C THR A 62 -16.48 42.29 -11.81
N ILE A 63 -17.31 43.05 -12.51
CA ILE A 63 -18.56 42.52 -13.02
C ILE A 63 -18.63 42.74 -14.52
N ALA A 64 -19.47 41.96 -15.20
CA ALA A 64 -19.54 41.96 -16.66
C ALA A 64 -18.18 41.63 -17.25
N ALA A 65 -17.47 40.73 -16.58
CA ALA A 65 -16.15 40.32 -17.01
C ALA A 65 -16.16 38.85 -17.39
N ASN A 66 -16.94 38.53 -18.39
CA ASN A 66 -17.09 37.15 -18.84
C ASN A 66 -15.95 36.77 -19.76
N ASN A 67 -15.15 35.80 -19.32
CA ASN A 67 -14.01 35.30 -20.10
C ASN A 67 -12.96 36.39 -20.28
N THR A 68 -12.17 36.28 -21.36
CA THR A 68 -11.07 37.20 -21.62
C THR A 68 -9.89 36.92 -20.68
N GLU A 69 -10.18 36.81 -19.39
CA GLU A 69 -9.16 36.49 -18.41
C GLU A 69 -9.42 35.12 -17.78
N PHE A 70 -10.19 34.29 -18.48
CA PHE A 70 -10.47 32.92 -18.05
C PHE A 70 -11.38 32.90 -16.84
N GLU A 71 -12.67 33.02 -17.08
CA GLU A 71 -13.64 33.02 -16.00
C GLU A 71 -13.95 31.59 -15.51
N PRO A 72 -14.33 30.65 -16.41
CA PRO A 72 -14.71 29.30 -16.02
C PRO A 72 -13.50 28.42 -15.74
N GLU A 73 -13.01 28.50 -14.50
CA GLU A 73 -11.92 27.63 -14.03
C GLU A 73 -10.62 27.90 -14.79
N PRO A 74 -9.91 28.98 -14.43
CA PRO A 74 -8.63 29.32 -15.06
C PRO A 74 -7.52 28.33 -14.74
N ALA A 75 -7.66 27.63 -13.62
CA ALA A 75 -6.66 26.66 -13.20
C ALA A 75 -7.25 25.23 -13.08
N PRO A 76 -8.36 25.02 -12.35
CA PRO A 76 -8.95 23.70 -12.19
C PRO A 76 -9.81 23.31 -13.38
N VAL A 77 -9.16 23.07 -14.50
CA VAL A 77 -9.84 22.72 -15.72
C VAL A 77 -10.28 21.27 -15.69
N ALA A 78 -11.58 21.05 -15.62
CA ALA A 78 -12.16 19.72 -15.49
C ALA A 78 -11.60 19.01 -14.26
N PRO A 79 -11.89 19.53 -13.06
CA PRO A 79 -11.33 19.01 -11.81
C PRO A 79 -11.92 17.67 -11.42
N PRO A 80 -11.06 16.71 -11.02
CA PRO A 80 -11.50 15.39 -10.57
C PRO A 80 -11.91 15.39 -9.11
N LYS A 81 -12.02 16.61 -8.55
CA LYS A 81 -12.39 16.83 -7.16
C LYS A 81 -11.30 16.35 -6.20
N PRO A 82 -10.61 17.29 -5.54
CA PRO A 82 -9.61 16.95 -4.51
C PRO A 82 -10.25 16.30 -3.29
N LYS A 83 -10.56 15.02 -3.43
CA LYS A 83 -11.23 14.28 -2.36
C LYS A 83 -10.26 14.03 -1.20
N PRO A 84 -10.70 14.35 0.02
CA PRO A 84 -9.92 14.14 1.24
C PRO A 84 -9.84 12.67 1.63
N VAL A 85 -9.23 12.41 2.77
CA VAL A 85 -9.13 11.05 3.27
C VAL A 85 -10.36 10.72 4.12
N GLU A 86 -11.51 11.07 3.57
CA GLU A 86 -12.80 10.80 4.20
C GLU A 86 -13.43 9.51 3.66
N PRO A 87 -13.52 9.32 2.31
CA PRO A 87 -14.04 8.08 1.73
C PRO A 87 -13.33 6.80 2.23
N PRO A 88 -11.96 6.73 2.16
CA PRO A 88 -11.24 5.53 2.62
C PRO A 88 -11.39 5.31 4.13
N LYS A 89 -12.16 4.29 4.48
CA LYS A 89 -12.39 3.94 5.87
C LYS A 89 -11.21 3.17 6.44
N PRO A 90 -10.67 3.64 7.59
CA PRO A 90 -9.62 2.93 8.31
C PRO A 90 -10.17 1.66 8.94
N LYS A 91 -11.24 1.83 9.72
CA LYS A 91 -12.00 0.71 10.29
C LYS A 91 -11.21 -0.02 11.37
N VAL A 92 -11.94 -0.71 12.25
CA VAL A 92 -11.32 -1.62 13.20
C VAL A 92 -10.74 -2.82 12.45
N GLU A 93 -9.92 -3.61 13.15
CA GLU A 93 -9.21 -4.76 12.57
C GLU A 93 -8.66 -4.42 11.18
N ALA A 94 -8.04 -3.25 11.10
CA ALA A 94 -7.45 -2.78 9.87
C ALA A 94 -6.07 -3.37 9.69
N PRO A 95 -5.66 -3.64 8.45
CA PRO A 95 -4.32 -4.14 8.16
C PRO A 95 -3.25 -3.09 8.48
N PRO A 96 -2.45 -3.34 9.52
CA PRO A 96 -1.44 -2.39 9.97
C PRO A 96 -0.14 -2.51 9.19
N ALA A 97 -0.12 -3.47 8.25
CA ALA A 97 1.02 -3.72 7.38
C ALA A 97 2.21 -4.30 8.16
N PRO A 98 3.12 -4.97 7.45
CA PRO A 98 4.39 -5.41 8.04
C PRO A 98 5.22 -4.21 8.44
N LYS A 99 5.54 -4.12 9.73
CA LYS A 99 6.16 -2.92 10.30
C LYS A 99 5.17 -1.77 10.22
N PRO A 100 4.38 -1.58 11.30
CA PRO A 100 3.25 -0.65 11.30
C PRO A 100 3.64 0.80 10.99
N GLU A 101 2.66 1.56 10.53
CA GLU A 101 2.84 2.99 10.23
C GLU A 101 3.46 3.73 11.43
N PRO A 102 4.67 4.27 11.24
CA PRO A 102 5.39 4.97 12.31
C PRO A 102 4.83 6.36 12.59
N LYS A 103 4.26 6.97 11.57
CA LYS A 103 3.69 8.30 11.69
C LYS A 103 2.17 8.23 11.60
N PRO A 104 1.48 9.28 12.06
CA PRO A 104 0.03 9.41 11.85
C PRO A 104 -0.30 9.68 10.38
N VAL A 105 -1.58 9.84 10.07
CA VAL A 105 -2.01 10.11 8.70
C VAL A 105 -1.71 11.55 8.29
N VAL A 106 -0.48 11.97 8.53
CA VAL A 106 -0.04 13.32 8.18
C VAL A 106 0.76 13.25 6.87
N GLU A 107 0.78 12.07 6.30
CA GLU A 107 1.47 11.83 5.05
C GLU A 107 0.46 11.45 3.96
N GLU A 108 -0.80 11.76 4.22
CA GLU A 108 -1.90 11.44 3.30
C GLU A 108 -2.01 9.93 3.10
N LYS A 109 -1.33 9.42 2.09
CA LYS A 109 -1.33 8.00 1.77
C LYS A 109 0.09 7.55 1.55
N ALA A 110 0.83 7.33 2.64
CA ALA A 110 2.24 6.93 2.58
C ALA A 110 3.04 7.91 1.71
N ALA A 111 2.57 9.17 1.74
CA ALA A 111 3.12 10.26 0.93
C ALA A 111 2.85 10.08 -0.56
N PRO A 112 2.46 11.16 -1.24
CA PRO A 112 2.11 11.12 -2.66
C PRO A 112 3.31 10.75 -3.52
N THR A 113 3.21 9.62 -4.21
CA THR A 113 4.27 9.16 -5.11
C THR A 113 5.41 8.49 -4.33
N GLY A 114 5.47 8.76 -3.03
CA GLY A 114 6.58 8.27 -2.22
C GLY A 114 6.56 6.77 -2.06
N LYS A 115 5.67 6.29 -1.21
CA LYS A 115 5.59 4.87 -0.93
C LYS A 115 4.42 4.23 -1.66
N ALA A 116 4.24 4.59 -2.93
CA ALA A 116 3.12 4.06 -3.69
C ALA A 116 3.42 2.64 -4.14
N TYR A 117 2.38 1.86 -4.33
CA TYR A 117 2.52 0.46 -4.75
C TYR A 117 1.42 0.04 -5.73
N VAL A 118 1.71 -1.02 -6.48
CA VAL A 118 0.81 -1.52 -7.53
C VAL A 118 1.00 -3.02 -7.74
N VAL A 119 -0.05 -3.72 -8.21
CA VAL A 119 0.07 -5.15 -8.45
C VAL A 119 0.07 -5.46 -9.95
N GLN A 120 1.23 -5.85 -10.47
CA GLN A 120 1.39 -6.15 -11.89
C GLN A 120 0.97 -7.59 -12.20
N LEU A 121 -0.16 -7.77 -12.88
CA LEU A 121 -0.65 -9.11 -13.17
C LEU A 121 0.01 -9.64 -14.43
N GLY A 122 0.22 -8.74 -15.39
CA GLY A 122 0.79 -9.14 -16.65
C GLY A 122 1.68 -8.07 -17.25
N ALA A 123 2.48 -8.47 -18.22
CA ALA A 123 3.35 -7.54 -18.95
C ALA A 123 3.79 -8.17 -20.27
N LEU A 124 3.14 -7.74 -21.35
CA LEU A 124 3.38 -8.35 -22.65
C LEU A 124 3.58 -7.28 -23.71
N LYS A 125 4.03 -7.72 -24.86
CA LYS A 125 4.34 -6.83 -25.96
C LYS A 125 3.20 -6.84 -26.97
N ASN A 126 2.23 -7.70 -26.72
CA ASN A 126 1.07 -7.83 -27.56
C ASN A 126 -0.14 -7.20 -26.89
N ALA A 127 -0.53 -6.04 -27.38
CA ALA A 127 -1.63 -5.28 -26.79
C ALA A 127 -2.96 -6.02 -26.94
N ASP A 128 -2.99 -6.96 -27.88
CA ASP A 128 -4.17 -7.79 -28.10
C ASP A 128 -4.44 -8.66 -26.89
N LYS A 129 -3.37 -9.00 -26.20
CA LYS A 129 -3.47 -9.82 -25.00
C LYS A 129 -3.65 -8.91 -23.78
N VAL A 130 -3.14 -7.70 -23.90
CA VAL A 130 -3.35 -6.67 -22.90
C VAL A 130 -4.85 -6.38 -22.75
N ASN A 131 -5.55 -6.44 -23.88
CA ASN A 131 -6.99 -6.18 -23.93
C ASN A 131 -7.76 -7.16 -23.03
N GLU A 132 -7.21 -8.35 -22.81
CA GLU A 132 -7.87 -9.32 -21.97
C GLU A 132 -7.81 -8.88 -20.53
N ILE A 133 -6.58 -8.78 -20.04
CA ILE A 133 -6.33 -8.41 -18.65
C ILE A 133 -7.00 -7.10 -18.32
N VAL A 134 -6.84 -6.12 -19.20
CA VAL A 134 -7.41 -4.82 -18.98
C VAL A 134 -8.92 -4.84 -19.15
N GLY A 135 -9.40 -5.54 -20.17
CA GLY A 135 -10.83 -5.65 -20.38
C GLY A 135 -11.51 -6.32 -19.20
N LYS A 136 -10.77 -7.15 -18.50
CA LYS A 136 -11.26 -7.82 -17.31
C LYS A 136 -11.37 -6.85 -16.14
N LEU A 137 -10.26 -6.22 -15.78
CA LEU A 137 -10.24 -5.34 -14.61
C LEU A 137 -10.76 -3.94 -14.93
N ARG A 138 -10.15 -3.29 -15.91
CA ARG A 138 -10.53 -1.93 -16.28
C ARG A 138 -11.97 -1.92 -16.77
N GLY A 139 -12.32 -2.97 -17.50
CA GLY A 139 -13.64 -3.08 -18.07
C GLY A 139 -14.73 -3.22 -17.02
N ALA A 140 -14.37 -3.79 -15.87
CA ALA A 140 -15.32 -3.95 -14.78
C ALA A 140 -15.25 -2.77 -13.82
N GLY A 141 -14.41 -1.80 -14.16
CA GLY A 141 -14.35 -0.57 -13.38
C GLY A 141 -13.47 -0.69 -12.16
N TYR A 142 -12.54 -1.63 -12.17
CA TYR A 142 -11.63 -1.81 -11.06
C TYR A 142 -10.44 -0.88 -11.19
N ARG A 143 -9.83 -0.55 -10.06
CA ARG A 143 -8.67 0.32 -10.07
C ARG A 143 -7.49 -0.38 -10.71
N VAL A 144 -7.28 -0.06 -11.95
CA VAL A 144 -6.25 -0.71 -12.75
C VAL A 144 -5.62 0.31 -13.71
N TYR A 145 -4.32 0.23 -13.85
CA TYR A 145 -3.62 1.02 -14.84
C TYR A 145 -2.52 0.20 -15.50
N THR A 146 -1.88 0.83 -16.46
CA THR A 146 -0.96 0.13 -17.35
C THR A 146 0.40 0.80 -17.38
N SER A 147 1.29 0.30 -18.24
CA SER A 147 2.66 0.78 -18.34
C SER A 147 2.72 2.29 -18.51
N PRO A 148 3.81 2.90 -17.99
CA PRO A 148 3.99 4.35 -17.88
C PRO A 148 3.37 5.17 -19.01
N SER A 149 3.78 4.92 -20.26
CA SER A 149 3.31 5.78 -21.35
C SER A 149 1.97 5.29 -21.92
N THR A 150 1.96 4.11 -22.54
CA THR A 150 0.78 3.61 -23.23
C THR A 150 0.94 2.14 -23.61
N PRO A 151 -0.09 1.30 -23.36
CA PRO A 151 -0.18 -0.03 -23.95
C PRO A 151 -0.19 0.02 -25.47
N VAL A 152 0.75 -0.66 -26.09
CA VAL A 152 0.86 -0.66 -27.52
C VAL A 152 1.54 -1.95 -28.00
N GLN A 153 1.35 -2.29 -29.25
CA GLN A 153 1.91 -3.52 -29.79
C GLN A 153 3.38 -3.31 -30.15
N GLY A 154 4.24 -4.12 -29.56
CA GLY A 154 5.66 -4.04 -29.82
C GLY A 154 6.44 -3.51 -28.64
N LYS A 155 5.76 -2.72 -27.81
CA LYS A 155 6.36 -2.22 -26.59
C LYS A 155 5.76 -2.94 -25.40
N ILE A 156 6.48 -2.94 -24.28
CA ILE A 156 6.05 -3.68 -23.11
C ILE A 156 4.89 -2.97 -22.41
N THR A 157 3.78 -3.68 -22.27
CA THR A 157 2.66 -3.19 -21.52
C THR A 157 2.49 -3.99 -20.25
N ARG A 158 2.87 -3.40 -19.14
CA ARG A 158 2.58 -3.97 -17.85
C ARG A 158 1.18 -3.57 -17.43
N ILE A 159 0.45 -4.51 -16.88
CA ILE A 159 -0.89 -4.25 -16.41
C ILE A 159 -0.94 -4.41 -14.91
N LEU A 160 -1.34 -3.37 -14.22
CA LEU A 160 -1.20 -3.30 -12.78
C LEU A 160 -2.53 -2.92 -12.13
N VAL A 161 -2.93 -3.73 -11.18
CA VAL A 161 -4.15 -3.50 -10.44
C VAL A 161 -3.83 -2.90 -9.08
N GLY A 162 -4.70 -2.00 -8.66
CA GLY A 162 -4.59 -1.42 -7.36
C GLY A 162 -3.53 -0.35 -7.25
N PRO A 163 -3.48 0.63 -8.18
CA PRO A 163 -2.58 1.75 -8.01
C PRO A 163 -2.99 2.58 -6.81
N ASP A 164 -2.06 2.74 -5.90
CA ASP A 164 -2.32 3.54 -4.73
C ASP A 164 -1.00 4.02 -4.16
N ALA A 165 -1.08 5.08 -3.39
CA ALA A 165 0.10 5.66 -2.80
C ALA A 165 0.35 5.09 -1.41
N SER A 166 -0.70 4.52 -0.81
CA SER A 166 -0.56 3.98 0.52
C SER A 166 -0.18 2.51 0.48
N LYS A 167 1.12 2.29 0.49
CA LYS A 167 1.66 0.94 0.52
C LYS A 167 1.06 0.14 1.66
N ASP A 168 1.11 0.70 2.85
CA ASP A 168 0.67 0.01 4.06
C ASP A 168 -0.79 -0.43 3.93
N LYS A 169 -1.63 0.48 3.46
CA LYS A 169 -3.06 0.23 3.36
C LYS A 169 -3.38 -0.70 2.18
N LEU A 170 -2.68 -0.53 1.08
CA LEU A 170 -2.93 -1.34 -0.10
C LEU A 170 -2.26 -2.71 0.05
N LYS A 171 -1.29 -2.79 0.94
CA LYS A 171 -0.60 -4.04 1.26
C LYS A 171 -1.56 -5.03 1.89
N GLY A 172 -2.41 -4.52 2.75
CA GLY A 172 -3.41 -5.35 3.39
C GLY A 172 -4.55 -5.62 2.45
N SER A 173 -4.56 -4.87 1.37
CA SER A 173 -5.63 -4.93 0.38
C SER A 173 -5.40 -6.03 -0.64
N LEU A 174 -4.23 -6.64 -0.63
CA LEU A 174 -3.89 -7.64 -1.63
C LEU A 174 -4.76 -8.88 -1.50
N GLY A 175 -5.06 -9.26 -0.26
CA GLY A 175 -5.85 -10.44 -0.03
C GLY A 175 -7.26 -10.31 -0.59
N GLU A 176 -7.83 -9.12 -0.46
CA GLU A 176 -9.14 -8.84 -1.01
C GLU A 176 -9.03 -8.52 -2.49
N LEU A 177 -7.83 -8.16 -2.93
CA LEU A 177 -7.60 -7.81 -4.32
C LEU A 177 -7.60 -9.07 -5.19
N LYS A 178 -7.18 -10.18 -4.60
CA LYS A 178 -7.27 -11.49 -5.26
C LYS A 178 -8.74 -11.85 -5.47
N GLN A 179 -9.61 -11.21 -4.71
CA GLN A 179 -11.04 -11.35 -4.87
C GLN A 179 -11.57 -10.32 -5.87
N LEU A 180 -10.90 -9.18 -5.93
CA LEU A 180 -11.29 -8.10 -6.83
C LEU A 180 -10.85 -8.37 -8.27
N SER A 181 -9.57 -8.65 -8.44
CA SER A 181 -9.03 -8.89 -9.76
C SER A 181 -9.00 -10.37 -10.07
N GLY A 182 -8.56 -11.13 -9.08
CA GLY A 182 -8.46 -12.57 -9.20
C GLY A 182 -7.41 -12.99 -10.20
N LEU A 183 -6.56 -12.04 -10.57
CA LEU A 183 -5.46 -12.30 -11.46
C LEU A 183 -4.17 -12.36 -10.67
N SER A 184 -3.21 -13.11 -11.17
CA SER A 184 -1.98 -13.31 -10.44
C SER A 184 -0.97 -12.22 -10.76
N GLY A 185 -0.73 -11.35 -9.79
CA GLY A 185 0.16 -10.24 -10.02
C GLY A 185 1.27 -10.16 -8.99
N VAL A 186 2.32 -9.43 -9.34
CA VAL A 186 3.45 -9.25 -8.47
C VAL A 186 3.40 -7.88 -7.81
N VAL A 187 3.83 -7.83 -6.57
CA VAL A 187 3.80 -6.60 -5.80
C VAL A 187 4.96 -5.70 -6.19
N MET A 188 4.66 -4.65 -6.94
CA MET A 188 5.68 -3.73 -7.40
C MET A 188 5.47 -2.36 -6.79
N GLY A 189 6.56 -1.64 -6.58
CA GLY A 189 6.46 -0.31 -6.04
C GLY A 189 6.05 0.70 -7.10
N TYR A 190 5.08 1.50 -6.75
CA TYR A 190 4.50 2.49 -7.63
C TYR A 190 5.13 3.85 -7.38
N THR A 191 5.52 4.51 -8.44
CA THR A 191 6.00 5.88 -8.34
C THR A 191 5.60 6.65 -9.60
N PRO A 192 4.45 7.34 -9.57
CA PRO A 192 3.95 8.09 -10.73
C PRO A 192 4.90 9.20 -11.17
N ASN A 193 4.95 9.43 -12.47
CA ASN A 193 5.80 10.47 -13.04
C ASN A 193 5.05 11.80 -13.11
N ASP A 1 8.26 -65.68 19.21
CA ASP A 1 8.73 -66.74 20.12
C ASP A 1 7.91 -67.99 19.94
N GLY A 2 8.19 -68.99 20.76
CA GLY A 2 7.49 -70.26 20.68
C GLY A 2 8.34 -71.38 21.25
N GLN A 3 8.31 -72.53 20.60
CA GLN A 3 9.11 -73.66 21.04
C GLN A 3 10.54 -73.56 20.52
N LYS A 4 11.23 -72.50 20.92
CA LYS A 4 12.63 -72.29 20.55
C LYS A 4 13.43 -71.73 21.73
N LYS A 5 13.01 -72.09 22.94
CA LYS A 5 13.72 -71.67 24.13
C LYS A 5 14.41 -72.86 24.78
N HIS A 6 13.61 -73.74 25.35
CA HIS A 6 14.10 -74.94 26.04
C HIS A 6 12.95 -75.71 26.64
N TYR A 7 13.14 -77.00 26.85
CA TYR A 7 12.09 -77.85 27.40
C TYR A 7 12.02 -77.70 28.92
N GLN A 8 13.06 -78.17 29.61
CA GLN A 8 13.13 -78.06 31.06
C GLN A 8 14.58 -77.76 31.47
N ASP A 9 15.21 -76.87 30.73
CA ASP A 9 16.61 -76.50 30.98
C ASP A 9 16.72 -75.55 32.17
N GLU A 10 15.66 -74.81 32.45
CA GLU A 10 15.69 -73.82 33.53
C GLU A 10 15.37 -74.49 34.87
N PHE A 11 15.33 -75.82 34.86
CA PHE A 11 15.08 -76.59 36.07
C PHE A 11 16.31 -76.62 36.96
N ALA A 12 17.27 -77.47 36.60
CA ALA A 12 18.46 -77.71 37.41
C ALA A 12 18.09 -78.32 38.76
N ALA A 13 18.67 -79.48 39.06
CA ALA A 13 18.38 -80.20 40.30
C ALA A 13 19.09 -79.56 41.48
N ILE A 14 18.75 -78.31 41.75
CA ILE A 14 19.38 -77.52 42.80
C ILE A 14 20.88 -77.39 42.56
N PRO A 15 21.27 -76.44 41.70
CA PRO A 15 22.68 -76.16 41.44
C PRO A 15 23.20 -75.19 42.47
N LEU A 16 23.16 -75.62 43.73
CA LEU A 16 23.46 -74.76 44.86
C LEU A 16 22.37 -73.68 44.99
N VAL A 17 21.21 -73.97 44.38
CA VAL A 17 20.08 -73.06 44.38
C VAL A 17 18.78 -73.82 44.66
N PRO A 18 18.49 -74.12 45.94
CA PRO A 18 17.23 -74.75 46.34
C PRO A 18 16.06 -73.78 46.26
N LYS A 19 15.46 -73.69 45.08
CA LYS A 19 14.33 -72.81 44.86
C LYS A 19 13.16 -73.60 44.29
N ALA A 20 13.24 -73.94 43.00
CA ALA A 20 12.21 -74.74 42.36
C ALA A 20 12.71 -75.22 41.00
N GLY A 21 13.16 -74.29 40.18
CA GLY A 21 13.70 -74.63 38.89
C GLY A 21 12.63 -74.78 37.83
N ASP A 22 12.05 -75.96 37.76
CA ASP A 22 11.07 -76.27 36.72
C ASP A 22 9.71 -75.69 37.07
N ARG A 23 8.86 -75.55 36.07
CA ARG A 23 7.51 -75.06 36.26
C ARG A 23 6.55 -75.97 35.50
N ASP A 24 6.95 -77.24 35.36
CA ASP A 24 6.17 -78.22 34.63
C ASP A 24 5.32 -79.05 35.57
N GLU A 25 4.44 -79.86 34.99
CA GLU A 25 3.65 -80.82 35.75
C GLU A 25 4.59 -81.82 36.43
N PRO A 26 4.24 -82.32 37.64
CA PRO A 26 5.02 -83.32 38.37
C PRO A 26 5.70 -84.33 37.46
N ASP A 27 4.91 -85.09 36.73
CA ASP A 27 5.46 -86.00 35.74
C ASP A 27 5.64 -85.27 34.42
N MET A 28 6.81 -85.47 33.80
CA MET A 28 7.20 -84.72 32.62
C MET A 28 6.39 -85.15 31.39
N MET A 29 5.17 -84.65 31.29
CA MET A 29 4.30 -84.91 30.16
C MET A 29 3.22 -83.84 30.09
N PRO A 30 3.61 -82.60 29.77
CA PRO A 30 2.72 -81.43 29.84
C PRO A 30 1.79 -81.33 28.63
N ALA A 31 1.86 -82.29 27.73
CA ALA A 31 1.00 -82.29 26.55
C ALA A 31 0.06 -83.48 26.54
N ALA A 32 -0.18 -84.05 27.72
CA ALA A 32 -1.08 -85.19 27.84
C ALA A 32 -2.53 -84.77 27.64
N THR A 33 -3.00 -83.83 28.45
CA THR A 33 -4.35 -83.33 28.33
C THR A 33 -4.36 -81.99 27.59
N GLN A 34 -3.18 -81.61 27.09
CA GLN A 34 -3.00 -80.41 26.30
C GLN A 34 -3.35 -79.16 27.10
N ALA A 35 -2.87 -79.11 28.34
CA ALA A 35 -3.07 -77.96 29.20
C ALA A 35 -2.24 -76.77 28.74
N LEU A 36 -1.21 -77.05 27.95
CA LEU A 36 -0.38 -76.02 27.36
C LEU A 36 -0.72 -75.86 25.89
N PRO A 37 -0.90 -74.61 25.44
CA PRO A 37 -1.18 -74.31 24.03
C PRO A 37 0.00 -74.67 23.13
N THR A 38 -0.30 -75.34 22.02
CA THR A 38 0.73 -75.75 21.08
C THR A 38 1.23 -74.57 20.26
N GLN A 39 2.00 -73.71 20.90
CA GLN A 39 2.60 -72.57 20.23
C GLN A 39 3.68 -73.05 19.27
N PRO A 40 3.56 -72.71 17.98
CA PRO A 40 4.54 -73.09 16.96
C PRO A 40 5.90 -72.46 17.22
N PRO A 41 6.99 -73.17 16.86
CA PRO A 41 8.33 -72.61 16.93
C PRO A 41 8.46 -71.36 16.09
N GLU A 42 9.08 -70.34 16.67
CA GLU A 42 9.23 -69.04 16.02
C GLU A 42 9.99 -69.15 14.71
N GLY A 43 11.03 -69.98 14.72
CA GLY A 43 11.87 -70.13 13.55
C GLY A 43 12.94 -69.07 13.51
N ALA A 44 12.51 -67.81 13.43
CA ALA A 44 13.42 -66.68 13.43
C ALA A 44 12.70 -65.41 13.83
N ALA A 45 12.82 -65.04 15.10
CA ALA A 45 12.26 -63.79 15.63
C ALA A 45 10.73 -63.83 15.63
N GLU A 46 10.14 -62.70 16.00
CA GLU A 46 8.68 -62.58 16.05
C GLU A 46 8.26 -61.25 15.47
N GLU A 47 7.28 -61.29 14.58
CA GLU A 47 6.83 -60.11 13.82
C GLU A 47 5.93 -59.22 14.67
N VAL A 48 6.44 -58.79 15.82
CA VAL A 48 5.68 -57.94 16.72
C VAL A 48 6.38 -56.59 16.91
N ARG A 49 5.99 -55.61 16.10
CA ARG A 49 6.57 -54.28 16.17
C ARG A 49 6.01 -53.55 17.39
N ALA A 50 4.79 -53.89 17.76
CA ALA A 50 4.12 -53.26 18.88
C ALA A 50 3.28 -54.28 19.64
N GLY A 51 3.68 -54.55 20.87
CA GLY A 51 2.98 -55.51 21.69
C GLY A 51 1.61 -55.02 22.10
N ASP A 52 1.55 -53.75 22.51
CA ASP A 52 0.30 -53.15 22.96
C ASP A 52 -0.45 -52.54 21.78
N ALA A 53 0.27 -52.40 20.66
CA ALA A 53 -0.28 -51.83 19.43
C ALA A 53 -0.73 -50.38 19.67
N ALA A 54 -0.09 -49.74 20.64
CA ALA A 54 -0.44 -48.37 21.00
C ALA A 54 0.27 -47.38 20.09
N ALA A 55 -0.42 -46.98 19.04
CA ALA A 55 0.13 -46.02 18.10
C ALA A 55 -0.73 -44.77 18.06
N PRO A 56 -0.36 -43.75 18.85
CA PRO A 56 -1.09 -42.48 18.90
C PRO A 56 -1.07 -41.75 17.57
N SER A 57 -2.20 -41.78 16.90
CA SER A 57 -2.35 -41.15 15.60
C SER A 57 -3.67 -40.38 15.52
N LEU A 58 -3.99 -39.70 16.61
CA LEU A 58 -5.24 -38.96 16.71
C LEU A 58 -4.99 -37.47 16.68
N ASP A 59 -5.70 -36.77 15.80
CA ASP A 59 -5.61 -35.32 15.74
C ASP A 59 -6.53 -34.69 16.78
N PRO A 60 -5.99 -33.80 17.64
CA PRO A 60 -6.73 -33.22 18.75
C PRO A 60 -7.79 -32.20 18.34
N ALA A 61 -7.84 -31.86 17.06
CA ALA A 61 -8.80 -30.88 16.57
C ALA A 61 -10.02 -31.55 15.96
N THR A 62 -9.91 -32.84 15.70
CA THR A 62 -11.01 -33.57 15.08
C THR A 62 -12.11 -33.88 16.08
N ILE A 63 -11.92 -34.92 16.89
CA ILE A 63 -12.89 -35.33 17.90
C ILE A 63 -14.27 -35.55 17.26
N ALA A 64 -14.24 -35.99 16.00
CA ALA A 64 -15.45 -36.25 15.23
C ALA A 64 -16.36 -35.02 15.15
N ALA A 65 -15.76 -33.84 15.24
CA ALA A 65 -16.53 -32.60 15.17
C ALA A 65 -16.56 -32.06 13.74
N ASN A 66 -17.66 -32.31 13.05
CA ASN A 66 -17.83 -31.86 11.68
C ASN A 66 -19.31 -31.92 11.30
N ASN A 67 -19.67 -31.22 10.23
CA ASN A 67 -21.05 -31.13 9.76
C ASN A 67 -21.95 -30.46 10.80
N THR A 68 -21.32 -29.66 11.66
CA THR A 68 -22.06 -28.88 12.65
C THR A 68 -22.81 -27.76 11.96
N GLU A 69 -22.15 -27.14 11.00
CA GLU A 69 -22.76 -26.14 10.14
C GLU A 69 -22.91 -26.71 8.74
N PHE A 70 -22.90 -28.05 8.68
CA PHE A 70 -23.03 -28.80 7.44
C PHE A 70 -21.93 -28.42 6.44
N GLU A 71 -20.75 -28.12 6.99
CA GLU A 71 -19.55 -27.83 6.21
C GLU A 71 -19.76 -26.65 5.27
N PRO A 72 -19.61 -25.42 5.77
CA PRO A 72 -19.76 -24.20 4.98
C PRO A 72 -18.67 -24.05 3.93
N GLU A 73 -18.94 -24.58 2.73
CA GLU A 73 -17.99 -24.56 1.62
C GLU A 73 -16.78 -25.46 1.89
N PRO A 74 -16.32 -26.20 0.87
CA PRO A 74 -15.14 -27.04 0.97
C PRO A 74 -13.86 -26.22 0.90
N ALA A 75 -13.75 -25.23 1.78
CA ALA A 75 -12.59 -24.35 1.80
C ALA A 75 -11.37 -25.08 2.36
N PRO A 76 -10.24 -25.04 1.64
CA PRO A 76 -8.99 -25.65 2.09
C PRO A 76 -8.42 -24.95 3.32
N VAL A 77 -8.96 -25.26 4.48
CA VAL A 77 -8.50 -24.67 5.73
C VAL A 77 -7.42 -25.53 6.36
N ALA A 78 -6.89 -26.42 5.55
CA ALA A 78 -5.83 -27.32 5.96
C ALA A 78 -4.80 -27.46 4.85
N PRO A 79 -3.60 -26.90 5.05
CA PRO A 79 -2.53 -26.96 4.05
C PRO A 79 -1.99 -28.38 3.87
N PRO A 80 -1.41 -28.67 2.69
CA PRO A 80 -0.86 -30.00 2.39
C PRO A 80 0.44 -30.26 3.14
N LYS A 81 0.81 -29.31 3.98
CA LYS A 81 2.01 -29.40 4.79
C LYS A 81 1.65 -29.17 6.25
N PRO A 82 2.38 -29.81 7.18
CA PRO A 82 2.13 -29.67 8.61
C PRO A 82 2.61 -28.32 9.17
N LYS A 83 3.01 -27.47 8.24
CA LYS A 83 3.55 -26.13 8.55
C LYS A 83 4.73 -26.24 9.51
N PRO A 84 5.86 -26.79 9.05
CA PRO A 84 7.05 -26.98 9.88
C PRO A 84 7.59 -25.67 10.40
N VAL A 85 7.92 -25.65 11.69
CA VAL A 85 8.48 -24.45 12.31
C VAL A 85 9.99 -24.36 12.04
N GLU A 86 10.32 -24.42 10.76
CA GLU A 86 11.70 -24.32 10.31
C GLU A 86 12.27 -22.93 10.61
N PRO A 87 11.60 -21.84 10.19
CA PRO A 87 12.01 -20.49 10.57
C PRO A 87 11.70 -20.22 12.04
N PRO A 88 12.65 -19.62 12.77
CA PRO A 88 12.48 -19.32 14.21
C PRO A 88 11.55 -18.15 14.45
N LYS A 89 10.31 -18.28 14.03
CA LYS A 89 9.31 -17.22 14.17
C LYS A 89 8.34 -17.55 15.27
N PRO A 90 8.15 -16.62 16.23
CA PRO A 90 7.08 -16.71 17.21
C PRO A 90 5.73 -16.51 16.55
N LYS A 91 4.76 -17.36 16.89
CA LYS A 91 3.44 -17.34 16.25
C LYS A 91 3.52 -17.84 14.81
N VAL A 92 2.75 -18.87 14.49
CA VAL A 92 2.74 -19.42 13.14
C VAL A 92 2.11 -18.46 12.14
N GLU A 93 1.46 -17.42 12.66
CA GLU A 93 0.83 -16.41 11.84
C GLU A 93 1.78 -15.26 11.57
N ALA A 94 3.06 -15.46 11.88
CA ALA A 94 4.09 -14.46 11.62
C ALA A 94 4.23 -14.19 10.13
N PRO A 95 4.54 -12.94 9.76
CA PRO A 95 4.71 -12.55 8.35
C PRO A 95 5.76 -13.39 7.64
N PRO A 96 5.37 -14.01 6.49
CA PRO A 96 6.28 -14.84 5.69
C PRO A 96 7.53 -14.10 5.27
N ALA A 97 7.36 -12.84 4.90
CA ALA A 97 8.48 -11.98 4.55
C ALA A 97 8.63 -10.88 5.59
N PRO A 98 9.82 -10.73 6.19
CA PRO A 98 10.09 -9.66 7.16
C PRO A 98 10.21 -8.29 6.50
N LYS A 99 9.24 -7.97 5.67
CA LYS A 99 9.22 -6.69 4.97
C LYS A 99 8.32 -5.68 5.68
N PRO A 100 7.03 -6.02 5.98
CA PRO A 100 6.13 -5.11 6.70
C PRO A 100 6.52 -4.92 8.16
N GLU A 101 7.60 -4.17 8.38
CA GLU A 101 8.06 -3.86 9.71
C GLU A 101 7.01 -3.02 10.43
N PRO A 102 6.72 -3.32 11.71
CA PRO A 102 5.67 -2.63 12.49
C PRO A 102 6.00 -1.17 12.81
N LYS A 103 6.22 -0.38 11.77
CA LYS A 103 6.40 1.06 11.91
C LYS A 103 5.59 1.76 10.83
N PRO A 104 4.58 2.55 11.24
CA PRO A 104 3.70 3.24 10.30
C PRO A 104 4.45 4.29 9.50
N VAL A 105 4.43 4.16 8.18
CA VAL A 105 5.11 5.10 7.30
C VAL A 105 4.33 6.41 7.22
N VAL A 106 4.49 7.22 8.26
CA VAL A 106 3.87 8.52 8.33
C VAL A 106 4.68 9.56 7.58
N GLU A 107 4.21 10.81 7.59
CA GLU A 107 4.85 11.91 6.86
C GLU A 107 4.73 11.68 5.35
N GLU A 108 5.04 12.69 4.57
CA GLU A 108 5.03 12.56 3.12
C GLU A 108 6.33 11.90 2.67
N LYS A 109 6.48 10.64 3.02
CA LYS A 109 7.70 9.90 2.75
C LYS A 109 7.51 9.04 1.52
N ALA A 110 6.51 8.17 1.59
CA ALA A 110 6.05 7.48 0.40
C ALA A 110 5.51 8.54 -0.54
N ALA A 111 4.66 9.38 0.01
CA ALA A 111 4.08 10.51 -0.71
C ALA A 111 3.17 10.02 -1.86
N PRO A 112 2.16 10.82 -2.25
CA PRO A 112 1.21 10.43 -3.30
C PRO A 112 1.81 10.47 -4.70
N THR A 113 3.07 10.04 -4.85
CA THR A 113 3.74 10.05 -6.13
C THR A 113 5.20 9.60 -6.02
N GLY A 114 5.74 9.57 -4.81
CA GLY A 114 7.13 9.19 -4.62
C GLY A 114 7.30 7.68 -4.60
N LYS A 115 7.18 7.10 -3.43
CA LYS A 115 7.18 5.65 -3.29
C LYS A 115 5.74 5.18 -3.31
N ALA A 116 5.19 5.09 -4.49
CA ALA A 116 3.82 4.66 -4.70
C ALA A 116 3.79 3.15 -4.89
N TYR A 117 2.61 2.54 -4.80
CA TYR A 117 2.50 1.08 -4.86
C TYR A 117 1.32 0.64 -5.75
N VAL A 118 1.51 -0.44 -6.54
CA VAL A 118 0.41 -1.07 -7.31
C VAL A 118 0.70 -2.59 -7.45
N VAL A 119 -0.31 -3.39 -7.81
CA VAL A 119 -0.11 -4.82 -7.98
C VAL A 119 -0.09 -5.21 -9.46
N GLN A 120 1.07 -5.66 -9.94
CA GLN A 120 1.24 -6.01 -11.35
C GLN A 120 0.81 -7.45 -11.63
N LEU A 121 -0.20 -7.63 -12.45
CA LEU A 121 -0.71 -8.96 -12.77
C LEU A 121 -0.04 -9.50 -14.02
N GLY A 122 0.22 -8.61 -14.95
CA GLY A 122 0.82 -9.02 -16.20
C GLY A 122 1.74 -7.97 -16.78
N ALA A 123 2.48 -8.35 -17.81
CA ALA A 123 3.37 -7.46 -18.52
C ALA A 123 3.74 -8.10 -19.85
N LEU A 124 3.17 -7.59 -20.92
CA LEU A 124 3.30 -8.22 -22.23
C LEU A 124 3.50 -7.18 -23.30
N LYS A 125 4.05 -7.62 -24.42
CA LYS A 125 4.41 -6.75 -25.51
C LYS A 125 3.32 -6.74 -26.56
N ASN A 126 2.30 -7.56 -26.33
CA ASN A 126 1.19 -7.68 -27.26
C ASN A 126 -0.08 -7.11 -26.63
N ALA A 127 -0.60 -6.06 -27.23
CA ALA A 127 -1.79 -5.38 -26.73
C ALA A 127 -3.01 -6.29 -26.82
N ASP A 128 -2.90 -7.31 -27.67
CA ASP A 128 -3.95 -8.32 -27.82
C ASP A 128 -4.20 -9.01 -26.49
N LYS A 129 -3.13 -9.13 -25.72
CA LYS A 129 -3.17 -9.77 -24.42
C LYS A 129 -3.50 -8.76 -23.33
N VAL A 130 -3.06 -7.53 -23.56
CA VAL A 130 -3.38 -6.41 -22.66
C VAL A 130 -4.89 -6.19 -22.61
N ASN A 131 -5.51 -6.30 -23.79
CA ASN A 131 -6.94 -6.10 -23.94
C ASN A 131 -7.72 -7.00 -23.00
N GLU A 132 -7.23 -8.22 -22.80
CA GLU A 132 -7.91 -9.17 -21.93
C GLU A 132 -7.82 -8.72 -20.49
N ILE A 133 -6.60 -8.60 -20.00
CA ILE A 133 -6.33 -8.24 -18.62
C ILE A 133 -7.01 -6.94 -18.26
N VAL A 134 -6.87 -5.96 -19.14
CA VAL A 134 -7.42 -4.64 -18.89
C VAL A 134 -8.94 -4.67 -19.07
N GLY A 135 -9.41 -5.36 -20.10
CA GLY A 135 -10.84 -5.49 -20.31
C GLY A 135 -11.52 -6.15 -19.13
N LYS A 136 -10.79 -7.00 -18.43
CA LYS A 136 -11.29 -7.67 -17.25
C LYS A 136 -11.39 -6.71 -16.07
N LEU A 137 -10.27 -6.08 -15.71
CA LEU A 137 -10.25 -5.23 -14.53
C LEU A 137 -10.77 -3.83 -14.81
N ARG A 138 -10.24 -3.21 -15.84
CA ARG A 138 -10.64 -1.85 -16.19
C ARG A 138 -12.09 -1.84 -16.62
N GLY A 139 -12.45 -2.84 -17.41
CA GLY A 139 -13.79 -2.92 -17.96
C GLY A 139 -14.84 -3.20 -16.90
N ALA A 140 -14.43 -3.81 -15.80
CA ALA A 140 -15.36 -4.12 -14.72
C ALA A 140 -15.39 -2.99 -13.68
N GLY A 141 -14.68 -1.90 -13.99
CA GLY A 141 -14.73 -0.72 -13.15
C GLY A 141 -13.79 -0.79 -11.96
N TYR A 142 -12.74 -1.57 -12.06
CA TYR A 142 -11.78 -1.69 -10.98
C TYR A 142 -10.69 -0.64 -11.14
N ARG A 143 -9.98 -0.34 -10.05
CA ARG A 143 -8.87 0.59 -10.11
C ARG A 143 -7.66 -0.11 -10.67
N VAL A 144 -7.40 0.17 -11.93
CA VAL A 144 -6.36 -0.51 -12.66
C VAL A 144 -5.67 0.47 -13.60
N TYR A 145 -4.37 0.36 -13.70
CA TYR A 145 -3.61 1.12 -14.68
C TYR A 145 -2.54 0.26 -15.33
N THR A 146 -1.87 0.85 -16.28
CA THR A 146 -1.00 0.14 -17.19
C THR A 146 0.42 0.68 -17.16
N SER A 147 1.23 0.18 -18.08
CA SER A 147 2.64 0.54 -18.19
C SER A 147 2.87 2.04 -18.20
N PRO A 148 4.10 2.44 -17.84
CA PRO A 148 4.46 3.85 -17.60
C PRO A 148 3.97 4.81 -18.68
N SER A 149 4.30 4.56 -19.95
CA SER A 149 3.93 5.49 -20.99
C SER A 149 2.53 5.21 -21.56
N THR A 150 2.36 4.05 -22.19
CA THR A 150 1.10 3.70 -22.84
C THR A 150 1.09 2.22 -23.25
N PRO A 151 -0.02 1.49 -23.05
CA PRO A 151 -0.22 0.17 -23.67
C PRO A 151 -0.20 0.28 -25.18
N VAL A 152 0.68 -0.48 -25.80
CA VAL A 152 0.88 -0.39 -27.22
C VAL A 152 1.43 -1.71 -27.77
N GLN A 153 1.27 -1.91 -29.07
CA GLN A 153 1.69 -3.15 -29.70
C GLN A 153 3.19 -3.11 -29.99
N GLY A 154 3.90 -4.12 -29.53
CA GLY A 154 5.32 -4.23 -29.81
C GLY A 154 6.16 -3.79 -28.63
N LYS A 155 5.54 -3.08 -27.69
CA LYS A 155 6.25 -2.58 -26.53
C LYS A 155 5.61 -3.13 -25.25
N ILE A 156 6.34 -3.07 -24.16
CA ILE A 156 5.92 -3.70 -22.92
C ILE A 156 4.77 -2.95 -22.25
N THR A 157 3.65 -3.64 -22.10
CA THR A 157 2.52 -3.12 -21.35
C THR A 157 2.33 -3.93 -20.08
N ARG A 158 2.69 -3.34 -18.97
CA ARG A 158 2.51 -3.95 -17.67
C ARG A 158 1.13 -3.59 -17.14
N ILE A 159 0.43 -4.56 -16.58
CA ILE A 159 -0.91 -4.33 -16.07
C ILE A 159 -0.91 -4.41 -14.57
N LEU A 160 -1.38 -3.35 -13.93
CA LEU A 160 -1.30 -3.24 -12.49
C LEU A 160 -2.65 -2.85 -11.89
N VAL A 161 -3.04 -3.58 -10.87
CA VAL A 161 -4.30 -3.36 -10.18
C VAL A 161 -4.08 -2.74 -8.83
N GLY A 162 -4.86 -1.71 -8.55
CA GLY A 162 -4.84 -1.07 -7.26
C GLY A 162 -3.76 -0.03 -7.10
N PRO A 163 -3.62 0.93 -8.04
CA PRO A 163 -2.69 2.02 -7.87
C PRO A 163 -3.01 2.83 -6.63
N ASP A 164 -2.02 2.99 -5.77
CA ASP A 164 -2.18 3.74 -4.55
C ASP A 164 -0.83 4.21 -4.08
N ALA A 165 -0.83 5.12 -3.12
CA ALA A 165 0.40 5.65 -2.58
C ALA A 165 0.65 5.11 -1.17
N SER A 166 -0.21 4.19 -0.74
CA SER A 166 -0.09 3.60 0.57
C SER A 166 0.09 2.10 0.48
N LYS A 167 1.31 1.65 0.77
CA LYS A 167 1.62 0.24 0.71
C LYS A 167 0.87 -0.52 1.78
N ASP A 168 0.78 0.08 2.96
CA ASP A 168 0.14 -0.54 4.10
C ASP A 168 -1.33 -0.80 3.83
N LYS A 169 -1.97 0.16 3.16
CA LYS A 169 -3.37 0.05 2.80
C LYS A 169 -3.56 -1.01 1.72
N LEU A 170 -2.79 -0.91 0.66
CA LEU A 170 -2.94 -1.81 -0.47
C LEU A 170 -2.39 -3.20 -0.14
N LYS A 171 -1.55 -3.27 0.88
CA LYS A 171 -1.01 -4.55 1.38
C LYS A 171 -2.14 -5.45 1.89
N GLY A 172 -3.10 -4.84 2.55
CA GLY A 172 -4.24 -5.59 3.04
C GLY A 172 -5.19 -5.87 1.91
N SER A 173 -5.02 -5.12 0.84
CA SER A 173 -5.85 -5.24 -0.33
C SER A 173 -5.43 -6.42 -1.21
N LEU A 174 -4.31 -7.06 -0.91
CA LEU A 174 -3.85 -8.19 -1.71
C LEU A 174 -4.74 -9.39 -1.48
N GLY A 175 -5.18 -9.57 -0.24
CA GLY A 175 -6.11 -10.62 0.07
C GLY A 175 -7.43 -10.40 -0.64
N GLU A 176 -7.70 -9.13 -0.92
CA GLU A 176 -8.86 -8.74 -1.69
C GLU A 176 -8.57 -8.80 -3.18
N LEU A 177 -7.29 -8.68 -3.53
CA LEU A 177 -6.87 -8.63 -4.92
C LEU A 177 -7.27 -9.89 -5.66
N LYS A 178 -6.97 -11.03 -5.05
CA LYS A 178 -7.33 -12.33 -5.63
C LYS A 178 -8.84 -12.44 -5.83
N GLN A 179 -9.60 -11.63 -5.10
CA GLN A 179 -11.04 -11.56 -5.26
C GLN A 179 -11.41 -10.50 -6.30
N LEU A 180 -10.68 -9.39 -6.29
CA LEU A 180 -10.97 -8.26 -7.17
C LEU A 180 -10.58 -8.57 -8.61
N SER A 181 -9.36 -9.01 -8.82
CA SER A 181 -8.88 -9.26 -10.16
C SER A 181 -8.89 -10.76 -10.47
N GLY A 182 -8.45 -11.55 -9.50
CA GLY A 182 -8.31 -12.97 -9.71
C GLY A 182 -7.10 -13.27 -10.56
N LEU A 183 -6.33 -12.22 -10.85
CA LEU A 183 -5.16 -12.32 -11.69
C LEU A 183 -3.91 -12.44 -10.82
N SER A 184 -2.85 -12.97 -11.38
CA SER A 184 -1.62 -13.21 -10.63
C SER A 184 -0.78 -11.94 -10.52
N GLY A 185 -0.94 -11.23 -9.41
CA GLY A 185 -0.30 -9.95 -9.26
C GLY A 185 0.85 -9.94 -8.27
N VAL A 186 1.88 -9.19 -8.60
CA VAL A 186 3.01 -8.98 -7.72
C VAL A 186 3.10 -7.52 -7.33
N VAL A 187 3.46 -7.26 -6.08
CA VAL A 187 3.49 -5.91 -5.56
C VAL A 187 4.68 -5.14 -6.11
N MET A 188 4.41 -4.22 -7.02
CA MET A 188 5.44 -3.42 -7.64
C MET A 188 5.35 -2.00 -7.13
N GLY A 189 6.50 -1.39 -6.92
CA GLY A 189 6.52 -0.04 -6.44
C GLY A 189 6.19 0.94 -7.54
N TYR A 190 5.01 1.47 -7.42
CA TYR A 190 4.44 2.45 -8.33
C TYR A 190 5.23 3.75 -8.31
N THR A 191 5.53 4.27 -9.49
CA THR A 191 6.22 5.55 -9.60
C THR A 191 5.65 6.34 -10.78
N PRO A 192 4.65 7.19 -10.51
CA PRO A 192 4.02 8.01 -11.56
C PRO A 192 4.96 9.07 -12.09
N ASN A 193 5.02 9.18 -13.42
CA ASN A 193 5.83 10.18 -14.11
C ASN A 193 7.32 9.99 -13.80
N ASP A 1 -28.23 -40.21 8.26
CA ASP A 1 -28.03 -38.78 8.59
C ASP A 1 -28.07 -38.57 10.10
N GLY A 2 -29.24 -38.72 10.70
CA GLY A 2 -29.38 -38.49 12.12
C GLY A 2 -29.28 -39.76 12.94
N GLN A 3 -30.33 -40.58 12.87
CA GLN A 3 -30.44 -41.80 13.68
C GLN A 3 -30.35 -41.45 15.16
N LYS A 4 -31.23 -40.54 15.57
CA LYS A 4 -31.29 -40.08 16.96
C LYS A 4 -31.82 -41.17 17.87
N LYS A 5 -30.92 -42.02 18.35
CA LYS A 5 -31.29 -43.06 19.29
C LYS A 5 -30.06 -43.50 20.08
N HIS A 6 -30.13 -43.36 21.39
CA HIS A 6 -29.04 -43.78 22.26
C HIS A 6 -29.25 -45.22 22.69
N TYR A 7 -28.15 -45.93 22.91
CA TYR A 7 -28.20 -47.34 23.28
C TYR A 7 -28.52 -47.50 24.77
N GLN A 8 -29.60 -46.88 25.20
CA GLN A 8 -30.06 -46.99 26.57
C GLN A 8 -31.01 -48.18 26.70
N ASP A 9 -31.92 -48.29 25.74
CA ASP A 9 -32.85 -49.40 25.69
C ASP A 9 -32.97 -49.91 24.26
N GLU A 10 -33.75 -50.96 24.07
CA GLU A 10 -33.93 -51.54 22.74
C GLU A 10 -35.05 -50.84 21.98
N PHE A 11 -36.16 -50.58 22.66
CA PHE A 11 -37.31 -49.96 22.00
C PHE A 11 -38.06 -49.03 22.94
N ALA A 12 -37.37 -48.47 23.93
CA ALA A 12 -38.02 -47.58 24.89
C ALA A 12 -37.98 -46.14 24.41
N ALA A 13 -37.12 -45.87 23.44
CA ALA A 13 -37.04 -44.54 22.85
C ALA A 13 -37.63 -44.56 21.46
N ILE A 14 -38.74 -43.86 21.28
CA ILE A 14 -39.42 -43.80 19.99
C ILE A 14 -39.10 -42.47 19.30
N PRO A 15 -38.11 -42.45 18.40
CA PRO A 15 -37.75 -41.28 17.63
C PRO A 15 -38.64 -41.14 16.42
N LEU A 16 -39.94 -41.00 16.67
CA LEU A 16 -40.95 -40.97 15.62
C LEU A 16 -40.96 -42.30 14.88
N VAL A 17 -40.60 -43.36 15.59
CA VAL A 17 -40.60 -44.70 15.03
C VAL A 17 -41.40 -45.67 15.90
N PRO A 18 -42.74 -45.53 15.95
CA PRO A 18 -43.61 -46.49 16.62
C PRO A 18 -43.95 -47.67 15.73
N LYS A 19 -43.50 -47.58 14.47
CA LYS A 19 -43.74 -48.63 13.48
C LYS A 19 -43.10 -49.95 13.91
N ALA A 20 -41.94 -49.85 14.55
CA ALA A 20 -41.24 -51.01 15.06
C ALA A 20 -40.39 -50.60 16.24
N GLY A 21 -39.84 -51.58 16.96
CA GLY A 21 -38.98 -51.28 18.08
C GLY A 21 -37.66 -50.69 17.63
N ASP A 22 -36.67 -51.54 17.44
CA ASP A 22 -35.38 -51.11 16.94
C ASP A 22 -35.29 -51.42 15.46
N ARG A 23 -34.31 -50.85 14.76
CA ARG A 23 -34.13 -51.18 13.35
C ARG A 23 -33.84 -52.67 13.21
N ASP A 24 -33.04 -53.20 14.11
CA ASP A 24 -32.78 -54.62 14.19
C ASP A 24 -33.66 -55.26 15.28
N GLU A 25 -33.97 -56.54 15.11
CA GLU A 25 -34.80 -57.23 16.08
C GLU A 25 -33.99 -57.63 17.32
N PRO A 26 -34.61 -57.62 18.51
CA PRO A 26 -33.95 -57.98 19.77
C PRO A 26 -33.69 -59.48 19.87
N ASP A 27 -32.73 -59.94 19.10
CA ASP A 27 -32.39 -61.36 19.06
C ASP A 27 -30.88 -61.50 19.10
N MET A 28 -30.40 -62.68 19.48
CA MET A 28 -28.97 -62.96 19.57
C MET A 28 -28.30 -62.84 18.20
N MET A 29 -29.06 -63.05 17.14
CA MET A 29 -28.51 -63.05 15.79
C MET A 29 -29.60 -62.80 14.75
N PRO A 30 -30.16 -61.57 14.73
CA PRO A 30 -31.22 -61.21 13.79
C PRO A 30 -30.66 -60.80 12.43
N ALA A 31 -29.39 -60.42 12.42
CA ALA A 31 -28.69 -60.02 11.21
C ALA A 31 -27.22 -60.38 11.33
N ALA A 32 -26.87 -61.57 10.87
CA ALA A 32 -25.52 -62.08 11.02
C ALA A 32 -24.52 -61.28 10.20
N THR A 33 -24.67 -61.30 8.87
CA THR A 33 -23.73 -60.62 8.00
C THR A 33 -24.26 -59.25 7.59
N GLN A 34 -25.58 -59.08 7.63
CA GLN A 34 -26.19 -57.82 7.24
C GLN A 34 -26.26 -56.87 8.42
N ALA A 35 -25.09 -56.53 8.96
CA ALA A 35 -25.01 -55.62 10.09
C ALA A 35 -24.44 -54.27 9.65
N LEU A 36 -24.43 -54.06 8.33
CA LEU A 36 -23.91 -52.82 7.77
C LEU A 36 -24.99 -51.75 7.85
N PRO A 37 -24.74 -50.66 8.59
CA PRO A 37 -25.72 -49.57 8.77
C PRO A 37 -26.01 -48.84 7.46
N THR A 38 -27.20 -49.06 6.92
CA THR A 38 -27.63 -48.39 5.71
C THR A 38 -28.03 -46.95 6.02
N GLN A 39 -28.38 -46.70 7.27
CA GLN A 39 -28.70 -45.36 7.73
C GLN A 39 -27.67 -44.91 8.76
N PRO A 40 -26.56 -44.33 8.31
CA PRO A 40 -25.47 -43.94 9.19
C PRO A 40 -25.70 -42.58 9.85
N PRO A 41 -25.51 -42.50 11.17
CA PRO A 41 -25.55 -41.24 11.90
C PRO A 41 -24.34 -40.36 11.61
N GLU A 42 -24.59 -39.12 11.23
CA GLU A 42 -23.53 -38.17 10.91
C GLU A 42 -23.01 -37.50 12.17
N GLY A 43 -21.88 -36.83 12.04
CA GLY A 43 -21.27 -36.18 13.19
C GLY A 43 -22.03 -34.94 13.62
N ALA A 44 -22.34 -34.86 14.91
CA ALA A 44 -23.08 -33.75 15.50
C ALA A 44 -24.46 -33.61 14.87
N ALA A 45 -25.12 -34.75 14.66
CA ALA A 45 -26.44 -34.76 14.04
C ALA A 45 -27.53 -34.79 15.10
N GLU A 46 -27.56 -33.77 15.94
CA GLU A 46 -28.54 -33.68 17.01
C GLU A 46 -29.31 -32.37 16.91
N GLU A 47 -29.86 -32.12 15.72
CA GLU A 47 -30.67 -30.92 15.48
C GLU A 47 -31.83 -30.88 16.45
N VAL A 48 -32.51 -32.01 16.58
CA VAL A 48 -33.62 -32.13 17.50
C VAL A 48 -33.21 -33.03 18.66
N ARG A 49 -33.48 -32.58 19.88
CA ARG A 49 -33.21 -33.38 21.06
C ARG A 49 -34.40 -33.34 21.99
N ALA A 50 -34.75 -32.16 22.46
CA ALA A 50 -35.88 -31.99 23.36
C ALA A 50 -37.07 -31.41 22.61
N GLY A 51 -37.98 -32.28 22.20
CA GLY A 51 -39.14 -31.85 21.47
C GLY A 51 -39.90 -33.01 20.86
N ASP A 52 -40.41 -32.81 19.64
CA ASP A 52 -41.17 -33.84 18.96
C ASP A 52 -40.66 -33.99 17.53
N ALA A 53 -39.45 -33.50 17.30
CA ALA A 53 -38.81 -33.54 15.97
C ALA A 53 -39.68 -32.85 14.92
N ALA A 54 -40.26 -31.72 15.28
CA ALA A 54 -41.10 -30.96 14.36
C ALA A 54 -40.28 -29.90 13.64
N ALA A 55 -39.00 -30.19 13.44
CA ALA A 55 -38.08 -29.26 12.80
C ALA A 55 -38.44 -29.04 11.34
N PRO A 56 -38.43 -27.78 10.90
CA PRO A 56 -38.71 -27.43 9.50
C PRO A 56 -37.62 -27.92 8.56
N SER A 57 -38.05 -28.56 7.48
CA SER A 57 -37.15 -29.12 6.48
C SER A 57 -36.31 -30.25 7.07
N LEU A 58 -36.90 -31.01 7.97
CA LEU A 58 -36.24 -32.16 8.57
C LEU A 58 -36.31 -33.35 7.61
N ASP A 59 -37.28 -33.29 6.71
CA ASP A 59 -37.44 -34.29 5.66
C ASP A 59 -36.19 -34.32 4.78
N PRO A 60 -35.60 -35.50 4.58
CA PRO A 60 -34.33 -35.64 3.84
C PRO A 60 -34.48 -35.53 2.33
N ALA A 61 -35.74 -35.45 1.88
CA ALA A 61 -36.06 -35.39 0.45
C ALA A 61 -35.72 -36.70 -0.25
N THR A 62 -36.71 -37.57 -0.36
CA THR A 62 -36.54 -38.85 -1.03
C THR A 62 -36.62 -38.69 -2.55
N ILE A 63 -35.62 -38.03 -3.11
CA ILE A 63 -35.56 -37.79 -4.55
C ILE A 63 -34.63 -38.78 -5.22
N ALA A 64 -34.44 -39.94 -4.57
CA ALA A 64 -33.56 -41.01 -5.04
C ALA A 64 -32.09 -40.66 -4.84
N ALA A 65 -31.73 -39.41 -5.18
CA ALA A 65 -30.39 -38.88 -5.00
C ALA A 65 -29.39 -39.48 -5.98
N ASN A 66 -29.28 -40.80 -5.96
CA ASN A 66 -28.31 -41.50 -6.81
C ASN A 66 -28.80 -41.58 -8.24
N ASN A 67 -30.11 -41.73 -8.42
CA ASN A 67 -30.70 -41.80 -9.76
C ASN A 67 -30.56 -40.47 -10.48
N THR A 68 -31.00 -40.44 -11.74
CA THR A 68 -30.80 -39.33 -12.69
C THR A 68 -29.33 -39.17 -13.06
N GLU A 69 -28.46 -39.40 -12.09
CA GLU A 69 -27.02 -39.44 -12.33
C GLU A 69 -26.60 -40.87 -12.68
N PHE A 70 -27.57 -41.78 -12.58
CA PHE A 70 -27.36 -43.21 -12.80
C PHE A 70 -26.35 -43.73 -11.78
N GLU A 71 -26.59 -43.38 -10.51
CA GLU A 71 -25.74 -43.80 -9.40
C GLU A 71 -24.32 -43.25 -9.53
N PRO A 72 -24.02 -42.13 -8.85
CA PRO A 72 -22.71 -41.49 -8.87
C PRO A 72 -21.71 -42.20 -7.94
N GLU A 73 -20.92 -43.09 -8.52
CA GLU A 73 -19.94 -43.85 -7.76
C GLU A 73 -18.68 -43.01 -7.52
N PRO A 74 -17.94 -43.26 -6.44
CA PRO A 74 -16.72 -42.51 -6.10
C PRO A 74 -15.52 -42.94 -6.95
N ALA A 75 -15.74 -43.06 -8.25
CA ALA A 75 -14.69 -43.42 -9.18
C ALA A 75 -13.92 -42.19 -9.69
N PRO A 76 -14.62 -41.14 -10.20
CA PRO A 76 -13.96 -39.91 -10.65
C PRO A 76 -13.31 -39.14 -9.52
N VAL A 77 -12.05 -39.45 -9.24
CA VAL A 77 -11.29 -38.74 -8.24
C VAL A 77 -10.49 -37.63 -8.88
N ALA A 78 -10.81 -36.40 -8.52
CA ALA A 78 -10.14 -35.22 -9.06
C ALA A 78 -8.64 -35.27 -8.79
N PRO A 79 -7.83 -35.34 -9.87
CA PRO A 79 -6.37 -35.42 -9.76
C PRO A 79 -5.78 -34.27 -8.94
N PRO A 80 -4.89 -34.60 -7.99
CA PRO A 80 -4.28 -33.61 -7.09
C PRO A 80 -3.43 -32.60 -7.83
N LYS A 81 -3.55 -31.33 -7.45
CA LYS A 81 -2.76 -30.27 -8.06
C LYS A 81 -1.30 -30.43 -7.69
N PRO A 82 -0.41 -30.56 -8.68
CA PRO A 82 1.03 -30.75 -8.46
C PRO A 82 1.76 -29.42 -8.26
N LYS A 83 1.00 -28.37 -7.99
CA LYS A 83 1.52 -27.03 -7.76
C LYS A 83 2.09 -26.42 -9.05
N PRO A 84 1.69 -25.18 -9.38
CA PRO A 84 2.22 -24.47 -10.55
C PRO A 84 3.73 -24.36 -10.52
N VAL A 85 4.37 -24.57 -11.66
CA VAL A 85 5.82 -24.57 -11.74
C VAL A 85 6.34 -23.17 -11.98
N GLU A 86 5.83 -22.26 -11.17
CA GLU A 86 6.17 -20.85 -11.26
C GLU A 86 5.62 -20.10 -10.05
N PRO A 87 6.36 -20.16 -8.93
CA PRO A 87 5.95 -19.52 -7.67
C PRO A 87 5.68 -18.03 -7.84
N PRO A 88 4.48 -17.59 -7.43
CA PRO A 88 4.06 -16.19 -7.54
C PRO A 88 4.68 -15.31 -6.44
N LYS A 89 6.00 -15.37 -6.34
CA LYS A 89 6.76 -14.68 -5.30
C LYS A 89 6.28 -15.12 -3.92
N PRO A 90 6.76 -16.28 -3.45
CA PRO A 90 6.38 -16.83 -2.15
C PRO A 90 6.89 -15.98 -1.00
N LYS A 91 7.85 -15.12 -1.30
CA LYS A 91 8.39 -14.19 -0.33
C LYS A 91 7.51 -12.97 -0.22
N VAL A 92 6.37 -13.13 0.44
CA VAL A 92 5.43 -12.04 0.65
C VAL A 92 5.73 -11.36 1.99
N GLU A 93 5.81 -12.17 3.04
CA GLU A 93 6.10 -11.65 4.37
C GLU A 93 7.57 -11.90 4.72
N ALA A 94 8.29 -12.47 3.77
CA ALA A 94 9.69 -12.81 3.98
C ALA A 94 10.60 -11.61 3.69
N PRO A 95 11.23 -11.05 4.74
CA PRO A 95 12.15 -9.95 4.60
C PRO A 95 13.60 -10.41 4.43
N PRO A 96 14.38 -9.71 3.59
CA PRO A 96 15.79 -10.01 3.39
C PRO A 96 16.64 -9.53 4.57
N ALA A 97 16.03 -8.72 5.41
CA ALA A 97 16.67 -8.20 6.61
C ALA A 97 15.62 -7.86 7.65
N PRO A 98 15.96 -7.88 8.95
CA PRO A 98 15.00 -7.57 10.02
C PRO A 98 14.21 -6.29 9.75
N LYS A 99 14.94 -5.19 9.53
CA LYS A 99 14.34 -3.88 9.24
C LYS A 99 13.53 -3.37 10.43
N PRO A 100 14.05 -2.34 11.12
CA PRO A 100 13.37 -1.72 12.26
C PRO A 100 12.20 -0.83 11.81
N GLU A 101 11.26 -1.43 11.08
CA GLU A 101 10.08 -0.71 10.61
C GLU A 101 9.09 -0.53 11.75
N PRO A 102 8.71 0.74 12.04
CA PRO A 102 7.70 1.05 13.06
C PRO A 102 6.37 0.39 12.76
N LYS A 103 5.85 -0.34 13.73
CA LYS A 103 4.63 -1.11 13.56
C LYS A 103 3.37 -0.22 13.44
N PRO A 104 3.25 0.88 14.22
CA PRO A 104 2.11 1.79 14.09
C PRO A 104 2.18 2.60 12.81
N VAL A 105 1.70 2.01 11.73
CA VAL A 105 1.68 2.67 10.43
C VAL A 105 0.38 3.46 10.27
N VAL A 106 0.30 4.60 10.94
CA VAL A 106 -0.86 5.47 10.84
C VAL A 106 -0.57 6.61 9.87
N GLU A 107 0.65 6.63 9.40
CA GLU A 107 1.13 7.66 8.49
C GLU A 107 1.35 7.08 7.10
N GLU A 108 1.67 7.93 6.14
CA GLU A 108 1.95 7.47 4.78
C GLU A 108 3.25 6.66 4.76
N LYS A 109 4.35 7.33 5.13
CA LYS A 109 5.66 6.69 5.32
C LYS A 109 6.32 6.34 3.99
N ALA A 110 5.56 5.70 3.11
CA ALA A 110 6.04 5.40 1.77
C ALA A 110 6.02 6.66 0.92
N ALA A 111 5.19 7.61 1.34
CA ALA A 111 5.02 8.90 0.67
C ALA A 111 4.23 8.76 -0.62
N PRO A 112 3.43 9.77 -0.98
CA PRO A 112 2.50 9.72 -2.13
C PRO A 112 3.15 9.23 -3.42
N THR A 113 4.14 9.96 -3.90
CA THR A 113 4.75 9.65 -5.18
C THR A 113 6.16 9.11 -4.99
N GLY A 114 6.56 8.97 -3.73
CA GLY A 114 7.88 8.46 -3.43
C GLY A 114 7.94 6.95 -3.57
N LYS A 115 7.14 6.26 -2.77
CA LYS A 115 7.10 4.80 -2.82
C LYS A 115 5.66 4.32 -2.90
N ALA A 116 4.96 4.76 -3.93
CA ALA A 116 3.62 4.28 -4.21
C ALA A 116 3.69 2.85 -4.72
N TYR A 117 2.58 2.15 -4.75
CA TYR A 117 2.59 0.74 -5.14
C TYR A 117 1.35 0.34 -5.95
N VAL A 118 1.49 -0.71 -6.76
CA VAL A 118 0.38 -1.31 -7.53
C VAL A 118 0.64 -2.83 -7.66
N VAL A 119 -0.35 -3.61 -8.08
CA VAL A 119 -0.16 -5.05 -8.22
C VAL A 119 -0.09 -5.46 -9.69
N GLN A 120 1.08 -5.91 -10.12
CA GLN A 120 1.32 -6.28 -11.53
C GLN A 120 0.87 -7.71 -11.81
N LEU A 121 -0.14 -7.84 -12.66
CA LEU A 121 -0.67 -9.16 -12.99
C LEU A 121 -0.07 -9.65 -14.29
N GLY A 122 0.21 -8.72 -15.18
CA GLY A 122 0.75 -9.08 -16.47
C GLY A 122 1.74 -8.05 -16.97
N ALA A 123 2.45 -8.41 -18.02
CA ALA A 123 3.44 -7.54 -18.64
C ALA A 123 3.91 -8.15 -19.94
N LEU A 124 3.38 -7.64 -21.04
CA LEU A 124 3.63 -8.22 -22.34
C LEU A 124 3.57 -7.16 -23.42
N LYS A 125 4.09 -7.51 -24.58
CA LYS A 125 4.23 -6.56 -25.67
C LYS A 125 3.13 -6.78 -26.69
N ASN A 126 2.11 -7.51 -26.28
CA ASN A 126 0.95 -7.76 -27.12
C ASN A 126 -0.24 -7.00 -26.56
N ALA A 127 -0.61 -5.92 -27.23
CA ALA A 127 -1.66 -5.05 -26.74
C ALA A 127 -3.03 -5.71 -26.83
N ASP A 128 -3.14 -6.72 -27.69
CA ASP A 128 -4.37 -7.49 -27.79
C ASP A 128 -4.57 -8.25 -26.50
N LYS A 129 -3.47 -8.73 -25.97
CA LYS A 129 -3.48 -9.46 -24.71
C LYS A 129 -3.67 -8.49 -23.56
N VAL A 130 -3.18 -7.28 -23.74
CA VAL A 130 -3.43 -6.20 -22.79
C VAL A 130 -4.93 -5.89 -22.72
N ASN A 131 -5.57 -5.90 -23.88
CA ASN A 131 -6.99 -5.60 -24.00
C ASN A 131 -7.86 -6.63 -23.26
N GLU A 132 -7.32 -7.82 -23.05
CA GLU A 132 -8.04 -8.84 -22.30
C GLU A 132 -7.94 -8.53 -20.82
N ILE A 133 -6.71 -8.55 -20.32
CA ILE A 133 -6.46 -8.33 -18.89
C ILE A 133 -7.08 -7.02 -18.42
N VAL A 134 -6.82 -5.97 -19.17
CA VAL A 134 -7.32 -4.66 -18.83
C VAL A 134 -8.81 -4.55 -19.12
N GLY A 135 -9.22 -5.11 -20.23
CA GLY A 135 -10.63 -5.08 -20.59
C GLY A 135 -11.50 -5.82 -19.58
N LYS A 136 -10.92 -6.81 -18.94
CA LYS A 136 -11.63 -7.60 -17.95
C LYS A 136 -11.68 -6.91 -16.60
N LEU A 137 -10.53 -6.43 -16.13
CA LEU A 137 -10.47 -5.74 -14.84
C LEU A 137 -10.94 -4.29 -14.96
N ARG A 138 -10.30 -3.54 -15.85
CA ARG A 138 -10.60 -2.11 -15.97
C ARG A 138 -12.01 -1.92 -16.51
N GLY A 139 -12.37 -2.76 -17.47
CA GLY A 139 -13.67 -2.64 -18.10
C GLY A 139 -14.81 -3.00 -17.18
N ALA A 140 -14.50 -3.73 -16.11
CA ALA A 140 -15.51 -4.13 -15.14
C ALA A 140 -15.65 -3.07 -14.05
N GLY A 141 -14.80 -2.06 -14.09
CA GLY A 141 -14.88 -0.99 -13.11
C GLY A 141 -13.93 -1.18 -11.94
N TYR A 142 -12.86 -1.92 -12.17
CA TYR A 142 -11.87 -2.12 -11.13
C TYR A 142 -10.74 -1.12 -11.29
N ARG A 143 -10.14 -0.71 -10.18
CA ARG A 143 -9.07 0.26 -10.22
C ARG A 143 -7.80 -0.41 -10.69
N VAL A 144 -7.54 -0.28 -11.98
CA VAL A 144 -6.40 -0.93 -12.60
C VAL A 144 -5.81 -0.01 -13.64
N TYR A 145 -4.51 -0.03 -13.77
CA TYR A 145 -3.83 0.75 -14.79
C TYR A 145 -2.71 -0.05 -15.43
N THR A 146 -2.10 0.55 -16.41
CA THR A 146 -1.09 -0.08 -17.23
C THR A 146 0.27 0.56 -17.01
N SER A 147 1.27 0.10 -17.77
CA SER A 147 2.60 0.67 -17.68
C SER A 147 2.58 2.18 -17.85
N PRO A 148 3.42 2.89 -17.08
CA PRO A 148 3.38 4.35 -16.93
C PRO A 148 3.12 5.14 -18.22
N SER A 149 3.82 4.81 -19.30
CA SER A 149 3.74 5.66 -20.48
C SER A 149 2.54 5.31 -21.38
N THR A 150 2.50 4.11 -21.95
CA THR A 150 1.44 3.72 -22.87
C THR A 150 1.45 2.23 -23.18
N PRO A 151 0.30 1.56 -23.05
CA PRO A 151 0.07 0.24 -23.67
C PRO A 151 0.16 0.30 -25.18
N VAL A 152 1.03 -0.49 -25.76
CA VAL A 152 1.24 -0.47 -27.18
C VAL A 152 1.75 -1.83 -27.63
N GLN A 153 1.61 -2.11 -28.92
CA GLN A 153 2.11 -3.34 -29.47
C GLN A 153 3.61 -3.24 -29.76
N GLY A 154 4.36 -4.21 -29.27
CA GLY A 154 5.79 -4.24 -29.51
C GLY A 154 6.60 -3.83 -28.30
N LYS A 155 5.99 -3.04 -27.44
CA LYS A 155 6.66 -2.57 -26.24
C LYS A 155 5.98 -3.15 -25.02
N ILE A 156 6.71 -3.20 -23.91
CA ILE A 156 6.23 -3.87 -22.72
C ILE A 156 5.08 -3.09 -22.06
N THR A 157 3.88 -3.66 -22.13
CA THR A 157 2.73 -3.14 -21.43
C THR A 157 2.47 -3.95 -20.18
N ARG A 158 2.70 -3.33 -19.04
CA ARG A 158 2.50 -3.98 -17.76
C ARG A 158 1.09 -3.71 -17.26
N ILE A 159 0.46 -4.71 -16.70
CA ILE A 159 -0.89 -4.58 -16.19
C ILE A 159 -0.87 -4.62 -14.68
N LEU A 160 -1.32 -3.55 -14.06
CA LEU A 160 -1.23 -3.42 -12.61
C LEU A 160 -2.58 -3.02 -12.00
N VAL A 161 -3.07 -3.86 -11.13
CA VAL A 161 -4.33 -3.62 -10.44
C VAL A 161 -4.09 -2.98 -9.09
N GLY A 162 -4.89 -1.98 -8.79
CA GLY A 162 -4.87 -1.35 -7.50
C GLY A 162 -3.79 -0.29 -7.34
N PRO A 163 -3.64 0.65 -8.29
CA PRO A 163 -2.69 1.74 -8.13
C PRO A 163 -3.04 2.59 -6.93
N ASP A 164 -2.07 2.77 -6.05
CA ASP A 164 -2.32 3.54 -4.85
C ASP A 164 -1.02 4.11 -4.32
N ALA A 165 -1.13 5.21 -3.60
CA ALA A 165 0.02 5.91 -3.08
C ALA A 165 0.34 5.48 -1.65
N SER A 166 -0.52 4.63 -1.10
CA SER A 166 -0.32 4.11 0.23
C SER A 166 -0.04 2.61 0.17
N LYS A 167 1.24 2.31 0.29
CA LYS A 167 1.71 0.94 0.21
C LYS A 167 1.03 0.04 1.22
N ASP A 168 1.18 0.38 2.48
CA ASP A 168 0.72 -0.47 3.58
C ASP A 168 -0.79 -0.60 3.59
N LYS A 169 -1.48 0.41 3.10
CA LYS A 169 -2.93 0.35 2.98
C LYS A 169 -3.33 -0.60 1.86
N LEU A 170 -2.56 -0.58 0.79
CA LEU A 170 -2.88 -1.36 -0.39
C LEU A 170 -2.34 -2.78 -0.25
N LYS A 171 -1.32 -2.94 0.58
CA LYS A 171 -0.71 -4.23 0.83
C LYS A 171 -1.60 -5.07 1.72
N GLY A 172 -2.32 -4.43 2.60
CA GLY A 172 -3.29 -5.12 3.43
C GLY A 172 -4.50 -5.49 2.61
N SER A 173 -4.56 -4.89 1.43
CA SER A 173 -5.65 -5.07 0.51
C SER A 173 -5.41 -6.23 -0.46
N LEU A 174 -4.21 -6.77 -0.47
CA LEU A 174 -3.85 -7.82 -1.43
C LEU A 174 -4.66 -9.08 -1.18
N GLY A 175 -4.95 -9.34 0.08
CA GLY A 175 -5.72 -10.51 0.44
C GLY A 175 -7.08 -10.51 -0.21
N GLU A 176 -7.75 -9.36 -0.19
CA GLU A 176 -9.07 -9.23 -0.77
C GLU A 176 -8.98 -8.91 -2.26
N LEU A 177 -7.81 -8.45 -2.70
CA LEU A 177 -7.63 -8.06 -4.09
C LEU A 177 -7.65 -9.29 -4.99
N LYS A 178 -7.22 -10.41 -4.43
CA LYS A 178 -7.31 -11.69 -5.12
C LYS A 178 -8.76 -12.05 -5.43
N GLN A 179 -9.68 -11.46 -4.67
CA GLN A 179 -11.10 -11.64 -4.94
C GLN A 179 -11.54 -10.68 -6.06
N LEU A 180 -10.93 -9.50 -6.06
CA LEU A 180 -11.31 -8.45 -7.00
C LEU A 180 -10.78 -8.74 -8.40
N SER A 181 -9.49 -9.00 -8.50
CA SER A 181 -8.90 -9.26 -9.80
C SER A 181 -8.76 -10.76 -10.04
N GLY A 182 -8.27 -11.46 -9.02
CA GLY A 182 -8.01 -12.87 -9.15
C GLY A 182 -6.98 -13.16 -10.23
N LEU A 183 -6.19 -12.16 -10.56
CA LEU A 183 -5.17 -12.29 -11.57
C LEU A 183 -3.83 -12.54 -10.89
N SER A 184 -2.88 -13.12 -11.63
CA SER A 184 -1.57 -13.42 -11.07
C SER A 184 -0.76 -12.15 -10.88
N GLY A 185 -0.84 -11.56 -9.70
CA GLY A 185 -0.20 -10.29 -9.47
C GLY A 185 0.98 -10.35 -8.52
N VAL A 186 1.96 -9.51 -8.79
CA VAL A 186 3.06 -9.26 -7.89
C VAL A 186 3.03 -7.82 -7.45
N VAL A 187 3.32 -7.57 -6.20
CA VAL A 187 3.26 -6.22 -5.67
C VAL A 187 4.48 -5.41 -6.14
N MET A 188 4.22 -4.51 -7.06
CA MET A 188 5.28 -3.74 -7.71
C MET A 188 5.18 -2.27 -7.34
N GLY A 189 6.33 -1.64 -7.23
CA GLY A 189 6.38 -0.25 -6.83
C GLY A 189 5.88 0.69 -7.92
N TYR A 190 5.14 1.68 -7.48
CA TYR A 190 4.48 2.65 -8.34
C TYR A 190 5.19 3.99 -8.26
N THR A 191 5.58 4.53 -9.39
CA THR A 191 6.19 5.83 -9.45
C THR A 191 5.62 6.65 -10.60
N PRO A 192 4.58 7.45 -10.33
CA PRO A 192 3.98 8.33 -11.34
C PRO A 192 4.97 9.39 -11.83
N ASN A 193 5.24 9.37 -13.13
CA ASN A 193 6.21 10.26 -13.74
C ASN A 193 6.21 10.06 -15.24
N ASP A 1 -38.80 -67.39 -54.94
CA ASP A 1 -37.74 -68.23 -55.57
C ASP A 1 -38.29 -68.86 -56.84
N GLY A 2 -37.40 -69.21 -57.76
CA GLY A 2 -37.84 -69.83 -58.99
C GLY A 2 -37.01 -69.42 -60.20
N GLN A 3 -36.18 -68.40 -60.02
CA GLN A 3 -35.32 -67.85 -61.08
C GLN A 3 -36.16 -67.16 -62.15
N LYS A 4 -36.96 -67.95 -62.86
CA LYS A 4 -37.86 -67.42 -63.86
C LYS A 4 -39.26 -67.31 -63.28
N LYS A 5 -39.88 -68.45 -63.03
CA LYS A 5 -41.19 -68.48 -62.42
C LYS A 5 -41.20 -69.42 -61.20
N HIS A 6 -41.08 -70.72 -61.46
CA HIS A 6 -41.11 -71.71 -60.37
C HIS A 6 -40.66 -73.10 -60.86
N TYR A 7 -40.40 -73.23 -62.14
CA TYR A 7 -40.04 -74.53 -62.71
C TYR A 7 -38.57 -74.88 -62.43
N GLN A 8 -37.83 -73.90 -61.92
CA GLN A 8 -36.44 -74.11 -61.52
C GLN A 8 -36.19 -73.39 -60.21
N ASP A 9 -35.06 -73.72 -59.57
CA ASP A 9 -34.62 -73.04 -58.34
C ASP A 9 -35.68 -73.10 -57.24
N GLU A 10 -35.77 -74.25 -56.58
CA GLU A 10 -36.67 -74.41 -55.46
C GLU A 10 -35.89 -74.99 -54.29
N PHE A 11 -36.51 -75.03 -53.11
CA PHE A 11 -35.83 -75.50 -51.90
C PHE A 11 -35.68 -77.02 -51.88
N ALA A 12 -35.39 -77.60 -53.04
CA ALA A 12 -35.16 -79.03 -53.15
C ALA A 12 -33.70 -79.31 -53.46
N ALA A 13 -32.97 -78.24 -53.77
CA ALA A 13 -31.55 -78.35 -54.07
C ALA A 13 -30.73 -78.07 -52.82
N ILE A 14 -29.76 -78.93 -52.55
CA ILE A 14 -28.93 -78.80 -51.35
C ILE A 14 -27.46 -78.98 -51.68
N PRO A 15 -26.81 -77.93 -52.20
CA PRO A 15 -25.38 -77.96 -52.47
C PRO A 15 -24.57 -77.78 -51.19
N LEU A 16 -24.88 -78.63 -50.20
CA LEU A 16 -24.26 -78.55 -48.88
C LEU A 16 -24.54 -77.20 -48.24
N VAL A 17 -25.71 -76.64 -48.53
CA VAL A 17 -26.06 -75.31 -48.06
C VAL A 17 -27.17 -75.35 -47.00
N PRO A 18 -28.40 -75.82 -47.33
CA PRO A 18 -29.53 -75.73 -46.42
C PRO A 18 -29.54 -76.86 -45.37
N LYS A 19 -29.62 -76.47 -44.11
CA LYS A 19 -29.63 -77.44 -43.03
C LYS A 19 -31.06 -77.92 -42.74
N ALA A 20 -31.35 -79.15 -43.16
CA ALA A 20 -32.66 -79.77 -42.95
C ALA A 20 -33.77 -78.86 -43.47
N GLY A 21 -33.64 -78.45 -44.72
CA GLY A 21 -34.64 -77.56 -45.29
C GLY A 21 -34.89 -77.87 -46.76
N ASP A 22 -34.77 -79.13 -47.12
CA ASP A 22 -34.99 -79.55 -48.49
C ASP A 22 -36.38 -80.15 -48.65
N ARG A 23 -37.02 -79.81 -49.75
CA ARG A 23 -38.28 -80.44 -50.12
C ARG A 23 -38.05 -81.34 -51.33
N ASP A 24 -37.00 -82.15 -51.23
CA ASP A 24 -36.68 -83.10 -52.27
C ASP A 24 -37.25 -84.46 -51.91
N GLU A 25 -38.00 -85.06 -52.83
CA GLU A 25 -38.64 -86.33 -52.57
C GLU A 25 -37.64 -87.47 -52.69
N PRO A 26 -37.34 -88.15 -51.57
CA PRO A 26 -36.33 -89.20 -51.53
C PRO A 26 -36.88 -90.57 -51.94
N ASP A 27 -37.89 -90.56 -52.79
CA ASP A 27 -38.52 -91.80 -53.23
C ASP A 27 -38.88 -91.76 -54.71
N MET A 28 -39.73 -90.82 -55.09
CA MET A 28 -40.22 -90.75 -56.46
C MET A 28 -39.12 -90.32 -57.44
N MET A 29 -38.49 -89.18 -57.17
CA MET A 29 -37.52 -88.58 -58.10
C MET A 29 -36.66 -87.58 -57.35
N PRO A 30 -35.71 -88.07 -56.56
CA PRO A 30 -34.85 -87.21 -55.77
C PRO A 30 -33.74 -86.59 -56.62
N ALA A 31 -33.68 -85.26 -56.58
CA ALA A 31 -32.82 -84.47 -57.47
C ALA A 31 -33.29 -84.56 -58.92
N ALA A 32 -33.45 -85.78 -59.42
CA ALA A 32 -33.85 -86.01 -60.81
C ALA A 32 -32.87 -85.32 -61.76
N THR A 33 -31.64 -85.81 -61.75
CA THR A 33 -30.56 -85.22 -62.54
C THR A 33 -30.31 -83.79 -62.05
N GLN A 34 -30.11 -83.66 -60.73
CA GLN A 34 -29.92 -82.38 -60.07
C GLN A 34 -31.19 -81.53 -60.10
N ALA A 35 -31.58 -81.00 -58.94
CA ALA A 35 -32.79 -80.22 -58.83
C ALA A 35 -32.51 -78.75 -59.14
N LEU A 36 -31.64 -78.52 -60.12
CA LEU A 36 -31.21 -77.19 -60.53
C LEU A 36 -30.36 -76.52 -59.45
N PRO A 37 -29.29 -75.81 -59.86
CA PRO A 37 -28.43 -75.08 -58.93
C PRO A 37 -29.15 -73.88 -58.31
N THR A 38 -29.92 -74.14 -57.27
CA THR A 38 -30.67 -73.10 -56.59
C THR A 38 -29.76 -72.25 -55.72
N GLN A 39 -29.67 -70.96 -56.06
CA GLN A 39 -28.86 -70.00 -55.31
C GLN A 39 -28.99 -68.58 -55.89
N PRO A 40 -28.80 -68.37 -57.20
CA PRO A 40 -28.83 -67.03 -57.81
C PRO A 40 -30.08 -66.19 -57.46
N PRO A 41 -31.32 -66.72 -57.60
CA PRO A 41 -32.53 -65.94 -57.33
C PRO A 41 -32.78 -65.69 -55.84
N GLU A 42 -33.27 -64.49 -55.54
CA GLU A 42 -33.73 -64.13 -54.21
C GLU A 42 -32.61 -64.09 -53.18
N GLY A 43 -32.34 -65.23 -52.54
CA GLY A 43 -31.35 -65.26 -51.48
C GLY A 43 -31.88 -64.63 -50.21
N ALA A 44 -33.01 -65.14 -49.74
CA ALA A 44 -33.64 -64.61 -48.54
C ALA A 44 -32.92 -65.08 -47.29
N ALA A 45 -32.84 -64.21 -46.29
CA ALA A 45 -32.14 -64.48 -45.05
C ALA A 45 -32.32 -63.32 -44.08
N GLU A 46 -31.87 -62.15 -44.49
CA GLU A 46 -31.97 -60.96 -43.67
C GLU A 46 -32.94 -59.96 -44.29
N GLU A 47 -34.23 -60.22 -44.11
CA GLU A 47 -35.26 -59.33 -44.62
C GLU A 47 -35.59 -58.26 -43.60
N VAL A 48 -35.04 -58.40 -42.40
CA VAL A 48 -35.17 -57.38 -41.37
C VAL A 48 -33.98 -56.41 -41.47
N ARG A 49 -34.28 -55.13 -41.54
CA ARG A 49 -33.26 -54.11 -41.68
C ARG A 49 -33.38 -53.04 -40.60
N ALA A 50 -34.56 -52.95 -40.00
CA ALA A 50 -34.80 -51.99 -38.94
C ALA A 50 -34.42 -52.59 -37.59
N GLY A 51 -33.19 -53.07 -37.50
CA GLY A 51 -32.71 -53.69 -36.28
C GLY A 51 -33.37 -55.03 -36.01
N ASP A 52 -34.26 -55.05 -35.03
CA ASP A 52 -35.01 -56.26 -34.66
C ASP A 52 -36.05 -55.89 -33.62
N ALA A 53 -35.58 -55.38 -32.49
CA ALA A 53 -36.45 -54.93 -31.42
C ALA A 53 -35.68 -53.95 -30.53
N ALA A 54 -34.84 -53.14 -31.15
CA ALA A 54 -33.98 -52.21 -30.43
C ALA A 54 -34.72 -50.93 -30.07
N ALA A 55 -35.69 -51.06 -29.17
CA ALA A 55 -36.43 -49.92 -28.67
C ALA A 55 -36.27 -49.81 -27.16
N PRO A 56 -35.24 -49.11 -26.69
CA PRO A 56 -34.93 -48.97 -25.26
C PRO A 56 -35.94 -48.10 -24.53
N SER A 57 -37.11 -48.70 -24.21
CA SER A 57 -38.20 -48.02 -23.53
C SER A 57 -38.89 -47.01 -24.43
N LEU A 58 -40.21 -47.06 -24.45
CA LEU A 58 -41.01 -46.17 -25.29
C LEU A 58 -41.53 -44.99 -24.47
N ASP A 59 -41.11 -44.95 -23.21
CA ASP A 59 -41.52 -43.89 -22.30
C ASP A 59 -40.69 -42.62 -22.53
N PRO A 60 -41.33 -41.56 -23.05
CA PRO A 60 -40.67 -40.28 -23.28
C PRO A 60 -40.46 -39.50 -21.98
N ALA A 61 -41.46 -39.50 -21.13
CA ALA A 61 -41.42 -38.73 -19.89
C ALA A 61 -40.47 -39.37 -18.89
N THR A 62 -40.75 -40.60 -18.49
CA THR A 62 -39.91 -41.30 -17.54
C THR A 62 -38.99 -42.29 -18.25
N ILE A 63 -38.18 -41.76 -19.16
CA ILE A 63 -37.20 -42.58 -19.86
C ILE A 63 -36.13 -43.06 -18.87
N ALA A 64 -35.95 -42.29 -17.80
CA ALA A 64 -35.05 -42.67 -16.72
C ALA A 64 -35.67 -43.75 -15.86
N ALA A 65 -34.86 -44.69 -15.42
CA ALA A 65 -35.33 -45.80 -14.62
C ALA A 65 -34.32 -46.14 -13.53
N ASN A 66 -34.73 -46.94 -12.56
CA ASN A 66 -33.86 -47.29 -11.44
C ASN A 66 -32.91 -48.41 -11.85
N ASN A 67 -31.99 -48.07 -12.74
CA ASN A 67 -30.97 -49.00 -13.24
C ASN A 67 -30.05 -48.27 -14.21
N THR A 68 -29.35 -49.03 -15.06
CA THR A 68 -28.34 -48.52 -16.02
C THR A 68 -27.11 -47.96 -15.30
N GLU A 69 -27.32 -47.02 -14.37
CA GLU A 69 -26.23 -46.48 -13.59
C GLU A 69 -26.45 -46.75 -12.11
N PHE A 70 -27.29 -47.76 -11.81
CA PHE A 70 -27.63 -48.12 -10.45
C PHE A 70 -28.31 -46.96 -9.73
N GLU A 71 -29.54 -46.67 -10.15
CA GLU A 71 -30.33 -45.56 -9.61
C GLU A 71 -29.70 -44.21 -9.95
N PRO A 72 -30.38 -43.42 -10.80
CA PRO A 72 -29.87 -42.11 -11.24
C PRO A 72 -29.93 -41.05 -10.15
N GLU A 73 -29.08 -41.20 -9.14
CA GLU A 73 -28.92 -40.18 -8.12
C GLU A 73 -27.74 -39.26 -8.48
N PRO A 74 -27.93 -37.94 -8.38
CA PRO A 74 -26.91 -36.96 -8.74
C PRO A 74 -25.71 -36.98 -7.79
N ALA A 75 -24.59 -37.49 -8.28
CA ALA A 75 -23.36 -37.56 -7.51
C ALA A 75 -22.88 -36.16 -7.13
N PRO A 76 -22.55 -35.94 -5.85
CA PRO A 76 -22.00 -34.66 -5.38
C PRO A 76 -20.56 -34.45 -5.84
N VAL A 77 -20.40 -34.18 -7.12
CA VAL A 77 -19.08 -33.98 -7.71
C VAL A 77 -18.63 -32.53 -7.58
N ALA A 78 -18.93 -31.93 -6.44
CA ALA A 78 -18.59 -30.54 -6.18
C ALA A 78 -17.15 -30.41 -5.70
N PRO A 79 -16.32 -29.63 -6.42
CA PRO A 79 -14.92 -29.38 -6.06
C PRO A 79 -14.78 -28.71 -4.69
N PRO A 80 -14.27 -29.44 -3.69
CA PRO A 80 -14.12 -28.93 -2.33
C PRO A 80 -13.02 -27.88 -2.21
N LYS A 81 -11.81 -28.25 -2.63
CA LYS A 81 -10.67 -27.34 -2.53
C LYS A 81 -10.71 -26.23 -3.60
N PRO A 82 -10.88 -26.57 -4.90
CA PRO A 82 -10.86 -25.56 -5.98
C PRO A 82 -11.94 -24.49 -5.82
N LYS A 83 -12.99 -24.80 -5.08
CA LYS A 83 -14.05 -23.84 -4.83
C LYS A 83 -14.06 -23.44 -3.36
N PRO A 84 -13.56 -22.23 -3.04
CA PRO A 84 -13.57 -21.72 -1.68
C PRO A 84 -14.98 -21.40 -1.20
N VAL A 85 -15.48 -22.23 -0.30
CA VAL A 85 -16.82 -22.03 0.24
C VAL A 85 -16.80 -20.97 1.33
N GLU A 86 -16.25 -19.82 0.98
CA GLU A 86 -16.15 -18.69 1.89
C GLU A 86 -17.33 -17.76 1.67
N PRO A 87 -17.94 -17.27 2.76
CA PRO A 87 -18.98 -16.25 2.69
C PRO A 87 -18.37 -14.85 2.51
N PRO A 88 -18.36 -14.33 1.27
CA PRO A 88 -17.63 -13.10 0.93
C PRO A 88 -18.21 -11.84 1.58
N LYS A 89 -19.54 -11.77 1.68
CA LYS A 89 -20.19 -10.59 2.24
C LYS A 89 -20.11 -10.53 3.77
N PRO A 90 -20.43 -11.62 4.50
CA PRO A 90 -20.40 -11.62 5.96
C PRO A 90 -18.97 -11.64 6.50
N LYS A 91 -18.10 -12.33 5.79
CA LYS A 91 -16.72 -12.46 6.21
C LYS A 91 -15.83 -11.53 5.39
N VAL A 92 -15.72 -10.29 5.83
CA VAL A 92 -14.90 -9.30 5.13
C VAL A 92 -13.54 -9.18 5.78
N GLU A 93 -13.45 -9.55 7.05
CA GLU A 93 -12.19 -9.46 7.79
C GLU A 93 -11.43 -10.78 7.68
N ALA A 94 -10.18 -10.68 7.24
CA ALA A 94 -9.36 -11.85 7.00
C ALA A 94 -8.68 -12.31 8.30
N PRO A 95 -8.96 -13.56 8.70
CA PRO A 95 -8.32 -14.20 9.87
C PRO A 95 -6.77 -14.16 9.83
N PRO A 96 -6.11 -14.47 8.68
CA PRO A 96 -4.65 -14.42 8.59
C PRO A 96 -4.09 -13.00 8.69
N ALA A 97 -4.97 -12.01 8.52
CA ALA A 97 -4.56 -10.61 8.59
C ALA A 97 -5.40 -9.86 9.60
N PRO A 98 -5.11 -10.04 10.90
CA PRO A 98 -5.85 -9.37 11.97
C PRO A 98 -5.38 -7.93 12.18
N LYS A 99 -5.89 -7.29 13.23
CA LYS A 99 -5.57 -5.89 13.52
C LYS A 99 -4.06 -5.60 13.55
N PRO A 100 -3.22 -6.46 14.19
CA PRO A 100 -1.76 -6.28 14.21
C PRO A 100 -1.10 -6.27 12.83
N GLU A 101 -1.81 -6.72 11.80
CA GLU A 101 -1.20 -6.83 10.47
C GLU A 101 -1.12 -5.48 9.75
N PRO A 102 -2.23 -4.73 9.56
CA PRO A 102 -2.20 -3.44 8.91
C PRO A 102 -2.10 -2.30 9.91
N LYS A 103 -0.87 -1.95 10.29
CA LYS A 103 -0.63 -0.90 11.27
C LYS A 103 0.15 0.27 10.67
N PRO A 104 -0.55 1.19 9.99
CA PRO A 104 0.07 2.39 9.44
C PRO A 104 0.03 3.55 10.41
N VAL A 105 -0.32 3.19 11.62
CA VAL A 105 -0.56 4.12 12.71
C VAL A 105 -1.55 5.21 12.26
N VAL A 106 -2.48 4.78 11.42
CA VAL A 106 -3.51 5.63 10.84
C VAL A 106 -2.89 6.70 9.93
N GLU A 107 -3.70 7.24 9.02
CA GLU A 107 -3.33 8.39 8.19
C GLU A 107 -2.44 7.95 7.03
N GLU A 108 -1.16 7.73 7.31
CA GLU A 108 -0.18 7.43 6.27
C GLU A 108 1.07 6.78 6.85
N LYS A 109 1.63 5.85 6.10
CA LYS A 109 2.83 5.14 6.52
C LYS A 109 3.86 5.20 5.41
N ALA A 110 3.42 4.89 4.20
CA ALA A 110 4.26 5.03 3.03
C ALA A 110 4.08 6.40 2.39
N ALA A 111 3.30 7.24 3.07
CA ALA A 111 3.03 8.61 2.65
C ALA A 111 2.15 8.67 1.39
N PRO A 112 1.50 9.82 1.13
CA PRO A 112 0.70 10.04 -0.07
C PRO A 112 1.57 10.33 -1.28
N THR A 113 1.92 9.28 -2.02
CA THR A 113 2.71 9.38 -3.25
C THR A 113 4.20 9.43 -2.94
N GLY A 114 4.99 8.75 -3.77
CA GLY A 114 6.41 8.63 -3.54
C GLY A 114 6.79 7.18 -3.31
N LYS A 115 6.34 6.64 -2.20
CA LYS A 115 6.54 5.24 -1.89
C LYS A 115 5.26 4.47 -2.23
N ALA A 116 4.81 4.64 -3.46
CA ALA A 116 3.55 4.07 -3.93
C ALA A 116 3.77 2.67 -4.46
N TYR A 117 2.69 1.91 -4.60
CA TYR A 117 2.76 0.52 -5.05
C TYR A 117 1.52 0.13 -5.88
N VAL A 118 1.64 -0.95 -6.67
CA VAL A 118 0.51 -1.53 -7.42
C VAL A 118 0.76 -3.05 -7.60
N VAL A 119 -0.27 -3.82 -7.99
CA VAL A 119 -0.09 -5.26 -8.18
C VAL A 119 -0.08 -5.63 -9.66
N GLN A 120 1.06 -6.10 -10.16
CA GLN A 120 1.24 -6.41 -11.58
C GLN A 120 0.86 -7.86 -11.89
N LEU A 121 -0.26 -8.06 -12.60
CA LEU A 121 -0.73 -9.40 -12.90
C LEU A 121 -0.08 -9.90 -14.19
N GLY A 122 0.11 -8.98 -15.12
CA GLY A 122 0.65 -9.34 -16.42
C GLY A 122 1.56 -8.29 -16.98
N ALA A 123 2.24 -8.63 -18.06
CA ALA A 123 3.20 -7.75 -18.72
C ALA A 123 3.60 -8.34 -20.04
N LEU A 124 3.13 -7.74 -21.11
CA LEU A 124 3.35 -8.26 -22.45
C LEU A 124 3.45 -7.13 -23.46
N LYS A 125 4.06 -7.45 -24.58
CA LYS A 125 4.30 -6.47 -25.62
C LYS A 125 3.23 -6.56 -26.69
N ASN A 126 2.21 -7.36 -26.40
CA ASN A 126 1.06 -7.53 -27.28
C ASN A 126 -0.14 -6.81 -26.69
N ALA A 127 -0.48 -5.68 -27.29
CA ALA A 127 -1.58 -4.86 -26.80
C ALA A 127 -2.90 -5.59 -26.92
N ASP A 128 -2.97 -6.53 -27.86
CA ASP A 128 -4.15 -7.37 -28.02
C ASP A 128 -4.41 -8.14 -26.73
N LYS A 129 -3.33 -8.57 -26.11
CA LYS A 129 -3.42 -9.35 -24.89
C LYS A 129 -3.50 -8.43 -23.68
N VAL A 130 -3.12 -7.18 -23.88
CA VAL A 130 -3.34 -6.15 -22.87
C VAL A 130 -4.83 -5.89 -22.76
N ASN A 131 -5.47 -5.79 -23.92
CA ASN A 131 -6.89 -5.46 -24.00
C ASN A 131 -7.77 -6.51 -23.33
N GLU A 132 -7.32 -7.76 -23.30
CA GLU A 132 -8.11 -8.81 -22.70
C GLU A 132 -8.00 -8.78 -21.17
N ILE A 133 -6.78 -8.69 -20.65
CA ILE A 133 -6.57 -8.61 -19.22
C ILE A 133 -7.26 -7.39 -18.65
N VAL A 134 -7.05 -6.27 -19.35
CA VAL A 134 -7.67 -5.01 -18.99
C VAL A 134 -9.18 -5.11 -19.15
N GLY A 135 -9.63 -5.89 -20.13
CA GLY A 135 -11.04 -6.08 -20.36
C GLY A 135 -11.75 -6.68 -19.16
N LYS A 136 -11.06 -7.55 -18.43
CA LYS A 136 -11.64 -8.16 -17.23
C LYS A 136 -11.77 -7.13 -16.12
N LEU A 137 -10.66 -6.46 -15.83
CA LEU A 137 -10.59 -5.57 -14.67
C LEU A 137 -11.06 -4.15 -14.97
N ARG A 138 -10.41 -3.52 -15.92
CA ARG A 138 -10.71 -2.12 -16.24
C ARG A 138 -12.15 -2.02 -16.73
N GLY A 139 -12.57 -3.03 -17.48
CA GLY A 139 -13.89 -3.03 -18.05
C GLY A 139 -14.97 -3.27 -17.00
N ALA A 140 -14.59 -3.94 -15.91
CA ALA A 140 -15.52 -4.20 -14.82
C ALA A 140 -15.50 -3.04 -13.82
N GLY A 141 -14.64 -2.06 -14.06
CA GLY A 141 -14.60 -0.89 -13.23
C GLY A 141 -13.71 -1.03 -12.02
N TYR A 142 -12.71 -1.90 -12.11
CA TYR A 142 -11.78 -2.10 -11.01
C TYR A 142 -10.60 -1.16 -11.15
N ARG A 143 -9.99 -0.82 -10.02
CA ARG A 143 -8.83 0.06 -10.02
C ARG A 143 -7.64 -0.64 -10.65
N VAL A 144 -7.40 -0.32 -11.89
CA VAL A 144 -6.37 -0.97 -12.68
C VAL A 144 -5.69 0.05 -13.61
N TYR A 145 -4.39 -0.06 -13.76
CA TYR A 145 -3.67 0.74 -14.72
C TYR A 145 -2.58 -0.07 -15.41
N THR A 146 -1.92 0.57 -16.34
CA THR A 146 -0.96 -0.07 -17.23
C THR A 146 0.40 0.59 -17.13
N SER A 147 1.34 0.16 -17.99
CA SER A 147 2.69 0.74 -18.00
C SER A 147 2.61 2.26 -18.10
N PRO A 148 3.53 2.94 -17.38
CA PRO A 148 3.49 4.40 -17.15
C PRO A 148 3.28 5.24 -18.41
N SER A 149 3.89 4.86 -19.53
CA SER A 149 3.84 5.71 -20.72
C SER A 149 2.59 5.45 -21.58
N THR A 150 2.51 4.25 -22.17
CA THR A 150 1.38 3.89 -23.03
C THR A 150 1.42 2.39 -23.37
N PRO A 151 0.31 1.68 -23.18
CA PRO A 151 0.12 0.35 -23.80
C PRO A 151 0.17 0.45 -25.32
N VAL A 152 1.09 -0.28 -25.92
CA VAL A 152 1.23 -0.25 -27.36
C VAL A 152 1.88 -1.53 -27.87
N GLN A 153 1.71 -1.80 -29.15
CA GLN A 153 2.31 -2.96 -29.78
C GLN A 153 3.83 -2.82 -29.87
N GLY A 154 4.53 -3.75 -29.27
CA GLY A 154 5.98 -3.79 -29.34
C GLY A 154 6.65 -3.39 -28.04
N LYS A 155 5.96 -2.61 -27.23
CA LYS A 155 6.50 -2.17 -25.95
C LYS A 155 5.86 -2.96 -24.83
N ILE A 156 6.57 -3.06 -23.72
CA ILE A 156 6.11 -3.87 -22.61
C ILE A 156 4.96 -3.16 -21.88
N THR A 157 3.77 -3.71 -22.03
CA THR A 157 2.60 -3.20 -21.34
C THR A 157 2.27 -4.07 -20.14
N ARG A 158 2.55 -3.54 -18.98
CA ARG A 158 2.28 -4.19 -17.75
C ARG A 158 0.87 -3.89 -17.27
N ILE A 159 0.21 -4.89 -16.73
CA ILE A 159 -1.14 -4.74 -16.21
C ILE A 159 -1.09 -4.80 -14.70
N LEU A 160 -1.49 -3.72 -14.06
CA LEU A 160 -1.37 -3.60 -12.62
C LEU A 160 -2.69 -3.21 -11.98
N VAL A 161 -3.05 -3.94 -10.95
CA VAL A 161 -4.30 -3.72 -10.25
C VAL A 161 -4.04 -3.10 -8.89
N GLY A 162 -4.85 -2.11 -8.56
CA GLY A 162 -4.79 -1.49 -7.27
C GLY A 162 -3.72 -0.43 -7.16
N PRO A 163 -3.61 0.50 -8.14
CA PRO A 163 -2.66 1.58 -8.01
C PRO A 163 -2.98 2.43 -6.80
N ASP A 164 -2.01 2.58 -5.92
CA ASP A 164 -2.21 3.36 -4.74
C ASP A 164 -0.90 3.97 -4.33
N ALA A 165 -0.99 5.11 -3.69
CA ALA A 165 0.18 5.86 -3.33
C ALA A 165 0.78 5.38 -2.03
N SER A 166 0.05 4.56 -1.30
CA SER A 166 0.53 4.02 -0.06
C SER A 166 0.57 2.51 -0.11
N LYS A 167 1.78 1.98 -0.08
CA LYS A 167 1.96 0.55 -0.07
C LYS A 167 1.33 -0.09 1.16
N ASP A 168 1.39 0.62 2.28
CA ASP A 168 0.85 0.13 3.54
C ASP A 168 -0.66 -0.08 3.45
N LYS A 169 -1.35 0.87 2.84
CA LYS A 169 -2.81 0.80 2.69
C LYS A 169 -3.18 -0.30 1.70
N LEU A 170 -2.40 -0.40 0.65
CA LEU A 170 -2.68 -1.33 -0.43
C LEU A 170 -2.13 -2.72 -0.10
N LYS A 171 -1.23 -2.78 0.88
CA LYS A 171 -0.72 -4.05 1.39
C LYS A 171 -1.84 -4.89 1.96
N GLY A 172 -2.80 -4.20 2.55
CA GLY A 172 -3.98 -4.84 3.08
C GLY A 172 -4.98 -5.09 1.96
N SER A 173 -4.72 -4.45 0.84
CA SER A 173 -5.58 -4.55 -0.32
C SER A 173 -5.29 -5.81 -1.14
N LEU A 174 -4.18 -6.48 -0.84
CA LEU A 174 -3.80 -7.67 -1.59
C LEU A 174 -4.75 -8.81 -1.27
N GLY A 175 -5.18 -8.87 -0.01
CA GLY A 175 -6.16 -9.86 0.38
C GLY A 175 -7.47 -9.63 -0.33
N GLU A 176 -7.72 -8.38 -0.70
CA GLU A 176 -8.89 -8.03 -1.49
C GLU A 176 -8.64 -8.29 -2.96
N LEU A 177 -7.38 -8.22 -3.36
CA LEU A 177 -7.00 -8.32 -4.76
C LEU A 177 -7.39 -9.66 -5.35
N LYS A 178 -7.05 -10.73 -4.64
CA LYS A 178 -7.38 -12.08 -5.08
C LYS A 178 -8.89 -12.23 -5.29
N GLN A 179 -9.66 -11.36 -4.64
CA GLN A 179 -11.08 -11.30 -4.82
C GLN A 179 -11.43 -10.35 -5.97
N LEU A 180 -10.79 -9.18 -5.97
CA LEU A 180 -11.09 -8.14 -6.94
C LEU A 180 -10.73 -8.57 -8.35
N SER A 181 -9.51 -9.01 -8.54
CA SER A 181 -9.06 -9.41 -9.86
C SER A 181 -9.12 -10.92 -10.01
N GLY A 182 -8.64 -11.61 -8.98
CA GLY A 182 -8.51 -13.04 -9.05
C GLY A 182 -7.37 -13.44 -9.95
N LEU A 183 -6.59 -12.45 -10.38
CA LEU A 183 -5.49 -12.67 -11.28
C LEU A 183 -4.19 -12.71 -10.49
N SER A 184 -3.20 -13.39 -11.03
CA SER A 184 -1.96 -13.60 -10.32
C SER A 184 -0.99 -12.45 -10.58
N GLY A 185 -0.79 -11.63 -9.57
CA GLY A 185 0.05 -10.46 -9.72
C GLY A 185 1.10 -10.34 -8.65
N VAL A 186 2.15 -9.61 -8.95
CA VAL A 186 3.24 -9.39 -8.02
C VAL A 186 3.23 -7.95 -7.54
N VAL A 187 3.59 -7.77 -6.29
CA VAL A 187 3.60 -6.46 -5.68
C VAL A 187 4.77 -5.62 -6.23
N MET A 188 4.43 -4.61 -7.02
CA MET A 188 5.43 -3.79 -7.67
C MET A 188 5.34 -2.36 -7.21
N GLY A 189 6.49 -1.72 -7.05
CA GLY A 189 6.53 -0.35 -6.62
C GLY A 189 5.96 0.58 -7.67
N TYR A 190 5.44 1.70 -7.20
CA TYR A 190 4.73 2.64 -8.04
C TYR A 190 5.27 4.04 -7.84
N THR A 191 5.56 4.72 -8.93
CA THR A 191 5.99 6.10 -8.88
C THR A 191 5.40 6.87 -10.07
N PRO A 192 4.24 7.50 -9.86
CA PRO A 192 3.53 8.22 -10.92
C PRO A 192 4.15 9.58 -11.21
N ASN A 193 4.20 9.93 -12.48
CA ASN A 193 4.70 11.21 -12.93
C ASN A 193 3.77 11.78 -13.98
N ASP A 1 -5.61 -75.33 -1.39
CA ASP A 1 -5.05 -75.61 -0.04
C ASP A 1 -5.15 -74.37 0.84
N GLY A 2 -6.36 -73.89 1.04
CA GLY A 2 -6.58 -72.74 1.89
C GLY A 2 -8.01 -72.27 1.85
N GLN A 3 -8.59 -71.99 3.01
CA GLN A 3 -9.99 -71.57 3.07
C GLN A 3 -10.13 -70.06 2.88
N LYS A 4 -9.03 -69.41 2.49
CA LYS A 4 -9.04 -67.98 2.27
C LYS A 4 -9.67 -67.65 0.92
N LYS A 5 -9.53 -68.55 -0.02
CA LYS A 5 -10.09 -68.36 -1.35
C LYS A 5 -11.10 -69.46 -1.66
N HIS A 6 -11.64 -69.45 -2.87
CA HIS A 6 -12.61 -70.46 -3.28
C HIS A 6 -12.00 -71.36 -4.34
N TYR A 7 -12.39 -71.15 -5.60
CA TYR A 7 -11.86 -71.89 -6.74
C TYR A 7 -12.10 -73.40 -6.61
N GLN A 8 -11.18 -74.10 -5.96
CA GLN A 8 -11.27 -75.54 -5.82
C GLN A 8 -11.10 -75.98 -4.36
N ASP A 9 -11.19 -75.02 -3.46
CA ASP A 9 -11.02 -75.30 -2.04
C ASP A 9 -12.36 -75.41 -1.33
N GLU A 10 -13.22 -76.29 -1.85
CA GLU A 10 -14.50 -76.60 -1.22
C GLU A 10 -15.22 -77.68 -2.03
N PHE A 11 -15.49 -78.82 -1.40
CA PHE A 11 -16.18 -79.91 -2.04
C PHE A 11 -17.55 -79.47 -2.56
N ALA A 12 -17.86 -79.86 -3.80
CA ALA A 12 -19.11 -79.47 -4.41
C ALA A 12 -20.23 -80.46 -4.08
N ALA A 13 -21.43 -80.23 -4.62
CA ALA A 13 -22.56 -81.11 -4.38
C ALA A 13 -22.32 -82.47 -5.04
N ILE A 14 -21.90 -82.42 -6.30
CA ILE A 14 -21.58 -83.64 -7.06
C ILE A 14 -22.82 -84.53 -7.20
N PRO A 15 -23.77 -84.13 -8.05
CA PRO A 15 -24.97 -84.93 -8.32
C PRO A 15 -24.69 -86.04 -9.33
N LEU A 16 -23.71 -86.88 -8.99
CA LEU A 16 -23.33 -88.02 -9.83
C LEU A 16 -22.81 -87.57 -11.19
N VAL A 17 -22.15 -86.42 -11.21
CA VAL A 17 -21.55 -85.91 -12.43
C VAL A 17 -20.21 -86.61 -12.69
N PRO A 18 -19.22 -86.50 -11.77
CA PRO A 18 -18.00 -87.32 -11.84
C PRO A 18 -18.28 -88.77 -11.43
N LYS A 19 -17.25 -89.60 -11.47
CA LYS A 19 -17.39 -91.03 -11.19
C LYS A 19 -17.26 -91.32 -9.69
N ALA A 20 -17.36 -90.27 -8.88
CA ALA A 20 -17.27 -90.40 -7.43
C ALA A 20 -17.76 -89.12 -6.78
N GLY A 21 -17.54 -88.99 -5.48
CA GLY A 21 -17.87 -87.74 -4.81
C GLY A 21 -16.80 -86.68 -5.04
N ASP A 22 -16.68 -85.74 -4.12
CA ASP A 22 -15.66 -84.72 -4.21
C ASP A 22 -14.53 -85.06 -3.24
N ARG A 23 -13.52 -85.77 -3.77
CA ARG A 23 -12.42 -86.33 -2.96
C ARG A 23 -12.96 -87.33 -1.93
N ASP A 24 -13.55 -86.81 -0.87
CA ASP A 24 -14.09 -87.62 0.20
C ASP A 24 -15.58 -87.83 0.02
N GLU A 25 -16.15 -88.69 0.85
CA GLU A 25 -17.56 -89.02 0.77
C GLU A 25 -18.39 -88.01 1.56
N PRO A 26 -19.46 -87.48 0.94
CA PRO A 26 -20.28 -86.39 1.50
C PRO A 26 -20.95 -86.74 2.84
N ASP A 27 -21.38 -85.69 3.54
CA ASP A 27 -21.95 -85.82 4.90
C ASP A 27 -23.36 -86.40 4.89
N MET A 28 -23.61 -87.36 4.03
CA MET A 28 -24.93 -87.96 3.94
C MET A 28 -25.01 -89.17 4.87
N MET A 29 -23.94 -89.94 4.89
CA MET A 29 -23.86 -91.14 5.73
C MET A 29 -22.54 -91.20 6.52
N PRO A 30 -21.38 -90.99 5.85
CA PRO A 30 -20.06 -91.07 6.52
C PRO A 30 -19.95 -90.17 7.75
N ALA A 31 -19.44 -90.75 8.82
CA ALA A 31 -19.22 -90.03 10.07
C ALA A 31 -18.40 -90.88 11.02
N ALA A 32 -18.82 -92.13 11.21
CA ALA A 32 -18.13 -93.10 12.05
C ALA A 32 -18.12 -92.68 13.52
N THR A 33 -17.17 -91.82 13.87
CA THR A 33 -17.05 -91.31 15.22
C THR A 33 -16.84 -89.80 15.21
N GLN A 34 -17.73 -89.11 14.49
CA GLN A 34 -17.62 -87.66 14.29
C GLN A 34 -16.37 -87.33 13.47
N ALA A 35 -15.94 -88.28 12.67
CA ALA A 35 -14.75 -88.11 11.85
C ALA A 35 -15.14 -87.72 10.43
N LEU A 36 -15.56 -86.47 10.28
CA LEU A 36 -16.01 -85.94 9.00
C LEU A 36 -14.82 -85.61 8.11
N PRO A 37 -14.68 -86.30 6.98
CA PRO A 37 -13.54 -86.13 6.07
C PRO A 37 -13.74 -85.00 5.06
N THR A 38 -14.95 -84.46 5.00
CA THR A 38 -15.29 -83.44 4.03
C THR A 38 -14.78 -82.06 4.44
N GLN A 39 -13.46 -81.93 4.52
CA GLN A 39 -12.83 -80.65 4.80
C GLN A 39 -12.68 -79.86 3.50
N PRO A 40 -13.39 -78.73 3.41
CA PRO A 40 -13.39 -77.86 2.21
C PRO A 40 -11.99 -77.45 1.73
N PRO A 41 -11.10 -76.89 2.58
CA PRO A 41 -9.76 -76.49 2.14
C PRO A 41 -8.90 -77.69 1.77
N GLU A 42 -8.00 -77.48 0.82
CA GLU A 42 -7.02 -78.47 0.38
C GLU A 42 -7.66 -79.54 -0.50
N GLY A 43 -6.83 -80.35 -1.14
CA GLY A 43 -7.33 -81.38 -2.01
C GLY A 43 -6.46 -81.56 -3.24
N ALA A 44 -6.63 -80.68 -4.21
CA ALA A 44 -5.85 -80.70 -5.43
C ALA A 44 -5.66 -79.29 -5.97
N ALA A 45 -5.41 -78.36 -5.07
CA ALA A 45 -5.29 -76.96 -5.44
C ALA A 45 -4.08 -76.33 -4.76
N GLU A 46 -2.91 -76.94 -4.99
CA GLU A 46 -1.68 -76.45 -4.39
C GLU A 46 -0.76 -75.88 -5.45
N GLU A 47 -0.77 -76.50 -6.62
CA GLU A 47 0.05 -76.04 -7.73
C GLU A 47 -0.69 -74.99 -8.54
N VAL A 48 -1.02 -73.89 -7.89
CA VAL A 48 -1.76 -72.82 -8.53
C VAL A 48 -0.82 -71.78 -9.14
N ARG A 49 -1.16 -71.33 -10.33
CA ARG A 49 -0.39 -70.30 -11.00
C ARG A 49 -0.93 -68.93 -10.60
N ALA A 50 -0.89 -68.66 -9.30
CA ALA A 50 -1.37 -67.39 -8.76
C ALA A 50 -0.34 -66.29 -8.99
N GLY A 51 -0.34 -65.76 -10.21
CA GLY A 51 0.60 -64.72 -10.56
C GLY A 51 0.07 -63.84 -11.67
N ASP A 52 -0.77 -62.88 -11.30
CA ASP A 52 -1.33 -61.94 -12.24
C ASP A 52 -0.26 -60.95 -12.68
N ALA A 53 0.62 -60.60 -11.75
CA ALA A 53 1.70 -59.66 -12.02
C ALA A 53 1.17 -58.41 -12.69
N ALA A 54 0.17 -57.81 -12.06
CA ALA A 54 -0.52 -56.66 -12.62
C ALA A 54 -0.87 -55.66 -11.53
N ALA A 55 -1.87 -56.00 -10.72
CA ALA A 55 -2.36 -55.13 -9.65
C ALA A 55 -2.54 -53.68 -10.14
N PRO A 56 -3.45 -53.46 -11.10
CA PRO A 56 -3.68 -52.13 -11.68
C PRO A 56 -4.16 -51.13 -10.64
N SER A 57 -5.20 -51.52 -9.88
CA SER A 57 -5.76 -50.70 -8.83
C SER A 57 -6.31 -49.38 -9.37
N LEU A 58 -5.46 -48.35 -9.42
CA LEU A 58 -5.88 -47.04 -9.89
C LEU A 58 -5.24 -46.74 -11.24
N ASP A 59 -4.25 -47.53 -11.62
CA ASP A 59 -3.57 -47.35 -12.89
C ASP A 59 -4.42 -47.88 -14.04
N PRO A 60 -4.86 -46.98 -14.94
CA PRO A 60 -5.64 -47.37 -16.11
C PRO A 60 -4.75 -47.95 -17.21
N ALA A 61 -3.43 -47.82 -17.01
CA ALA A 61 -2.41 -48.26 -17.97
C ALA A 61 -2.40 -47.34 -19.19
N THR A 62 -3.52 -47.31 -19.92
CA THR A 62 -3.66 -46.43 -21.07
C THR A 62 -3.95 -45.01 -20.59
N ILE A 63 -2.95 -44.15 -20.66
CA ILE A 63 -3.06 -42.80 -20.13
C ILE A 63 -3.90 -41.91 -21.05
N ALA A 64 -3.84 -42.20 -22.34
CA ALA A 64 -4.66 -41.54 -23.37
C ALA A 64 -4.34 -40.05 -23.49
N ALA A 65 -3.11 -39.68 -23.15
CA ALA A 65 -2.63 -38.29 -23.24
C ALA A 65 -3.49 -37.36 -22.38
N ASN A 66 -3.30 -37.43 -21.08
CA ASN A 66 -4.05 -36.60 -20.13
C ASN A 66 -3.47 -35.19 -20.08
N ASN A 67 -2.34 -34.98 -20.72
CA ASN A 67 -1.68 -33.68 -20.70
C ASN A 67 -2.17 -32.80 -21.84
N THR A 68 -3.32 -33.15 -22.39
CA THR A 68 -3.96 -32.35 -23.42
C THR A 68 -4.45 -31.03 -22.81
N GLU A 69 -5.13 -31.14 -21.68
CA GLU A 69 -5.52 -29.97 -20.91
C GLU A 69 -4.64 -29.86 -19.67
N PHE A 70 -3.64 -30.75 -19.61
CA PHE A 70 -2.73 -30.83 -18.47
C PHE A 70 -3.50 -31.18 -17.21
N GLU A 71 -4.09 -32.39 -17.21
CA GLU A 71 -4.95 -32.84 -16.12
C GLU A 71 -6.21 -31.97 -16.03
N PRO A 72 -7.27 -32.37 -16.76
CA PRO A 72 -8.54 -31.62 -16.79
C PRO A 72 -9.28 -31.70 -15.47
N GLU A 73 -9.26 -30.61 -14.72
CA GLU A 73 -9.93 -30.55 -13.42
C GLU A 73 -11.22 -29.76 -13.51
N PRO A 74 -12.30 -30.27 -12.89
CA PRO A 74 -13.57 -29.57 -12.79
C PRO A 74 -13.43 -28.22 -12.09
N ALA A 75 -14.39 -27.34 -12.30
CA ALA A 75 -14.35 -26.01 -11.71
C ALA A 75 -14.75 -26.05 -10.24
N PRO A 76 -13.79 -25.78 -9.33
CA PRO A 76 -14.04 -25.82 -7.89
C PRO A 76 -14.76 -24.56 -7.39
N VAL A 77 -15.80 -24.75 -6.60
CA VAL A 77 -16.52 -23.65 -6.02
C VAL A 77 -15.77 -23.13 -4.77
N ALA A 78 -14.68 -22.43 -5.04
CA ALA A 78 -13.81 -21.92 -3.98
C ALA A 78 -14.24 -20.52 -3.50
N PRO A 79 -14.48 -19.54 -4.42
CA PRO A 79 -14.91 -18.20 -4.03
C PRO A 79 -16.25 -18.20 -3.31
N PRO A 80 -16.29 -17.76 -2.04
CA PRO A 80 -17.53 -17.70 -1.25
C PRO A 80 -18.53 -16.70 -1.82
N LYS A 81 -19.72 -17.19 -2.14
CA LYS A 81 -20.77 -16.36 -2.69
C LYS A 81 -21.32 -15.37 -1.65
N PRO A 82 -21.69 -15.83 -0.43
CA PRO A 82 -22.20 -14.94 0.62
C PRO A 82 -21.09 -14.14 1.32
N LYS A 83 -20.23 -13.54 0.51
CA LYS A 83 -19.10 -12.79 1.03
C LYS A 83 -19.43 -11.30 1.14
N PRO A 84 -19.44 -10.76 2.36
CA PRO A 84 -19.64 -9.33 2.58
C PRO A 84 -18.36 -8.54 2.31
N VAL A 85 -18.36 -7.82 1.20
CA VAL A 85 -17.20 -7.05 0.81
C VAL A 85 -17.30 -5.62 1.31
N GLU A 86 -17.66 -5.49 2.56
CA GLU A 86 -17.85 -4.19 3.18
C GLU A 86 -17.14 -4.13 4.53
N PRO A 87 -16.05 -3.37 4.60
CA PRO A 87 -15.32 -3.14 5.85
C PRO A 87 -16.05 -2.17 6.76
N PRO A 88 -16.33 -2.57 8.00
CA PRO A 88 -17.02 -1.71 8.96
C PRO A 88 -16.17 -0.51 9.37
N LYS A 89 -16.83 0.61 9.64
CA LYS A 89 -16.14 1.85 10.04
C LYS A 89 -15.26 2.37 8.91
N PRO A 90 -15.85 3.13 7.97
CA PRO A 90 -15.10 3.72 6.84
C PRO A 90 -14.08 4.74 7.33
N LYS A 91 -12.81 4.46 7.05
CA LYS A 91 -11.69 5.29 7.52
C LYS A 91 -11.63 5.26 9.04
N VAL A 92 -12.27 6.23 9.64
CA VAL A 92 -12.43 6.28 11.08
C VAL A 92 -13.88 6.63 11.39
N GLU A 93 -14.32 7.75 10.86
CA GLU A 93 -15.67 8.23 11.06
C GLU A 93 -16.06 9.12 9.89
N ALA A 94 -16.80 8.55 8.95
CA ALA A 94 -17.18 9.26 7.74
C ALA A 94 -18.39 10.16 8.01
N PRO A 95 -18.21 11.48 7.97
CA PRO A 95 -19.28 12.44 8.23
C PRO A 95 -20.25 12.52 7.06
N PRO A 96 -21.48 13.02 7.30
CA PRO A 96 -22.50 13.17 6.26
C PRO A 96 -22.09 14.17 5.19
N ALA A 97 -21.10 15.00 5.52
CA ALA A 97 -20.55 15.97 4.59
C ALA A 97 -19.02 15.89 4.64
N PRO A 98 -18.38 15.55 3.50
CA PRO A 98 -16.92 15.46 3.41
C PRO A 98 -16.24 16.78 3.77
N LYS A 99 -15.15 16.71 4.51
CA LYS A 99 -14.42 17.89 4.93
C LYS A 99 -13.37 18.28 3.91
N PRO A 100 -13.58 19.42 3.22
CA PRO A 100 -12.61 19.95 2.25
C PRO A 100 -11.40 20.54 2.96
N GLU A 101 -10.28 19.86 2.85
CA GLU A 101 -9.04 20.30 3.47
C GLU A 101 -8.17 21.03 2.47
N PRO A 102 -7.98 22.35 2.66
CA PRO A 102 -7.11 23.17 1.79
C PRO A 102 -5.69 22.61 1.80
N LYS A 103 -5.27 22.15 2.95
CA LYS A 103 -3.99 21.45 3.10
C LYS A 103 -4.24 20.08 3.70
N PRO A 104 -4.52 19.08 2.85
CA PRO A 104 -4.87 17.73 3.30
C PRO A 104 -3.69 16.99 3.90
N VAL A 105 -3.69 16.88 5.22
CA VAL A 105 -2.68 16.09 5.92
C VAL A 105 -3.08 14.62 5.88
N VAL A 106 -3.28 14.13 4.66
CA VAL A 106 -3.72 12.77 4.43
C VAL A 106 -2.86 12.14 3.34
N GLU A 107 -1.74 12.80 3.08
CA GLU A 107 -0.84 12.40 2.01
C GLU A 107 0.20 11.41 2.50
N GLU A 108 0.62 11.58 3.75
CA GLU A 108 1.65 10.73 4.32
C GLU A 108 1.09 9.35 4.64
N LYS A 109 1.03 8.51 3.63
CA LYS A 109 0.65 7.11 3.77
C LYS A 109 1.74 6.27 3.15
N ALA A 110 2.80 6.02 3.93
CA ALA A 110 4.07 5.51 3.41
C ALA A 110 4.77 6.61 2.64
N ALA A 111 4.60 7.83 3.17
CA ALA A 111 5.09 9.07 2.55
C ALA A 111 4.26 9.44 1.32
N PRO A 112 4.02 10.74 1.10
CA PRO A 112 3.18 11.23 0.00
C PRO A 112 3.68 10.78 -1.37
N THR A 113 3.10 9.67 -1.86
CA THR A 113 3.51 9.08 -3.13
C THR A 113 5.00 8.73 -3.09
N GLY A 114 5.47 8.35 -1.91
CA GLY A 114 6.85 7.95 -1.76
C GLY A 114 7.02 6.47 -1.92
N LYS A 115 6.54 5.72 -0.94
CA LYS A 115 6.58 4.26 -1.00
C LYS A 115 5.23 3.74 -1.46
N ALA A 116 4.85 4.14 -2.67
CA ALA A 116 3.60 3.70 -3.26
C ALA A 116 3.71 2.25 -3.67
N TYR A 117 2.58 1.61 -3.88
CA TYR A 117 2.59 0.20 -4.22
C TYR A 117 1.63 -0.12 -5.36
N VAL A 118 1.95 -1.17 -6.09
CA VAL A 118 1.23 -1.56 -7.29
C VAL A 118 1.36 -3.08 -7.52
N VAL A 119 0.31 -3.74 -8.05
CA VAL A 119 0.39 -5.17 -8.32
C VAL A 119 0.37 -5.45 -9.82
N GLN A 120 1.52 -5.85 -10.36
CA GLN A 120 1.63 -6.14 -11.79
C GLN A 120 1.27 -7.58 -12.10
N LEU A 121 0.14 -7.79 -12.78
CA LEU A 121 -0.30 -9.15 -13.09
C LEU A 121 0.35 -9.62 -14.38
N GLY A 122 0.46 -8.71 -15.32
CA GLY A 122 0.99 -9.07 -16.63
C GLY A 122 1.81 -7.97 -17.24
N ALA A 123 2.53 -8.31 -18.29
CA ALA A 123 3.43 -7.40 -18.96
C ALA A 123 3.88 -8.02 -20.27
N LEU A 124 3.28 -7.55 -21.36
CA LEU A 124 3.52 -8.13 -22.67
C LEU A 124 3.34 -7.09 -23.75
N LYS A 125 3.85 -7.39 -24.92
CA LYS A 125 3.88 -6.45 -26.02
C LYS A 125 2.74 -6.73 -26.98
N ASN A 126 1.93 -7.71 -26.60
CA ASN A 126 0.73 -8.04 -27.34
C ASN A 126 -0.44 -7.28 -26.73
N ALA A 127 -0.81 -6.16 -27.33
CA ALA A 127 -1.85 -5.30 -26.80
C ALA A 127 -3.22 -5.96 -26.91
N ASP A 128 -3.33 -6.93 -27.81
CA ASP A 128 -4.55 -7.70 -27.95
C ASP A 128 -4.72 -8.61 -26.75
N LYS A 129 -3.58 -8.99 -26.19
CA LYS A 129 -3.54 -9.80 -24.98
C LYS A 129 -3.76 -8.90 -23.78
N VAL A 130 -3.26 -7.68 -23.88
CA VAL A 130 -3.53 -6.63 -22.90
C VAL A 130 -5.03 -6.41 -22.78
N ASN A 131 -5.70 -6.50 -23.92
CA ASN A 131 -7.13 -6.22 -24.01
C ASN A 131 -7.96 -7.18 -23.14
N GLU A 132 -7.53 -8.42 -23.00
CA GLU A 132 -8.29 -9.38 -22.21
C GLU A 132 -8.00 -9.22 -20.72
N ILE A 133 -6.77 -8.90 -20.38
CA ILE A 133 -6.40 -8.64 -18.99
C ILE A 133 -7.11 -7.39 -18.50
N VAL A 134 -7.02 -6.35 -19.33
CA VAL A 134 -7.63 -5.07 -19.02
C VAL A 134 -9.15 -5.16 -19.05
N GLY A 135 -9.67 -5.93 -20.00
CA GLY A 135 -11.11 -6.11 -20.11
C GLY A 135 -11.71 -6.68 -18.84
N LYS A 136 -10.92 -7.47 -18.12
CA LYS A 136 -11.35 -8.04 -16.86
C LYS A 136 -11.43 -6.97 -15.77
N LEU A 137 -10.31 -6.33 -15.53
CA LEU A 137 -10.20 -5.38 -14.42
C LEU A 137 -10.78 -4.02 -14.79
N ARG A 138 -10.22 -3.41 -15.82
CA ARG A 138 -10.62 -2.08 -16.23
C ARG A 138 -12.06 -2.10 -16.70
N GLY A 139 -12.41 -3.20 -17.36
CA GLY A 139 -13.74 -3.34 -17.93
C GLY A 139 -14.80 -3.53 -16.87
N ALA A 140 -14.40 -3.95 -15.68
CA ALA A 140 -15.33 -4.12 -14.58
C ALA A 140 -15.31 -2.89 -13.67
N GLY A 141 -14.31 -2.03 -13.85
CA GLY A 141 -14.25 -0.80 -13.09
C GLY A 141 -13.32 -0.87 -11.90
N TYR A 142 -12.35 -1.76 -11.96
CA TYR A 142 -11.41 -1.93 -10.86
C TYR A 142 -10.23 -0.98 -11.01
N ARG A 143 -9.55 -0.71 -9.91
CA ARG A 143 -8.36 0.14 -9.94
C ARG A 143 -7.26 -0.55 -10.69
N VAL A 144 -7.13 -0.19 -11.95
CA VAL A 144 -6.17 -0.81 -12.83
C VAL A 144 -5.62 0.22 -13.81
N TYR A 145 -4.33 0.17 -14.04
CA TYR A 145 -3.71 0.97 -15.08
C TYR A 145 -2.61 0.19 -15.78
N THR A 146 -2.04 0.82 -16.77
CA THR A 146 -1.10 0.18 -17.67
C THR A 146 0.26 0.86 -17.61
N SER A 147 1.19 0.41 -18.42
CA SER A 147 2.52 0.98 -18.47
C SER A 147 2.47 2.49 -18.69
N PRO A 148 3.35 3.23 -17.99
CA PRO A 148 3.38 4.69 -17.90
C PRO A 148 2.66 5.45 -19.00
N SER A 149 3.16 5.37 -20.23
CA SER A 149 2.65 6.24 -21.29
C SER A 149 1.42 5.65 -22.00
N THR A 150 1.55 4.50 -22.64
CA THR A 150 0.46 3.94 -23.43
C THR A 150 0.73 2.48 -23.80
N PRO A 151 -0.28 1.60 -23.64
CA PRO A 151 -0.29 0.28 -24.27
C PRO A 151 -0.28 0.39 -25.79
N VAL A 152 0.68 -0.25 -26.41
CA VAL A 152 0.82 -0.18 -27.84
C VAL A 152 1.35 -1.52 -28.36
N GLN A 153 1.15 -1.78 -29.64
CA GLN A 153 1.57 -3.04 -30.21
C GLN A 153 3.06 -3.00 -30.55
N GLY A 154 3.80 -3.95 -29.97
CA GLY A 154 5.22 -4.03 -30.23
C GLY A 154 6.06 -3.61 -29.03
N LYS A 155 5.48 -2.80 -28.16
CA LYS A 155 6.19 -2.34 -26.97
C LYS A 155 5.56 -2.95 -25.72
N ILE A 156 6.32 -2.94 -24.64
CA ILE A 156 5.93 -3.61 -23.41
C ILE A 156 4.77 -2.89 -22.72
N THR A 157 3.61 -3.52 -22.73
CA THR A 157 2.47 -3.04 -21.98
C THR A 157 2.35 -3.81 -20.68
N ARG A 158 2.69 -3.15 -19.61
CA ARG A 158 2.56 -3.74 -18.29
C ARG A 158 1.18 -3.42 -17.74
N ILE A 159 0.55 -4.41 -17.13
CA ILE A 159 -0.77 -4.22 -16.58
C ILE A 159 -0.72 -4.42 -15.08
N LEU A 160 -1.01 -3.36 -14.36
CA LEU A 160 -0.85 -3.36 -12.93
C LEU A 160 -2.11 -2.88 -12.24
N VAL A 161 -2.55 -3.68 -11.29
CA VAL A 161 -3.77 -3.44 -10.54
C VAL A 161 -3.45 -2.84 -9.19
N GLY A 162 -4.36 -2.03 -8.71
CA GLY A 162 -4.23 -1.44 -7.40
C GLY A 162 -3.15 -0.39 -7.32
N PRO A 163 -3.07 0.57 -8.27
CA PRO A 163 -2.15 1.67 -8.11
C PRO A 163 -2.59 2.55 -6.97
N ASP A 164 -1.69 2.75 -6.03
CA ASP A 164 -1.98 3.59 -4.90
C ASP A 164 -0.71 4.06 -4.25
N ALA A 165 -0.76 5.23 -3.66
CA ALA A 165 0.38 5.81 -2.99
C ALA A 165 0.39 5.41 -1.53
N SER A 166 -0.67 4.74 -1.09
CA SER A 166 -0.78 4.28 0.28
C SER A 166 -0.44 2.81 0.35
N LYS A 167 0.74 2.52 0.83
CA LYS A 167 1.14 1.16 1.07
C LYS A 167 0.21 0.52 2.09
N ASP A 168 -0.10 1.28 3.13
CA ASP A 168 -0.94 0.81 4.22
C ASP A 168 -2.34 0.44 3.76
N LYS A 169 -3.02 1.38 3.11
CA LYS A 169 -4.41 1.17 2.71
C LYS A 169 -4.51 0.05 1.66
N LEU A 170 -3.57 0.06 0.73
CA LEU A 170 -3.59 -0.87 -0.38
C LEU A 170 -3.00 -2.23 0.04
N LYS A 171 -2.26 -2.23 1.15
CA LYS A 171 -1.67 -3.46 1.70
C LYS A 171 -2.74 -4.49 1.97
N GLY A 172 -3.73 -4.08 2.75
CA GLY A 172 -4.82 -4.96 3.12
C GLY A 172 -5.71 -5.21 1.93
N SER A 173 -5.51 -4.39 0.92
CA SER A 173 -6.28 -4.48 -0.30
C SER A 173 -5.78 -5.62 -1.18
N LEU A 174 -4.62 -6.18 -0.88
CA LEU A 174 -4.07 -7.27 -1.68
C LEU A 174 -4.78 -8.58 -1.36
N GLY A 175 -5.06 -8.77 -0.08
CA GLY A 175 -5.76 -9.98 0.35
C GLY A 175 -7.12 -10.09 -0.32
N GLU A 176 -7.77 -8.96 -0.51
CA GLU A 176 -9.04 -8.91 -1.21
C GLU A 176 -8.80 -8.79 -2.73
N LEU A 177 -7.59 -8.40 -3.12
CA LEU A 177 -7.29 -8.12 -4.52
C LEU A 177 -7.27 -9.39 -5.34
N LYS A 178 -6.83 -10.48 -4.73
CA LYS A 178 -6.91 -11.80 -5.37
C LYS A 178 -8.36 -12.18 -5.63
N GLN A 179 -9.27 -11.48 -4.96
CA GLN A 179 -10.69 -11.59 -5.25
C GLN A 179 -11.09 -10.56 -6.31
N LEU A 180 -10.56 -9.35 -6.17
CA LEU A 180 -10.92 -8.23 -7.04
C LEU A 180 -10.41 -8.45 -8.46
N SER A 181 -9.13 -8.72 -8.58
CA SER A 181 -8.52 -8.99 -9.88
C SER A 181 -8.54 -10.47 -10.14
N GLY A 182 -8.18 -11.23 -9.12
CA GLY A 182 -8.10 -12.68 -9.24
C GLY A 182 -6.93 -13.11 -10.08
N LEU A 183 -6.20 -12.14 -10.61
CA LEU A 183 -5.07 -12.39 -11.46
C LEU A 183 -3.81 -12.45 -10.63
N SER A 184 -2.85 -13.22 -11.09
CA SER A 184 -1.61 -13.39 -10.36
C SER A 184 -0.63 -12.29 -10.73
N GLY A 185 -0.36 -11.42 -9.76
CA GLY A 185 0.52 -10.31 -10.00
C GLY A 185 1.58 -10.19 -8.95
N VAL A 186 2.62 -9.44 -9.25
CA VAL A 186 3.71 -9.25 -8.32
C VAL A 186 3.57 -7.93 -7.60
N VAL A 187 3.77 -7.97 -6.30
CA VAL A 187 3.64 -6.79 -5.46
C VAL A 187 4.91 -5.95 -5.58
N MET A 188 4.80 -4.86 -6.31
CA MET A 188 5.93 -4.01 -6.60
C MET A 188 5.73 -2.64 -6.00
N GLY A 189 6.83 -2.02 -5.58
CA GLY A 189 6.75 -0.70 -5.04
C GLY A 189 6.59 0.34 -6.13
N TYR A 190 5.39 0.87 -6.23
CA TYR A 190 5.05 1.89 -7.20
C TYR A 190 5.83 3.17 -6.94
N THR A 191 6.54 3.63 -7.95
CA THR A 191 7.24 4.89 -7.87
C THR A 191 7.08 5.64 -9.19
N PRO A 192 6.08 6.52 -9.27
CA PRO A 192 5.80 7.27 -10.50
C PRO A 192 6.82 8.37 -10.76
N ASN A 193 7.00 8.73 -12.02
CA ASN A 193 7.92 9.79 -12.38
C ASN A 193 7.16 10.90 -13.11
N ASP A 1 48.60 -16.19 17.23
CA ASP A 1 47.51 -15.20 17.07
C ASP A 1 46.77 -15.42 15.77
N GLY A 2 45.52 -14.99 15.72
CA GLY A 2 44.73 -15.13 14.51
C GLY A 2 43.28 -15.40 14.82
N GLN A 3 42.96 -16.69 14.99
CA GLN A 3 41.60 -17.15 15.24
C GLN A 3 40.69 -16.79 14.06
N LYS A 4 39.39 -16.84 14.28
CA LYS A 4 38.43 -16.42 13.28
C LYS A 4 37.91 -15.04 13.66
N LYS A 5 37.32 -14.99 14.84
CA LYS A 5 36.83 -13.75 15.43
C LYS A 5 37.08 -13.81 16.92
N HIS A 6 36.96 -12.69 17.60
CA HIS A 6 37.16 -12.66 19.04
C HIS A 6 35.91 -13.11 19.77
N TYR A 7 35.75 -14.42 19.88
CA TYR A 7 34.59 -14.99 20.55
C TYR A 7 34.71 -14.82 22.06
N GLN A 8 33.82 -14.01 22.61
CA GLN A 8 33.78 -13.78 24.05
C GLN A 8 32.36 -13.98 24.56
N ASP A 9 31.48 -14.45 23.70
CA ASP A 9 30.07 -14.54 24.01
C ASP A 9 29.77 -15.74 24.90
N GLU A 10 28.53 -15.80 25.40
CA GLU A 10 28.06 -16.82 26.33
C GLU A 10 28.65 -16.59 27.72
N PHE A 11 29.97 -16.46 27.79
CA PHE A 11 30.64 -16.16 29.03
C PHE A 11 31.14 -14.71 29.03
N ALA A 12 30.41 -13.85 28.35
CA ALA A 12 30.78 -12.44 28.22
C ALA A 12 30.61 -11.71 29.55
N ALA A 13 29.52 -12.00 30.23
CA ALA A 13 29.25 -11.40 31.53
C ALA A 13 28.82 -12.45 32.54
N ILE A 14 28.77 -13.71 32.08
CA ILE A 14 28.43 -14.88 32.91
C ILE A 14 27.39 -14.57 34.00
N PRO A 15 26.17 -14.21 33.62
CA PRO A 15 25.09 -13.92 34.55
C PRO A 15 24.38 -15.19 34.97
N LEU A 16 25.15 -16.14 35.49
CA LEU A 16 24.62 -17.43 35.91
C LEU A 16 23.99 -18.17 34.73
N VAL A 17 24.61 -18.04 33.57
CA VAL A 17 24.12 -18.67 32.36
C VAL A 17 24.99 -19.89 32.00
N PRO A 18 26.28 -19.72 31.64
CA PRO A 18 27.18 -20.87 31.49
C PRO A 18 27.72 -21.32 32.84
N LYS A 19 27.43 -22.57 33.21
CA LYS A 19 27.87 -23.12 34.47
C LYS A 19 29.39 -23.34 34.44
N ALA A 20 30.11 -22.44 35.12
CA ALA A 20 31.57 -22.47 35.16
C ALA A 20 32.16 -22.41 33.76
N GLY A 21 31.55 -21.59 32.91
CA GLY A 21 32.00 -21.48 31.53
C GLY A 21 33.16 -20.52 31.39
N ASP A 22 33.34 -19.66 32.38
CA ASP A 22 34.44 -18.71 32.39
C ASP A 22 35.74 -19.40 32.77
N ARG A 23 36.75 -19.22 31.94
CA ARG A 23 38.09 -19.75 32.19
C ARG A 23 38.10 -21.27 32.20
N ASP A 24 38.43 -21.86 31.06
CA ASP A 24 38.54 -23.31 30.96
C ASP A 24 39.59 -23.82 31.95
N GLU A 25 39.20 -24.81 32.74
CA GLU A 25 40.07 -25.38 33.74
C GLU A 25 41.32 -25.97 33.08
N PRO A 26 42.50 -25.43 33.43
CA PRO A 26 43.77 -25.81 32.80
C PRO A 26 44.24 -27.21 33.19
N ASP A 27 45.48 -27.52 32.83
CA ASP A 27 46.11 -28.81 33.10
C ASP A 27 45.49 -29.90 32.21
N MET A 28 45.91 -31.14 32.45
CA MET A 28 45.48 -32.27 31.64
C MET A 28 44.12 -32.81 32.08
N MET A 29 43.21 -31.89 32.40
CA MET A 29 41.88 -32.25 32.85
C MET A 29 41.00 -31.02 32.81
N PRO A 30 40.52 -30.67 31.62
CA PRO A 30 39.76 -29.44 31.40
C PRO A 30 38.31 -29.56 31.85
N ALA A 31 37.73 -28.40 32.14
CA ALA A 31 36.36 -28.33 32.62
C ALA A 31 35.39 -28.91 31.60
N ALA A 32 34.45 -29.70 32.08
CA ALA A 32 33.46 -30.33 31.21
C ALA A 32 32.29 -29.40 30.92
N THR A 33 32.49 -28.11 31.18
CA THR A 33 31.48 -27.11 30.91
C THR A 33 31.25 -27.01 29.40
N GLN A 34 29.99 -27.05 28.98
CA GLN A 34 29.67 -27.06 27.56
C GLN A 34 29.87 -25.68 26.92
N ALA A 35 30.29 -24.72 27.74
CA ALA A 35 30.68 -23.42 27.24
C ALA A 35 31.87 -23.59 26.30
N LEU A 36 32.80 -24.45 26.72
CA LEU A 36 33.98 -24.81 25.93
C LEU A 36 34.66 -23.58 25.32
N PRO A 37 35.41 -22.83 26.12
CA PRO A 37 36.12 -21.64 25.65
C PRO A 37 37.19 -21.95 24.61
N THR A 38 37.61 -23.22 24.56
CA THR A 38 38.63 -23.66 23.63
C THR A 38 38.01 -23.93 22.25
N GLN A 39 37.40 -22.89 21.69
CA GLN A 39 36.84 -22.96 20.34
C GLN A 39 37.85 -22.45 19.30
N PRO A 40 38.45 -21.26 19.49
CA PRO A 40 39.49 -20.77 18.58
C PRO A 40 40.78 -21.59 18.66
N PRO A 41 41.50 -21.71 17.54
CA PRO A 41 42.75 -22.49 17.48
C PRO A 41 43.90 -21.80 18.21
N GLU A 42 43.69 -20.54 18.56
CA GLU A 42 44.68 -19.76 19.27
C GLU A 42 44.23 -19.56 20.71
N GLY A 43 44.98 -20.11 21.65
CA GLY A 43 44.63 -19.96 23.05
C GLY A 43 45.23 -21.03 23.94
N ALA A 44 46.41 -21.50 23.59
CA ALA A 44 47.11 -22.48 24.42
C ALA A 44 47.91 -21.77 25.50
N ALA A 45 48.84 -20.93 25.08
CA ALA A 45 49.65 -20.16 26.00
C ALA A 45 49.41 -18.67 25.79
N GLU A 46 48.42 -18.37 24.95
CA GLU A 46 48.06 -16.99 24.64
C GLU A 46 47.29 -16.36 25.80
N GLU A 47 47.87 -15.35 26.41
CA GLU A 47 47.22 -14.63 27.50
C GLU A 47 46.90 -13.21 27.05
N VAL A 48 46.79 -13.01 25.74
CA VAL A 48 46.53 -11.70 25.18
C VAL A 48 45.25 -11.71 24.36
N ARG A 49 44.19 -12.26 24.94
CA ARG A 49 42.91 -12.33 24.25
C ARG A 49 41.80 -11.73 25.12
N ALA A 50 42.18 -11.18 26.26
CA ALA A 50 41.22 -10.56 27.16
C ALA A 50 41.62 -9.13 27.48
N GLY A 51 41.17 -8.19 26.66
CA GLY A 51 41.52 -6.80 26.88
C GLY A 51 40.61 -5.85 26.11
N ASP A 52 41.17 -4.73 25.68
CA ASP A 52 40.43 -3.73 24.93
C ASP A 52 40.06 -4.25 23.55
N ALA A 53 41.04 -4.28 22.66
CA ALA A 53 40.85 -4.81 21.32
C ALA A 53 41.17 -6.30 21.31
N ALA A 54 42.27 -6.66 21.96
CA ALA A 54 42.68 -8.06 22.08
C ALA A 54 42.79 -8.72 20.71
N ALA A 55 43.61 -8.10 19.86
CA ALA A 55 43.89 -8.63 18.52
C ALA A 55 45.25 -8.13 18.06
N PRO A 56 46.32 -8.85 18.44
CA PRO A 56 47.70 -8.52 18.06
C PRO A 56 47.82 -8.19 16.58
N SER A 57 47.33 -9.12 15.73
CA SER A 57 47.27 -8.96 14.27
C SER A 57 48.52 -8.27 13.69
N LEU A 58 48.47 -6.95 13.58
CA LEU A 58 49.56 -6.15 13.04
C LEU A 58 49.79 -6.49 11.56
N ASP A 59 49.01 -5.88 10.70
CA ASP A 59 49.11 -6.12 9.26
C ASP A 59 50.30 -5.36 8.69
N PRO A 60 51.30 -6.10 8.17
CA PRO A 60 52.49 -5.52 7.52
C PRO A 60 52.13 -4.53 6.41
N ALA A 61 50.95 -4.72 5.83
CA ALA A 61 50.41 -3.78 4.85
C ALA A 61 49.01 -3.35 5.28
N THR A 62 48.96 -2.40 6.18
CA THR A 62 47.68 -1.89 6.68
C THR A 62 47.06 -0.96 5.64
N ILE A 63 46.08 -1.47 4.91
CA ILE A 63 45.43 -0.71 3.85
C ILE A 63 44.19 -0.01 4.36
N ALA A 64 43.71 -0.45 5.53
CA ALA A 64 42.52 0.10 6.17
C ALA A 64 41.25 -0.22 5.38
N ALA A 65 41.05 0.44 4.26
CA ALA A 65 39.87 0.27 3.44
C ALA A 65 40.18 0.55 1.97
N ASN A 66 39.19 0.38 1.11
CA ASN A 66 39.37 0.57 -0.32
C ASN A 66 38.22 1.39 -0.91
N ASN A 67 38.57 2.43 -1.65
CA ASN A 67 37.60 3.30 -2.34
C ASN A 67 36.61 3.94 -1.39
N THR A 68 37.00 4.07 -0.13
CA THR A 68 36.19 4.74 0.86
C THR A 68 36.44 6.24 0.78
N GLU A 69 37.71 6.60 0.67
CA GLU A 69 38.10 7.98 0.51
C GLU A 69 38.65 8.22 -0.90
N PHE A 70 39.01 7.13 -1.56
CA PHE A 70 39.60 7.21 -2.90
C PHE A 70 38.52 7.40 -3.95
N GLU A 71 37.33 7.00 -3.60
CA GLU A 71 36.17 7.14 -4.48
C GLU A 71 34.95 7.61 -3.69
N PRO A 72 34.83 8.93 -3.49
CA PRO A 72 33.65 9.53 -2.91
C PRO A 72 32.63 9.90 -3.98
N GLU A 73 32.86 11.04 -4.63
CA GLU A 73 32.00 11.53 -5.69
C GLU A 73 32.83 12.21 -6.78
N PRO A 74 33.67 13.23 -6.45
CA PRO A 74 34.55 13.86 -7.43
C PRO A 74 35.77 13.00 -7.75
N ALA A 75 36.36 13.26 -8.91
CA ALA A 75 37.55 12.54 -9.38
C ALA A 75 37.38 11.02 -9.31
N PRO A 76 36.44 10.47 -10.09
CA PRO A 76 36.22 9.04 -10.15
C PRO A 76 37.02 8.39 -11.29
N VAL A 77 37.87 7.45 -10.94
CA VAL A 77 38.69 6.76 -11.92
C VAL A 77 37.95 5.55 -12.50
N ALA A 78 36.63 5.66 -12.54
CA ALA A 78 35.79 4.61 -13.07
C ALA A 78 35.69 4.72 -14.59
N PRO A 79 36.12 3.68 -15.31
CA PRO A 79 36.11 3.69 -16.78
C PRO A 79 34.69 3.62 -17.34
N PRO A 80 34.46 4.20 -18.52
CA PRO A 80 33.15 4.20 -19.18
C PRO A 80 32.77 2.84 -19.76
N LYS A 81 32.95 1.79 -18.96
CA LYS A 81 32.58 0.44 -19.36
C LYS A 81 31.18 0.11 -18.81
N PRO A 82 30.96 0.21 -17.47
CA PRO A 82 29.62 0.07 -16.90
C PRO A 82 28.79 1.32 -17.15
N LYS A 83 27.51 1.12 -17.44
CA LYS A 83 26.62 2.24 -17.71
C LYS A 83 26.21 2.97 -16.43
N PRO A 84 25.78 2.26 -15.36
CA PRO A 84 25.47 2.92 -14.09
C PRO A 84 26.73 3.27 -13.31
N VAL A 85 27.10 4.53 -13.38
CA VAL A 85 28.23 5.03 -12.62
C VAL A 85 27.73 5.50 -11.27
N GLU A 86 27.13 4.55 -10.55
CA GLU A 86 26.53 4.79 -9.25
C GLU A 86 25.27 5.66 -9.42
N PRO A 87 24.13 5.01 -9.69
CA PRO A 87 22.86 5.68 -9.96
C PRO A 87 22.41 6.57 -8.80
N PRO A 88 21.82 7.74 -9.12
CA PRO A 88 21.32 8.68 -8.11
C PRO A 88 20.29 8.04 -7.20
N LYS A 89 20.39 8.32 -5.91
CA LYS A 89 19.48 7.76 -4.93
C LYS A 89 18.08 8.37 -5.11
N PRO A 90 17.07 7.53 -5.38
CA PRO A 90 15.68 7.97 -5.54
C PRO A 90 15.07 8.46 -4.23
N LYS A 91 15.54 9.60 -3.75
CA LYS A 91 15.04 10.19 -2.52
C LYS A 91 13.65 10.79 -2.73
N VAL A 92 12.79 10.64 -1.73
CA VAL A 92 11.42 11.10 -1.84
C VAL A 92 11.27 12.54 -1.37
N GLU A 93 12.20 12.99 -0.53
CA GLU A 93 12.18 14.35 -0.01
C GLU A 93 13.60 14.84 0.24
N ALA A 94 14.35 14.96 -0.84
CA ALA A 94 15.74 15.38 -0.77
C ALA A 94 15.86 16.79 -0.19
N PRO A 95 16.90 17.05 0.62
CA PRO A 95 17.12 18.35 1.25
C PRO A 95 17.51 19.42 0.22
N PRO A 96 16.63 20.39 0.00
CA PRO A 96 16.88 21.47 -0.98
C PRO A 96 17.79 22.55 -0.44
N ALA A 97 18.95 22.13 0.08
CA ALA A 97 19.93 23.07 0.61
C ALA A 97 20.71 23.75 -0.51
N PRO A 98 21.31 22.99 -1.46
CA PRO A 98 21.94 23.59 -2.63
C PRO A 98 20.91 24.16 -3.60
N LYS A 99 20.68 25.47 -3.50
CA LYS A 99 19.63 26.16 -4.25
C LYS A 99 18.25 25.67 -3.76
N PRO A 100 17.59 26.47 -2.92
CA PRO A 100 16.33 26.10 -2.28
C PRO A 100 15.19 25.86 -3.28
N GLU A 101 15.07 24.61 -3.71
CA GLU A 101 13.94 24.18 -4.53
C GLU A 101 13.08 23.19 -3.75
N PRO A 102 12.28 23.68 -2.79
CA PRO A 102 11.52 22.84 -1.88
C PRO A 102 10.11 22.54 -2.37
N LYS A 103 9.59 21.40 -1.95
CA LYS A 103 8.21 21.03 -2.22
C LYS A 103 7.61 20.42 -0.97
N PRO A 104 6.65 21.13 -0.35
CA PRO A 104 5.95 20.63 0.84
C PRO A 104 5.32 19.26 0.60
N VAL A 105 5.75 18.28 1.37
CA VAL A 105 5.21 16.94 1.27
C VAL A 105 4.23 16.68 2.40
N VAL A 106 3.38 17.66 2.62
CA VAL A 106 2.34 17.57 3.64
C VAL A 106 1.06 17.09 2.97
N GLU A 107 0.17 16.47 3.75
CA GLU A 107 -1.08 15.91 3.21
C GLU A 107 -0.76 14.74 2.29
N GLU A 108 0.38 14.11 2.52
CA GLU A 108 0.84 13.01 1.71
C GLU A 108 0.76 11.70 2.47
N LYS A 109 0.53 10.63 1.75
CA LYS A 109 0.50 9.30 2.33
C LYS A 109 1.88 8.68 2.21
N ALA A 110 2.43 8.76 1.02
CA ALA A 110 3.78 8.31 0.76
C ALA A 110 4.37 9.11 -0.41
N ALA A 111 3.69 10.22 -0.70
CA ALA A 111 4.04 11.12 -1.80
C ALA A 111 3.62 10.54 -3.15
N PRO A 112 3.22 11.41 -4.10
CA PRO A 112 2.63 11.01 -5.39
C PRO A 112 3.40 9.91 -6.12
N THR A 113 4.69 10.13 -6.35
CA THR A 113 5.50 9.17 -7.09
C THR A 113 6.67 8.67 -6.24
N GLY A 114 6.98 9.40 -5.17
CA GLY A 114 8.07 9.02 -4.30
C GLY A 114 7.92 7.60 -3.82
N LYS A 115 6.83 7.32 -3.15
CA LYS A 115 6.53 5.98 -2.71
C LYS A 115 5.12 5.60 -3.11
N ALA A 116 4.98 5.17 -4.35
CA ALA A 116 3.70 4.69 -4.85
C ALA A 116 3.75 3.18 -4.99
N TYR A 117 2.58 2.55 -5.08
CA TYR A 117 2.48 1.08 -5.11
C TYR A 117 1.36 0.61 -6.04
N VAL A 118 1.57 -0.49 -6.79
CA VAL A 118 0.50 -1.14 -7.57
C VAL A 118 0.78 -2.65 -7.68
N VAL A 119 -0.24 -3.44 -8.03
CA VAL A 119 -0.05 -4.89 -8.17
C VAL A 119 0.00 -5.29 -9.64
N GLN A 120 1.13 -5.85 -10.06
CA GLN A 120 1.34 -6.21 -11.46
C GLN A 120 0.90 -7.65 -11.75
N LEU A 121 -0.17 -7.81 -12.52
CA LEU A 121 -0.71 -9.13 -12.81
C LEU A 121 -0.14 -9.66 -14.11
N GLY A 122 0.07 -8.75 -15.05
CA GLY A 122 0.54 -9.13 -16.36
C GLY A 122 1.48 -8.11 -16.93
N ALA A 123 2.24 -8.51 -17.93
CA ALA A 123 3.22 -7.64 -18.57
C ALA A 123 3.67 -8.25 -19.88
N LEU A 124 3.13 -7.74 -20.97
CA LEU A 124 3.37 -8.33 -22.27
C LEU A 124 3.55 -7.26 -23.33
N LYS A 125 4.11 -7.69 -24.44
CA LYS A 125 4.41 -6.79 -25.55
C LYS A 125 3.31 -6.90 -26.61
N ASN A 126 2.19 -7.51 -26.21
CA ASN A 126 1.06 -7.70 -27.09
C ASN A 126 -0.16 -6.97 -26.54
N ALA A 127 -0.48 -5.85 -27.16
CA ALA A 127 -1.63 -5.05 -26.74
C ALA A 127 -2.93 -5.81 -26.96
N ASP A 128 -2.87 -6.78 -27.86
CA ASP A 128 -3.99 -7.68 -28.14
C ASP A 128 -4.52 -8.31 -26.86
N LYS A 129 -3.59 -8.63 -25.98
CA LYS A 129 -3.92 -9.27 -24.71
C LYS A 129 -4.19 -8.23 -23.63
N VAL A 130 -3.51 -7.10 -23.74
CA VAL A 130 -3.68 -5.98 -22.80
C VAL A 130 -5.14 -5.57 -22.73
N ASN A 131 -5.77 -5.47 -23.89
CA ASN A 131 -7.18 -5.06 -23.98
C ASN A 131 -8.09 -6.00 -23.19
N GLU A 132 -7.70 -7.26 -23.09
CA GLU A 132 -8.50 -8.26 -22.42
C GLU A 132 -8.35 -8.12 -20.93
N ILE A 133 -7.10 -8.20 -20.48
CA ILE A 133 -6.79 -8.13 -19.05
C ILE A 133 -7.37 -6.86 -18.44
N VAL A 134 -7.27 -5.77 -19.18
CA VAL A 134 -7.80 -4.48 -18.73
C VAL A 134 -9.32 -4.48 -18.84
N GLY A 135 -9.85 -4.97 -19.95
CA GLY A 135 -11.30 -5.05 -20.11
C GLY A 135 -11.94 -5.90 -19.03
N LYS A 136 -11.21 -6.91 -18.59
CA LYS A 136 -11.67 -7.78 -17.52
C LYS A 136 -11.78 -7.05 -16.19
N LEU A 137 -10.66 -6.51 -15.73
CA LEU A 137 -10.61 -5.86 -14.43
C LEU A 137 -11.02 -4.39 -14.49
N ARG A 138 -10.33 -3.61 -15.30
CA ARG A 138 -10.63 -2.17 -15.41
C ARG A 138 -12.02 -1.97 -15.97
N GLY A 139 -12.40 -2.87 -16.88
CA GLY A 139 -13.70 -2.80 -17.51
C GLY A 139 -14.82 -3.18 -16.56
N ALA A 140 -14.45 -3.82 -15.45
CA ALA A 140 -15.42 -4.16 -14.42
C ALA A 140 -15.43 -3.10 -13.32
N GLY A 141 -14.71 -2.02 -13.56
CA GLY A 141 -14.70 -0.90 -12.63
C GLY A 141 -13.63 -1.02 -11.57
N TYR A 142 -12.67 -1.89 -11.78
CA TYR A 142 -11.58 -2.07 -10.82
C TYR A 142 -10.43 -1.16 -11.16
N ARG A 143 -9.72 -0.71 -10.13
CA ARG A 143 -8.57 0.16 -10.29
C ARG A 143 -7.47 -0.54 -11.08
N VAL A 144 -7.39 -0.25 -12.36
CA VAL A 144 -6.39 -0.85 -13.22
C VAL A 144 -5.71 0.19 -14.09
N TYR A 145 -4.40 0.12 -14.14
CA TYR A 145 -3.65 0.92 -15.09
C TYR A 145 -2.53 0.11 -15.70
N THR A 146 -1.86 0.71 -16.63
CA THR A 146 -0.86 0.03 -17.44
C THR A 146 0.53 0.59 -17.20
N SER A 147 1.51 0.11 -17.95
CA SER A 147 2.88 0.57 -17.80
C SER A 147 2.98 2.09 -17.91
N PRO A 148 3.89 2.68 -17.11
CA PRO A 148 4.08 4.12 -16.95
C PRO A 148 3.65 5.00 -18.14
N SER A 149 4.20 4.77 -19.32
CA SER A 149 4.00 5.71 -20.41
C SER A 149 2.73 5.42 -21.21
N THR A 150 2.67 4.28 -21.89
CA THR A 150 1.52 3.96 -22.74
C THR A 150 1.56 2.51 -23.23
N PRO A 151 0.41 1.81 -23.18
CA PRO A 151 0.23 0.52 -23.87
C PRO A 151 0.42 0.62 -25.37
N VAL A 152 1.32 -0.18 -25.89
CA VAL A 152 1.60 -0.19 -27.31
C VAL A 152 2.12 -1.56 -27.72
N GLN A 153 2.01 -1.87 -29.00
CA GLN A 153 2.39 -3.17 -29.51
C GLN A 153 3.91 -3.24 -29.70
N GLY A 154 4.50 -4.33 -29.25
CA GLY A 154 5.93 -4.52 -29.42
C GLY A 154 6.72 -4.08 -28.20
N LYS A 155 6.16 -3.16 -27.45
CA LYS A 155 6.79 -2.68 -26.23
C LYS A 155 6.06 -3.22 -25.03
N ILE A 156 6.64 -3.07 -23.85
CA ILE A 156 6.10 -3.69 -22.66
C ILE A 156 4.88 -2.92 -22.13
N THR A 157 3.73 -3.55 -22.24
CA THR A 157 2.53 -3.04 -21.61
C THR A 157 2.21 -3.90 -20.38
N ARG A 158 2.39 -3.31 -19.23
CA ARG A 158 2.14 -4.01 -17.99
C ARG A 158 0.73 -3.73 -17.51
N ILE A 159 0.13 -4.72 -16.88
CA ILE A 159 -1.19 -4.57 -16.32
C ILE A 159 -1.09 -4.60 -14.81
N LEU A 160 -1.51 -3.52 -14.18
CA LEU A 160 -1.37 -3.40 -12.75
C LEU A 160 -2.70 -3.01 -12.12
N VAL A 161 -3.04 -3.73 -11.07
CA VAL A 161 -4.28 -3.52 -10.35
C VAL A 161 -4.02 -2.81 -9.04
N GLY A 162 -4.82 -1.80 -8.78
CA GLY A 162 -4.79 -1.11 -7.52
C GLY A 162 -3.72 -0.05 -7.44
N PRO A 163 -3.58 0.84 -8.45
CA PRO A 163 -2.62 1.93 -8.35
C PRO A 163 -2.96 2.83 -7.19
N ASP A 164 -2.00 3.04 -6.31
CA ASP A 164 -2.21 3.89 -5.16
C ASP A 164 -0.87 4.35 -4.64
N ALA A 165 -0.91 5.32 -3.75
CA ALA A 165 0.30 5.81 -3.12
C ALA A 165 0.36 5.32 -1.69
N SER A 166 -0.48 4.36 -1.35
CA SER A 166 -0.51 3.79 -0.02
C SER A 166 -0.17 2.31 -0.04
N LYS A 167 1.00 1.98 0.47
CA LYS A 167 1.35 0.59 0.66
C LYS A 167 0.50 0.02 1.77
N ASP A 168 0.35 0.80 2.83
CA ASP A 168 -0.37 0.36 4.02
C ASP A 168 -1.79 -0.08 3.69
N LYS A 169 -2.44 0.66 2.80
CA LYS A 169 -3.79 0.33 2.41
C LYS A 169 -3.81 -0.80 1.38
N LEU A 170 -2.98 -0.67 0.35
CA LEU A 170 -3.04 -1.59 -0.78
C LEU A 170 -2.32 -2.91 -0.47
N LYS A 171 -1.44 -2.91 0.51
CA LYS A 171 -0.76 -4.14 0.92
C LYS A 171 -1.77 -5.10 1.55
N GLY A 172 -2.61 -4.56 2.41
CA GLY A 172 -3.67 -5.35 3.01
C GLY A 172 -4.76 -5.66 2.01
N SER A 173 -4.74 -4.96 0.89
CA SER A 173 -5.71 -5.15 -0.16
C SER A 173 -5.45 -6.43 -0.94
N LEU A 174 -4.21 -6.90 -0.92
CA LEU A 174 -3.82 -8.08 -1.71
C LEU A 174 -4.60 -9.30 -1.27
N GLY A 175 -4.95 -9.33 0.02
CA GLY A 175 -5.71 -10.44 0.54
C GLY A 175 -7.04 -10.59 -0.16
N GLU A 176 -7.74 -9.48 -0.33
CA GLU A 176 -9.03 -9.50 -0.99
C GLU A 176 -8.87 -9.37 -2.51
N LEU A 177 -7.72 -8.87 -2.94
CA LEU A 177 -7.49 -8.56 -4.35
C LEU A 177 -7.43 -9.82 -5.20
N LYS A 178 -6.88 -10.89 -4.65
CA LYS A 178 -6.87 -12.18 -5.34
C LYS A 178 -8.30 -12.71 -5.52
N GLN A 179 -9.22 -12.14 -4.76
CA GLN A 179 -10.64 -12.43 -4.94
C GLN A 179 -11.25 -11.44 -5.96
N LEU A 180 -10.75 -10.21 -5.93
CA LEU A 180 -11.29 -9.15 -6.78
C LEU A 180 -10.84 -9.31 -8.22
N SER A 181 -9.53 -9.43 -8.42
CA SER A 181 -8.98 -9.60 -9.74
C SER A 181 -8.78 -11.08 -10.05
N GLY A 182 -8.25 -11.80 -9.07
CA GLY A 182 -7.95 -13.20 -9.25
C GLY A 182 -6.77 -13.44 -10.17
N LEU A 183 -6.19 -12.35 -10.65
CA LEU A 183 -5.07 -12.42 -11.55
C LEU A 183 -3.79 -12.57 -10.75
N SER A 184 -2.76 -13.15 -11.35
CA SER A 184 -1.51 -13.37 -10.66
C SER A 184 -0.72 -12.07 -10.58
N GLY A 185 -0.89 -11.35 -9.49
CA GLY A 185 -0.28 -10.04 -9.36
C GLY A 185 0.82 -10.00 -8.34
N VAL A 186 1.92 -9.35 -8.69
CA VAL A 186 3.00 -9.13 -7.75
C VAL A 186 2.93 -7.72 -7.22
N VAL A 187 3.15 -7.56 -5.93
CA VAL A 187 3.13 -6.24 -5.33
C VAL A 187 4.45 -5.53 -5.63
N MET A 188 4.38 -4.54 -6.50
CA MET A 188 5.56 -3.83 -6.94
C MET A 188 5.41 -2.35 -6.66
N GLY A 189 6.54 -1.71 -6.47
CA GLY A 189 6.51 -0.29 -6.20
C GLY A 189 6.22 0.50 -7.45
N TYR A 190 5.48 1.56 -7.26
CA TYR A 190 4.91 2.35 -8.31
C TYR A 190 5.60 3.72 -8.34
N THR A 191 5.96 4.15 -9.53
CA THR A 191 6.58 5.46 -9.70
C THR A 191 6.20 6.07 -11.05
N PRO A 192 5.14 6.88 -11.08
CA PRO A 192 4.74 7.61 -12.28
C PRO A 192 5.71 8.74 -12.58
N ASN A 193 6.28 8.74 -13.77
CA ASN A 193 7.23 9.77 -14.16
C ASN A 193 6.60 10.70 -15.19
N ASP A 1 -19.37 35.81 48.42
CA ASP A 1 -18.52 36.57 49.37
C ASP A 1 -19.23 37.83 49.82
N GLY A 2 -20.23 37.68 50.69
CA GLY A 2 -20.93 38.84 51.23
C GLY A 2 -20.71 38.97 52.72
N GLN A 3 -19.91 39.95 53.12
CA GLN A 3 -19.55 40.12 54.53
C GLN A 3 -20.65 40.83 55.32
N LYS A 4 -21.87 40.36 55.16
CA LYS A 4 -22.98 40.87 55.95
C LYS A 4 -23.04 40.12 57.26
N LYS A 5 -22.53 38.90 57.25
CA LYS A 5 -22.48 38.07 58.44
C LYS A 5 -21.21 38.37 59.23
N HIS A 6 -21.34 38.40 60.56
CA HIS A 6 -20.21 38.65 61.42
C HIS A 6 -19.50 37.35 61.77
N TYR A 7 -18.38 37.48 62.48
CA TYR A 7 -17.51 36.35 62.81
C TYR A 7 -18.28 35.21 63.48
N GLN A 8 -18.80 35.48 64.67
CA GLN A 8 -19.50 34.46 65.45
C GLN A 8 -20.15 35.09 66.68
N ASP A 9 -19.31 35.58 67.57
CA ASP A 9 -19.76 36.16 68.83
C ASP A 9 -18.72 37.15 69.32
N GLU A 10 -19.14 38.38 69.64
CA GLU A 10 -18.20 39.41 70.06
C GLU A 10 -17.51 39.02 71.37
N PHE A 11 -16.21 38.73 71.27
CA PHE A 11 -15.42 38.22 72.38
C PHE A 11 -15.47 39.17 73.58
N ALA A 12 -15.98 38.67 74.69
CA ALA A 12 -16.08 39.45 75.91
C ALA A 12 -14.89 39.17 76.82
N ALA A 13 -13.72 39.67 76.41
CA ALA A 13 -12.46 39.48 77.14
C ALA A 13 -11.95 38.04 77.04
N ILE A 14 -12.85 37.08 77.32
CA ILE A 14 -12.57 35.65 77.27
C ILE A 14 -11.18 35.30 77.81
N PRO A 15 -10.95 35.53 79.11
CA PRO A 15 -9.66 35.32 79.75
C PRO A 15 -9.40 33.86 80.10
N LEU A 16 -9.07 33.07 79.07
CA LEU A 16 -8.75 31.65 79.23
C LEU A 16 -9.93 30.87 79.78
N VAL A 17 -11.09 31.04 79.18
CA VAL A 17 -12.29 30.33 79.60
C VAL A 17 -12.89 29.52 78.43
N PRO A 18 -13.35 30.16 77.34
CA PRO A 18 -13.90 29.45 76.18
C PRO A 18 -12.86 28.66 75.41
N LYS A 19 -13.29 27.57 74.79
CA LYS A 19 -12.41 26.72 74.01
C LYS A 19 -12.16 27.32 72.62
N ALA A 20 -13.14 28.07 72.14
CA ALA A 20 -13.05 28.68 70.83
C ALA A 20 -13.53 30.13 70.88
N GLY A 21 -13.72 30.74 69.72
CA GLY A 21 -14.18 32.10 69.66
C GLY A 21 -13.12 33.02 69.08
N ASP A 22 -13.46 34.29 68.89
CA ASP A 22 -12.50 35.25 68.36
C ASP A 22 -11.43 35.56 69.38
N ARG A 23 -10.33 34.85 69.27
CA ARG A 23 -9.23 34.98 70.19
C ARG A 23 -7.96 35.36 69.44
N ASP A 24 -7.40 36.51 69.78
CA ASP A 24 -6.13 36.93 69.19
C ASP A 24 -5.02 36.02 69.66
N GLU A 25 -4.17 35.60 68.74
CA GLU A 25 -3.16 34.59 69.06
C GLU A 25 -1.89 35.21 69.64
N PRO A 26 -1.53 34.84 70.87
CA PRO A 26 -0.22 35.14 71.44
C PRO A 26 0.82 34.14 70.94
N ASP A 27 0.31 32.98 70.55
CA ASP A 27 1.09 31.91 69.96
C ASP A 27 0.26 31.26 68.87
N MET A 28 0.91 30.61 67.92
CA MET A 28 0.22 29.98 66.80
C MET A 28 -0.56 28.75 67.27
N MET A 29 -1.72 28.98 67.84
CA MET A 29 -2.58 27.91 68.33
C MET A 29 -4.02 28.11 67.86
N PRO A 30 -4.64 29.32 68.02
CA PRO A 30 -5.98 29.59 67.49
C PRO A 30 -6.03 29.41 65.97
N ALA A 31 -7.11 28.77 65.50
CA ALA A 31 -7.29 28.45 64.07
C ALA A 31 -6.29 27.40 63.61
N ALA A 32 -5.01 27.77 63.62
CA ALA A 32 -3.90 26.87 63.25
C ALA A 32 -3.99 26.41 61.81
N THR A 33 -4.80 25.37 61.57
CA THR A 33 -4.94 24.80 60.23
C THR A 33 -5.90 25.66 59.40
N GLN A 34 -6.66 26.50 60.07
CA GLN A 34 -7.61 27.39 59.41
C GLN A 34 -6.97 28.75 59.16
N ALA A 35 -7.09 29.24 57.95
CA ALA A 35 -6.58 30.56 57.60
C ALA A 35 -7.63 31.62 57.91
N LEU A 36 -7.46 32.29 59.03
CA LEU A 36 -8.44 33.28 59.46
C LEU A 36 -7.85 34.69 59.33
N PRO A 37 -8.23 35.42 58.26
CA PRO A 37 -7.77 36.79 58.05
C PRO A 37 -8.41 37.77 59.04
N THR A 38 -9.71 38.01 58.89
CA THR A 38 -10.42 38.88 59.82
C THR A 38 -11.90 38.52 59.88
N GLN A 39 -12.58 38.68 58.75
CA GLN A 39 -14.01 38.42 58.68
C GLN A 39 -14.34 37.53 57.48
N PRO A 40 -14.42 36.21 57.70
CA PRO A 40 -14.81 35.26 56.68
C PRO A 40 -16.29 34.90 56.74
N PRO A 41 -17.15 35.60 55.97
CA PRO A 41 -18.59 35.36 55.97
C PRO A 41 -18.96 34.10 55.21
N GLU A 42 -18.07 33.71 54.30
CA GLU A 42 -18.23 32.52 53.49
C GLU A 42 -16.89 31.81 53.38
N GLY A 43 -16.88 30.66 52.72
CA GLY A 43 -15.65 29.90 52.57
C GLY A 43 -15.35 29.05 53.78
N ALA A 44 -15.41 29.66 54.96
CA ALA A 44 -15.21 28.95 56.20
C ALA A 44 -16.52 28.87 56.98
N ALA A 45 -17.61 29.28 56.33
CA ALA A 45 -18.91 29.30 56.96
C ALA A 45 -19.56 27.92 56.94
N GLU A 46 -19.06 27.04 57.79
CA GLU A 46 -19.54 25.66 57.84
C GLU A 46 -20.87 25.56 58.59
N GLU A 47 -21.36 26.70 59.04
CA GLU A 47 -22.62 26.74 59.78
C GLU A 47 -23.68 27.47 58.97
N VAL A 48 -24.43 26.72 58.18
CA VAL A 48 -25.45 27.31 57.32
C VAL A 48 -26.74 27.59 58.11
N ARG A 49 -26.59 28.31 59.22
CA ARG A 49 -27.71 28.68 60.05
C ARG A 49 -28.60 29.69 59.33
N ALA A 50 -27.97 30.61 58.62
CA ALA A 50 -28.69 31.63 57.86
C ALA A 50 -29.08 31.08 56.48
N GLY A 51 -29.80 29.97 56.48
CA GLY A 51 -30.21 29.35 55.25
C GLY A 51 -29.08 28.59 54.58
N ASP A 52 -28.35 29.27 53.72
CA ASP A 52 -27.23 28.66 53.01
C ASP A 52 -25.99 29.55 53.08
N ALA A 53 -26.20 30.76 53.61
CA ALA A 53 -25.14 31.77 53.72
C ALA A 53 -24.65 32.19 52.33
N ALA A 54 -25.45 31.91 51.32
CA ALA A 54 -25.12 32.23 49.94
C ALA A 54 -26.40 32.36 49.14
N ALA A 55 -26.40 33.30 48.18
CA ALA A 55 -27.58 33.60 47.38
C ALA A 55 -28.79 33.91 48.27
N PRO A 56 -28.73 35.00 49.06
CA PRO A 56 -29.82 35.39 49.94
C PRO A 56 -31.05 35.82 49.14
N SER A 57 -31.96 34.90 48.96
CA SER A 57 -33.12 35.12 48.11
C SER A 57 -34.23 35.84 48.86
N LEU A 58 -33.89 36.95 49.51
CA LEU A 58 -34.85 37.75 50.24
C LEU A 58 -35.46 38.80 49.32
N ASP A 59 -35.13 38.70 48.04
CA ASP A 59 -35.70 39.57 47.01
C ASP A 59 -37.20 39.37 46.93
N PRO A 60 -37.97 40.45 47.16
CA PRO A 60 -39.44 40.41 47.08
C PRO A 60 -39.91 39.97 45.70
N ALA A 61 -39.12 40.30 44.69
CA ALA A 61 -39.41 39.86 43.33
C ALA A 61 -38.52 38.68 42.98
N THR A 62 -38.78 37.55 43.61
CA THR A 62 -38.01 36.34 43.37
C THR A 62 -38.24 35.85 41.94
N ILE A 63 -39.49 35.82 41.53
CA ILE A 63 -39.86 35.42 40.19
C ILE A 63 -40.81 36.46 39.57
N ALA A 64 -40.23 37.50 38.98
CA ALA A 64 -41.00 38.56 38.37
C ALA A 64 -40.62 38.67 36.90
N ALA A 65 -41.53 39.23 36.11
CA ALA A 65 -41.36 39.39 34.65
C ALA A 65 -41.43 38.05 33.93
N ASN A 66 -40.63 37.09 34.37
CA ASN A 66 -40.63 35.77 33.76
C ASN A 66 -41.63 34.85 34.47
N ASN A 67 -42.81 34.69 33.86
CA ASN A 67 -43.85 33.81 34.38
C ASN A 67 -44.42 34.36 35.69
N THR A 68 -45.51 33.74 36.18
CA THR A 68 -46.22 34.19 37.37
C THR A 68 -47.05 35.44 37.07
N GLU A 69 -46.46 36.36 36.34
CA GLU A 69 -47.13 37.60 35.97
C GLU A 69 -46.97 37.87 34.48
N PHE A 70 -46.68 36.84 33.69
CA PHE A 70 -46.49 37.02 32.27
C PHE A 70 -47.31 36.02 31.48
N GLU A 71 -46.79 34.83 31.39
CA GLU A 71 -47.47 33.73 30.74
C GLU A 71 -46.99 32.40 31.33
N PRO A 72 -47.90 31.43 31.47
CA PRO A 72 -47.55 30.08 31.95
C PRO A 72 -46.55 29.39 31.03
N GLU A 73 -45.54 28.77 31.63
CA GLU A 73 -44.50 28.09 30.89
C GLU A 73 -44.74 26.59 30.88
N PRO A 74 -44.48 25.93 29.73
CA PRO A 74 -44.56 24.47 29.63
C PRO A 74 -43.61 23.78 30.59
N ALA A 75 -44.04 22.65 31.14
CA ALA A 75 -43.25 21.93 32.12
C ALA A 75 -42.85 20.55 31.58
N PRO A 76 -41.69 20.46 30.93
CA PRO A 76 -41.16 19.19 30.43
C PRO A 76 -40.69 18.29 31.57
N VAL A 77 -41.59 17.44 32.04
CA VAL A 77 -41.27 16.54 33.14
C VAL A 77 -40.59 15.27 32.65
N ALA A 78 -40.12 15.35 31.42
CA ALA A 78 -39.45 14.25 30.78
C ALA A 78 -38.52 14.78 29.69
N PRO A 79 -37.34 14.18 29.52
CA PRO A 79 -36.33 14.63 28.57
C PRO A 79 -36.86 14.76 27.15
N PRO A 80 -36.87 15.99 26.60
CA PRO A 80 -37.25 16.25 25.21
C PRO A 80 -36.38 15.46 24.23
N LYS A 81 -35.13 15.25 24.60
CA LYS A 81 -34.21 14.43 23.82
C LYS A 81 -33.65 13.31 24.68
N PRO A 82 -34.40 12.21 24.83
CA PRO A 82 -33.99 11.07 25.65
C PRO A 82 -33.08 10.12 24.88
N LYS A 83 -32.06 10.69 24.25
CA LYS A 83 -31.13 9.93 23.43
C LYS A 83 -29.78 10.64 23.38
N PRO A 84 -28.69 9.89 23.21
CA PRO A 84 -27.37 10.47 23.01
C PRO A 84 -27.30 11.22 21.69
N VAL A 85 -27.27 12.53 21.76
CA VAL A 85 -27.24 13.37 20.58
C VAL A 85 -25.82 13.51 20.03
N GLU A 86 -25.18 12.37 19.86
CA GLU A 86 -23.81 12.30 19.37
C GLU A 86 -22.85 13.07 20.27
N PRO A 87 -22.38 12.45 21.37
CA PRO A 87 -21.40 13.07 22.26
C PRO A 87 -20.08 13.36 21.52
N PRO A 88 -19.80 14.65 21.28
CA PRO A 88 -18.63 15.07 20.50
C PRO A 88 -17.36 15.08 21.34
N LYS A 89 -17.09 13.96 21.97
CA LYS A 89 -15.90 13.81 22.80
C LYS A 89 -14.68 13.69 21.91
N PRO A 90 -13.75 14.66 22.02
CA PRO A 90 -12.57 14.72 21.16
C PRO A 90 -11.45 13.83 21.67
N LYS A 91 -11.74 12.53 21.75
CA LYS A 91 -10.76 11.53 22.17
C LYS A 91 -10.33 11.78 23.61
N VAL A 92 -9.01 11.75 23.84
CA VAL A 92 -8.43 11.96 25.17
C VAL A 92 -8.72 10.76 26.09
N GLU A 93 -9.98 10.57 26.42
CA GLU A 93 -10.37 9.47 27.30
C GLU A 93 -11.04 8.36 26.49
N ALA A 94 -10.64 8.22 25.24
CA ALA A 94 -11.20 7.20 24.37
C ALA A 94 -10.83 5.79 24.88
N PRO A 95 -11.72 4.81 24.69
CA PRO A 95 -11.54 3.46 25.23
C PRO A 95 -10.15 2.84 25.02
N PRO A 96 -9.61 2.80 23.77
CA PRO A 96 -8.35 2.10 23.51
C PRO A 96 -7.10 2.93 23.81
N ALA A 97 -7.24 3.89 24.72
CA ALA A 97 -6.13 4.76 25.14
C ALA A 97 -5.57 5.55 23.95
N PRO A 98 -6.18 6.68 23.61
CA PRO A 98 -5.83 7.45 22.43
C PRO A 98 -4.54 8.25 22.61
N LYS A 99 -3.44 7.71 22.12
CA LYS A 99 -2.16 8.42 22.13
C LYS A 99 -2.18 9.57 21.11
N PRO A 100 -2.61 9.31 19.84
CA PRO A 100 -2.71 10.37 18.83
C PRO A 100 -3.79 11.40 19.18
N GLU A 101 -3.63 12.60 18.65
CA GLU A 101 -4.56 13.69 18.91
C GLU A 101 -5.57 13.82 17.78
N PRO A 102 -6.68 14.55 18.01
CA PRO A 102 -7.71 14.78 16.98
C PRO A 102 -7.20 15.64 15.83
N LYS A 103 -6.41 15.02 14.96
CA LYS A 103 -5.80 15.71 13.84
C LYS A 103 -5.37 14.68 12.80
N PRO A 104 -5.12 15.08 11.55
CA PRO A 104 -4.63 14.18 10.51
C PRO A 104 -3.19 13.75 10.81
N VAL A 105 -3.04 12.60 11.45
CA VAL A 105 -1.71 12.12 11.81
C VAL A 105 -1.03 11.46 10.61
N VAL A 106 -0.85 12.25 9.55
CA VAL A 106 -0.18 11.82 8.34
C VAL A 106 -0.94 10.67 7.65
N GLU A 107 -1.75 11.03 6.66
CA GLU A 107 -2.50 10.05 5.91
C GLU A 107 -1.61 9.36 4.88
N GLU A 108 -0.46 9.98 4.61
CA GLU A 108 0.56 9.36 3.77
C GLU A 108 1.15 8.16 4.48
N LYS A 109 1.96 7.38 3.78
CA LYS A 109 2.56 6.19 4.38
C LYS A 109 3.72 5.72 3.52
N ALA A 110 4.22 6.66 2.74
CA ALA A 110 5.29 6.43 1.79
C ALA A 110 5.53 7.71 1.02
N ALA A 111 4.64 7.95 0.07
CA ALA A 111 4.55 9.23 -0.63
C ALA A 111 3.52 9.14 -1.76
N PRO A 112 2.83 10.23 -2.09
CA PRO A 112 1.75 10.22 -3.08
C PRO A 112 2.20 9.70 -4.45
N THR A 113 3.15 10.39 -5.06
CA THR A 113 3.55 10.08 -6.42
C THR A 113 4.96 9.49 -6.49
N GLY A 114 5.78 9.80 -5.48
CA GLY A 114 7.13 9.29 -5.44
C GLY A 114 7.17 7.82 -5.11
N LYS A 115 6.94 7.50 -3.85
CA LYS A 115 6.88 6.11 -3.41
C LYS A 115 5.45 5.60 -3.52
N ALA A 116 5.06 5.25 -4.73
CA ALA A 116 3.72 4.73 -4.99
C ALA A 116 3.78 3.23 -5.24
N TYR A 117 2.62 2.57 -5.13
CA TYR A 117 2.55 1.09 -5.19
C TYR A 117 1.30 0.62 -5.95
N VAL A 118 1.41 -0.47 -6.73
CA VAL A 118 0.26 -1.09 -7.43
C VAL A 118 0.49 -2.60 -7.56
N VAL A 119 -0.56 -3.37 -7.87
CA VAL A 119 -0.42 -4.82 -8.00
C VAL A 119 -0.35 -5.24 -9.47
N GLN A 120 0.82 -5.63 -9.92
CA GLN A 120 1.06 -6.03 -11.31
C GLN A 120 0.54 -7.45 -11.57
N LEU A 121 -0.46 -7.60 -12.43
CA LEU A 121 -0.97 -8.94 -12.76
C LEU A 121 -0.28 -9.45 -13.99
N GLY A 122 0.04 -8.54 -14.89
CA GLY A 122 0.68 -8.91 -16.12
C GLY A 122 1.67 -7.87 -16.60
N ALA A 123 2.46 -8.24 -17.59
CA ALA A 123 3.45 -7.35 -18.20
C ALA A 123 3.96 -8.01 -19.46
N LEU A 124 3.43 -7.57 -20.59
CA LEU A 124 3.70 -8.21 -21.86
C LEU A 124 3.70 -7.19 -22.99
N LYS A 125 4.30 -7.58 -24.09
CA LYS A 125 4.51 -6.70 -25.21
C LYS A 125 3.44 -6.95 -26.28
N ASN A 126 2.65 -8.00 -26.05
CA ASN A 126 1.54 -8.32 -26.93
C ASN A 126 0.28 -7.61 -26.44
N ALA A 127 -0.12 -6.58 -27.17
CA ALA A 127 -1.24 -5.75 -26.75
C ALA A 127 -2.56 -6.50 -26.84
N ASP A 128 -2.59 -7.55 -27.65
CA ASP A 128 -3.78 -8.39 -27.77
C ASP A 128 -4.12 -8.99 -26.43
N LYS A 129 -3.08 -9.28 -25.68
CA LYS A 129 -3.24 -9.85 -24.35
C LYS A 129 -3.49 -8.75 -23.32
N VAL A 130 -2.88 -7.58 -23.54
CA VAL A 130 -3.14 -6.41 -22.71
C VAL A 130 -4.64 -6.09 -22.74
N ASN A 131 -5.22 -6.24 -23.92
CA ASN A 131 -6.64 -5.95 -24.14
C ASN A 131 -7.53 -6.84 -23.28
N GLU A 132 -7.07 -8.05 -22.97
CA GLU A 132 -7.83 -8.95 -22.13
C GLU A 132 -7.70 -8.52 -20.69
N ILE A 133 -6.47 -8.54 -20.21
CA ILE A 133 -6.18 -8.20 -18.81
C ILE A 133 -6.84 -6.87 -18.43
N VAL A 134 -6.70 -5.90 -19.31
CA VAL A 134 -7.26 -4.59 -19.08
C VAL A 134 -8.78 -4.62 -19.26
N GLY A 135 -9.23 -5.31 -20.29
CA GLY A 135 -10.67 -5.44 -20.52
C GLY A 135 -11.37 -6.13 -19.37
N LYS A 136 -10.65 -7.00 -18.68
CA LYS A 136 -11.19 -7.71 -17.53
C LYS A 136 -11.33 -6.77 -16.34
N LEU A 137 -10.24 -6.08 -15.98
CA LEU A 137 -10.24 -5.22 -14.80
C LEU A 137 -10.78 -3.83 -15.10
N ARG A 138 -10.17 -3.16 -16.07
CA ARG A 138 -10.55 -1.80 -16.40
C ARG A 138 -11.98 -1.77 -16.91
N GLY A 139 -12.31 -2.78 -17.71
CA GLY A 139 -13.61 -2.85 -18.31
C GLY A 139 -14.72 -3.09 -17.30
N ALA A 140 -14.35 -3.67 -16.17
CA ALA A 140 -15.31 -3.93 -15.11
C ALA A 140 -15.39 -2.75 -14.15
N GLY A 141 -14.60 -1.71 -14.43
CA GLY A 141 -14.65 -0.50 -13.64
C GLY A 141 -13.73 -0.53 -12.44
N TYR A 142 -12.77 -1.45 -12.45
CA TYR A 142 -11.84 -1.58 -11.34
C TYR A 142 -10.69 -0.59 -11.47
N ARG A 143 -10.11 -0.22 -10.33
CA ARG A 143 -8.97 0.68 -10.33
C ARG A 143 -7.75 -0.05 -10.83
N VAL A 144 -7.45 0.17 -12.09
CA VAL A 144 -6.39 -0.52 -12.77
C VAL A 144 -5.69 0.46 -13.72
N TYR A 145 -4.38 0.34 -13.82
CA TYR A 145 -3.65 1.07 -14.84
C TYR A 145 -2.56 0.20 -15.47
N THR A 146 -1.92 0.80 -16.44
CA THR A 146 -0.97 0.13 -17.31
C THR A 146 0.37 0.83 -17.25
N SER A 147 1.33 0.41 -18.08
CA SER A 147 2.62 1.08 -18.16
C SER A 147 2.40 2.59 -18.30
N PRO A 148 3.19 3.37 -17.56
CA PRO A 148 2.99 4.81 -17.36
C PRO A 148 2.47 5.58 -18.59
N SER A 149 3.12 5.41 -19.74
CA SER A 149 2.78 6.23 -20.89
C SER A 149 1.56 5.70 -21.65
N THR A 150 1.63 4.47 -22.17
CA THR A 150 0.55 3.93 -23.00
C THR A 150 0.71 2.42 -23.21
N PRO A 151 -0.38 1.64 -23.08
CA PRO A 151 -0.41 0.26 -23.54
C PRO A 151 -0.21 0.19 -25.05
N VAL A 152 0.76 -0.57 -25.49
CA VAL A 152 1.08 -0.65 -26.89
C VAL A 152 1.73 -1.98 -27.21
N GLN A 153 1.61 -2.41 -28.45
CA GLN A 153 2.26 -3.63 -28.88
C GLN A 153 3.71 -3.36 -29.26
N GLY A 154 4.57 -4.31 -28.92
CA GLY A 154 5.98 -4.18 -29.23
C GLY A 154 6.77 -3.66 -28.05
N LYS A 155 6.08 -3.08 -27.08
CA LYS A 155 6.71 -2.56 -25.89
C LYS A 155 6.08 -3.20 -24.66
N ILE A 156 6.82 -3.21 -23.57
CA ILE A 156 6.37 -3.91 -22.36
C ILE A 156 5.21 -3.17 -21.70
N THR A 157 4.02 -3.75 -21.78
CA THR A 157 2.85 -3.16 -21.16
C THR A 157 2.51 -3.91 -19.87
N ARG A 158 2.79 -3.25 -18.77
CA ARG A 158 2.55 -3.76 -17.45
C ARG A 158 1.11 -3.46 -17.05
N ILE A 159 0.41 -4.45 -16.52
CA ILE A 159 -0.97 -4.28 -16.10
C ILE A 159 -1.04 -4.41 -14.59
N LEU A 160 -1.47 -3.36 -13.93
CA LEU A 160 -1.42 -3.30 -12.49
C LEU A 160 -2.76 -2.85 -11.91
N VAL A 161 -3.22 -3.59 -10.92
CA VAL A 161 -4.48 -3.31 -10.26
C VAL A 161 -4.27 -2.68 -8.90
N GLY A 162 -5.03 -1.65 -8.63
CA GLY A 162 -5.00 -1.02 -7.33
C GLY A 162 -3.91 0.00 -7.17
N PRO A 163 -3.74 0.97 -8.10
CA PRO A 163 -2.78 2.04 -7.91
C PRO A 163 -3.03 2.78 -6.61
N ASP A 164 -1.99 2.88 -5.80
CA ASP A 164 -2.10 3.50 -4.50
C ASP A 164 -0.75 4.05 -4.10
N ALA A 165 -0.72 4.85 -3.06
CA ALA A 165 0.50 5.46 -2.61
C ALA A 165 1.01 4.80 -1.33
N SER A 166 0.26 3.82 -0.83
CA SER A 166 0.62 3.13 0.39
C SER A 166 0.78 1.64 0.15
N LYS A 167 2.02 1.17 0.23
CA LYS A 167 2.31 -0.24 0.07
C LYS A 167 1.68 -1.02 1.21
N ASP A 168 2.01 -0.60 2.42
CA ASP A 168 1.56 -1.27 3.63
C ASP A 168 0.05 -1.49 3.62
N LYS A 169 -0.69 -0.49 3.15
CA LYS A 169 -2.14 -0.57 3.11
C LYS A 169 -2.60 -1.48 1.99
N LEU A 170 -1.96 -1.38 0.83
CA LEU A 170 -2.35 -2.17 -0.32
C LEU A 170 -1.82 -3.61 -0.18
N LYS A 171 -0.81 -3.77 0.65
CA LYS A 171 -0.18 -5.07 0.91
C LYS A 171 -1.16 -5.98 1.64
N GLY A 172 -1.90 -5.40 2.57
CA GLY A 172 -2.92 -6.13 3.29
C GLY A 172 -4.12 -6.34 2.41
N SER A 173 -4.13 -5.62 1.30
CA SER A 173 -5.24 -5.60 0.38
C SER A 173 -5.12 -6.66 -0.70
N LEU A 174 -3.98 -7.32 -0.79
CA LEU A 174 -3.75 -8.29 -1.85
C LEU A 174 -4.70 -9.48 -1.72
N GLY A 175 -4.98 -9.86 -0.48
CA GLY A 175 -5.85 -10.99 -0.21
C GLY A 175 -7.23 -10.78 -0.80
N GLU A 176 -7.78 -9.58 -0.61
CA GLU A 176 -9.10 -9.26 -1.14
C GLU A 176 -8.99 -8.89 -2.61
N LEU A 177 -7.80 -8.54 -3.06
CA LEU A 177 -7.57 -8.17 -4.44
C LEU A 177 -7.74 -9.39 -5.34
N LYS A 178 -7.39 -10.55 -4.80
CA LYS A 178 -7.62 -11.82 -5.48
C LYS A 178 -9.11 -12.05 -5.70
N GLN A 179 -9.93 -11.33 -4.94
CA GLN A 179 -11.37 -11.34 -5.14
C GLN A 179 -11.74 -10.24 -6.13
N LEU A 180 -11.08 -9.09 -5.98
CA LEU A 180 -11.34 -7.93 -6.85
C LEU A 180 -10.98 -8.23 -8.30
N SER A 181 -9.78 -8.70 -8.53
CA SER A 181 -9.35 -9.00 -9.87
C SER A 181 -9.36 -10.50 -10.13
N GLY A 182 -8.81 -11.25 -9.20
CA GLY A 182 -8.68 -12.69 -9.36
C GLY A 182 -7.47 -13.05 -10.19
N LEU A 183 -6.81 -12.03 -10.73
CA LEU A 183 -5.65 -12.22 -11.57
C LEU A 183 -4.40 -12.32 -10.72
N SER A 184 -3.37 -12.91 -11.27
CA SER A 184 -2.15 -13.17 -10.53
C SER A 184 -1.29 -11.92 -10.47
N GLY A 185 -1.44 -11.17 -9.38
CA GLY A 185 -0.75 -9.92 -9.25
C GLY A 185 0.31 -9.94 -8.18
N VAL A 186 1.36 -9.16 -8.40
CA VAL A 186 2.41 -8.98 -7.42
C VAL A 186 2.52 -7.52 -7.04
N VAL A 187 2.78 -7.28 -5.77
CA VAL A 187 2.90 -5.91 -5.26
C VAL A 187 4.16 -5.26 -5.80
N MET A 188 3.98 -4.34 -6.73
CA MET A 188 5.08 -3.68 -7.40
C MET A 188 5.04 -2.19 -7.12
N GLY A 189 6.12 -1.52 -7.48
CA GLY A 189 6.21 -0.11 -7.25
C GLY A 189 5.56 0.70 -8.35
N TYR A 190 5.08 1.85 -7.95
CA TYR A 190 4.27 2.71 -8.79
C TYR A 190 4.91 4.09 -8.89
N THR A 191 5.01 4.60 -10.10
CA THR A 191 5.55 5.92 -10.32
C THR A 191 4.74 6.66 -11.39
N PRO A 192 3.74 7.44 -10.97
CA PRO A 192 2.93 8.24 -11.90
C PRO A 192 3.74 9.39 -12.48
N ASN A 193 3.86 9.41 -13.80
CA ASN A 193 4.62 10.44 -14.48
C ASN A 193 3.72 11.60 -14.86
N ASP A 1 25.77 25.03 -5.63
CA ASP A 1 25.01 24.35 -6.71
C ASP A 1 25.95 23.44 -7.50
N GLY A 2 25.65 23.24 -8.79
CA GLY A 2 26.52 22.45 -9.64
C GLY A 2 27.91 23.05 -9.71
N GLN A 3 27.97 24.38 -9.77
CA GLN A 3 29.23 25.12 -9.79
C GLN A 3 30.12 24.65 -10.93
N LYS A 4 29.75 25.06 -12.13
CA LYS A 4 30.50 24.69 -13.31
C LYS A 4 30.98 25.92 -14.08
N LYS A 5 30.05 26.72 -14.57
CA LYS A 5 30.38 27.84 -15.43
C LYS A 5 29.33 28.93 -15.30
N HIS A 6 29.67 30.16 -15.70
CA HIS A 6 28.74 31.30 -15.67
C HIS A 6 28.39 31.69 -14.24
N TYR A 7 29.34 31.56 -13.33
CA TYR A 7 29.09 31.84 -11.93
C TYR A 7 28.98 33.35 -11.67
N GLN A 8 29.68 34.14 -12.48
CA GLN A 8 29.55 35.60 -12.44
C GLN A 8 30.06 36.21 -13.74
N ASP A 9 30.08 35.39 -14.78
CA ASP A 9 30.62 35.80 -16.06
C ASP A 9 29.55 36.47 -16.91
N GLU A 10 28.57 35.69 -17.32
CA GLU A 10 27.47 36.17 -18.14
C GLU A 10 26.22 35.39 -17.82
N PHE A 11 25.08 35.91 -18.20
CA PHE A 11 23.80 35.30 -17.87
C PHE A 11 22.86 35.34 -19.07
N ALA A 12 21.77 34.58 -19.00
CA ALA A 12 20.78 34.56 -20.05
C ALA A 12 19.84 35.75 -19.92
N ALA A 13 19.15 36.10 -20.99
CA ALA A 13 18.26 37.25 -20.98
C ALA A 13 17.17 37.07 -19.93
N ILE A 14 16.46 35.93 -20.03
CA ILE A 14 15.35 35.58 -19.15
C ILE A 14 14.48 36.78 -18.77
N PRO A 15 13.80 37.41 -19.75
CA PRO A 15 12.89 38.53 -19.49
C PRO A 15 11.61 38.05 -18.83
N LEU A 16 11.72 37.70 -17.55
CA LEU A 16 10.58 37.27 -16.73
C LEU A 16 10.04 35.92 -17.18
N VAL A 17 10.75 35.27 -18.10
CA VAL A 17 10.32 33.98 -18.64
C VAL A 17 10.33 32.90 -17.55
N PRO A 18 11.44 32.68 -16.82
CA PRO A 18 11.48 31.68 -15.75
C PRO A 18 10.87 32.19 -14.46
N LYS A 19 10.14 33.30 -14.56
CA LYS A 19 9.52 33.96 -13.41
C LYS A 19 10.59 34.39 -12.41
N ALA A 20 11.76 34.69 -12.95
CA ALA A 20 12.91 35.06 -12.13
C ALA A 20 13.81 35.99 -12.92
N GLY A 21 14.59 36.79 -12.22
CA GLY A 21 15.49 37.71 -12.88
C GLY A 21 16.93 37.24 -12.80
N ASP A 22 17.79 37.89 -13.58
CA ASP A 22 19.21 37.54 -13.60
C ASP A 22 19.93 38.19 -12.42
N ARG A 23 21.14 37.70 -12.14
CA ARG A 23 22.00 38.21 -11.07
C ARG A 23 21.49 37.81 -9.69
N ASP A 24 20.24 38.15 -9.40
CA ASP A 24 19.63 37.84 -8.11
C ASP A 24 19.38 36.34 -7.98
N GLU A 25 20.07 35.71 -7.04
CA GLU A 25 19.93 34.28 -6.82
C GLU A 25 18.77 33.97 -5.88
N PRO A 26 18.10 32.83 -6.07
CA PRO A 26 17.02 32.39 -5.18
C PRO A 26 17.54 32.06 -3.79
N ASP A 27 16.76 32.41 -2.76
CA ASP A 27 17.16 32.21 -1.38
C ASP A 27 17.03 30.76 -0.95
N MET A 28 17.80 29.89 -1.60
CA MET A 28 17.86 28.49 -1.22
C MET A 28 19.17 28.21 -0.50
N MET A 29 20.21 28.92 -0.91
CA MET A 29 21.55 28.73 -0.35
C MET A 29 22.34 30.05 -0.31
N PRO A 30 22.42 30.81 -1.44
CA PRO A 30 23.16 32.08 -1.47
C PRO A 30 22.81 33.01 -0.30
N ALA A 31 23.84 33.36 0.47
CA ALA A 31 23.66 34.21 1.63
C ALA A 31 23.55 35.68 1.21
N ALA A 32 24.15 36.00 0.07
CA ALA A 32 24.14 37.34 -0.51
C ALA A 32 24.95 38.32 0.34
N THR A 33 24.45 38.67 1.51
CA THR A 33 25.11 39.63 2.38
C THR A 33 26.32 39.01 3.07
N GLN A 34 27.47 39.63 2.88
CA GLN A 34 28.73 39.20 3.49
C GLN A 34 29.02 37.74 3.14
N ALA A 35 28.79 37.39 1.89
CA ALA A 35 29.01 36.04 1.43
C ALA A 35 30.39 35.90 0.80
N LEU A 36 31.10 34.85 1.16
CA LEU A 36 32.45 34.62 0.65
C LEU A 36 32.47 33.40 -0.26
N PRO A 37 32.38 33.63 -1.60
CA PRO A 37 32.40 32.54 -2.57
C PRO A 37 33.82 32.08 -2.89
N THR A 38 34.64 32.00 -1.85
CA THR A 38 36.03 31.58 -1.99
C THR A 38 36.11 30.10 -2.38
N GLN A 39 35.13 29.32 -1.91
CA GLN A 39 35.07 27.91 -2.23
C GLN A 39 33.93 27.65 -3.21
N PRO A 40 34.03 26.58 -4.02
CA PRO A 40 32.98 26.19 -4.96
C PRO A 40 31.75 25.64 -4.21
N PRO A 41 30.63 26.39 -4.22
CA PRO A 41 29.40 25.99 -3.54
C PRO A 41 28.88 24.64 -4.03
N GLU A 42 28.90 23.66 -3.12
CA GLU A 42 28.52 22.27 -3.43
C GLU A 42 29.50 21.63 -4.41
N GLY A 43 29.44 22.03 -5.66
CA GLY A 43 30.25 21.41 -6.69
C GLY A 43 29.73 20.05 -7.07
N ALA A 44 28.42 19.97 -7.29
CA ALA A 44 27.78 18.71 -7.62
C ALA A 44 26.68 18.90 -8.67
N ALA A 45 27.07 18.86 -9.94
CA ALA A 45 26.10 18.95 -11.03
C ALA A 45 25.68 17.55 -11.45
N GLU A 46 25.11 16.81 -10.50
CA GLU A 46 24.76 15.41 -10.71
C GLU A 46 23.46 15.27 -11.47
N GLU A 47 22.82 16.39 -11.79
CA GLU A 47 21.58 16.38 -12.56
C GLU A 47 21.86 16.42 -14.06
N VAL A 48 20.86 16.81 -14.84
CA VAL A 48 20.99 16.90 -16.28
C VAL A 48 21.83 18.12 -16.67
N ARG A 49 23.15 17.97 -16.60
CA ARG A 49 24.06 19.05 -16.92
C ARG A 49 24.13 19.26 -18.43
N ALA A 50 23.77 18.24 -19.18
CA ALA A 50 23.76 18.32 -20.64
C ALA A 50 22.35 18.59 -21.15
N GLY A 51 21.60 19.38 -20.40
CA GLY A 51 20.25 19.71 -20.79
C GLY A 51 20.19 20.89 -21.72
N ASP A 52 20.03 20.61 -23.01
CA ASP A 52 19.95 21.66 -24.01
C ASP A 52 18.61 22.38 -23.89
N ALA A 53 17.53 21.66 -24.14
CA ALA A 53 16.19 22.22 -23.98
C ALA A 53 15.53 21.59 -22.76
N ALA A 54 16.10 20.50 -22.28
CA ALA A 54 15.57 19.79 -21.12
C ALA A 54 16.10 20.37 -19.82
N ALA A 55 16.18 21.69 -19.76
CA ALA A 55 16.67 22.39 -18.59
C ALA A 55 15.74 23.56 -18.24
N PRO A 56 15.37 23.71 -16.96
CA PRO A 56 14.48 24.77 -16.51
C PRO A 56 15.23 26.05 -16.13
N SER A 57 16.18 26.45 -16.97
CA SER A 57 17.01 27.62 -16.72
C SER A 57 17.80 27.49 -15.41
N LEU A 58 17.28 28.09 -14.34
CA LEU A 58 17.96 28.05 -13.04
C LEU A 58 16.99 27.69 -11.92
N ASP A 59 15.78 27.27 -12.28
CA ASP A 59 14.76 26.93 -11.29
C ASP A 59 14.94 25.50 -10.80
N PRO A 60 15.31 25.34 -9.51
CA PRO A 60 15.35 24.02 -8.87
C PRO A 60 13.96 23.40 -8.80
N ALA A 61 13.01 24.21 -8.35
CA ALA A 61 11.59 23.84 -8.32
C ALA A 61 11.36 22.44 -7.76
N THR A 62 11.97 22.17 -6.61
CA THR A 62 11.83 20.89 -5.96
C THR A 62 12.26 21.00 -4.50
N ILE A 63 11.53 20.33 -3.63
CA ILE A 63 11.87 20.28 -2.20
C ILE A 63 11.73 18.85 -1.70
N ALA A 64 11.82 17.91 -2.62
CA ALA A 64 11.66 16.49 -2.30
C ALA A 64 12.90 15.93 -1.62
N ALA A 65 13.10 16.30 -0.37
CA ALA A 65 14.21 15.80 0.45
C ALA A 65 15.57 16.23 -0.11
N ASN A 66 15.73 17.53 -0.32
CA ASN A 66 17.02 18.07 -0.79
C ASN A 66 18.01 18.11 0.36
N ASN A 67 18.39 16.94 0.86
CA ASN A 67 19.22 16.86 2.06
C ASN A 67 20.70 17.04 1.75
N THR A 68 21.01 17.92 0.82
CA THR A 68 22.40 18.26 0.53
C THR A 68 22.95 19.12 1.67
N GLU A 69 22.08 19.94 2.23
CA GLU A 69 22.40 20.71 3.43
C GLU A 69 21.64 20.10 4.61
N PHE A 70 21.19 18.87 4.42
CA PHE A 70 20.41 18.12 5.41
C PHE A 70 19.07 18.83 5.71
N GLU A 71 18.61 19.62 4.77
CA GLU A 71 17.34 20.31 4.88
C GLU A 71 16.81 20.64 3.49
N PRO A 72 15.55 20.26 3.20
CA PRO A 72 14.94 20.42 1.87
C PRO A 72 14.78 21.90 1.48
N GLU A 73 14.72 22.76 2.48
CA GLU A 73 14.58 24.18 2.28
C GLU A 73 15.18 24.93 3.47
N PRO A 74 15.86 26.05 3.22
CA PRO A 74 16.55 26.82 4.26
C PRO A 74 15.60 27.49 5.22
N ALA A 75 14.34 27.63 4.82
CA ALA A 75 13.33 28.22 5.66
C ALA A 75 12.75 27.16 6.59
N PRO A 76 12.43 27.53 7.85
CA PRO A 76 11.82 26.62 8.80
C PRO A 76 10.39 26.27 8.41
N VAL A 77 10.26 25.27 7.51
CA VAL A 77 9.00 24.84 6.94
C VAL A 77 8.10 26.02 6.58
N ALA A 78 8.68 26.99 5.89
CA ALA A 78 7.99 28.22 5.57
C ALA A 78 8.18 28.58 4.10
N PRO A 79 7.27 28.13 3.23
CA PRO A 79 7.27 28.46 1.82
C PRO A 79 6.51 29.75 1.52
N PRO A 80 7.22 30.86 1.29
CA PRO A 80 6.58 32.15 1.00
C PRO A 80 5.93 32.16 -0.38
N LYS A 81 6.34 31.22 -1.21
CA LYS A 81 5.77 31.09 -2.55
C LYS A 81 4.59 30.13 -2.53
N PRO A 82 3.42 30.56 -3.04
CA PRO A 82 2.24 29.70 -3.12
C PRO A 82 2.38 28.66 -4.22
N LYS A 83 3.45 27.89 -4.15
CA LYS A 83 3.75 26.88 -5.14
C LYS A 83 3.00 25.58 -4.83
N PRO A 84 2.12 25.15 -5.73
CA PRO A 84 1.37 23.90 -5.56
C PRO A 84 2.27 22.68 -5.75
N VAL A 85 2.31 21.83 -4.74
CA VAL A 85 3.16 20.65 -4.78
C VAL A 85 2.43 19.50 -5.51
N GLU A 86 1.90 19.83 -6.67
CA GLU A 86 1.14 18.88 -7.47
C GLU A 86 1.94 18.39 -8.69
N PRO A 87 2.59 19.27 -9.47
CA PRO A 87 3.40 18.86 -10.61
C PRO A 87 4.89 18.77 -10.26
N PRO A 88 5.39 17.56 -9.93
CA PRO A 88 6.78 17.35 -9.60
C PRO A 88 7.60 16.98 -10.84
N LYS A 89 8.89 16.70 -10.64
CA LYS A 89 9.74 16.29 -11.74
C LYS A 89 10.54 15.03 -11.37
N PRO A 90 9.87 13.88 -11.24
CA PRO A 90 10.56 12.63 -10.98
C PRO A 90 11.15 12.06 -12.27
N LYS A 91 10.31 11.40 -13.07
CA LYS A 91 10.73 10.89 -14.38
C LYS A 91 11.94 9.97 -14.24
N VAL A 92 12.67 9.78 -15.32
CA VAL A 92 13.95 9.10 -15.26
C VAL A 92 15.04 10.12 -14.92
N GLU A 93 14.71 11.39 -15.15
CA GLU A 93 15.64 12.49 -14.94
C GLU A 93 15.51 13.03 -13.51
N ALA A 94 15.21 12.12 -12.59
CA ALA A 94 15.01 12.47 -11.19
C ALA A 94 16.27 13.07 -10.57
N PRO A 95 16.14 14.22 -9.90
CA PRO A 95 17.24 14.84 -9.17
C PRO A 95 17.79 13.92 -8.09
N PRO A 96 19.12 13.67 -8.08
CA PRO A 96 19.76 12.82 -7.08
C PRO A 96 19.78 13.44 -5.69
N ALA A 97 18.60 13.85 -5.23
CA ALA A 97 18.46 14.45 -3.91
C ALA A 97 18.66 13.38 -2.84
N PRO A 98 19.68 13.55 -1.99
CA PRO A 98 20.05 12.56 -0.97
C PRO A 98 18.88 12.22 -0.05
N LYS A 99 18.47 10.96 -0.09
CA LYS A 99 17.37 10.48 0.72
C LYS A 99 17.91 9.77 1.96
N PRO A 100 17.85 10.42 3.12
CA PRO A 100 18.27 9.83 4.39
C PRO A 100 17.13 9.08 5.04
N GLU A 101 17.24 8.82 6.34
CA GLU A 101 16.18 8.15 7.08
C GLU A 101 15.57 9.09 8.12
N PRO A 102 14.77 10.08 7.68
CA PRO A 102 14.15 11.04 8.56
C PRO A 102 12.76 10.59 9.00
N LYS A 103 12.01 11.50 9.62
CA LYS A 103 10.66 11.20 10.03
C LYS A 103 9.70 12.26 9.48
N PRO A 104 9.36 12.16 8.19
CA PRO A 104 8.48 13.12 7.52
C PRO A 104 7.04 12.99 7.99
N VAL A 105 6.66 13.82 8.94
CA VAL A 105 5.30 13.79 9.47
C VAL A 105 4.41 14.77 8.70
N VAL A 106 4.58 14.74 7.39
CA VAL A 106 3.85 15.62 6.50
C VAL A 106 3.34 14.82 5.31
N GLU A 107 2.38 15.39 4.58
CA GLU A 107 1.75 14.73 3.43
C GLU A 107 0.83 13.62 3.90
N GLU A 108 0.27 12.86 2.95
CA GLU A 108 -0.67 11.79 3.27
C GLU A 108 -0.04 10.74 4.18
N LYS A 109 0.67 9.79 3.59
CA LYS A 109 1.32 8.74 4.38
C LYS A 109 2.70 8.44 3.81
N ALA A 110 2.72 7.77 2.67
CA ALA A 110 3.98 7.46 1.99
C ALA A 110 4.23 8.48 0.88
N ALA A 111 3.26 9.38 0.71
CA ALA A 111 3.31 10.48 -0.25
C ALA A 111 2.96 10.01 -1.65
N PRO A 112 2.23 10.85 -2.42
CA PRO A 112 1.67 10.49 -3.73
C PRO A 112 2.66 9.80 -4.68
N THR A 113 3.76 10.48 -4.97
CA THR A 113 4.75 9.93 -5.88
C THR A 113 6.06 9.62 -5.14
N GLY A 114 6.17 10.16 -3.93
CA GLY A 114 7.35 9.91 -3.12
C GLY A 114 7.57 8.43 -2.89
N LYS A 115 6.53 7.76 -2.44
CA LYS A 115 6.53 6.32 -2.27
C LYS A 115 5.18 5.76 -2.63
N ALA A 116 5.04 5.34 -3.87
CA ALA A 116 3.78 4.83 -4.38
C ALA A 116 3.84 3.32 -4.58
N TYR A 117 2.67 2.68 -4.63
CA TYR A 117 2.59 1.22 -4.67
C TYR A 117 1.54 0.73 -5.69
N VAL A 118 1.84 -0.38 -6.37
CA VAL A 118 0.95 -0.97 -7.40
C VAL A 118 1.15 -2.49 -7.46
N VAL A 119 0.19 -3.22 -8.02
CA VAL A 119 0.36 -4.66 -8.19
C VAL A 119 0.41 -5.01 -9.67
N GLN A 120 1.49 -5.64 -10.11
CA GLN A 120 1.64 -6.01 -11.52
C GLN A 120 1.12 -7.42 -11.77
N LEU A 121 -0.12 -7.53 -12.23
CA LEU A 121 -0.74 -8.83 -12.46
C LEU A 121 -0.33 -9.38 -13.81
N GLY A 122 -0.03 -8.47 -14.72
CA GLY A 122 0.33 -8.87 -16.06
C GLY A 122 1.37 -7.96 -16.67
N ALA A 123 2.02 -8.44 -17.71
CA ALA A 123 3.04 -7.68 -18.41
C ALA A 123 3.42 -8.40 -19.70
N LEU A 124 2.90 -7.90 -20.80
CA LEU A 124 3.11 -8.52 -22.09
C LEU A 124 3.27 -7.48 -23.19
N LYS A 125 3.88 -7.90 -24.27
CA LYS A 125 4.20 -7.01 -25.37
C LYS A 125 3.17 -7.16 -26.47
N ASN A 126 2.16 -7.96 -26.18
CA ASN A 126 1.03 -8.17 -27.09
C ASN A 126 -0.19 -7.43 -26.57
N ALA A 127 -0.67 -6.46 -27.34
CA ALA A 127 -1.75 -5.59 -26.90
C ALA A 127 -3.10 -6.31 -26.92
N ASP A 128 -3.20 -7.36 -27.72
CA ASP A 128 -4.43 -8.16 -27.78
C ASP A 128 -4.66 -8.80 -26.42
N LYS A 129 -3.57 -9.17 -25.80
CA LYS A 129 -3.59 -9.73 -24.46
C LYS A 129 -3.83 -8.64 -23.43
N VAL A 130 -3.23 -7.48 -23.66
CA VAL A 130 -3.44 -6.32 -22.80
C VAL A 130 -4.93 -5.97 -22.72
N ASN A 131 -5.54 -5.93 -23.89
CA ASN A 131 -6.92 -5.51 -24.03
C ASN A 131 -7.88 -6.38 -23.22
N GLU A 132 -7.59 -7.68 -23.14
CA GLU A 132 -8.48 -8.59 -22.42
C GLU A 132 -8.27 -8.53 -20.91
N ILE A 133 -7.00 -8.42 -20.48
CA ILE A 133 -6.71 -8.29 -19.05
C ILE A 133 -7.34 -7.00 -18.52
N VAL A 134 -7.08 -5.93 -19.25
CA VAL A 134 -7.59 -4.63 -18.87
C VAL A 134 -9.11 -4.62 -19.00
N GLY A 135 -9.62 -5.33 -20.00
CA GLY A 135 -11.06 -5.46 -20.16
C GLY A 135 -11.72 -6.06 -18.94
N LYS A 136 -11.00 -6.93 -18.25
CA LYS A 136 -11.52 -7.55 -17.04
C LYS A 136 -11.56 -6.56 -15.89
N LEU A 137 -10.39 -6.05 -15.51
CA LEU A 137 -10.28 -5.22 -14.32
C LEU A 137 -10.76 -3.79 -14.58
N ARG A 138 -10.25 -3.19 -15.64
CA ARG A 138 -10.63 -1.81 -15.97
C ARG A 138 -12.12 -1.77 -16.31
N GLY A 139 -12.53 -2.76 -17.10
CA GLY A 139 -13.89 -2.81 -17.57
C GLY A 139 -14.90 -3.05 -16.46
N ALA A 140 -14.46 -3.70 -15.40
CA ALA A 140 -15.33 -3.97 -14.26
C ALA A 140 -15.35 -2.76 -13.33
N GLY A 141 -14.49 -1.79 -13.60
CA GLY A 141 -14.47 -0.57 -12.83
C GLY A 141 -13.45 -0.57 -11.73
N TYR A 142 -12.45 -1.45 -11.82
CA TYR A 142 -11.43 -1.52 -10.80
C TYR A 142 -10.30 -0.56 -11.10
N ARG A 143 -9.56 -0.19 -10.06
CA ARG A 143 -8.46 0.74 -10.22
C ARG A 143 -7.28 0.01 -10.80
N VAL A 144 -7.11 0.18 -12.09
CA VAL A 144 -6.09 -0.52 -12.84
C VAL A 144 -5.48 0.40 -13.87
N TYR A 145 -4.18 0.34 -14.01
CA TYR A 145 -3.50 1.10 -15.05
C TYR A 145 -2.39 0.26 -15.66
N THR A 146 -1.77 0.84 -16.65
CA THR A 146 -0.84 0.14 -17.52
C THR A 146 0.53 0.79 -17.48
N SER A 147 1.44 0.30 -18.34
CA SER A 147 2.79 0.85 -18.43
C SER A 147 2.73 2.38 -18.58
N PRO A 148 3.68 3.07 -17.96
CA PRO A 148 3.69 4.53 -17.82
C PRO A 148 3.35 5.29 -19.10
N SER A 149 3.92 4.91 -20.23
CA SER A 149 3.75 5.70 -21.44
C SER A 149 2.50 5.32 -22.23
N THR A 150 2.44 4.09 -22.74
CA THR A 150 1.32 3.64 -23.55
C THR A 150 1.35 2.14 -23.77
N PRO A 151 0.23 1.43 -23.53
CA PRO A 151 0.03 0.08 -24.05
C PRO A 151 0.05 0.05 -25.57
N VAL A 152 0.94 -0.72 -26.13
CA VAL A 152 1.07 -0.80 -27.57
C VAL A 152 1.69 -2.13 -27.96
N GLN A 153 1.53 -2.50 -29.22
CA GLN A 153 2.13 -3.72 -29.72
C GLN A 153 3.63 -3.55 -29.92
N GLY A 154 4.41 -4.41 -29.30
CA GLY A 154 5.85 -4.38 -29.46
C GLY A 154 6.58 -3.88 -28.23
N LYS A 155 5.89 -3.09 -27.43
CA LYS A 155 6.46 -2.60 -26.18
C LYS A 155 5.80 -3.30 -25.01
N ILE A 156 6.50 -3.37 -23.90
CA ILE A 156 6.02 -4.09 -22.74
C ILE A 156 4.88 -3.34 -22.06
N THR A 157 3.68 -3.88 -22.18
CA THR A 157 2.53 -3.32 -21.50
C THR A 157 2.25 -4.08 -20.22
N ARG A 158 2.51 -3.42 -19.12
CA ARG A 158 2.31 -4.00 -17.81
C ARG A 158 0.95 -3.61 -17.27
N ILE A 159 0.24 -4.59 -16.73
CA ILE A 159 -1.07 -4.36 -16.18
C ILE A 159 -1.00 -4.30 -14.66
N LEU A 160 -1.14 -3.10 -14.14
CA LEU A 160 -0.96 -2.87 -12.72
C LEU A 160 -2.28 -2.53 -12.07
N VAL A 161 -2.71 -3.42 -11.19
CA VAL A 161 -3.93 -3.25 -10.45
C VAL A 161 -3.63 -2.62 -9.09
N GLY A 162 -4.50 -1.73 -8.69
CA GLY A 162 -4.40 -1.14 -7.39
C GLY A 162 -3.33 -0.07 -7.26
N PRO A 163 -3.23 0.88 -8.22
CA PRO A 163 -2.36 2.02 -8.04
C PRO A 163 -2.77 2.84 -6.84
N ASP A 164 -1.84 3.06 -5.95
CA ASP A 164 -2.12 3.81 -4.75
C ASP A 164 -0.83 4.32 -4.13
N ALA A 165 -0.95 5.22 -3.19
CA ALA A 165 0.22 5.77 -2.53
C ALA A 165 0.39 5.16 -1.14
N SER A 166 -0.43 4.16 -0.84
CA SER A 166 -0.34 3.43 0.41
C SER A 166 -0.08 1.96 0.16
N LYS A 167 1.07 1.48 0.63
CA LYS A 167 1.35 0.06 0.60
C LYS A 167 0.49 -0.63 1.62
N ASP A 168 0.48 -0.07 2.80
CA ASP A 168 -0.27 -0.61 3.92
C ASP A 168 -1.69 -1.01 3.52
N LYS A 169 -2.41 -0.03 3.01
CA LYS A 169 -3.80 -0.23 2.66
C LYS A 169 -3.96 -1.14 1.44
N LEU A 170 -3.09 -0.97 0.45
CA LEU A 170 -3.24 -1.69 -0.80
C LEU A 170 -2.65 -3.12 -0.71
N LYS A 171 -1.63 -3.30 0.11
CA LYS A 171 -0.95 -4.59 0.23
C LYS A 171 -1.79 -5.50 1.13
N GLY A 172 -2.49 -4.89 2.06
CA GLY A 172 -3.40 -5.64 2.92
C GLY A 172 -4.63 -6.02 2.15
N SER A 173 -4.78 -5.41 0.99
CA SER A 173 -5.92 -5.61 0.13
C SER A 173 -5.68 -6.74 -0.89
N LEU A 174 -4.46 -7.24 -0.95
CA LEU A 174 -4.12 -8.23 -1.98
C LEU A 174 -4.86 -9.53 -1.75
N GLY A 175 -5.06 -9.89 -0.48
CA GLY A 175 -5.76 -11.10 -0.16
C GLY A 175 -7.15 -11.12 -0.75
N GLU A 176 -7.85 -10.00 -0.64
CA GLU A 176 -9.18 -9.87 -1.21
C GLU A 176 -9.10 -9.52 -2.70
N LEU A 177 -7.94 -9.02 -3.12
CA LEU A 177 -7.73 -8.62 -4.50
C LEU A 177 -7.73 -9.84 -5.41
N LYS A 178 -7.32 -10.96 -4.85
CA LYS A 178 -7.38 -12.24 -5.56
C LYS A 178 -8.83 -12.61 -5.88
N GLN A 179 -9.76 -12.02 -5.14
CA GLN A 179 -11.17 -12.16 -5.43
C GLN A 179 -11.61 -11.08 -6.41
N LEU A 180 -11.03 -9.89 -6.27
CA LEU A 180 -11.40 -8.74 -7.07
C LEU A 180 -10.89 -8.86 -8.50
N SER A 181 -9.60 -9.10 -8.65
CA SER A 181 -9.00 -9.25 -9.97
C SER A 181 -8.93 -10.71 -10.35
N GLY A 182 -8.53 -11.54 -9.40
CA GLY A 182 -8.32 -12.95 -9.65
C GLY A 182 -7.11 -13.19 -10.50
N LEU A 183 -6.39 -12.11 -10.77
CA LEU A 183 -5.17 -12.14 -11.55
C LEU A 183 -3.96 -12.36 -10.64
N SER A 184 -2.84 -12.75 -11.22
CA SER A 184 -1.62 -12.99 -10.44
C SER A 184 -0.62 -11.83 -10.56
N GLY A 185 -0.57 -10.95 -9.56
CA GLY A 185 0.35 -9.84 -9.60
C GLY A 185 1.38 -9.86 -8.51
N VAL A 186 2.48 -9.17 -8.77
CA VAL A 186 3.56 -9.00 -7.82
C VAL A 186 3.55 -7.56 -7.28
N VAL A 187 3.91 -7.42 -6.02
CA VAL A 187 3.92 -6.11 -5.37
C VAL A 187 5.11 -5.30 -5.86
N MET A 188 4.81 -4.18 -6.51
CA MET A 188 5.85 -3.31 -7.05
C MET A 188 5.63 -1.89 -6.58
N GLY A 189 6.71 -1.14 -6.53
CA GLY A 189 6.62 0.23 -6.09
C GLY A 189 6.29 1.17 -7.23
N TYR A 190 5.09 1.70 -7.14
CA TYR A 190 4.55 2.67 -8.07
C TYR A 190 5.35 3.97 -8.03
N THR A 191 5.53 4.59 -9.19
CA THR A 191 6.20 5.86 -9.26
C THR A 191 5.60 6.72 -10.37
N PRO A 192 4.63 7.58 -10.02
CA PRO A 192 4.04 8.51 -10.97
C PRO A 192 5.08 9.47 -11.53
N ASN A 193 5.27 9.42 -12.83
CA ASN A 193 6.30 10.21 -13.49
C ASN A 193 5.70 11.11 -14.55
N ASP A 1 88.24 40.73 60.90
CA ASP A 1 88.29 42.21 60.74
C ASP A 1 89.38 42.82 61.61
N GLY A 2 89.63 42.21 62.78
CA GLY A 2 90.62 42.75 63.68
C GLY A 2 91.95 42.01 63.59
N GLN A 3 92.27 41.26 64.64
CA GLN A 3 93.53 40.52 64.75
C GLN A 3 94.73 41.46 64.86
N LYS A 4 95.01 42.20 63.79
CA LYS A 4 96.10 43.17 63.79
C LYS A 4 95.72 44.39 64.64
N LYS A 5 94.44 44.77 64.52
CA LYS A 5 93.84 45.82 65.34
C LYS A 5 94.52 47.17 65.14
N HIS A 6 95.18 47.35 64.01
CA HIS A 6 95.78 48.63 63.67
C HIS A 6 94.66 49.61 63.30
N TYR A 7 93.75 49.13 62.48
CA TYR A 7 92.55 49.86 62.15
C TYR A 7 91.45 48.87 61.79
N GLN A 8 90.69 48.44 62.79
CA GLN A 8 89.69 47.39 62.62
C GLN A 8 88.52 47.87 61.76
N ASP A 9 88.46 49.16 61.48
CA ASP A 9 87.42 49.71 60.63
C ASP A 9 87.87 49.69 59.16
N GLU A 10 89.03 49.09 58.92
CA GLU A 10 89.58 48.98 57.57
C GLU A 10 88.83 47.92 56.78
N PHE A 11 87.73 48.33 56.15
CA PHE A 11 86.88 47.42 55.40
C PHE A 11 86.39 46.30 56.32
N ALA A 12 85.69 46.69 57.38
CA ALA A 12 85.23 45.74 58.39
C ALA A 12 84.09 44.89 57.85
N ALA A 13 84.43 43.69 57.38
CA ALA A 13 83.48 42.73 56.82
C ALA A 13 82.89 43.23 55.50
N ILE A 14 82.00 44.21 55.58
CA ILE A 14 81.39 44.82 54.40
C ILE A 14 80.73 43.76 53.51
N PRO A 15 79.66 43.11 54.01
CA PRO A 15 78.91 42.11 53.26
C PRO A 15 77.92 42.75 52.31
N LEU A 16 78.43 43.36 51.25
CA LEU A 16 77.59 43.99 50.25
C LEU A 16 76.73 45.08 50.90
N VAL A 17 77.32 45.77 51.86
CA VAL A 17 76.62 46.75 52.68
C VAL A 17 76.76 48.22 52.19
N PRO A 18 77.87 48.63 51.53
CA PRO A 18 78.09 50.05 51.21
C PRO A 18 77.50 50.45 49.88
N LYS A 19 77.63 51.73 49.55
CA LYS A 19 77.08 52.27 48.31
C LYS A 19 78.11 52.22 47.20
N ALA A 20 79.38 52.09 47.56
CA ALA A 20 80.46 52.02 46.59
C ALA A 20 81.39 50.86 46.90
N GLY A 21 81.81 50.77 48.16
CA GLY A 21 82.71 49.73 48.57
C GLY A 21 83.61 50.17 49.70
N ASP A 22 84.90 50.27 49.43
CA ASP A 22 85.85 50.75 50.41
C ASP A 22 85.83 52.27 50.47
N ARG A 23 86.11 52.82 51.62
CA ARG A 23 86.11 54.27 51.79
C ARG A 23 87.44 54.85 51.32
N ASP A 24 87.38 55.80 50.41
CA ASP A 24 88.57 56.34 49.78
C ASP A 24 89.27 57.34 50.68
N GLU A 25 90.59 57.41 50.53
CA GLU A 25 91.42 58.28 51.34
C GLU A 25 91.32 59.73 50.89
N PRO A 26 91.15 60.65 51.85
CA PRO A 26 91.03 62.09 51.57
C PRO A 26 92.36 62.71 51.17
N ASP A 27 92.27 63.79 50.38
CA ASP A 27 93.46 64.49 49.91
C ASP A 27 94.03 65.37 51.02
N MET A 28 94.70 64.72 51.97
CA MET A 28 95.34 65.42 53.07
C MET A 28 96.30 64.48 53.79
N MET A 29 95.89 63.23 53.93
CA MET A 29 96.71 62.21 54.56
C MET A 29 96.19 60.83 54.18
N PRO A 30 96.46 60.41 52.93
CA PRO A 30 96.01 59.13 52.43
C PRO A 30 97.01 58.01 52.75
N ALA A 31 96.50 56.99 53.43
CA ALA A 31 97.32 55.85 53.84
C ALA A 31 97.89 55.10 52.64
N ALA A 32 97.09 54.99 51.59
CA ALA A 32 97.50 54.29 50.39
C ALA A 32 96.75 54.83 49.17
N THR A 33 97.48 55.04 48.09
CA THR A 33 96.90 55.58 46.87
C THR A 33 96.19 54.49 46.07
N GLN A 34 96.40 53.25 46.47
CA GLN A 34 95.69 52.13 45.88
C GLN A 34 94.68 51.57 46.87
N ALA A 35 94.20 52.45 47.75
CA ALA A 35 93.19 52.09 48.76
C ALA A 35 93.77 51.15 49.81
N LEU A 36 93.00 50.92 50.85
CA LEU A 36 93.35 49.94 51.87
C LEU A 36 92.67 48.62 51.55
N PRO A 37 93.42 47.67 50.97
CA PRO A 37 92.87 46.39 50.50
C PRO A 37 92.71 45.38 51.63
N THR A 38 92.27 45.86 52.78
CA THR A 38 92.05 45.02 53.95
C THR A 38 93.36 44.33 54.38
N GLN A 39 94.21 45.09 55.06
CA GLN A 39 95.47 44.55 55.56
C GLN A 39 95.23 43.51 56.66
N PRO A 40 94.38 43.80 57.66
CA PRO A 40 94.02 42.81 58.69
C PRO A 40 93.25 41.64 58.09
N PRO A 41 93.58 40.41 58.50
CA PRO A 41 92.84 39.23 58.08
C PRO A 41 91.38 39.31 58.51
N GLU A 42 90.49 39.38 57.54
CA GLU A 42 89.07 39.44 57.81
C GLU A 42 88.49 38.05 57.69
N GLY A 43 88.75 37.42 56.55
CA GLY A 43 88.27 36.08 56.31
C GLY A 43 88.65 35.62 54.93
N ALA A 44 88.55 34.32 54.70
CA ALA A 44 88.87 33.75 53.41
C ALA A 44 87.60 33.26 52.73
N ALA A 45 87.56 33.41 51.41
CA ALA A 45 86.41 32.97 50.63
C ALA A 45 86.30 31.45 50.66
N GLU A 46 85.37 30.94 51.47
CA GLU A 46 85.13 29.52 51.56
C GLU A 46 84.49 29.02 50.27
N GLU A 47 83.39 29.64 49.92
CA GLU A 47 82.72 29.36 48.66
C GLU A 47 82.64 30.63 47.84
N VAL A 48 81.73 31.52 48.19
CA VAL A 48 81.60 32.81 47.54
C VAL A 48 81.17 33.86 48.56
N ARG A 49 81.68 35.07 48.40
CA ARG A 49 81.33 36.17 49.29
C ARG A 49 80.50 37.21 48.54
N ALA A 50 80.62 37.21 47.23
CA ALA A 50 79.89 38.14 46.39
C ALA A 50 79.39 37.43 45.13
N GLY A 51 78.50 38.10 44.41
CA GLY A 51 77.96 37.52 43.19
C GLY A 51 76.65 38.16 42.81
N ASP A 52 76.09 37.75 41.69
CA ASP A 52 74.83 38.31 41.22
C ASP A 52 73.77 37.22 41.17
N ALA A 53 72.51 37.62 41.10
CA ALA A 53 71.42 36.66 41.00
C ALA A 53 71.53 35.87 39.70
N ALA A 54 71.85 36.57 38.61
CA ALA A 54 71.99 35.95 37.30
C ALA A 54 70.79 35.07 36.95
N ALA A 55 69.70 35.72 36.53
CA ALA A 55 68.46 35.02 36.22
C ALA A 55 68.67 33.98 35.12
N PRO A 56 68.54 32.68 35.46
CA PRO A 56 68.79 31.59 34.52
C PRO A 56 67.64 31.37 33.54
N SER A 57 66.44 31.77 33.92
CA SER A 57 65.27 31.54 33.09
C SER A 57 64.38 32.77 33.05
N LEU A 58 63.79 33.02 31.89
CA LEU A 58 62.81 34.08 31.72
C LEU A 58 61.41 33.48 31.79
N ASP A 59 61.03 33.07 33.00
CA ASP A 59 59.78 32.36 33.24
C ASP A 59 58.58 33.11 32.67
N PRO A 60 57.83 32.49 31.76
CA PRO A 60 56.65 33.09 31.13
C PRO A 60 55.45 33.17 32.09
N ALA A 61 55.62 32.56 33.27
CA ALA A 61 54.63 32.61 34.34
C ALA A 61 53.38 31.81 33.99
N THR A 62 53.58 30.68 33.31
CA THR A 62 52.50 29.77 32.95
C THR A 62 51.52 30.40 31.97
N ILE A 63 51.70 30.11 30.68
CA ILE A 63 50.78 30.58 29.64
C ILE A 63 50.86 32.09 29.46
N ALA A 64 51.66 32.53 28.49
CA ALA A 64 51.78 33.95 28.19
C ALA A 64 50.55 34.44 27.44
N ALA A 65 49.79 33.48 26.89
CA ALA A 65 48.54 33.76 26.18
C ALA A 65 48.77 34.57 24.91
N ASN A 66 50.02 34.68 24.49
CA ASN A 66 50.37 35.43 23.30
C ASN A 66 50.74 34.49 22.16
N ASN A 67 50.78 35.03 20.96
CA ASN A 67 51.17 34.26 19.78
C ASN A 67 52.66 34.42 19.50
N THR A 68 53.44 34.51 20.56
CA THR A 68 54.88 34.59 20.44
C THR A 68 55.46 33.18 20.33
N GLU A 69 54.92 32.28 21.16
CA GLU A 69 55.29 30.87 21.10
C GLU A 69 54.04 30.03 20.87
N PHE A 70 53.06 30.65 20.23
CA PHE A 70 51.74 30.05 20.01
C PHE A 70 51.13 29.57 21.33
N GLU A 71 50.61 30.49 22.10
CA GLU A 71 49.89 30.14 23.32
C GLU A 71 48.44 30.57 23.17
N PRO A 72 47.62 29.74 22.49
CA PRO A 72 46.25 30.11 22.14
C PRO A 72 45.31 30.16 23.35
N GLU A 73 45.01 29.00 23.94
CA GLU A 73 44.01 28.90 24.99
C GLU A 73 42.65 29.40 24.48
N PRO A 74 42.02 28.63 23.57
CA PRO A 74 40.73 29.01 22.98
C PRO A 74 39.63 29.10 24.03
N ALA A 75 39.69 28.20 25.02
CA ALA A 75 38.71 28.15 26.09
C ALA A 75 37.28 28.14 25.55
N PRO A 76 36.87 27.01 24.93
CA PRO A 76 35.54 26.88 24.36
C PRO A 76 34.48 26.61 25.42
N VAL A 77 34.52 27.41 26.47
CA VAL A 77 33.65 27.25 27.61
C VAL A 77 32.34 28.00 27.41
N ALA A 78 31.81 27.93 26.19
CA ALA A 78 30.56 28.58 25.86
C ALA A 78 29.66 27.64 25.07
N PRO A 79 28.85 26.83 25.78
CA PRO A 79 27.87 25.93 25.15
C PRO A 79 26.98 26.63 24.10
N PRO A 80 26.40 27.82 24.40
CA PRO A 80 25.62 28.56 23.41
C PRO A 80 26.43 28.89 22.16
N LYS A 81 25.87 28.53 21.01
CA LYS A 81 26.52 28.75 19.74
C LYS A 81 26.22 30.16 19.24
N PRO A 82 27.04 30.68 18.30
CA PRO A 82 26.77 31.96 17.64
C PRO A 82 25.56 31.87 16.73
N LYS A 83 24.39 31.84 17.35
CA LYS A 83 23.14 31.58 16.65
C LYS A 83 22.29 32.84 16.59
N PRO A 84 21.72 33.16 15.42
CA PRO A 84 20.84 34.32 15.25
C PRO A 84 19.61 34.23 16.14
N VAL A 85 19.12 35.37 16.59
CA VAL A 85 17.96 35.41 17.44
C VAL A 85 16.66 35.40 16.65
N GLU A 86 16.55 34.38 15.80
CA GLU A 86 15.34 34.17 15.02
C GLU A 86 14.17 33.84 15.95
N PRO A 87 13.03 34.54 15.78
CA PRO A 87 11.83 34.31 16.59
C PRO A 87 11.33 32.86 16.46
N PRO A 88 11.28 32.13 17.58
CA PRO A 88 10.77 30.75 17.61
C PRO A 88 9.28 30.68 17.29
N LYS A 89 8.75 29.45 17.22
CA LYS A 89 7.36 29.22 16.84
C LYS A 89 7.08 29.86 15.48
N PRO A 90 7.64 29.27 14.41
CA PRO A 90 7.63 29.87 13.07
C PRO A 90 6.31 29.69 12.31
N LYS A 91 5.20 29.74 13.03
CA LYS A 91 3.89 29.57 12.42
C LYS A 91 3.10 30.88 12.44
N VAL A 92 3.79 31.98 12.19
CA VAL A 92 3.16 33.30 12.15
C VAL A 92 2.50 33.53 10.79
N GLU A 93 2.82 32.66 9.84
CA GLU A 93 2.30 32.76 8.49
C GLU A 93 1.36 31.60 8.17
N ALA A 94 0.92 30.93 9.23
CA ALA A 94 -0.04 29.84 9.08
C ALA A 94 -1.41 30.40 8.71
N PRO A 95 -2.05 29.82 7.67
CA PRO A 95 -3.38 30.25 7.21
C PRO A 95 -4.38 30.35 8.35
N PRO A 96 -4.95 31.54 8.57
CA PRO A 96 -5.89 31.80 9.66
C PRO A 96 -7.09 30.86 9.65
N ALA A 97 -7.06 29.87 10.53
CA ALA A 97 -8.15 28.92 10.66
C ALA A 97 -8.22 28.39 12.11
N PRO A 98 -9.15 28.95 12.91
CA PRO A 98 -9.31 28.56 14.31
C PRO A 98 -9.75 27.11 14.48
N LYS A 99 -10.53 26.61 13.53
CA LYS A 99 -11.03 25.25 13.58
C LYS A 99 -10.58 24.48 12.34
N PRO A 100 -9.56 23.62 12.50
CA PRO A 100 -9.08 22.76 11.41
C PRO A 100 -10.15 21.75 10.99
N GLU A 101 -10.22 21.48 9.70
CA GLU A 101 -11.24 20.60 9.15
C GLU A 101 -10.96 19.15 9.53
N PRO A 102 -12.01 18.38 9.84
CA PRO A 102 -11.89 16.97 10.28
C PRO A 102 -11.34 16.05 9.17
N LYS A 103 -11.41 16.51 7.93
CA LYS A 103 -10.91 15.73 6.81
C LYS A 103 -9.97 16.56 5.93
N PRO A 104 -8.68 16.63 6.31
CA PRO A 104 -7.66 17.29 5.50
C PRO A 104 -7.40 16.52 4.22
N VAL A 105 -6.81 17.17 3.23
CA VAL A 105 -6.53 16.54 1.95
C VAL A 105 -5.24 15.71 2.04
N VAL A 106 -5.18 14.88 3.07
CA VAL A 106 -4.04 14.02 3.31
C VAL A 106 -4.53 12.63 3.68
N GLU A 107 -4.82 11.83 2.68
CA GLU A 107 -5.28 10.47 2.88
C GLU A 107 -4.17 9.51 2.50
N GLU A 108 -3.28 9.99 1.65
CA GLU A 108 -2.11 9.26 1.24
C GLU A 108 -1.20 9.03 2.45
N LYS A 109 -0.60 7.85 2.50
CA LYS A 109 0.18 7.45 3.66
C LYS A 109 1.64 7.35 3.29
N ALA A 110 1.93 6.62 2.22
CA ALA A 110 3.28 6.54 1.70
C ALA A 110 3.49 7.66 0.68
N ALA A 111 2.48 8.52 0.59
CA ALA A 111 2.48 9.73 -0.22
C ALA A 111 2.34 9.42 -1.72
N PRO A 112 1.71 10.35 -2.47
CA PRO A 112 1.33 10.15 -3.89
C PRO A 112 2.41 9.50 -4.74
N THR A 113 3.64 9.97 -4.61
CA THR A 113 4.75 9.45 -5.38
C THR A 113 5.93 9.14 -4.46
N GLY A 114 5.63 8.94 -3.17
CA GLY A 114 6.67 8.60 -2.23
C GLY A 114 7.05 7.14 -2.34
N LYS A 115 6.24 6.28 -1.77
CA LYS A 115 6.41 4.84 -1.92
C LYS A 115 5.10 4.22 -2.33
N ALA A 116 4.58 4.67 -3.48
CA ALA A 116 3.33 4.17 -4.01
C ALA A 116 3.53 2.77 -4.57
N TYR A 117 2.45 2.03 -4.73
CA TYR A 117 2.52 0.65 -5.20
C TYR A 117 1.30 0.29 -6.06
N VAL A 118 1.45 -0.76 -6.86
CA VAL A 118 0.35 -1.33 -7.65
C VAL A 118 0.58 -2.83 -7.82
N VAL A 119 -0.46 -3.61 -8.10
CA VAL A 119 -0.31 -5.05 -8.24
C VAL A 119 -0.26 -5.46 -9.72
N GLN A 120 0.92 -5.82 -10.20
CA GLN A 120 1.13 -6.18 -11.61
C GLN A 120 0.65 -7.59 -11.90
N LEU A 121 -0.43 -7.74 -12.65
CA LEU A 121 -0.93 -9.07 -12.99
C LEU A 121 -0.24 -9.56 -14.24
N GLY A 122 -0.04 -8.65 -15.17
CA GLY A 122 0.54 -9.02 -16.44
C GLY A 122 1.44 -7.94 -16.99
N ALA A 123 2.26 -8.32 -17.97
CA ALA A 123 3.14 -7.39 -18.66
C ALA A 123 3.62 -8.05 -19.93
N LEU A 124 3.06 -7.64 -21.05
CA LEU A 124 3.33 -8.28 -22.33
C LEU A 124 3.54 -7.25 -23.41
N LYS A 125 4.07 -7.70 -24.53
CA LYS A 125 4.45 -6.83 -25.62
C LYS A 125 3.41 -6.90 -26.73
N ASN A 126 2.46 -7.82 -26.57
CA ASN A 126 1.34 -7.92 -27.48
C ASN A 126 0.13 -7.22 -26.87
N ALA A 127 -0.24 -6.08 -27.44
CA ALA A 127 -1.33 -5.29 -26.90
C ALA A 127 -2.67 -6.00 -27.02
N ASP A 128 -2.73 -7.00 -27.90
CA ASP A 128 -3.90 -7.85 -28.01
C ASP A 128 -4.16 -8.55 -26.70
N LYS A 129 -3.09 -8.89 -26.03
CA LYS A 129 -3.16 -9.59 -24.76
C LYS A 129 -3.40 -8.60 -23.63
N VAL A 130 -2.97 -7.36 -23.85
CA VAL A 130 -3.18 -6.29 -22.88
C VAL A 130 -4.67 -5.98 -22.76
N ASN A 131 -5.36 -6.00 -23.89
CA ASN A 131 -6.77 -5.67 -23.93
C ASN A 131 -7.61 -6.71 -23.20
N GLU A 132 -7.09 -7.93 -23.08
CA GLU A 132 -7.78 -8.97 -22.34
C GLU A 132 -7.80 -8.62 -20.88
N ILE A 133 -6.61 -8.53 -20.31
CA ILE A 133 -6.43 -8.20 -18.90
C ILE A 133 -7.17 -6.93 -18.56
N VAL A 134 -7.04 -5.93 -19.43
CA VAL A 134 -7.64 -4.65 -19.19
C VAL A 134 -9.16 -4.73 -19.37
N GLY A 135 -9.59 -5.52 -20.33
CA GLY A 135 -11.01 -5.72 -20.55
C GLY A 135 -11.66 -6.44 -19.39
N LYS A 136 -10.87 -7.28 -18.73
CA LYS A 136 -11.32 -7.99 -17.56
C LYS A 136 -11.49 -7.03 -16.39
N LEU A 137 -10.46 -6.25 -16.12
CA LEU A 137 -10.42 -5.38 -14.96
C LEU A 137 -11.02 -4.00 -15.23
N ARG A 138 -10.45 -3.29 -16.19
CA ARG A 138 -10.88 -1.94 -16.51
C ARG A 138 -12.34 -1.96 -16.95
N GLY A 139 -12.69 -3.00 -17.68
CA GLY A 139 -14.03 -3.14 -18.19
C GLY A 139 -15.04 -3.47 -17.10
N ALA A 140 -14.54 -3.95 -15.97
CA ALA A 140 -15.39 -4.27 -14.85
C ALA A 140 -15.43 -3.11 -13.86
N GLY A 141 -14.69 -2.04 -14.17
CA GLY A 141 -14.71 -0.86 -13.34
C GLY A 141 -13.78 -0.95 -12.14
N TYR A 142 -12.73 -1.76 -12.26
CA TYR A 142 -11.78 -1.91 -11.17
C TYR A 142 -10.63 -0.93 -11.32
N ARG A 143 -9.98 -0.59 -10.21
CA ARG A 143 -8.81 0.27 -10.25
C ARG A 143 -7.66 -0.45 -10.92
N VAL A 144 -7.42 -0.06 -12.14
CA VAL A 144 -6.44 -0.72 -12.97
C VAL A 144 -5.73 0.29 -13.86
N TYR A 145 -4.43 0.15 -13.99
CA TYR A 145 -3.69 0.92 -14.96
C TYR A 145 -2.62 0.07 -15.62
N THR A 146 -1.98 0.69 -16.58
CA THR A 146 -1.02 0.03 -17.46
C THR A 146 0.33 0.71 -17.38
N SER A 147 1.28 0.26 -18.20
CA SER A 147 2.57 0.95 -18.29
C SER A 147 2.34 2.43 -18.50
N PRO A 148 2.95 3.26 -17.61
CA PRO A 148 2.65 4.69 -17.47
C PRO A 148 2.55 5.47 -18.78
N SER A 149 3.36 5.12 -19.78
CA SER A 149 3.37 5.90 -21.00
C SER A 149 2.20 5.54 -21.92
N THR A 150 2.15 4.28 -22.38
CA THR A 150 1.11 3.83 -23.27
C THR A 150 1.12 2.30 -23.40
N PRO A 151 -0.05 1.65 -23.33
CA PRO A 151 -0.19 0.28 -23.83
C PRO A 151 0.06 0.23 -25.32
N VAL A 152 1.00 -0.57 -25.76
CA VAL A 152 1.41 -0.54 -27.15
C VAL A 152 1.99 -1.89 -27.57
N GLN A 153 1.96 -2.15 -28.86
CA GLN A 153 2.50 -3.38 -29.42
C GLN A 153 4.01 -3.26 -29.61
N GLY A 154 4.73 -4.28 -29.18
CA GLY A 154 6.16 -4.32 -29.38
C GLY A 154 6.92 -3.93 -28.13
N LYS A 155 6.26 -3.19 -27.26
CA LYS A 155 6.89 -2.71 -26.04
C LYS A 155 6.19 -3.34 -24.84
N ILE A 156 6.87 -3.33 -23.70
CA ILE A 156 6.35 -3.99 -22.51
C ILE A 156 5.20 -3.20 -21.89
N THR A 157 4.00 -3.74 -21.99
CA THR A 157 2.83 -3.12 -21.38
C THR A 157 2.45 -3.88 -20.13
N ARG A 158 2.73 -3.26 -19.01
CA ARG A 158 2.42 -3.82 -17.72
C ARG A 158 1.00 -3.46 -17.33
N ILE A 159 0.25 -4.40 -16.80
CA ILE A 159 -1.09 -4.14 -16.34
C ILE A 159 -1.21 -4.49 -14.88
N LEU A 160 -1.55 -3.50 -14.09
CA LEU A 160 -1.50 -3.60 -12.65
C LEU A 160 -2.81 -3.15 -12.03
N VAL A 161 -3.19 -3.83 -10.96
CA VAL A 161 -4.43 -3.55 -10.27
C VAL A 161 -4.17 -2.87 -8.94
N GLY A 162 -4.96 -1.86 -8.68
CA GLY A 162 -4.93 -1.20 -7.41
C GLY A 162 -3.82 -0.19 -7.28
N PRO A 163 -3.64 0.73 -8.26
CA PRO A 163 -2.67 1.78 -8.11
C PRO A 163 -2.98 2.61 -6.89
N ASP A 164 -2.01 2.75 -6.01
CA ASP A 164 -2.23 3.49 -4.80
C ASP A 164 -0.92 4.10 -4.33
N ALA A 165 -1.04 5.06 -3.45
CA ALA A 165 0.09 5.81 -2.95
C ALA A 165 0.48 5.36 -1.55
N SER A 166 -0.31 4.46 -1.00
CA SER A 166 -0.06 3.93 0.32
C SER A 166 0.27 2.45 0.25
N LYS A 167 1.57 2.16 0.30
CA LYS A 167 2.06 0.81 0.13
C LYS A 167 1.50 -0.12 1.19
N ASP A 168 1.66 0.22 2.45
CA ASP A 168 1.31 -0.68 3.54
C ASP A 168 -0.18 -0.95 3.55
N LYS A 169 -0.96 0.10 3.31
CA LYS A 169 -2.41 -0.02 3.27
C LYS A 169 -2.84 -0.95 2.14
N LEU A 170 -2.23 -0.78 0.98
CA LEU A 170 -2.57 -1.58 -0.19
C LEU A 170 -1.92 -2.97 -0.11
N LYS A 171 -0.86 -3.06 0.67
CA LYS A 171 -0.12 -4.32 0.86
C LYS A 171 -0.98 -5.30 1.65
N GLY A 172 -1.73 -4.76 2.59
CA GLY A 172 -2.65 -5.57 3.36
C GLY A 172 -3.89 -5.89 2.57
N SER A 173 -4.01 -5.19 1.45
CA SER A 173 -5.20 -5.26 0.60
C SER A 173 -5.09 -6.35 -0.47
N LEU A 174 -3.91 -6.93 -0.63
CA LEU A 174 -3.68 -7.90 -1.71
C LEU A 174 -4.55 -9.13 -1.55
N GLY A 175 -4.78 -9.53 -0.31
CA GLY A 175 -5.56 -10.71 -0.04
C GLY A 175 -6.99 -10.56 -0.49
N GLU A 176 -7.58 -9.40 -0.21
CA GLU A 176 -8.95 -9.12 -0.60
C GLU A 176 -9.02 -8.74 -2.08
N LEU A 177 -7.87 -8.36 -2.63
CA LEU A 177 -7.81 -7.93 -4.02
C LEU A 177 -7.87 -9.14 -4.94
N LYS A 178 -7.41 -10.28 -4.46
CA LYS A 178 -7.57 -11.55 -5.19
C LYS A 178 -9.05 -11.86 -5.39
N GLN A 179 -9.89 -11.29 -4.55
CA GLN A 179 -11.32 -11.38 -4.71
C GLN A 179 -11.80 -10.31 -5.70
N LEU A 180 -11.09 -9.19 -5.71
CA LEU A 180 -11.41 -8.08 -6.59
C LEU A 180 -10.99 -8.36 -8.04
N SER A 181 -9.74 -8.72 -8.24
CA SER A 181 -9.27 -8.98 -9.59
C SER A 181 -9.24 -10.48 -9.87
N GLY A 182 -8.66 -11.22 -8.93
CA GLY A 182 -8.53 -12.66 -9.10
C GLY A 182 -7.40 -13.03 -10.03
N LEU A 183 -6.72 -12.04 -10.56
CA LEU A 183 -5.62 -12.27 -11.48
C LEU A 183 -4.33 -12.37 -10.69
N SER A 184 -3.33 -13.01 -11.28
CA SER A 184 -2.09 -13.27 -10.59
C SER A 184 -1.16 -12.07 -10.69
N GLY A 185 -1.08 -11.31 -9.61
CA GLY A 185 -0.31 -10.09 -9.64
C GLY A 185 0.78 -10.05 -8.60
N VAL A 186 1.85 -9.34 -8.93
CA VAL A 186 2.96 -9.15 -8.02
C VAL A 186 2.92 -7.75 -7.45
N VAL A 187 3.30 -7.60 -6.21
CA VAL A 187 3.35 -6.30 -5.56
C VAL A 187 4.54 -5.49 -6.11
N MET A 188 4.23 -4.52 -6.95
CA MET A 188 5.26 -3.75 -7.63
C MET A 188 5.17 -2.29 -7.27
N GLY A 189 6.33 -1.67 -7.08
CA GLY A 189 6.37 -0.30 -6.65
C GLY A 189 5.87 0.66 -7.71
N TYR A 190 5.41 1.80 -7.27
CA TYR A 190 4.74 2.75 -8.12
C TYR A 190 5.25 4.16 -7.85
N THR A 191 5.67 4.84 -8.89
CA THR A 191 6.04 6.23 -8.80
C THR A 191 5.55 6.98 -10.04
N PRO A 192 4.34 7.57 -9.98
CA PRO A 192 3.76 8.28 -11.12
C PRO A 192 4.56 9.53 -11.51
N ASN A 193 4.34 10.00 -12.72
CA ASN A 193 5.07 11.16 -13.23
C ASN A 193 4.13 12.05 -14.03
N ASP A 1 20.73 -8.16 -24.33
CA ASP A 1 21.25 -7.70 -23.03
C ASP A 1 22.21 -6.54 -23.22
N GLY A 2 23.34 -6.81 -23.85
CA GLY A 2 24.23 -5.75 -24.29
C GLY A 2 23.84 -5.24 -25.66
N GLN A 3 24.81 -4.73 -26.40
CA GLN A 3 24.55 -4.20 -27.73
C GLN A 3 25.81 -4.23 -28.58
N LYS A 4 26.92 -3.80 -28.01
CA LYS A 4 28.19 -3.79 -28.71
C LYS A 4 28.85 -5.16 -28.63
N LYS A 5 28.96 -5.67 -27.41
CA LYS A 5 29.67 -6.92 -27.18
C LYS A 5 28.72 -8.10 -27.38
N HIS A 6 29.18 -9.11 -28.10
CA HIS A 6 28.30 -10.22 -28.47
C HIS A 6 29.06 -11.55 -28.50
N TYR A 7 28.32 -12.62 -28.15
CA TYR A 7 28.83 -13.99 -28.19
C TYR A 7 30.10 -14.16 -27.36
N GLN A 8 30.11 -13.54 -26.19
CA GLN A 8 31.24 -13.63 -25.28
C GLN A 8 30.79 -13.24 -23.87
N ASP A 9 29.58 -13.66 -23.53
CA ASP A 9 28.98 -13.34 -22.24
C ASP A 9 29.76 -13.96 -21.09
N GLU A 10 29.84 -13.24 -19.99
CA GLU A 10 30.44 -13.75 -18.79
C GLU A 10 29.81 -13.13 -17.56
N PHE A 11 28.77 -13.78 -17.05
CA PHE A 11 28.11 -13.33 -15.85
C PHE A 11 28.18 -14.39 -14.77
N ALA A 12 28.89 -15.48 -15.08
CA ALA A 12 29.00 -16.60 -14.16
C ALA A 12 30.35 -16.60 -13.45
N ALA A 13 31.41 -16.32 -14.20
CA ALA A 13 32.76 -16.30 -13.64
C ALA A 13 33.13 -14.90 -13.16
N ILE A 14 32.17 -14.20 -12.57
CA ILE A 14 32.41 -12.87 -12.03
C ILE A 14 31.94 -12.79 -10.58
N PRO A 15 32.83 -13.11 -9.62
CA PRO A 15 32.53 -13.07 -8.20
C PRO A 15 32.47 -11.65 -7.67
N LEU A 16 31.57 -10.85 -8.26
CA LEU A 16 31.39 -9.45 -7.87
C LEU A 16 32.70 -8.68 -8.03
N VAL A 17 33.49 -9.09 -9.00
CA VAL A 17 34.76 -8.43 -9.30
C VAL A 17 34.53 -7.22 -10.22
N PRO A 18 33.93 -7.42 -11.42
CA PRO A 18 33.59 -6.29 -12.30
C PRO A 18 32.35 -5.54 -11.84
N LYS A 19 32.41 -4.22 -11.88
CA LYS A 19 31.27 -3.39 -11.54
C LYS A 19 30.56 -2.95 -12.80
N ALA A 20 31.34 -2.77 -13.86
CA ALA A 20 30.79 -2.50 -15.18
C ALA A 20 30.91 -3.75 -16.03
N GLY A 21 29.86 -4.08 -16.76
CA GLY A 21 29.81 -5.33 -17.47
C GLY A 21 28.62 -6.16 -17.01
N ASP A 22 28.16 -5.86 -15.81
CA ASP A 22 26.97 -6.50 -15.25
C ASP A 22 25.73 -5.83 -15.83
N ARG A 23 25.14 -6.48 -16.85
CA ARG A 23 23.99 -5.93 -17.59
C ARG A 23 24.41 -4.74 -18.47
N ASP A 24 24.99 -3.73 -17.84
CA ASP A 24 25.37 -2.51 -18.53
C ASP A 24 26.78 -2.65 -19.11
N GLU A 25 26.90 -2.46 -20.42
CA GLU A 25 28.19 -2.62 -21.11
C GLU A 25 29.21 -1.61 -20.62
N PRO A 26 30.45 -2.05 -20.38
CA PRO A 26 31.53 -1.21 -19.90
C PRO A 26 32.26 -0.50 -21.04
N ASP A 27 31.49 0.19 -21.88
CA ASP A 27 32.05 0.87 -23.04
C ASP A 27 31.15 2.03 -23.44
N MET A 28 31.60 2.83 -24.40
CA MET A 28 30.82 3.94 -24.89
C MET A 28 29.80 3.44 -25.91
N MET A 29 28.69 2.94 -25.40
CA MET A 29 27.62 2.43 -26.26
C MET A 29 26.28 2.61 -25.54
N PRO A 30 26.14 2.10 -24.30
CA PRO A 30 24.96 2.37 -23.48
C PRO A 30 24.73 3.86 -23.26
N ALA A 31 23.74 4.40 -23.94
CA ALA A 31 23.39 5.81 -23.83
C ALA A 31 21.91 5.96 -23.51
N ALA A 32 21.62 6.50 -22.34
CA ALA A 32 20.25 6.64 -21.88
C ALA A 32 19.66 7.98 -22.32
N THR A 33 20.36 8.65 -23.23
CA THR A 33 19.89 9.91 -23.78
C THR A 33 19.13 9.69 -25.10
N GLN A 34 18.00 8.99 -25.00
CA GLN A 34 17.14 8.72 -26.16
C GLN A 34 17.84 7.87 -27.21
N ALA A 35 18.89 7.18 -26.80
CA ALA A 35 19.60 6.29 -27.72
C ALA A 35 19.08 4.87 -27.58
N LEU A 36 18.62 4.54 -26.39
CA LEU A 36 18.09 3.22 -26.11
C LEU A 36 16.68 3.29 -25.54
N PRO A 37 15.67 3.52 -26.40
CA PRO A 37 14.27 3.44 -26.01
C PRO A 37 13.77 1.99 -26.04
N THR A 38 14.61 1.13 -26.60
CA THR A 38 14.32 -0.28 -26.70
C THR A 38 15.18 -1.07 -25.72
N GLN A 39 14.84 -2.33 -25.49
CA GLN A 39 15.66 -3.20 -24.68
C GLN A 39 16.85 -3.70 -25.50
N PRO A 40 18.08 -3.33 -25.10
CA PRO A 40 19.31 -3.66 -25.82
C PRO A 40 19.35 -5.10 -26.34
N PRO A 41 19.54 -5.24 -27.67
CA PRO A 41 19.46 -6.51 -28.41
C PRO A 41 19.87 -7.74 -27.60
N GLU A 42 18.89 -8.61 -27.36
CA GLU A 42 19.14 -9.83 -26.62
C GLU A 42 18.72 -11.03 -27.47
N GLY A 43 17.49 -10.98 -27.95
CA GLY A 43 16.95 -12.07 -28.72
C GLY A 43 15.55 -12.43 -28.27
N ALA A 44 15.19 -13.69 -28.45
CA ALA A 44 13.87 -14.16 -28.06
C ALA A 44 13.89 -15.66 -27.79
N ALA A 45 14.03 -16.44 -28.85
CA ALA A 45 14.07 -17.89 -28.72
C ALA A 45 15.26 -18.47 -29.47
N GLU A 46 15.22 -18.40 -30.79
CA GLU A 46 16.30 -18.91 -31.61
C GLU A 46 17.34 -17.84 -31.84
N GLU A 47 16.97 -16.60 -31.56
CA GLU A 47 17.87 -15.48 -31.69
C GLU A 47 18.49 -15.12 -30.35
N VAL A 48 19.81 -15.19 -30.30
CA VAL A 48 20.58 -14.72 -29.16
C VAL A 48 21.93 -14.22 -29.66
N ARG A 49 22.41 -13.11 -29.14
CA ARG A 49 23.60 -12.50 -29.73
C ARG A 49 24.50 -11.81 -28.70
N ALA A 50 23.94 -10.96 -27.86
CA ALA A 50 24.74 -10.08 -27.02
C ALA A 50 25.36 -10.82 -25.84
N GLY A 51 26.31 -10.16 -25.20
CA GLY A 51 26.96 -10.73 -24.05
C GLY A 51 28.36 -10.17 -23.87
N ASP A 52 28.58 -9.42 -22.80
CA ASP A 52 29.86 -8.80 -22.57
C ASP A 52 30.74 -9.69 -21.70
N ALA A 53 32.04 -9.58 -21.89
CA ALA A 53 33.01 -10.42 -21.21
C ALA A 53 33.25 -9.97 -19.78
N ALA A 54 32.69 -8.80 -19.44
CA ALA A 54 32.75 -8.24 -18.09
C ALA A 54 34.19 -7.99 -17.65
N ALA A 55 35.03 -7.65 -18.62
CA ALA A 55 36.44 -7.44 -18.35
C ALA A 55 36.80 -5.95 -18.18
N PRO A 56 36.42 -5.06 -19.13
CA PRO A 56 36.81 -3.64 -19.08
C PRO A 56 35.98 -2.83 -18.09
N SER A 57 35.99 -3.25 -16.83
CA SER A 57 35.24 -2.56 -15.79
C SER A 57 35.93 -1.25 -15.41
N LEU A 58 35.75 -0.22 -16.23
CA LEU A 58 36.32 1.08 -15.97
C LEU A 58 35.50 1.81 -14.91
N ASP A 59 34.19 1.61 -14.95
CA ASP A 59 33.30 2.23 -13.98
C ASP A 59 33.24 1.41 -12.70
N PRO A 60 33.59 2.02 -11.55
CA PRO A 60 33.50 1.37 -10.24
C PRO A 60 32.05 1.24 -9.77
N ALA A 61 31.14 1.88 -10.52
CA ALA A 61 29.71 1.89 -10.21
C ALA A 61 29.43 2.67 -8.93
N THR A 62 29.94 2.18 -7.83
CA THR A 62 29.87 2.89 -6.57
C THR A 62 31.14 3.71 -6.38
N ILE A 63 31.00 5.02 -6.47
CA ILE A 63 32.14 5.91 -6.37
C ILE A 63 32.56 6.08 -4.92
N ALA A 64 33.22 5.05 -4.40
CA ALA A 64 33.71 5.05 -3.03
C ALA A 64 35.20 4.75 -2.98
N ALA A 65 35.83 4.78 -4.16
CA ALA A 65 37.26 4.52 -4.33
C ALA A 65 37.60 3.05 -4.07
N ASN A 66 37.44 2.62 -2.84
CA ASN A 66 37.74 1.26 -2.44
C ASN A 66 36.96 0.91 -1.17
N ASN A 67 36.82 -0.38 -0.90
CA ASN A 67 36.04 -0.86 0.25
C ASN A 67 36.84 -0.77 1.54
N THR A 68 37.23 0.43 1.91
CA THR A 68 37.79 0.66 3.22
C THR A 68 36.66 0.92 4.20
N GLU A 69 35.69 1.72 3.76
CA GLU A 69 34.55 2.06 4.62
C GLU A 69 33.29 1.34 4.14
N PHE A 70 33.07 1.33 2.83
CA PHE A 70 31.82 0.83 2.26
C PHE A 70 31.80 0.98 0.75
N GLU A 71 32.18 -0.08 0.06
CA GLU A 71 32.15 -0.12 -1.40
C GLU A 71 30.85 -0.75 -1.94
N PRO A 72 30.39 -1.91 -1.40
CA PRO A 72 29.19 -2.58 -1.90
C PRO A 72 27.89 -1.88 -1.50
N GLU A 73 27.61 -0.76 -2.16
CA GLU A 73 26.36 -0.03 -1.93
C GLU A 73 25.15 -0.82 -2.43
N PRO A 74 25.16 -1.35 -3.68
CA PRO A 74 24.04 -2.14 -4.21
C PRO A 74 24.02 -3.56 -3.66
N ALA A 75 24.22 -3.68 -2.36
CA ALA A 75 24.25 -4.97 -1.70
C ALA A 75 23.26 -5.01 -0.55
N PRO A 76 22.53 -6.13 -0.40
CA PRO A 76 21.63 -6.33 0.73
C PRO A 76 22.38 -6.77 1.98
N VAL A 77 23.00 -5.80 2.64
CA VAL A 77 23.81 -6.06 3.82
C VAL A 77 22.94 -6.07 5.09
N ALA A 78 21.82 -6.79 5.01
CA ALA A 78 20.88 -6.93 6.12
C ALA A 78 20.32 -5.59 6.57
N PRO A 79 19.23 -5.13 5.94
CA PRO A 79 18.51 -3.94 6.37
C PRO A 79 17.90 -4.16 7.75
N PRO A 80 18.36 -3.41 8.77
CA PRO A 80 17.96 -3.63 10.16
C PRO A 80 16.47 -3.36 10.38
N LYS A 81 15.92 -2.47 9.58
CA LYS A 81 14.51 -2.14 9.68
C LYS A 81 13.95 -1.78 8.31
N PRO A 82 13.41 -2.76 7.58
CA PRO A 82 12.81 -2.53 6.26
C PRO A 82 11.58 -1.63 6.36
N LYS A 83 10.86 -1.76 7.46
CA LYS A 83 9.68 -0.95 7.72
C LYS A 83 9.62 -0.56 9.19
N PRO A 84 9.50 0.74 9.48
CA PRO A 84 9.23 1.22 10.83
C PRO A 84 7.77 0.97 11.20
N VAL A 85 7.53 0.18 12.23
CA VAL A 85 6.16 -0.13 12.63
C VAL A 85 5.61 0.98 13.54
N GLU A 86 5.73 2.20 13.05
CA GLU A 86 5.19 3.35 13.74
C GLU A 86 3.73 3.55 13.36
N PRO A 87 2.84 3.74 14.36
CA PRO A 87 1.42 3.96 14.12
C PRO A 87 1.17 5.15 13.20
N PRO A 88 0.62 4.91 12.00
CA PRO A 88 0.40 5.95 11.01
C PRO A 88 -0.74 6.90 11.40
N LYS A 89 -0.69 8.11 10.86
CA LYS A 89 -1.74 9.10 11.10
C LYS A 89 -2.54 9.31 9.83
N PRO A 90 -3.64 8.54 9.66
CA PRO A 90 -4.46 8.60 8.46
C PRO A 90 -5.57 9.63 8.56
N LYS A 91 -5.26 10.76 9.21
CA LYS A 91 -6.19 11.87 9.46
C LYS A 91 -7.57 11.40 9.97
N VAL A 92 -7.78 11.50 11.27
CA VAL A 92 -9.04 11.07 11.89
C VAL A 92 -10.22 11.88 11.38
N GLU A 93 -9.95 13.12 10.99
CA GLU A 93 -10.98 13.96 10.39
C GLU A 93 -10.72 14.10 8.89
N ALA A 94 -11.20 13.12 8.13
CA ALA A 94 -11.01 13.10 6.70
C ALA A 94 -11.98 14.05 6.00
N PRO A 95 -11.45 15.08 5.33
CA PRO A 95 -12.25 16.03 4.56
C PRO A 95 -12.46 15.56 3.13
N PRO A 96 -13.40 16.18 2.40
CA PRO A 96 -13.63 15.87 0.98
C PRO A 96 -12.55 16.48 0.10
N ALA A 97 -11.33 15.97 0.24
CA ALA A 97 -10.20 16.49 -0.50
C ALA A 97 -9.35 15.35 -1.07
N PRO A 98 -9.00 15.44 -2.37
CA PRO A 98 -8.13 14.46 -3.01
C PRO A 98 -6.74 14.45 -2.38
N LYS A 99 -6.18 13.24 -2.29
CA LYS A 99 -4.93 13.00 -1.56
C LYS A 99 -3.74 13.85 -1.99
N PRO A 100 -3.55 14.15 -3.31
CA PRO A 100 -2.46 15.04 -3.76
C PRO A 100 -2.45 16.42 -3.10
N GLU A 101 -3.60 16.88 -2.59
CA GLU A 101 -3.67 18.21 -1.99
C GLU A 101 -2.92 18.28 -0.65
N PRO A 102 -3.19 17.37 0.33
CA PRO A 102 -2.37 17.26 1.55
C PRO A 102 -0.89 17.09 1.23
N LYS A 103 -0.12 18.16 1.40
CA LYS A 103 1.29 18.14 1.07
C LYS A 103 2.16 17.55 2.20
N PRO A 104 1.90 17.91 3.49
CA PRO A 104 2.61 17.29 4.62
C PRO A 104 2.49 15.77 4.60
N VAL A 105 3.62 15.10 4.38
CA VAL A 105 3.63 13.65 4.21
C VAL A 105 3.59 12.91 5.54
N VAL A 106 2.85 13.48 6.47
CA VAL A 106 2.69 12.92 7.80
C VAL A 106 1.21 12.89 8.17
N GLU A 107 0.40 13.40 7.28
CA GLU A 107 -1.05 13.45 7.47
C GLU A 107 -1.71 12.32 6.68
N GLU A 108 -0.92 11.64 5.89
CA GLU A 108 -1.38 10.47 5.14
C GLU A 108 -0.55 9.26 5.51
N LYS A 109 -0.58 8.22 4.68
CA LYS A 109 0.04 6.96 5.04
C LYS A 109 1.45 6.88 4.47
N ALA A 110 1.53 6.63 3.16
CA ALA A 110 2.82 6.59 2.48
C ALA A 110 2.96 7.79 1.55
N ALA A 111 2.12 8.81 1.83
CA ALA A 111 2.11 10.06 1.09
C ALA A 111 1.52 9.90 -0.31
N PRO A 112 0.92 10.99 -0.85
CA PRO A 112 0.20 11.00 -2.15
C PRO A 112 0.99 10.42 -3.32
N THR A 113 2.31 10.36 -3.16
CA THR A 113 3.16 9.74 -4.16
C THR A 113 4.54 9.45 -3.57
N GLY A 114 4.56 9.15 -2.27
CA GLY A 114 5.81 8.86 -1.60
C GLY A 114 6.26 7.44 -1.87
N LYS A 115 5.66 6.50 -1.16
CA LYS A 115 5.93 5.09 -1.38
C LYS A 115 4.68 4.41 -1.90
N ALA A 116 4.30 4.74 -3.13
CA ALA A 116 3.11 4.18 -3.73
C ALA A 116 3.41 2.78 -4.23
N TYR A 117 2.37 1.98 -4.41
CA TYR A 117 2.54 0.60 -4.84
C TYR A 117 1.41 0.17 -5.79
N VAL A 118 1.68 -0.89 -6.55
CA VAL A 118 0.75 -1.41 -7.57
C VAL A 118 0.95 -2.91 -7.75
N VAL A 119 -0.07 -3.64 -8.17
CA VAL A 119 0.05 -5.07 -8.38
C VAL A 119 0.09 -5.39 -9.87
N GLN A 120 1.25 -5.83 -10.35
CA GLN A 120 1.45 -6.12 -11.76
C GLN A 120 1.06 -7.57 -12.07
N LEU A 121 -0.08 -7.75 -12.72
CA LEU A 121 -0.60 -9.08 -13.00
C LEU A 121 0.04 -9.64 -14.25
N GLY A 122 0.26 -8.75 -15.21
CA GLY A 122 0.75 -9.18 -16.50
C GLY A 122 1.69 -8.16 -17.09
N ALA A 123 2.48 -8.58 -18.06
CA ALA A 123 3.42 -7.72 -18.74
C ALA A 123 3.85 -8.35 -20.04
N LEU A 124 3.33 -7.84 -21.14
CA LEU A 124 3.62 -8.41 -22.45
C LEU A 124 3.50 -7.36 -23.54
N LYS A 125 4.01 -7.71 -24.71
CA LYS A 125 4.12 -6.77 -25.81
C LYS A 125 2.98 -6.96 -26.79
N ASN A 126 2.04 -7.82 -26.41
CA ASN A 126 0.85 -8.05 -27.22
C ASN A 126 -0.32 -7.24 -26.68
N ALA A 127 -0.55 -6.09 -27.28
CA ALA A 127 -1.65 -5.23 -26.88
C ALA A 127 -2.98 -5.93 -27.08
N ASP A 128 -2.98 -6.86 -28.03
CA ASP A 128 -4.13 -7.73 -28.29
C ASP A 128 -4.52 -8.47 -27.02
N LYS A 129 -3.51 -8.84 -26.26
CA LYS A 129 -3.73 -9.56 -25.01
C LYS A 129 -3.86 -8.59 -23.84
N VAL A 130 -3.28 -7.41 -23.98
CA VAL A 130 -3.44 -6.36 -22.99
C VAL A 130 -4.93 -6.03 -22.85
N ASN A 131 -5.62 -6.01 -23.98
CA ASN A 131 -7.03 -5.69 -24.02
C ASN A 131 -7.87 -6.69 -23.22
N GLU A 132 -7.47 -7.95 -23.17
CA GLU A 132 -8.27 -8.97 -22.51
C GLU A 132 -8.01 -9.00 -21.01
N ILE A 133 -6.86 -8.51 -20.59
CA ILE A 133 -6.57 -8.41 -19.16
C ILE A 133 -7.22 -7.16 -18.60
N VAL A 134 -7.00 -6.04 -19.27
CA VAL A 134 -7.55 -4.78 -18.86
C VAL A 134 -9.06 -4.75 -19.04
N GLY A 135 -9.54 -5.45 -20.07
CA GLY A 135 -10.97 -5.55 -20.29
C GLY A 135 -11.71 -6.10 -19.10
N LYS A 136 -11.05 -6.98 -18.35
CA LYS A 136 -11.63 -7.56 -17.15
C LYS A 136 -11.67 -6.55 -16.02
N LEU A 137 -10.51 -6.10 -15.60
CA LEU A 137 -10.40 -5.23 -14.44
C LEU A 137 -10.93 -3.82 -14.72
N ARG A 138 -10.46 -3.22 -15.80
CA ARG A 138 -10.86 -1.86 -16.14
C ARG A 138 -12.36 -1.83 -16.44
N GLY A 139 -12.78 -2.78 -17.26
CA GLY A 139 -14.15 -2.82 -17.73
C GLY A 139 -15.15 -3.03 -16.62
N ALA A 140 -14.78 -3.82 -15.63
CA ALA A 140 -15.66 -4.11 -14.51
C ALA A 140 -15.66 -2.96 -13.50
N GLY A 141 -14.77 -2.01 -13.72
CA GLY A 141 -14.75 -0.81 -12.91
C GLY A 141 -13.77 -0.88 -11.75
N TYR A 142 -12.75 -1.71 -11.90
CA TYR A 142 -11.74 -1.87 -10.87
C TYR A 142 -10.57 -0.93 -11.14
N ARG A 143 -9.88 -0.54 -10.08
CA ARG A 143 -8.78 0.40 -10.21
C ARG A 143 -7.58 -0.30 -10.83
N VAL A 144 -7.37 -0.01 -12.10
CA VAL A 144 -6.36 -0.69 -12.88
C VAL A 144 -5.70 0.31 -13.85
N TYR A 145 -4.39 0.21 -13.99
CA TYR A 145 -3.68 0.96 -15.01
C TYR A 145 -2.58 0.13 -15.63
N THR A 146 -1.93 0.71 -16.60
CA THR A 146 -0.96 0.02 -17.43
C THR A 146 0.44 0.58 -17.21
N SER A 147 1.41 0.07 -17.96
CA SER A 147 2.78 0.54 -17.88
C SER A 147 2.85 2.07 -18.07
N PRO A 148 3.85 2.70 -17.43
CA PRO A 148 3.97 4.16 -17.31
C PRO A 148 3.57 4.96 -18.55
N SER A 149 4.17 4.65 -19.70
CA SER A 149 3.99 5.52 -20.86
C SER A 149 2.74 5.19 -21.68
N THR A 150 2.69 4.00 -22.30
CA THR A 150 1.56 3.62 -23.14
C THR A 150 1.61 2.13 -23.51
N PRO A 151 0.47 1.42 -23.43
CA PRO A 151 0.31 0.12 -24.08
C PRO A 151 0.34 0.24 -25.60
N VAL A 152 1.23 -0.49 -26.23
CA VAL A 152 1.32 -0.51 -27.68
C VAL A 152 1.94 -1.83 -28.13
N GLN A 153 1.71 -2.20 -29.38
CA GLN A 153 2.21 -3.45 -29.92
C GLN A 153 3.73 -3.37 -30.09
N GLY A 154 4.43 -4.36 -29.55
CA GLY A 154 5.87 -4.43 -29.71
C GLY A 154 6.61 -3.95 -28.48
N LYS A 155 5.96 -3.09 -27.71
CA LYS A 155 6.54 -2.58 -26.48
C LYS A 155 5.90 -3.28 -25.29
N ILE A 156 6.63 -3.32 -24.19
CA ILE A 156 6.19 -4.04 -23.01
C ILE A 156 5.05 -3.29 -22.31
N THR A 157 3.85 -3.85 -22.40
CA THR A 157 2.72 -3.31 -21.68
C THR A 157 2.48 -4.09 -20.41
N ARG A 158 2.57 -3.41 -19.29
CA ARG A 158 2.38 -4.05 -18.01
C ARG A 158 0.99 -3.74 -17.49
N ILE A 159 0.35 -4.73 -16.90
CA ILE A 159 -0.98 -4.57 -16.36
C ILE A 159 -0.90 -4.54 -14.85
N LEU A 160 -1.35 -3.44 -14.26
CA LEU A 160 -1.21 -3.25 -12.82
C LEU A 160 -2.54 -2.88 -12.19
N VAL A 161 -2.94 -3.69 -11.23
CA VAL A 161 -4.17 -3.47 -10.49
C VAL A 161 -3.87 -2.87 -9.14
N GLY A 162 -4.74 -1.98 -8.72
CA GLY A 162 -4.63 -1.40 -7.41
C GLY A 162 -3.57 -0.34 -7.29
N PRO A 163 -3.50 0.64 -8.20
CA PRO A 163 -2.60 1.77 -8.01
C PRO A 163 -3.03 2.57 -6.80
N ASP A 164 -2.09 2.73 -5.88
CA ASP A 164 -2.38 3.47 -4.67
C ASP A 164 -1.09 4.00 -4.08
N ALA A 165 -1.19 5.14 -3.44
CA ALA A 165 -0.01 5.81 -2.93
C ALA A 165 0.31 5.36 -1.50
N SER A 166 -0.54 4.54 -0.93
CA SER A 166 -0.32 4.06 0.40
C SER A 166 -0.10 2.57 0.41
N LYS A 167 1.16 2.19 0.33
CA LYS A 167 1.55 0.80 0.29
C LYS A 167 0.94 0.04 1.47
N ASP A 168 1.08 0.59 2.65
CA ASP A 168 0.61 -0.06 3.87
C ASP A 168 -0.87 -0.41 3.79
N LYS A 169 -1.66 0.48 3.21
CA LYS A 169 -3.09 0.25 3.08
C LYS A 169 -3.37 -0.77 2.00
N LEU A 170 -2.66 -0.68 0.89
CA LEU A 170 -2.90 -1.55 -0.25
C LEU A 170 -2.22 -2.92 -0.05
N LYS A 171 -1.25 -2.94 0.85
CA LYS A 171 -0.51 -4.16 1.19
C LYS A 171 -1.43 -5.17 1.85
N GLY A 172 -2.32 -4.67 2.68
CA GLY A 172 -3.31 -5.50 3.33
C GLY A 172 -4.47 -5.77 2.39
N SER A 173 -4.49 -5.00 1.31
CA SER A 173 -5.55 -5.07 0.34
C SER A 173 -5.32 -6.18 -0.68
N LEU A 174 -4.15 -6.79 -0.65
CA LEU A 174 -3.82 -7.84 -1.61
C LEU A 174 -4.69 -9.07 -1.39
N GLY A 175 -4.98 -9.35 -0.13
CA GLY A 175 -5.80 -10.50 0.23
C GLY A 175 -7.19 -10.42 -0.37
N GLU A 176 -7.75 -9.22 -0.39
CA GLU A 176 -9.05 -9.00 -1.00
C GLU A 176 -8.91 -8.72 -2.49
N LEU A 177 -7.71 -8.36 -2.92
CA LEU A 177 -7.49 -8.00 -4.31
C LEU A 177 -7.54 -9.21 -5.22
N LYS A 178 -7.09 -10.36 -4.73
CA LYS A 178 -7.21 -11.62 -5.48
C LYS A 178 -8.68 -12.00 -5.62
N GLN A 179 -9.53 -11.38 -4.82
CA GLN A 179 -10.96 -11.53 -4.94
C GLN A 179 -11.51 -10.54 -5.97
N LEU A 180 -10.85 -9.39 -6.04
CA LEU A 180 -11.28 -8.31 -6.93
C LEU A 180 -10.79 -8.54 -8.36
N SER A 181 -9.49 -8.77 -8.52
CA SER A 181 -8.92 -8.97 -9.84
C SER A 181 -8.85 -10.45 -10.18
N GLY A 182 -8.43 -11.23 -9.19
CA GLY A 182 -8.31 -12.66 -9.36
C GLY A 182 -7.13 -13.05 -10.24
N LEU A 183 -6.43 -12.04 -10.73
CA LEU A 183 -5.29 -12.25 -11.58
C LEU A 183 -4.03 -12.33 -10.72
N SER A 184 -3.00 -12.99 -11.22
CA SER A 184 -1.80 -13.22 -10.44
C SER A 184 -0.80 -12.11 -10.67
N GLY A 185 -0.61 -11.26 -9.67
CA GLY A 185 0.25 -10.12 -9.83
C GLY A 185 1.33 -10.02 -8.78
N VAL A 186 2.40 -9.34 -9.13
CA VAL A 186 3.53 -9.14 -8.23
C VAL A 186 3.51 -7.73 -7.66
N VAL A 187 3.99 -7.61 -6.44
CA VAL A 187 3.97 -6.33 -5.74
C VAL A 187 5.08 -5.42 -6.26
N MET A 188 4.70 -4.42 -7.03
CA MET A 188 5.64 -3.48 -7.61
C MET A 188 5.45 -2.11 -7.02
N GLY A 189 6.55 -1.39 -6.83
CA GLY A 189 6.46 -0.06 -6.30
C GLY A 189 5.96 0.93 -7.33
N TYR A 190 5.07 1.79 -6.90
CA TYR A 190 4.39 2.74 -7.77
C TYR A 190 4.96 4.13 -7.55
N THR A 191 5.30 4.78 -8.63
CA THR A 191 5.69 6.18 -8.59
C THR A 191 5.19 6.86 -9.86
N PRO A 192 4.01 7.49 -9.79
CA PRO A 192 3.34 8.05 -10.97
C PRO A 192 4.16 9.11 -11.69
N ASN A 193 4.04 9.14 -13.01
CA ASN A 193 4.75 10.11 -13.83
C ASN A 193 3.80 11.22 -14.25
N ASP A 1 -5.95 -16.02 36.00
CA ASP A 1 -5.19 -16.77 37.04
C ASP A 1 -5.72 -18.18 37.16
N GLY A 2 -4.82 -19.14 37.28
CA GLY A 2 -5.24 -20.51 37.41
C GLY A 2 -4.10 -21.49 37.30
N GLN A 3 -4.20 -22.60 38.03
CA GLN A 3 -3.25 -23.71 37.99
C GLN A 3 -1.94 -23.37 38.72
N LYS A 4 -1.41 -22.19 38.45
CA LYS A 4 -0.20 -21.71 39.13
C LYS A 4 -0.42 -21.71 40.65
N LYS A 5 -1.55 -21.17 41.04
CA LYS A 5 -1.97 -21.19 42.44
C LYS A 5 -3.14 -22.16 42.58
N HIS A 6 -3.53 -22.48 43.81
CA HIS A 6 -4.57 -23.47 44.04
C HIS A 6 -5.96 -22.92 43.80
N TYR A 7 -6.14 -22.38 42.60
CA TYR A 7 -7.43 -21.95 42.10
C TYR A 7 -7.48 -22.32 40.62
N GLN A 8 -8.58 -22.93 40.19
CA GLN A 8 -8.68 -23.49 38.85
C GLN A 8 -7.67 -24.63 38.67
N ASP A 9 -7.32 -25.27 39.78
CA ASP A 9 -6.42 -26.41 39.79
C ASP A 9 -7.22 -27.70 39.94
N GLU A 10 -8.24 -27.64 40.77
CA GLU A 10 -9.11 -28.77 41.03
C GLU A 10 -10.35 -28.67 40.15
N PHE A 11 -11.03 -29.80 39.99
CA PHE A 11 -12.26 -29.89 39.21
C PHE A 11 -13.38 -29.07 39.84
N ALA A 12 -13.40 -27.76 39.53
CA ALA A 12 -14.39 -26.81 40.03
C ALA A 12 -14.28 -26.65 41.55
N ALA A 13 -14.78 -27.63 42.27
CA ALA A 13 -14.76 -27.64 43.72
C ALA A 13 -15.02 -29.06 44.20
N ILE A 14 -14.34 -29.48 45.25
CA ILE A 14 -14.48 -30.84 45.74
C ILE A 14 -14.96 -30.88 47.20
N PRO A 15 -16.20 -30.44 47.47
CA PRO A 15 -16.81 -30.53 48.79
C PRO A 15 -17.69 -31.77 48.89
N LEU A 16 -17.09 -32.93 48.66
CA LEU A 16 -17.82 -34.20 48.69
C LEU A 16 -18.95 -34.19 47.67
N VAL A 17 -18.63 -33.73 46.46
CA VAL A 17 -19.61 -33.61 45.39
C VAL A 17 -19.26 -34.53 44.21
N PRO A 18 -18.08 -34.36 43.56
CA PRO A 18 -17.67 -35.24 42.46
C PRO A 18 -17.35 -36.65 42.94
N LYS A 19 -18.10 -37.62 42.41
CA LYS A 19 -17.90 -39.01 42.77
C LYS A 19 -16.67 -39.56 42.06
N ALA A 20 -16.44 -39.06 40.85
CA ALA A 20 -15.28 -39.47 40.06
C ALA A 20 -14.00 -38.81 40.58
N GLY A 21 -14.18 -37.87 41.50
CA GLY A 21 -13.05 -37.20 42.11
C GLY A 21 -12.53 -36.06 41.26
N ASP A 22 -11.36 -35.56 41.63
CA ASP A 22 -10.73 -34.47 40.89
C ASP A 22 -10.05 -34.97 39.63
N ARG A 23 -10.38 -34.35 38.50
CA ARG A 23 -9.77 -34.71 37.23
C ARG A 23 -10.13 -33.69 36.15
N ASP A 24 -10.05 -34.12 34.90
CA ASP A 24 -10.35 -33.27 33.75
C ASP A 24 -11.85 -32.97 33.67
N GLU A 25 -12.17 -31.85 33.03
CA GLU A 25 -13.55 -31.40 32.91
C GLU A 25 -14.21 -32.01 31.67
N PRO A 26 -15.26 -32.82 31.87
CA PRO A 26 -16.00 -33.43 30.76
C PRO A 26 -16.77 -32.38 29.95
N ASP A 27 -16.85 -31.18 30.50
CA ASP A 27 -17.55 -30.07 29.86
C ASP A 27 -16.64 -29.37 28.85
N MET A 28 -15.35 -29.67 28.89
CA MET A 28 -14.40 -29.00 28.02
C MET A 28 -13.91 -29.93 26.90
N MET A 29 -12.95 -30.77 27.23
CA MET A 29 -12.34 -31.67 26.27
C MET A 29 -11.69 -32.84 27.00
N PRO A 30 -12.52 -33.80 27.44
CA PRO A 30 -12.08 -34.91 28.29
C PRO A 30 -11.58 -36.11 27.49
N ALA A 31 -10.87 -35.84 26.41
CA ALA A 31 -10.31 -36.89 25.60
C ALA A 31 -8.90 -37.21 26.06
N ALA A 32 -8.75 -38.29 26.82
CA ALA A 32 -7.47 -38.69 27.37
C ALA A 32 -6.52 -39.17 26.28
N THR A 33 -5.94 -38.20 25.57
CA THR A 33 -5.04 -38.46 24.46
C THR A 33 -4.74 -37.14 23.72
N GLN A 34 -5.69 -36.21 23.78
CA GLN A 34 -5.51 -34.90 23.19
C GLN A 34 -6.34 -33.87 23.97
N ALA A 35 -6.39 -34.05 25.29
CA ALA A 35 -7.16 -33.18 26.15
C ALA A 35 -6.62 -31.75 26.12
N LEU A 36 -7.53 -30.79 26.12
CA LEU A 36 -7.14 -29.39 26.05
C LEU A 36 -7.70 -28.62 27.25
N PRO A 37 -7.05 -28.74 28.41
CA PRO A 37 -7.48 -28.06 29.63
C PRO A 37 -6.79 -26.71 29.81
N THR A 38 -6.17 -26.22 28.75
CA THR A 38 -5.39 -24.98 28.83
C THR A 38 -6.30 -23.75 28.78
N GLN A 39 -7.26 -23.69 29.68
CA GLN A 39 -8.17 -22.56 29.76
C GLN A 39 -8.29 -22.04 31.20
N PRO A 40 -8.61 -22.91 32.20
CA PRO A 40 -8.53 -22.52 33.61
C PRO A 40 -7.14 -21.93 33.98
N PRO A 41 -6.02 -22.60 33.62
CA PRO A 41 -4.69 -22.00 33.77
C PRO A 41 -4.52 -20.81 32.85
N GLU A 42 -3.81 -19.80 33.30
CA GLU A 42 -3.56 -18.63 32.47
C GLU A 42 -2.65 -18.99 31.31
N GLY A 43 -2.83 -18.28 30.22
CA GLY A 43 -2.14 -18.64 28.98
C GLY A 43 -1.24 -17.55 28.47
N ALA A 44 -1.83 -16.64 27.67
CA ALA A 44 -1.07 -15.60 26.98
C ALA A 44 0.00 -16.23 26.11
N ALA A 45 -0.42 -16.82 25.00
CA ALA A 45 0.47 -17.56 24.12
C ALA A 45 1.23 -16.65 23.18
N GLU A 46 1.92 -15.66 23.75
CA GLU A 46 2.74 -14.75 22.98
C GLU A 46 3.75 -14.06 23.91
N GLU A 47 4.64 -14.86 24.47
CA GLU A 47 5.70 -14.32 25.32
C GLU A 47 6.92 -13.99 24.47
N VAL A 48 6.83 -14.34 23.18
CA VAL A 48 7.90 -14.09 22.22
C VAL A 48 8.10 -12.60 22.02
N ARG A 49 9.29 -12.22 21.58
CA ARG A 49 9.61 -10.83 21.33
C ARG A 49 10.41 -10.67 20.04
N ALA A 50 11.25 -11.65 19.73
CA ALA A 50 12.08 -11.62 18.53
C ALA A 50 11.27 -12.05 17.31
N GLY A 51 10.36 -11.19 16.86
CA GLY A 51 9.52 -11.51 15.73
C GLY A 51 10.30 -11.48 14.43
N ASP A 52 11.26 -10.57 14.33
CA ASP A 52 12.09 -10.46 13.14
C ASP A 52 13.09 -11.60 13.08
N ALA A 53 13.53 -12.05 14.26
CA ALA A 53 14.46 -13.16 14.40
C ALA A 53 15.77 -12.89 13.66
N ALA A 54 16.14 -11.62 13.60
CA ALA A 54 17.35 -11.22 12.88
C ALA A 54 18.59 -11.47 13.72
N ALA A 55 18.93 -12.73 13.92
CA ALA A 55 20.13 -13.10 14.64
C ALA A 55 21.37 -13.13 13.73
N PRO A 56 21.31 -13.82 12.56
CA PRO A 56 22.46 -13.85 11.64
C PRO A 56 22.80 -12.47 11.10
N SER A 57 23.98 -12.00 11.46
CA SER A 57 24.43 -10.68 11.04
C SER A 57 25.49 -10.82 9.94
N LEU A 58 26.16 -9.72 9.61
CA LEU A 58 27.22 -9.70 8.60
C LEU A 58 26.66 -9.91 7.19
N ASP A 59 25.35 -9.77 7.06
CA ASP A 59 24.70 -9.87 5.76
C ASP A 59 24.80 -8.54 5.05
N PRO A 60 25.19 -8.53 3.76
CA PRO A 60 25.45 -7.30 3.01
C PRO A 60 24.34 -6.26 3.20
N ALA A 61 23.09 -6.72 3.01
CA ALA A 61 21.89 -5.89 3.18
C ALA A 61 22.12 -4.43 2.78
N THR A 62 22.41 -4.21 1.50
CA THR A 62 22.73 -2.88 1.02
C THR A 62 21.82 -2.48 -0.14
N ILE A 63 21.59 -1.16 -0.26
CA ILE A 63 20.77 -0.58 -1.33
C ILE A 63 19.28 -0.90 -1.11
N ALA A 64 18.93 -2.17 -1.27
CA ALA A 64 17.57 -2.62 -1.07
C ALA A 64 17.57 -3.99 -0.41
N ALA A 65 17.06 -4.05 0.80
CA ALA A 65 17.07 -5.29 1.57
C ALA A 65 15.68 -5.60 2.12
N ASN A 66 15.18 -4.71 2.98
CA ASN A 66 13.90 -4.89 3.65
C ASN A 66 13.93 -6.12 4.54
N ASN A 67 14.32 -5.93 5.79
CA ASN A 67 14.43 -7.04 6.74
C ASN A 67 13.39 -6.90 7.85
N THR A 68 12.16 -6.60 7.47
CA THR A 68 11.06 -6.51 8.42
C THR A 68 10.66 -7.92 8.89
N GLU A 69 10.84 -8.89 8.02
CA GLU A 69 10.60 -10.28 8.33
C GLU A 69 11.91 -11.06 8.29
N PHE A 70 12.99 -10.28 8.18
CA PHE A 70 14.35 -10.80 8.04
C PHE A 70 14.46 -11.70 6.81
N GLU A 71 14.10 -11.16 5.66
CA GLU A 71 14.34 -11.84 4.40
C GLU A 71 15.50 -11.16 3.68
N PRO A 72 16.65 -11.84 3.59
CA PRO A 72 17.84 -11.29 2.95
C PRO A 72 17.72 -11.23 1.43
N GLU A 73 16.89 -10.33 0.95
CA GLU A 73 16.72 -10.12 -0.48
C GLU A 73 17.75 -9.09 -0.96
N PRO A 74 18.68 -9.52 -1.84
CA PRO A 74 19.67 -8.61 -2.44
C PRO A 74 19.03 -7.49 -3.22
N ALA A 75 19.82 -6.49 -3.58
CA ALA A 75 19.34 -5.37 -4.38
C ALA A 75 19.08 -5.85 -5.81
N PRO A 76 17.82 -5.82 -6.25
CA PRO A 76 17.40 -6.39 -7.54
C PRO A 76 18.00 -5.64 -8.73
N VAL A 77 19.16 -6.11 -9.19
CA VAL A 77 19.82 -5.55 -10.36
C VAL A 77 19.13 -6.07 -11.63
N ALA A 78 17.83 -5.84 -11.70
CA ALA A 78 16.99 -6.40 -12.73
C ALA A 78 15.99 -5.34 -13.24
N PRO A 79 15.13 -5.67 -14.24
CA PRO A 79 14.11 -4.73 -14.75
C PRO A 79 13.36 -3.89 -13.69
N PRO A 80 12.98 -4.47 -12.51
CA PRO A 80 12.35 -3.72 -11.41
C PRO A 80 13.01 -2.36 -11.11
N LYS A 81 14.31 -2.25 -11.35
CA LYS A 81 15.00 -0.97 -11.17
C LYS A 81 14.42 0.09 -12.11
N PRO A 82 14.04 1.26 -11.55
CA PRO A 82 13.46 2.36 -12.33
C PRO A 82 14.33 2.76 -13.51
N LYS A 83 13.87 2.39 -14.70
CA LYS A 83 14.51 2.77 -15.95
C LYS A 83 13.43 3.11 -16.97
N PRO A 84 13.75 3.90 -18.02
CA PRO A 84 12.79 4.31 -19.03
C PRO A 84 11.98 3.14 -19.58
N VAL A 85 10.68 3.18 -19.40
CA VAL A 85 9.81 2.15 -19.94
C VAL A 85 9.54 2.44 -21.43
N GLU A 86 10.62 2.37 -22.20
CA GLU A 86 10.60 2.63 -23.65
C GLU A 86 10.62 4.13 -23.92
N PRO A 87 11.58 4.58 -24.75
CA PRO A 87 11.68 5.99 -25.15
C PRO A 87 10.37 6.50 -25.75
N PRO A 88 10.03 7.78 -25.52
CA PRO A 88 8.78 8.37 -26.00
C PRO A 88 8.78 8.60 -27.51
N LYS A 89 8.99 7.53 -28.26
CA LYS A 89 8.87 7.56 -29.70
C LYS A 89 7.39 7.51 -30.11
N PRO A 90 6.54 6.71 -29.43
CA PRO A 90 5.10 6.84 -29.58
C PRO A 90 4.64 8.23 -29.17
N LYS A 91 4.01 8.94 -30.12
CA LYS A 91 3.54 10.31 -29.91
C LYS A 91 4.71 11.26 -29.72
N VAL A 92 5.52 11.43 -30.77
CA VAL A 92 6.65 12.35 -30.72
C VAL A 92 6.16 13.79 -30.63
N GLU A 93 6.45 14.44 -29.51
CA GLU A 93 6.04 15.81 -29.27
C GLU A 93 4.53 15.93 -29.33
N ALA A 94 3.84 15.06 -28.59
CA ALA A 94 2.38 15.08 -28.53
C ALA A 94 1.87 16.46 -28.14
N PRO A 95 1.16 17.15 -29.06
CA PRO A 95 0.65 18.50 -28.82
C PRO A 95 -0.31 18.53 -27.63
N PRO A 96 -0.16 19.52 -26.75
CA PRO A 96 -0.96 19.65 -25.53
C PRO A 96 -2.45 19.73 -25.83
N ALA A 97 -3.14 18.60 -25.65
CA ALA A 97 -4.57 18.54 -25.88
C ALA A 97 -5.32 19.35 -24.84
N PRO A 98 -6.45 19.95 -25.23
CA PRO A 98 -7.29 20.74 -24.31
C PRO A 98 -7.92 19.87 -23.22
N LYS A 99 -7.08 19.48 -22.26
CA LYS A 99 -7.49 18.66 -21.12
C LYS A 99 -8.64 19.31 -20.34
N PRO A 100 -9.83 18.66 -20.38
CA PRO A 100 -11.03 19.14 -19.69
C PRO A 100 -10.85 19.22 -18.19
N GLU A 101 -10.44 18.10 -17.59
CA GLU A 101 -10.18 18.06 -16.16
C GLU A 101 -8.98 17.16 -15.86
N PRO A 102 -7.78 17.74 -15.89
CA PRO A 102 -6.57 17.01 -15.54
C PRO A 102 -6.45 16.82 -14.03
N LYS A 103 -7.04 15.74 -13.54
CA LYS A 103 -7.03 15.43 -12.11
C LYS A 103 -5.61 15.17 -11.64
N PRO A 104 -5.10 16.00 -10.72
CA PRO A 104 -3.76 15.83 -10.15
C PRO A 104 -3.66 14.54 -9.35
N VAL A 105 -2.96 13.55 -9.90
CA VAL A 105 -2.80 12.27 -9.21
C VAL A 105 -1.61 12.33 -8.26
N VAL A 106 -1.49 13.46 -7.61
CA VAL A 106 -0.40 13.71 -6.69
C VAL A 106 -0.79 14.81 -5.70
N GLU A 107 -0.52 14.56 -4.43
CA GLU A 107 -0.87 15.48 -3.36
C GLU A 107 0.07 15.25 -2.19
N GLU A 108 1.35 15.09 -2.51
CA GLU A 108 2.33 14.58 -1.57
C GLU A 108 1.89 13.20 -1.09
N LYS A 109 1.82 12.28 -2.03
CA LYS A 109 1.32 10.94 -1.78
C LYS A 109 2.48 10.04 -1.42
N ALA A 110 2.81 9.99 -0.13
CA ALA A 110 4.04 9.34 0.31
C ALA A 110 5.20 10.00 -0.41
N ALA A 111 5.11 11.33 -0.49
CA ALA A 111 6.01 12.17 -1.30
C ALA A 111 5.69 12.00 -2.79
N PRO A 112 5.84 13.10 -3.56
CA PRO A 112 5.38 13.21 -4.97
C PRO A 112 5.64 11.95 -5.81
N THR A 113 4.69 11.02 -5.75
CA THR A 113 4.72 9.77 -6.51
C THR A 113 6.06 9.04 -6.36
N GLY A 114 6.68 9.20 -5.19
CA GLY A 114 7.95 8.55 -4.94
C GLY A 114 7.77 7.18 -4.33
N LYS A 115 7.12 7.15 -3.19
CA LYS A 115 6.78 5.90 -2.53
C LYS A 115 5.37 5.49 -2.91
N ALA A 116 5.18 5.09 -4.16
CA ALA A 116 3.90 4.62 -4.62
C ALA A 116 3.92 3.10 -4.74
N TYR A 117 2.75 2.47 -4.71
CA TYR A 117 2.65 1.01 -4.70
C TYR A 117 1.54 0.52 -5.65
N VAL A 118 1.77 -0.64 -6.30
CA VAL A 118 0.82 -1.21 -7.27
C VAL A 118 0.93 -2.74 -7.30
N VAL A 119 -0.05 -3.43 -7.89
CA VAL A 119 0.05 -4.87 -8.07
C VAL A 119 0.11 -5.24 -9.55
N GLN A 120 1.28 -5.68 -10.01
CA GLN A 120 1.47 -6.05 -11.42
C GLN A 120 1.03 -7.50 -11.66
N LEU A 121 -0.05 -7.70 -12.40
CA LEU A 121 -0.51 -9.05 -12.68
C LEU A 121 0.12 -9.56 -13.97
N GLY A 122 0.30 -8.66 -14.90
CA GLY A 122 0.85 -9.03 -16.19
C GLY A 122 1.72 -7.95 -16.78
N ALA A 123 2.47 -8.32 -17.80
CA ALA A 123 3.37 -7.41 -18.50
C ALA A 123 3.82 -8.06 -19.79
N LEU A 124 3.21 -7.64 -20.89
CA LEU A 124 3.43 -8.29 -22.17
C LEU A 124 3.61 -7.27 -23.27
N LYS A 125 4.21 -7.74 -24.36
CA LYS A 125 4.55 -6.89 -25.49
C LYS A 125 3.49 -7.04 -26.58
N ASN A 126 2.46 -7.78 -26.24
CA ASN A 126 1.36 -8.04 -27.17
C ASN A 126 0.10 -7.38 -26.66
N ALA A 127 -0.30 -6.30 -27.31
CA ALA A 127 -1.48 -5.55 -26.92
C ALA A 127 -2.75 -6.39 -27.00
N ASP A 128 -2.70 -7.46 -27.81
CA ASP A 128 -3.82 -8.39 -27.93
C ASP A 128 -4.15 -9.00 -26.58
N LYS A 129 -3.10 -9.22 -25.81
CA LYS A 129 -3.22 -9.82 -24.50
C LYS A 129 -3.50 -8.75 -23.45
N VAL A 130 -3.09 -7.54 -23.74
CA VAL A 130 -3.36 -6.41 -22.87
C VAL A 130 -4.86 -6.19 -22.76
N ASN A 131 -5.54 -6.24 -23.90
CA ASN A 131 -6.97 -5.98 -23.97
C ASN A 131 -7.77 -6.97 -23.13
N GLU A 132 -7.31 -8.21 -23.05
CA GLU A 132 -8.06 -9.23 -22.34
C GLU A 132 -7.90 -9.10 -20.83
N ILE A 133 -6.70 -8.74 -20.39
CA ILE A 133 -6.43 -8.54 -18.96
C ILE A 133 -7.12 -7.29 -18.48
N VAL A 134 -6.96 -6.23 -19.26
CA VAL A 134 -7.53 -4.94 -18.94
C VAL A 134 -9.07 -4.99 -19.03
N GLY A 135 -9.56 -5.79 -19.96
CA GLY A 135 -11.00 -5.98 -20.09
C GLY A 135 -11.62 -6.58 -18.83
N LYS A 136 -10.81 -7.34 -18.09
CA LYS A 136 -11.25 -7.92 -16.84
C LYS A 136 -11.38 -6.85 -15.76
N LEU A 137 -10.30 -6.12 -15.55
CA LEU A 137 -10.22 -5.15 -14.47
C LEU A 137 -10.80 -3.80 -14.87
N ARG A 138 -10.18 -3.16 -15.85
CA ARG A 138 -10.56 -1.82 -16.26
C ARG A 138 -11.99 -1.83 -16.79
N GLY A 139 -12.32 -2.91 -17.49
CA GLY A 139 -13.60 -3.02 -18.13
C GLY A 139 -14.72 -3.28 -17.14
N ALA A 140 -14.35 -3.71 -15.95
CA ALA A 140 -15.34 -3.98 -14.91
C ALA A 140 -15.40 -2.83 -13.90
N GLY A 141 -14.51 -1.87 -14.05
CA GLY A 141 -14.53 -0.71 -13.18
C GLY A 141 -13.65 -0.85 -11.96
N TYR A 142 -12.61 -1.68 -12.05
CA TYR A 142 -11.69 -1.85 -10.95
C TYR A 142 -10.51 -0.91 -11.10
N ARG A 143 -9.92 -0.49 -10.00
CA ARG A 143 -8.80 0.43 -10.06
C ARG A 143 -7.58 -0.27 -10.63
N VAL A 144 -7.33 0.04 -11.88
CA VAL A 144 -6.29 -0.62 -12.65
C VAL A 144 -5.63 0.40 -13.57
N TYR A 145 -4.35 0.25 -13.76
CA TYR A 145 -3.65 1.02 -14.78
C TYR A 145 -2.61 0.18 -15.49
N THR A 146 -1.99 0.80 -16.45
CA THR A 146 -1.08 0.14 -17.38
C THR A 146 0.27 0.83 -17.36
N SER A 147 1.19 0.40 -18.23
CA SER A 147 2.50 1.02 -18.30
C SER A 147 2.36 2.54 -18.42
N PRO A 148 3.08 3.26 -17.54
CA PRO A 148 3.05 4.71 -17.36
C PRO A 148 2.41 5.54 -18.49
N SER A 149 2.97 5.51 -19.69
CA SER A 149 2.49 6.41 -20.74
C SER A 149 1.26 5.85 -21.47
N THR A 150 1.41 4.72 -22.16
CA THR A 150 0.33 4.15 -22.95
C THR A 150 0.68 2.72 -23.40
N PRO A 151 -0.25 1.77 -23.27
CA PRO A 151 -0.16 0.47 -23.93
C PRO A 151 -0.12 0.61 -25.44
N VAL A 152 0.92 0.06 -26.06
CA VAL A 152 1.06 0.09 -27.48
C VAL A 152 1.53 -1.27 -27.98
N GLN A 153 1.34 -1.52 -29.25
CA GLN A 153 1.70 -2.80 -29.82
C GLN A 153 3.21 -2.88 -30.02
N GLY A 154 3.83 -3.87 -29.39
CA GLY A 154 5.26 -4.07 -29.54
C GLY A 154 6.03 -3.72 -28.29
N LYS A 155 5.49 -2.83 -27.47
CA LYS A 155 6.16 -2.41 -26.26
C LYS A 155 5.58 -3.11 -25.05
N ILE A 156 6.33 -3.07 -23.95
CA ILE A 156 5.94 -3.76 -22.75
C ILE A 156 4.77 -3.05 -22.06
N THR A 157 3.61 -3.66 -22.14
CA THR A 157 2.43 -3.15 -21.46
C THR A 157 2.19 -3.94 -20.19
N ARG A 158 2.47 -3.29 -19.09
CA ARG A 158 2.28 -3.86 -17.79
C ARG A 158 0.85 -3.61 -17.33
N ILE A 159 0.25 -4.62 -16.73
CA ILE A 159 -1.09 -4.48 -16.20
C ILE A 159 -1.01 -4.52 -14.69
N LEU A 160 -1.41 -3.44 -14.06
CA LEU A 160 -1.24 -3.31 -12.63
C LEU A 160 -2.56 -2.88 -11.98
N VAL A 161 -2.94 -3.62 -10.96
CA VAL A 161 -4.16 -3.37 -10.23
C VAL A 161 -3.85 -2.74 -8.90
N GLY A 162 -4.70 -1.81 -8.51
CA GLY A 162 -4.57 -1.18 -7.24
C GLY A 162 -3.48 -0.14 -7.19
N PRO A 163 -3.43 0.82 -8.15
CA PRO A 163 -2.51 1.93 -8.05
C PRO A 163 -2.80 2.76 -6.83
N ASP A 164 -1.80 2.94 -6.01
CA ASP A 164 -1.97 3.68 -4.79
C ASP A 164 -0.63 4.16 -4.30
N ALA A 165 -0.65 5.03 -3.33
CA ALA A 165 0.57 5.57 -2.76
C ALA A 165 0.75 5.05 -1.34
N SER A 166 -0.14 4.15 -0.94
CA SER A 166 -0.13 3.64 0.40
C SER A 166 0.05 2.13 0.43
N LYS A 167 1.26 1.70 0.76
CA LYS A 167 1.58 0.29 0.82
C LYS A 167 0.76 -0.37 1.90
N ASP A 168 0.74 0.24 3.09
CA ASP A 168 0.06 -0.32 4.24
C ASP A 168 -1.42 -0.55 3.95
N LYS A 169 -2.00 0.31 3.12
CA LYS A 169 -3.39 0.18 2.72
C LYS A 169 -3.54 -0.94 1.70
N LEU A 170 -2.77 -0.87 0.63
CA LEU A 170 -2.91 -1.79 -0.47
C LEU A 170 -2.36 -3.18 -0.10
N LYS A 171 -1.54 -3.24 0.92
CA LYS A 171 -1.02 -4.49 1.45
C LYS A 171 -2.14 -5.35 2.01
N GLY A 172 -3.14 -4.68 2.56
CA GLY A 172 -4.31 -5.37 3.06
C GLY A 172 -5.27 -5.65 1.93
N SER A 173 -5.00 -5.02 0.81
CA SER A 173 -5.83 -5.14 -0.37
C SER A 173 -5.50 -6.38 -1.18
N LEU A 174 -4.41 -7.07 -0.84
CA LEU A 174 -3.99 -8.24 -1.63
C LEU A 174 -4.92 -9.41 -1.41
N GLY A 175 -5.38 -9.57 -0.17
CA GLY A 175 -6.37 -10.58 0.12
C GLY A 175 -7.66 -10.30 -0.61
N GLU A 176 -7.86 -9.03 -0.93
CA GLU A 176 -8.99 -8.60 -1.74
C GLU A 176 -8.64 -8.70 -3.21
N LEU A 177 -7.35 -8.65 -3.52
CA LEU A 177 -6.88 -8.62 -4.91
C LEU A 177 -7.31 -9.86 -5.65
N LYS A 178 -7.15 -11.02 -5.03
CA LYS A 178 -7.57 -12.27 -5.63
C LYS A 178 -9.08 -12.26 -5.93
N GLN A 179 -9.80 -11.38 -5.25
CA GLN A 179 -11.21 -11.16 -5.52
C GLN A 179 -11.40 -10.04 -6.55
N LEU A 180 -10.60 -8.97 -6.42
CA LEU A 180 -10.72 -7.81 -7.27
C LEU A 180 -10.33 -8.11 -8.71
N SER A 181 -9.16 -8.68 -8.87
CA SER A 181 -8.65 -8.97 -10.19
C SER A 181 -8.76 -10.44 -10.50
N GLY A 182 -8.52 -11.27 -9.48
CA GLY A 182 -8.49 -12.70 -9.68
C GLY A 182 -7.22 -13.13 -10.39
N LEU A 183 -6.39 -12.14 -10.70
CA LEU A 183 -5.18 -12.37 -11.46
C LEU A 183 -4.00 -12.46 -10.51
N SER A 184 -2.97 -13.16 -10.96
CA SER A 184 -1.76 -13.32 -10.17
C SER A 184 -0.83 -12.15 -10.36
N GLY A 185 -0.73 -11.30 -9.35
CA GLY A 185 0.10 -10.13 -9.45
C GLY A 185 1.08 -9.99 -8.32
N VAL A 186 2.13 -9.22 -8.56
CA VAL A 186 3.15 -8.98 -7.56
C VAL A 186 3.07 -7.55 -7.08
N VAL A 187 3.30 -7.36 -5.78
CA VAL A 187 3.30 -6.02 -5.21
C VAL A 187 4.58 -5.33 -5.59
N MET A 188 4.47 -4.39 -6.52
CA MET A 188 5.61 -3.68 -7.04
C MET A 188 5.52 -2.23 -6.64
N GLY A 189 6.67 -1.65 -6.34
CA GLY A 189 6.68 -0.25 -5.97
C GLY A 189 6.38 0.64 -7.14
N TYR A 190 5.21 1.23 -7.10
CA TYR A 190 4.70 2.12 -8.12
C TYR A 190 5.56 3.38 -8.20
N THR A 191 6.02 3.67 -9.40
CA THR A 191 6.76 4.87 -9.66
C THR A 191 6.41 5.40 -11.05
N PRO A 192 5.42 6.29 -11.14
CA PRO A 192 4.95 6.82 -12.42
C PRO A 192 6.05 7.57 -13.16
N ASN A 193 6.11 7.36 -14.47
CA ASN A 193 7.13 7.98 -15.30
C ASN A 193 6.67 9.34 -15.76
N ASP A 1 -2.62 7.44 10.59
CA ASP A 1 -1.77 6.27 10.33
C ASP A 1 -0.33 6.54 10.73
N GLY A 2 -0.09 7.70 11.37
CA GLY A 2 1.24 8.01 11.83
C GLY A 2 1.46 9.50 12.00
N GLN A 3 0.73 10.12 12.91
CA GLN A 3 0.91 11.53 13.20
C GLN A 3 2.14 11.73 14.07
N LYS A 4 3.25 12.09 13.45
CA LYS A 4 4.47 12.34 14.19
C LYS A 4 5.18 13.59 13.68
N LYS A 5 5.38 14.56 14.56
CA LYS A 5 6.12 15.77 14.23
C LYS A 5 7.55 15.59 14.70
N HIS A 6 8.35 14.95 13.87
CA HIS A 6 9.72 14.62 14.26
C HIS A 6 10.71 15.43 13.43
N TYR A 7 10.93 15.06 12.18
CA TYR A 7 11.87 15.77 11.32
C TYR A 7 11.55 15.60 9.84
N GLN A 8 10.31 15.28 9.53
CA GLN A 8 9.87 15.21 8.14
C GLN A 8 9.03 16.44 7.83
N ASP A 9 7.74 16.23 7.52
CA ASP A 9 6.79 17.33 7.27
C ASP A 9 7.15 18.12 6.02
N GLU A 10 8.25 18.87 6.08
CA GLU A 10 8.73 19.67 4.95
C GLU A 10 7.68 20.68 4.52
N PHE A 11 7.22 21.50 5.46
CA PHE A 11 6.22 22.52 5.17
C PHE A 11 6.81 23.63 4.31
N ALA A 12 7.96 24.15 4.71
CA ALA A 12 8.63 25.20 3.95
C ALA A 12 9.96 24.70 3.39
N ALA A 13 10.00 23.41 3.05
CA ALA A 13 11.20 22.75 2.52
C ALA A 13 12.29 22.63 3.60
N ILE A 14 12.83 23.77 4.02
CA ILE A 14 13.89 23.85 5.02
C ILE A 14 14.96 22.76 4.86
N PRO A 15 15.79 22.88 3.81
CA PRO A 15 16.85 21.92 3.51
C PRO A 15 18.04 22.08 4.46
N LEU A 16 17.76 21.96 5.76
CA LEU A 16 18.78 22.11 6.79
C LEU A 16 19.41 23.49 6.74
N VAL A 17 18.66 24.46 6.25
CA VAL A 17 19.13 25.84 6.18
C VAL A 17 18.77 26.61 7.45
N PRO A 18 17.48 26.66 7.86
CA PRO A 18 17.05 27.34 9.06
C PRO A 18 16.85 26.36 10.23
N LYS A 19 16.42 26.86 11.37
CA LYS A 19 16.16 26.02 12.52
C LYS A 19 14.66 25.83 12.72
N ALA A 20 13.89 26.46 11.85
CA ALA A 20 12.44 26.34 11.86
C ALA A 20 11.90 26.66 10.47
N GLY A 21 10.60 26.46 10.26
CA GLY A 21 10.02 26.77 8.97
C GLY A 21 8.68 26.10 8.78
N ASP A 22 7.76 26.37 9.69
CA ASP A 22 6.42 25.79 9.61
C ASP A 22 5.44 26.82 9.07
N ARG A 23 5.21 26.79 7.77
CA ARG A 23 4.24 27.67 7.15
C ARG A 23 2.83 27.12 7.34
N ASP A 24 2.71 25.80 7.26
CA ASP A 24 1.48 25.13 7.64
C ASP A 24 1.64 24.62 9.06
N GLU A 25 0.93 25.22 9.98
CA GLU A 25 1.11 24.92 11.39
C GLU A 25 0.35 23.65 11.78
N PRO A 26 1.09 22.59 12.17
CA PRO A 26 0.50 21.33 12.60
C PRO A 26 0.01 21.40 14.04
N ASP A 27 -0.66 22.49 14.38
CA ASP A 27 -1.14 22.72 15.73
C ASP A 27 -2.49 22.03 15.93
N MET A 28 -2.47 20.71 15.95
CA MET A 28 -3.66 19.88 16.16
C MET A 28 -4.62 19.93 14.98
N MET A 29 -4.44 20.89 14.09
CA MET A 29 -5.34 21.11 12.98
C MET A 29 -4.74 22.14 12.04
N PRO A 30 -3.97 21.68 11.05
CA PRO A 30 -3.26 22.55 10.13
C PRO A 30 -4.13 22.99 8.97
N ALA A 31 -5.30 23.50 9.29
CA ALA A 31 -6.26 23.93 8.30
C ALA A 31 -7.04 25.13 8.82
N ALA A 32 -6.84 26.28 8.18
CA ALA A 32 -7.48 27.50 8.61
C ALA A 32 -8.55 27.95 7.61
N THR A 33 -8.48 27.40 6.41
CA THR A 33 -9.45 27.71 5.38
C THR A 33 -10.67 26.81 5.50
N GLN A 34 -10.45 25.63 6.06
CA GLN A 34 -11.53 24.67 6.31
C GLN A 34 -11.31 24.02 7.67
N ALA A 35 -12.39 23.59 8.31
CA ALA A 35 -12.30 22.88 9.58
C ALA A 35 -11.97 21.42 9.34
N LEU A 36 -10.74 21.16 8.91
CA LEU A 36 -10.32 19.81 8.55
C LEU A 36 -9.09 19.38 9.36
N PRO A 37 -9.26 18.38 10.23
CA PRO A 37 -8.14 17.77 10.94
C PRO A 37 -7.31 16.88 10.02
N THR A 38 -6.47 17.50 9.21
CA THR A 38 -5.62 16.77 8.26
C THR A 38 -4.68 15.80 8.97
N GLN A 39 -4.45 16.03 10.26
CA GLN A 39 -3.59 15.18 11.07
C GLN A 39 -4.16 13.76 11.14
N PRO A 40 -3.40 12.75 10.68
CA PRO A 40 -3.78 11.36 10.75
C PRO A 40 -3.05 10.57 11.85
N PRO A 41 -3.53 10.63 13.11
CA PRO A 41 -2.93 9.87 14.21
C PRO A 41 -3.04 8.36 14.02
N GLU A 42 -4.13 7.78 14.52
CA GLU A 42 -4.37 6.33 14.46
C GLU A 42 -3.38 5.57 15.34
N GLY A 43 -3.90 4.90 16.35
CA GLY A 43 -3.06 4.13 17.25
C GLY A 43 -3.77 3.79 18.53
N ALA A 44 -2.98 3.47 19.56
CA ALA A 44 -3.51 3.13 20.89
C ALA A 44 -4.41 1.90 20.84
N ALA A 45 -3.90 0.85 20.19
CA ALA A 45 -4.61 -0.43 20.08
C ALA A 45 -5.93 -0.27 19.35
N GLU A 46 -5.91 0.51 18.27
CA GLU A 46 -7.08 0.75 17.43
C GLU A 46 -8.18 1.50 18.19
N GLU A 47 -9.05 0.74 18.82
CA GLU A 47 -10.15 1.31 19.58
C GLU A 47 -9.73 1.50 21.04
N VAL A 48 -9.22 2.68 21.34
CA VAL A 48 -8.74 2.98 22.69
C VAL A 48 -9.91 3.29 23.62
N ARG A 49 -10.21 2.35 24.51
CA ARG A 49 -11.29 2.51 25.47
C ARG A 49 -11.34 1.32 26.43
N ALA A 50 -11.38 0.12 25.87
CA ALA A 50 -11.47 -1.09 26.67
C ALA A 50 -10.13 -1.83 26.66
N GLY A 51 -9.74 -2.33 27.83
CA GLY A 51 -8.51 -3.06 27.96
C GLY A 51 -8.35 -3.63 29.36
N ASP A 52 -7.27 -4.35 29.60
CA ASP A 52 -7.02 -4.94 30.91
C ASP A 52 -5.56 -4.81 31.30
N ALA A 53 -4.71 -5.62 30.69
CA ALA A 53 -3.28 -5.58 30.98
C ALA A 53 -2.46 -6.20 29.84
N ALA A 54 -3.07 -6.29 28.67
CA ALA A 54 -2.42 -6.92 27.53
C ALA A 54 -1.47 -5.94 26.83
N ALA A 55 -1.99 -4.77 26.50
CA ALA A 55 -1.24 -3.75 25.78
C ALA A 55 -2.00 -2.42 25.68
N PRO A 56 -3.29 -2.44 25.24
CA PRO A 56 -4.13 -1.23 25.18
C PRO A 56 -3.98 -0.32 26.38
N SER A 57 -3.31 0.80 26.15
CA SER A 57 -3.10 1.79 27.17
C SER A 57 -3.64 3.13 26.70
N LEU A 58 -4.20 3.90 27.63
CA LEU A 58 -4.75 5.21 27.30
C LEU A 58 -3.64 6.14 26.87
N ASP A 59 -3.73 6.66 25.65
CA ASP A 59 -2.72 7.53 25.09
C ASP A 59 -2.52 8.77 25.97
N PRO A 60 -1.30 8.95 26.50
CA PRO A 60 -1.00 10.04 27.42
C PRO A 60 -0.86 11.39 26.72
N ALA A 61 -0.73 11.37 25.41
CA ALA A 61 -0.59 12.59 24.63
C ALA A 61 -1.97 13.10 24.20
N THR A 62 -2.99 12.31 24.51
CA THR A 62 -4.38 12.62 24.19
C THR A 62 -4.56 12.99 22.72
N ILE A 63 -3.84 12.30 21.85
CA ILE A 63 -3.93 12.52 20.42
C ILE A 63 -4.62 11.35 19.73
N ALA A 64 -5.03 10.37 20.53
CA ALA A 64 -5.73 9.20 20.03
C ALA A 64 -7.15 9.57 19.59
N ALA A 65 -7.76 8.72 18.79
CA ALA A 65 -9.07 8.98 18.24
C ALA A 65 -10.16 8.73 19.27
N ASN A 66 -10.20 9.57 20.28
CA ASN A 66 -11.21 9.47 21.34
C ASN A 66 -11.82 10.85 21.61
N ASN A 67 -10.96 11.81 21.92
CA ASN A 67 -11.41 13.18 22.18
C ASN A 67 -11.27 14.01 20.91
N THR A 68 -11.18 13.33 19.78
CA THR A 68 -11.03 13.99 18.48
C THR A 68 -12.25 14.85 18.17
N GLU A 69 -13.44 14.30 18.41
CA GLU A 69 -14.67 15.06 18.27
C GLU A 69 -15.39 15.12 19.61
N PHE A 70 -14.60 14.99 20.67
CA PHE A 70 -15.11 15.02 22.05
C PHE A 70 -16.16 13.96 22.28
N GLU A 71 -15.72 12.69 22.32
CA GLU A 71 -16.60 11.55 22.58
C GLU A 71 -17.64 11.40 21.47
N PRO A 72 -17.39 10.47 20.53
CA PRO A 72 -18.24 10.24 19.35
C PRO A 72 -19.74 10.22 19.67
N GLU A 73 -20.42 11.29 19.28
CA GLU A 73 -21.86 11.45 19.53
C GLU A 73 -22.41 12.70 18.83
N PRO A 74 -21.81 13.90 19.03
CA PRO A 74 -22.29 15.14 18.39
C PRO A 74 -22.25 15.07 16.88
N ALA A 75 -21.17 14.47 16.35
CA ALA A 75 -21.00 14.27 14.91
C ALA A 75 -21.29 15.53 14.10
N PRO A 76 -20.35 16.49 14.11
CA PRO A 76 -20.50 17.76 13.38
C PRO A 76 -20.78 17.56 11.89
N VAL A 77 -21.95 17.98 11.46
CA VAL A 77 -22.36 17.81 10.07
C VAL A 77 -21.86 18.97 9.21
N ALA A 78 -20.60 18.87 8.79
CA ALA A 78 -19.96 19.89 7.98
C ALA A 78 -19.93 21.23 8.71
N PRO A 79 -18.93 21.43 9.57
CA PRO A 79 -18.76 22.67 10.35
C PRO A 79 -18.76 23.92 9.46
N PRO A 80 -19.75 24.80 9.65
CA PRO A 80 -19.90 26.02 8.84
C PRO A 80 -18.77 27.02 9.08
N LYS A 81 -18.11 26.91 10.22
CA LYS A 81 -17.03 27.82 10.56
C LYS A 81 -15.69 27.09 10.60
N PRO A 82 -14.80 27.41 9.64
CA PRO A 82 -13.43 26.87 9.63
C PRO A 82 -12.63 27.34 10.83
N LYS A 83 -11.42 26.78 10.99
CA LYS A 83 -10.52 27.11 12.11
C LYS A 83 -11.01 26.49 13.41
N PRO A 84 -10.09 25.99 14.24
CA PRO A 84 -10.41 25.44 15.56
C PRO A 84 -11.08 26.50 16.45
N VAL A 85 -11.99 26.04 17.31
CA VAL A 85 -12.75 26.95 18.15
C VAL A 85 -11.96 27.38 19.38
N GLU A 86 -10.72 27.76 19.14
CA GLU A 86 -9.79 28.21 20.18
C GLU A 86 -9.71 27.21 21.34
N PRO A 87 -8.88 26.18 21.20
CA PRO A 87 -8.67 25.19 22.25
C PRO A 87 -7.98 25.79 23.48
N PRO A 88 -8.02 25.10 24.64
CA PRO A 88 -7.38 25.60 25.87
C PRO A 88 -5.95 26.07 25.63
N LYS A 89 -5.16 25.24 24.97
CA LYS A 89 -3.81 25.60 24.60
C LYS A 89 -3.64 25.49 23.08
N PRO A 90 -3.78 26.62 22.37
CA PRO A 90 -3.62 26.66 20.91
C PRO A 90 -2.16 26.81 20.51
N LYS A 91 -1.32 25.99 21.12
CA LYS A 91 0.11 26.06 20.91
C LYS A 91 0.76 24.74 21.32
N VAL A 92 1.04 23.90 20.33
CA VAL A 92 1.60 22.57 20.59
C VAL A 92 3.01 22.65 21.17
N GLU A 93 3.08 22.71 22.48
CA GLU A 93 4.33 22.63 23.22
C GLU A 93 4.05 22.17 24.64
N ALA A 94 2.82 21.68 24.82
CA ALA A 94 2.37 21.16 26.11
C ALA A 94 2.91 19.75 26.32
N PRO A 95 2.90 19.24 27.58
CA PRO A 95 3.35 17.87 27.88
C PRO A 95 2.90 16.82 26.85
N PRO A 96 1.59 16.77 26.48
CA PRO A 96 1.12 15.91 25.38
C PRO A 96 1.75 16.32 24.04
N ALA A 97 2.61 15.46 23.51
CA ALA A 97 3.30 15.77 22.27
C ALA A 97 3.15 14.64 21.26
N PRO A 98 2.89 14.98 20.00
CA PRO A 98 2.76 13.99 18.93
C PRO A 98 4.12 13.47 18.44
N LYS A 99 4.85 12.82 19.34
CA LYS A 99 6.13 12.22 18.99
C LYS A 99 6.13 10.72 19.33
N PRO A 100 5.35 9.90 18.61
CA PRO A 100 5.36 8.45 18.80
C PRO A 100 6.52 7.81 18.05
N GLU A 101 7.68 8.43 18.14
CA GLU A 101 8.83 8.03 17.36
C GLU A 101 10.12 8.62 17.96
N PRO A 102 10.87 7.81 18.72
CA PRO A 102 12.15 8.23 19.31
C PRO A 102 13.22 8.47 18.26
N LYS A 103 13.48 7.46 17.44
CA LYS A 103 14.46 7.56 16.38
C LYS A 103 14.24 6.47 15.34
N PRO A 104 13.79 6.86 14.15
CA PRO A 104 13.54 5.93 13.04
C PRO A 104 14.72 5.87 12.08
N VAL A 105 14.59 5.03 11.07
CA VAL A 105 15.56 4.99 9.99
C VAL A 105 15.01 5.75 8.79
N VAL A 106 14.56 6.97 9.05
CA VAL A 106 13.85 7.78 8.07
C VAL A 106 12.62 7.02 7.57
N GLU A 107 11.59 6.99 8.40
CA GLU A 107 10.40 6.21 8.12
C GLU A 107 9.19 7.11 7.88
N GLU A 108 8.62 6.99 6.69
CA GLU A 108 7.45 7.77 6.31
C GLU A 108 6.22 6.87 6.25
N LYS A 109 5.07 7.46 6.01
CA LYS A 109 3.84 6.70 5.86
C LYS A 109 3.63 6.39 4.38
N ALA A 110 4.72 5.90 3.76
CA ALA A 110 4.79 5.64 2.32
C ALA A 110 4.83 6.94 1.52
N ALA A 111 4.71 8.07 2.23
CA ALA A 111 4.68 9.39 1.62
C ALA A 111 3.45 9.55 0.72
N PRO A 112 3.12 10.78 0.30
CA PRO A 112 2.01 11.04 -0.63
C PRO A 112 2.33 10.57 -2.04
N THR A 113 3.52 10.01 -2.21
CA THR A 113 4.00 9.54 -3.50
C THR A 113 5.44 9.05 -3.31
N GLY A 114 6.04 8.50 -4.36
CA GLY A 114 7.39 8.01 -4.26
C GLY A 114 7.45 6.56 -3.82
N LYS A 115 6.99 6.29 -2.60
CA LYS A 115 6.94 4.93 -2.10
C LYS A 115 5.56 4.34 -2.39
N ALA A 116 5.04 4.68 -3.56
CA ALA A 116 3.74 4.21 -3.97
C ALA A 116 3.87 2.78 -4.45
N TYR A 117 2.77 2.08 -4.54
CA TYR A 117 2.79 0.67 -4.90
C TYR A 117 1.55 0.29 -5.74
N VAL A 118 1.69 -0.74 -6.56
CA VAL A 118 0.56 -1.29 -7.35
C VAL A 118 0.80 -2.80 -7.55
N VAL A 119 -0.24 -3.56 -7.89
CA VAL A 119 -0.10 -5.00 -8.07
C VAL A 119 -0.15 -5.40 -9.55
N GLN A 120 0.99 -5.79 -10.09
CA GLN A 120 1.09 -6.16 -11.52
C GLN A 120 0.62 -7.58 -11.77
N LEU A 121 -0.42 -7.76 -12.56
CA LEU A 121 -0.88 -9.11 -12.90
C LEU A 121 -0.20 -9.58 -14.16
N GLY A 122 0.00 -8.67 -15.09
CA GLY A 122 0.59 -9.01 -16.36
C GLY A 122 1.48 -7.92 -16.92
N ALA A 123 2.32 -8.31 -17.87
CA ALA A 123 3.23 -7.38 -18.54
C ALA A 123 3.75 -8.04 -19.81
N LEU A 124 3.17 -7.65 -20.93
CA LEU A 124 3.49 -8.28 -22.21
C LEU A 124 3.71 -7.22 -23.26
N LYS A 125 4.24 -7.65 -24.39
CA LYS A 125 4.59 -6.76 -25.48
C LYS A 125 3.57 -6.89 -26.59
N ASN A 126 2.40 -7.40 -26.22
CA ASN A 126 1.32 -7.60 -27.17
C ASN A 126 0.03 -7.02 -26.59
N ALA A 127 -0.53 -6.04 -27.29
CA ALA A 127 -1.66 -5.29 -26.79
C ALA A 127 -2.94 -6.11 -26.81
N ASP A 128 -2.99 -7.13 -27.65
CA ASP A 128 -4.15 -8.02 -27.72
C ASP A 128 -4.31 -8.74 -26.39
N LYS A 129 -3.18 -9.03 -25.79
CA LYS A 129 -3.13 -9.71 -24.50
C LYS A 129 -3.35 -8.69 -23.38
N VAL A 130 -2.95 -7.46 -23.63
CA VAL A 130 -3.21 -6.36 -22.71
C VAL A 130 -4.71 -6.09 -22.63
N ASN A 131 -5.35 -6.19 -23.79
CA ASN A 131 -6.77 -5.88 -23.92
C ASN A 131 -7.63 -6.77 -23.03
N GLU A 132 -7.24 -8.03 -22.84
CA GLU A 132 -8.05 -8.94 -22.05
C GLU A 132 -7.91 -8.64 -20.56
N ILE A 133 -6.67 -8.48 -20.09
CA ILE A 133 -6.44 -8.20 -18.67
C ILE A 133 -7.16 -6.93 -18.28
N VAL A 134 -7.03 -5.90 -19.11
CA VAL A 134 -7.68 -4.64 -18.87
C VAL A 134 -9.19 -4.77 -19.03
N GLY A 135 -9.61 -5.53 -20.04
CA GLY A 135 -11.02 -5.73 -20.29
C GLY A 135 -11.73 -6.41 -19.14
N LYS A 136 -11.03 -7.32 -18.48
CA LYS A 136 -11.60 -8.02 -17.34
C LYS A 136 -11.68 -7.11 -16.12
N LEU A 137 -10.63 -6.35 -15.86
CA LEU A 137 -10.59 -5.48 -14.69
C LEU A 137 -11.21 -4.11 -14.93
N ARG A 138 -10.68 -3.36 -15.89
CA ARG A 138 -11.16 -2.00 -16.12
C ARG A 138 -12.56 -2.07 -16.69
N GLY A 139 -12.80 -3.15 -17.41
CA GLY A 139 -14.11 -3.36 -17.97
C GLY A 139 -15.14 -3.63 -16.90
N ALA A 140 -14.71 -4.24 -15.81
CA ALA A 140 -15.58 -4.50 -14.67
C ALA A 140 -15.62 -3.29 -13.75
N GLY A 141 -14.69 -2.35 -13.97
CA GLY A 141 -14.71 -1.10 -13.23
C GLY A 141 -13.75 -1.09 -12.07
N TYR A 142 -12.72 -1.92 -12.12
CA TYR A 142 -11.74 -1.97 -11.06
C TYR A 142 -10.63 -0.96 -11.31
N ARG A 143 -10.00 -0.49 -10.24
CA ARG A 143 -8.95 0.51 -10.36
C ARG A 143 -7.69 -0.13 -10.89
N VAL A 144 -7.49 0.00 -12.18
CA VAL A 144 -6.42 -0.68 -12.88
C VAL A 144 -5.68 0.30 -13.78
N TYR A 145 -4.37 0.22 -13.77
CA TYR A 145 -3.58 1.01 -14.68
C TYR A 145 -2.48 0.18 -15.31
N THR A 146 -1.79 0.82 -16.22
CA THR A 146 -0.84 0.15 -17.09
C THR A 146 0.50 0.86 -17.06
N SER A 147 1.43 0.42 -17.90
CA SER A 147 2.74 1.07 -17.99
C SER A 147 2.58 2.58 -18.15
N PRO A 148 3.38 3.33 -17.39
CA PRO A 148 3.26 4.78 -17.22
C PRO A 148 2.85 5.56 -18.47
N SER A 149 3.46 5.27 -19.61
CA SER A 149 3.22 6.09 -20.80
C SER A 149 1.99 5.62 -21.58
N THR A 150 2.04 4.42 -22.14
CA THR A 150 0.94 3.91 -22.98
C THR A 150 1.09 2.41 -23.27
N PRO A 151 0.03 1.62 -23.03
CA PRO A 151 -0.10 0.27 -23.60
C PRO A 151 -0.06 0.27 -25.11
N VAL A 152 0.84 -0.50 -25.67
CA VAL A 152 1.02 -0.54 -27.11
C VAL A 152 1.58 -1.88 -27.53
N GLN A 153 1.34 -2.27 -28.76
CA GLN A 153 1.85 -3.52 -29.28
C GLN A 153 3.31 -3.37 -29.71
N GLY A 154 4.12 -4.32 -29.30
CA GLY A 154 5.52 -4.28 -29.64
C GLY A 154 6.37 -3.84 -28.48
N LYS A 155 5.77 -3.08 -27.58
CA LYS A 155 6.47 -2.59 -26.40
C LYS A 155 5.84 -3.18 -25.15
N ILE A 156 6.50 -3.01 -24.02
CA ILE A 156 6.04 -3.64 -22.79
C ILE A 156 4.85 -2.88 -22.19
N THR A 157 3.79 -3.61 -21.94
CA THR A 157 2.64 -3.05 -21.25
C THR A 157 2.39 -3.82 -19.96
N ARG A 158 2.73 -3.19 -18.86
CA ARG A 158 2.46 -3.73 -17.56
C ARG A 158 1.04 -3.38 -17.16
N ILE A 159 0.32 -4.35 -16.62
CA ILE A 159 -1.03 -4.11 -16.17
C ILE A 159 -1.12 -4.40 -14.69
N LEU A 160 -1.51 -3.38 -13.94
CA LEU A 160 -1.44 -3.44 -12.50
C LEU A 160 -2.76 -3.03 -11.86
N VAL A 161 -3.09 -3.72 -10.78
CA VAL A 161 -4.31 -3.48 -10.05
C VAL A 161 -4.03 -2.79 -8.74
N GLY A 162 -4.79 -1.75 -8.48
CA GLY A 162 -4.72 -1.07 -7.21
C GLY A 162 -3.61 -0.06 -7.12
N PRO A 163 -3.46 0.87 -8.10
CA PRO A 163 -2.50 1.96 -7.95
C PRO A 163 -2.84 2.82 -6.76
N ASP A 164 -1.89 2.99 -5.87
CA ASP A 164 -2.11 3.81 -4.69
C ASP A 164 -0.78 4.24 -4.12
N ALA A 165 -0.78 5.42 -3.51
CA ALA A 165 0.44 5.96 -2.93
C ALA A 165 0.60 5.51 -1.48
N SER A 166 -0.27 4.62 -1.04
CA SER A 166 -0.15 4.05 0.29
C SER A 166 0.03 2.56 0.15
N LYS A 167 1.27 2.14 0.21
CA LYS A 167 1.61 0.76 0.05
C LYS A 167 1.03 -0.08 1.16
N ASP A 168 0.99 0.47 2.35
CA ASP A 168 0.47 -0.23 3.51
C ASP A 168 -1.04 -0.43 3.38
N LYS A 169 -1.73 0.62 2.96
CA LYS A 169 -3.17 0.56 2.71
C LYS A 169 -3.49 -0.48 1.65
N LEU A 170 -2.69 -0.48 0.59
CA LEU A 170 -2.93 -1.37 -0.54
C LEU A 170 -2.35 -2.76 -0.26
N LYS A 171 -1.47 -2.83 0.73
CA LYS A 171 -0.82 -4.09 1.11
C LYS A 171 -1.84 -5.08 1.64
N GLY A 172 -2.85 -4.57 2.32
CA GLY A 172 -3.91 -5.42 2.81
C GLY A 172 -4.92 -5.68 1.72
N SER A 173 -4.78 -4.91 0.66
CA SER A 173 -5.69 -5.00 -0.46
C SER A 173 -5.34 -6.17 -1.37
N LEU A 174 -4.20 -6.81 -1.12
CA LEU A 174 -3.79 -7.95 -1.94
C LEU A 174 -4.63 -9.16 -1.57
N GLY A 175 -5.00 -9.24 -0.30
CA GLY A 175 -5.92 -10.27 0.14
C GLY A 175 -7.25 -10.13 -0.58
N GLU A 176 -7.56 -8.90 -0.94
CA GLU A 176 -8.74 -8.59 -1.72
C GLU A 176 -8.47 -8.75 -3.21
N LEU A 177 -7.20 -8.74 -3.59
CA LEU A 177 -6.82 -8.74 -5.00
C LEU A 177 -7.32 -9.99 -5.70
N LYS A 178 -7.16 -11.14 -5.07
CA LYS A 178 -7.69 -12.39 -5.61
C LYS A 178 -9.20 -12.32 -5.82
N GLN A 179 -9.85 -11.43 -5.08
CA GLN A 179 -11.28 -11.19 -5.23
C GLN A 179 -11.53 -10.10 -6.28
N LEU A 180 -10.67 -9.09 -6.29
CA LEU A 180 -10.80 -7.96 -7.19
C LEU A 180 -10.47 -8.37 -8.62
N SER A 181 -9.33 -9.00 -8.79
CA SER A 181 -8.83 -9.33 -10.11
C SER A 181 -8.87 -10.83 -10.34
N GLY A 182 -8.45 -11.58 -9.33
CA GLY A 182 -8.32 -13.02 -9.49
C GLY A 182 -7.12 -13.39 -10.32
N LEU A 183 -6.39 -12.37 -10.78
CA LEU A 183 -5.26 -12.57 -11.65
C LEU A 183 -3.98 -12.59 -10.82
N SER A 184 -2.94 -13.19 -11.36
CA SER A 184 -1.69 -13.37 -10.63
C SER A 184 -0.90 -12.07 -10.58
N GLY A 185 -1.06 -11.34 -9.50
CA GLY A 185 -0.42 -10.06 -9.36
C GLY A 185 0.78 -10.07 -8.44
N VAL A 186 1.83 -9.37 -8.86
CA VAL A 186 3.02 -9.23 -8.05
C VAL A 186 3.12 -7.81 -7.51
N VAL A 187 3.57 -7.70 -6.28
CA VAL A 187 3.66 -6.41 -5.60
C VAL A 187 4.89 -5.64 -6.09
N MET A 188 4.66 -4.63 -6.89
CA MET A 188 5.73 -3.83 -7.44
C MET A 188 5.58 -2.38 -7.03
N GLY A 189 6.70 -1.73 -6.76
CA GLY A 189 6.68 -0.36 -6.35
C GLY A 189 6.25 0.57 -7.46
N TYR A 190 5.40 1.49 -7.10
CA TYR A 190 4.80 2.44 -8.02
C TYR A 190 5.50 3.78 -7.92
N THR A 191 5.99 4.27 -9.03
CA THR A 191 6.60 5.57 -9.08
C THR A 191 6.23 6.26 -10.40
N PRO A 192 5.15 7.07 -10.38
CA PRO A 192 4.62 7.70 -11.59
C PRO A 192 5.63 8.60 -12.29
N ASN A 193 5.66 8.53 -13.61
CA ASN A 193 6.59 9.32 -14.40
C ASN A 193 5.83 10.25 -15.34
N ASP A 1 -59.06 20.92 17.41
CA ASP A 1 -58.12 21.79 18.16
C ASP A 1 -57.60 21.07 19.39
N GLY A 2 -58.49 20.71 20.29
CA GLY A 2 -58.07 20.00 21.49
C GLY A 2 -59.13 19.02 21.95
N GLN A 3 -58.71 17.99 22.65
CA GLN A 3 -59.62 16.99 23.17
C GLN A 3 -60.24 17.47 24.49
N LYS A 4 -61.03 18.55 24.40
CA LYS A 4 -61.71 19.13 25.55
C LYS A 4 -60.71 19.55 26.62
N LYS A 5 -59.50 19.85 26.18
CA LYS A 5 -58.42 20.23 27.08
C LYS A 5 -58.28 21.73 27.15
N HIS A 6 -59.17 22.37 27.89
CA HIS A 6 -59.12 23.81 28.08
C HIS A 6 -58.21 24.16 29.24
N TYR A 7 -56.95 24.46 28.92
CA TYR A 7 -55.92 24.78 29.90
C TYR A 7 -55.59 23.54 30.76
N GLN A 8 -55.62 22.38 30.12
CA GLN A 8 -55.22 21.14 30.77
C GLN A 8 -53.74 20.92 30.50
N ASP A 9 -53.34 21.17 29.26
CA ASP A 9 -51.95 21.08 28.85
C ASP A 9 -51.71 22.01 27.68
N GLU A 10 -50.68 22.83 27.79
CA GLU A 10 -50.34 23.79 26.76
C GLU A 10 -49.21 23.23 25.91
N PHE A 11 -49.22 21.89 25.78
CA PHE A 11 -48.16 21.14 25.13
C PHE A 11 -46.88 21.23 25.96
N ALA A 12 -46.20 22.36 25.87
CA ALA A 12 -45.01 22.67 26.69
C ALA A 12 -43.85 21.70 26.44
N ALA A 13 -43.94 20.49 26.98
CA ALA A 13 -42.84 19.54 26.95
C ALA A 13 -42.65 18.94 25.55
N ILE A 14 -43.54 19.28 24.64
CA ILE A 14 -43.43 18.79 23.26
C ILE A 14 -43.48 19.94 22.24
N PRO A 15 -42.47 20.83 22.25
CA PRO A 15 -42.40 21.92 21.29
C PRO A 15 -41.79 21.47 19.96
N LEU A 16 -42.66 21.06 19.05
CA LEU A 16 -42.23 20.62 17.72
C LEU A 16 -41.33 19.39 17.82
N VAL A 17 -41.57 18.57 18.82
CA VAL A 17 -40.82 17.34 19.00
C VAL A 17 -41.53 16.15 18.36
N PRO A 18 -42.85 15.93 18.65
CA PRO A 18 -43.57 14.80 18.08
C PRO A 18 -44.21 15.14 16.73
N LYS A 19 -45.18 16.03 16.75
CA LYS A 19 -45.89 16.45 15.54
C LYS A 19 -46.43 17.86 15.74
N ALA A 20 -45.50 18.82 15.80
CA ALA A 20 -45.79 20.22 16.12
C ALA A 20 -46.20 20.37 17.58
N GLY A 21 -47.35 19.83 17.94
CA GLY A 21 -47.85 19.96 19.29
C GLY A 21 -48.28 18.63 19.87
N ASP A 22 -49.56 18.56 20.26
CA ASP A 22 -50.09 17.40 20.97
C ASP A 22 -50.40 16.28 20.00
N ARG A 23 -49.79 15.13 20.23
CA ARG A 23 -50.01 13.95 19.40
C ARG A 23 -49.42 12.74 20.10
N ASP A 24 -48.17 12.85 20.51
CA ASP A 24 -47.50 11.78 21.25
C ASP A 24 -47.85 11.89 22.72
N GLU A 25 -48.04 10.75 23.36
CA GLU A 25 -48.39 10.71 24.77
C GLU A 25 -47.14 10.81 25.62
N PRO A 26 -47.06 11.86 26.46
CA PRO A 26 -45.94 12.02 27.39
C PRO A 26 -45.74 10.77 28.24
N ASP A 27 -44.56 10.17 28.13
CA ASP A 27 -44.27 8.90 28.78
C ASP A 27 -44.39 9.00 30.30
N MET A 28 -44.40 10.24 30.81
CA MET A 28 -44.61 10.47 32.23
C MET A 28 -45.96 9.93 32.68
N MET A 29 -46.93 9.92 31.77
CA MET A 29 -48.27 9.42 32.07
C MET A 29 -49.13 9.34 30.81
N PRO A 30 -48.94 8.29 30.01
CA PRO A 30 -49.75 8.05 28.82
C PRO A 30 -51.00 7.24 29.15
N ALA A 31 -51.67 6.74 28.12
CA ALA A 31 -52.88 5.94 28.32
C ALA A 31 -52.56 4.56 28.87
N ALA A 32 -52.44 4.46 30.18
CA ALA A 32 -52.09 3.21 30.84
C ALA A 32 -52.97 2.98 32.06
N THR A 33 -53.10 1.71 32.46
CA THR A 33 -53.91 1.32 33.62
C THR A 33 -55.40 1.62 33.39
N GLN A 34 -55.81 2.86 33.61
CA GLN A 34 -57.18 3.27 33.33
C GLN A 34 -57.29 3.75 31.90
N ALA A 35 -56.13 3.94 31.28
CA ALA A 35 -56.00 4.34 29.88
C ALA A 35 -56.48 5.77 29.66
N LEU A 36 -57.79 5.95 29.59
CA LEU A 36 -58.39 7.25 29.26
C LEU A 36 -58.00 7.66 27.84
N PRO A 37 -58.91 7.44 26.88
CA PRO A 37 -58.68 7.76 25.47
C PRO A 37 -58.11 9.16 25.27
N THR A 38 -57.06 9.25 24.47
CA THR A 38 -56.37 10.51 24.26
C THR A 38 -56.10 10.75 22.76
N GLN A 39 -57.13 10.61 21.95
CA GLN A 39 -57.03 10.90 20.54
C GLN A 39 -57.12 12.41 20.31
N PRO A 40 -56.00 13.05 19.93
CA PRO A 40 -55.94 14.50 19.78
C PRO A 40 -56.44 14.97 18.42
N PRO A 41 -57.52 15.76 18.40
CA PRO A 41 -58.02 16.37 17.18
C PRO A 41 -57.28 17.66 16.87
N GLU A 42 -56.46 17.63 15.83
CA GLU A 42 -55.54 18.72 15.50
C GLU A 42 -54.40 18.77 16.51
N GLY A 43 -53.21 18.41 16.07
CA GLY A 43 -52.07 18.40 16.96
C GLY A 43 -51.46 19.77 17.11
N ALA A 44 -51.48 20.53 16.04
CA ALA A 44 -50.93 21.87 16.02
C ALA A 44 -51.97 22.90 16.42
N ALA A 45 -52.57 22.70 17.58
CA ALA A 45 -53.58 23.62 18.10
C ALA A 45 -52.92 24.92 18.53
N GLU A 46 -51.91 24.81 19.38
CA GLU A 46 -51.21 25.98 19.88
C GLU A 46 -49.96 26.22 19.06
N GLU A 47 -49.73 27.48 18.70
CA GLU A 47 -48.54 27.86 17.97
C GLU A 47 -47.35 27.95 18.91
N VAL A 48 -46.89 26.80 19.37
CA VAL A 48 -45.78 26.74 20.31
C VAL A 48 -44.46 27.06 19.61
N ARG A 49 -43.72 27.99 20.20
CA ARG A 49 -42.41 28.36 19.68
C ARG A 49 -41.33 27.61 20.43
N ALA A 50 -41.43 27.62 21.76
CA ALA A 50 -40.46 26.94 22.60
C ALA A 50 -41.15 26.20 23.73
N GLY A 51 -42.46 26.02 23.61
CA GLY A 51 -43.23 25.37 24.66
C GLY A 51 -43.24 26.19 25.93
N ASP A 52 -42.45 25.77 26.91
CA ASP A 52 -42.28 26.54 28.13
C ASP A 52 -40.79 26.70 28.41
N ALA A 53 -40.00 26.46 27.36
CA ALA A 53 -38.54 26.47 27.46
C ALA A 53 -38.07 25.37 28.41
N ALA A 54 -36.82 25.46 28.85
CA ALA A 54 -36.29 24.49 29.79
C ALA A 54 -36.30 23.08 29.20
N ALA A 55 -36.13 23.00 27.89
CA ALA A 55 -36.14 21.72 27.19
C ALA A 55 -34.97 21.64 26.22
N PRO A 56 -34.22 20.53 26.25
CA PRO A 56 -33.10 20.31 25.35
C PRO A 56 -33.56 19.98 23.93
N SER A 57 -33.85 21.02 23.18
CA SER A 57 -34.23 20.88 21.79
C SER A 57 -33.05 21.27 20.89
N LEU A 58 -32.82 22.55 20.77
CA LEU A 58 -31.66 23.06 20.03
C LEU A 58 -30.74 23.78 21.00
N ASP A 59 -29.84 23.03 21.61
CA ASP A 59 -28.91 23.57 22.59
C ASP A 59 -27.83 24.37 21.87
N PRO A 60 -27.58 25.62 22.33
CA PRO A 60 -26.57 26.50 21.72
C PRO A 60 -25.15 25.99 21.92
N ALA A 61 -24.97 25.10 22.88
CA ALA A 61 -23.66 24.54 23.17
C ALA A 61 -23.58 23.09 22.72
N THR A 62 -23.47 22.89 21.42
CA THR A 62 -23.35 21.55 20.85
C THR A 62 -22.06 20.88 21.32
N ILE A 63 -21.09 21.71 21.73
CA ILE A 63 -19.84 21.21 22.27
C ILE A 63 -20.06 20.56 23.65
N ALA A 64 -21.22 20.84 24.25
CA ALA A 64 -21.58 20.27 25.52
C ALA A 64 -22.86 19.46 25.40
N ALA A 65 -23.02 18.81 24.26
CA ALA A 65 -24.19 17.98 23.99
C ALA A 65 -24.14 16.69 24.81
N ASN A 66 -25.13 15.84 24.60
CA ASN A 66 -25.26 14.57 25.33
C ASN A 66 -25.69 14.80 26.77
N ASN A 67 -24.82 15.44 27.57
CA ASN A 67 -25.10 15.65 28.98
C ASN A 67 -26.01 16.86 29.19
N THR A 68 -26.59 17.31 28.11
CA THR A 68 -27.58 18.37 28.17
C THR A 68 -28.98 17.75 28.22
N GLU A 69 -29.05 16.46 27.97
CA GLU A 69 -30.31 15.75 27.95
C GLU A 69 -30.24 14.42 28.69
N PHE A 70 -29.07 13.78 28.66
CA PHE A 70 -28.92 12.45 29.24
C PHE A 70 -27.45 12.04 29.24
N GLU A 71 -26.69 12.57 30.19
CA GLU A 71 -25.25 12.30 30.32
C GLU A 71 -24.92 10.79 30.34
N PRO A 72 -25.61 9.97 31.17
CA PRO A 72 -25.32 8.54 31.27
C PRO A 72 -25.44 7.78 29.95
N GLU A 73 -26.08 8.38 28.96
CA GLU A 73 -26.21 7.76 27.65
C GLU A 73 -24.92 7.98 26.84
N PRO A 74 -24.25 6.89 26.45
CA PRO A 74 -23.02 6.98 25.65
C PRO A 74 -23.29 7.48 24.23
N ALA A 75 -23.12 8.77 24.04
CA ALA A 75 -23.32 9.39 22.73
C ALA A 75 -22.35 8.81 21.71
N PRO A 76 -22.87 8.41 20.53
CA PRO A 76 -22.07 7.78 19.46
C PRO A 76 -20.86 8.62 19.06
N VAL A 77 -19.70 8.25 19.57
CA VAL A 77 -18.48 8.93 19.26
C VAL A 77 -17.94 8.46 17.91
N ALA A 78 -17.97 9.38 16.94
CA ALA A 78 -17.55 9.10 15.57
C ALA A 78 -16.11 8.58 15.48
N PRO A 79 -15.12 9.26 16.11
CA PRO A 79 -13.76 8.74 16.18
C PRO A 79 -13.66 7.55 17.14
N PRO A 80 -13.27 6.36 16.64
CA PRO A 80 -13.14 5.15 17.46
C PRO A 80 -11.98 5.22 18.45
N LYS A 81 -12.07 6.15 19.39
CA LYS A 81 -11.06 6.31 20.42
C LYS A 81 -11.25 5.28 21.55
N PRO A 82 -12.47 5.12 22.11
CA PRO A 82 -12.70 4.16 23.21
C PRO A 82 -12.94 2.75 22.69
N LYS A 83 -12.08 2.27 21.82
CA LYS A 83 -12.21 0.93 21.28
C LYS A 83 -11.38 -0.06 22.12
N PRO A 84 -12.00 -1.17 22.53
CA PRO A 84 -11.34 -2.20 23.36
C PRO A 84 -10.30 -3.01 22.59
N VAL A 85 -9.10 -3.12 23.15
CA VAL A 85 -8.04 -3.92 22.55
C VAL A 85 -8.03 -5.33 23.14
N GLU A 86 -9.24 -5.83 23.31
CA GLU A 86 -9.45 -7.17 23.83
C GLU A 86 -8.96 -8.19 22.82
N PRO A 87 -8.72 -9.46 23.22
CA PRO A 87 -8.24 -10.51 22.31
C PRO A 87 -8.96 -10.54 20.95
N PRO A 88 -10.32 -10.55 20.91
CA PRO A 88 -11.05 -10.54 19.63
C PRO A 88 -10.94 -9.19 18.90
N LYS A 89 -10.53 -8.16 19.64
CA LYS A 89 -10.40 -6.80 19.11
C LYS A 89 -11.70 -6.34 18.45
N PRO A 90 -12.76 -6.13 19.25
CA PRO A 90 -14.05 -5.65 18.76
C PRO A 90 -14.04 -4.14 18.58
N LYS A 91 -14.03 -3.69 17.34
CA LYS A 91 -13.98 -2.27 17.05
C LYS A 91 -15.36 -1.62 17.23
N VAL A 92 -15.71 -1.40 18.49
CA VAL A 92 -16.97 -0.73 18.86
C VAL A 92 -18.18 -1.61 18.58
N GLU A 93 -18.61 -1.63 17.32
CA GLU A 93 -19.78 -2.38 16.92
C GLU A 93 -19.44 -3.31 15.76
N ALA A 94 -18.19 -3.29 15.37
CA ALA A 94 -17.72 -4.10 14.26
C ALA A 94 -17.36 -5.49 14.72
N PRO A 95 -17.83 -6.52 14.01
CA PRO A 95 -17.48 -7.92 14.30
C PRO A 95 -16.00 -8.19 14.08
N PRO A 96 -15.35 -8.88 15.04
CA PRO A 96 -13.95 -9.30 14.91
C PRO A 96 -13.70 -10.15 13.67
N ALA A 97 -12.95 -9.61 12.72
CA ALA A 97 -12.66 -10.30 11.48
C ALA A 97 -11.24 -10.02 11.02
N PRO A 98 -10.55 -11.04 10.47
CA PRO A 98 -9.20 -10.88 9.92
C PRO A 98 -9.19 -10.07 8.63
N LYS A 99 -8.97 -8.77 8.75
CA LYS A 99 -8.92 -7.88 7.60
C LYS A 99 -8.17 -6.60 7.94
N PRO A 100 -7.13 -6.26 7.17
CA PRO A 100 -6.45 -4.97 7.30
C PRO A 100 -7.41 -3.82 7.03
N GLU A 101 -7.64 -3.01 8.05
CA GLU A 101 -8.66 -1.96 8.01
C GLU A 101 -8.29 -0.86 7.02
N PRO A 102 -9.20 -0.58 6.06
CA PRO A 102 -8.99 0.44 5.02
C PRO A 102 -8.85 1.85 5.61
N LYS A 103 -8.23 2.74 4.85
CA LYS A 103 -7.95 4.08 5.33
C LYS A 103 -7.76 5.04 4.16
N PRO A 104 -8.17 6.31 4.33
CA PRO A 104 -7.98 7.33 3.30
C PRO A 104 -6.52 7.80 3.22
N VAL A 105 -5.95 7.73 2.03
CA VAL A 105 -4.55 8.11 1.83
C VAL A 105 -4.46 9.61 1.50
N VAL A 106 -5.14 10.39 2.32
CA VAL A 106 -5.15 11.83 2.18
C VAL A 106 -3.96 12.45 2.91
N GLU A 107 -2.95 11.63 3.14
CA GLU A 107 -1.78 12.03 3.89
C GLU A 107 -0.52 11.68 3.11
N GLU A 108 0.56 12.39 3.40
CA GLU A 108 1.83 12.09 2.76
C GLU A 108 2.51 10.94 3.47
N LYS A 109 1.87 9.77 3.40
CA LYS A 109 2.38 8.55 4.02
C LYS A 109 3.69 8.14 3.34
N ALA A 110 3.58 7.73 2.10
CA ALA A 110 4.74 7.47 1.27
C ALA A 110 4.79 8.52 0.16
N ALA A 111 3.90 9.51 0.30
CA ALA A 111 3.69 10.57 -0.68
C ALA A 111 2.93 10.04 -1.90
N PRO A 112 2.12 10.90 -2.54
CA PRO A 112 1.24 10.50 -3.66
C PRO A 112 2.02 10.01 -4.89
N THR A 113 3.34 10.17 -4.84
CA THR A 113 4.20 9.75 -5.92
C THR A 113 5.60 9.47 -5.37
N GLY A 114 6.48 8.95 -6.21
CA GLY A 114 7.79 8.54 -5.76
C GLY A 114 7.75 7.16 -5.13
N LYS A 115 7.27 7.08 -3.90
CA LYS A 115 7.09 5.81 -3.23
C LYS A 115 5.64 5.37 -3.35
N ALA A 116 5.28 4.94 -4.54
CA ALA A 116 3.93 4.52 -4.84
C ALA A 116 3.92 3.00 -5.06
N TYR A 117 2.73 2.39 -5.03
CA TYR A 117 2.61 0.94 -5.09
C TYR A 117 1.45 0.51 -6.01
N VAL A 118 1.64 -0.57 -6.79
CA VAL A 118 0.55 -1.21 -7.55
C VAL A 118 0.85 -2.72 -7.70
N VAL A 119 -0.15 -3.53 -8.04
CA VAL A 119 0.05 -4.96 -8.21
C VAL A 119 0.09 -5.35 -9.70
N GLN A 120 1.27 -5.71 -10.20
CA GLN A 120 1.43 -6.15 -11.58
C GLN A 120 0.93 -7.57 -11.78
N LEU A 121 -0.15 -7.75 -12.51
CA LEU A 121 -0.65 -9.10 -12.79
C LEU A 121 0.02 -9.62 -14.05
N GLY A 122 0.23 -8.72 -14.99
CA GLY A 122 0.83 -9.10 -16.25
C GLY A 122 1.73 -8.02 -16.82
N ALA A 123 2.50 -8.38 -17.83
CA ALA A 123 3.41 -7.47 -18.50
C ALA A 123 3.86 -8.07 -19.81
N LEU A 124 3.26 -7.62 -20.89
CA LEU A 124 3.49 -8.21 -22.20
C LEU A 124 3.62 -7.12 -23.25
N LYS A 125 4.26 -7.49 -24.35
CA LYS A 125 4.55 -6.55 -25.42
C LYS A 125 3.49 -6.64 -26.50
N ASN A 126 2.36 -7.23 -26.13
CA ASN A 126 1.23 -7.38 -27.03
C ASN A 126 0.04 -6.65 -26.46
N ALA A 127 -0.34 -5.54 -27.07
CA ALA A 127 -1.49 -4.77 -26.63
C ALA A 127 -2.77 -5.59 -26.78
N ASP A 128 -2.73 -6.52 -27.72
CA ASP A 128 -3.82 -7.47 -27.93
C ASP A 128 -4.08 -8.26 -26.67
N LYS A 129 -2.99 -8.59 -26.01
CA LYS A 129 -3.05 -9.36 -24.76
C LYS A 129 -3.29 -8.43 -23.58
N VAL A 130 -2.93 -7.16 -23.77
CA VAL A 130 -3.22 -6.14 -22.78
C VAL A 130 -4.73 -5.94 -22.65
N ASN A 131 -5.39 -5.84 -23.79
CA ASN A 131 -6.82 -5.55 -23.83
C ASN A 131 -7.63 -6.65 -23.14
N GLU A 132 -7.14 -7.88 -23.15
CA GLU A 132 -7.90 -8.99 -22.55
C GLU A 132 -7.79 -8.96 -21.02
N ILE A 133 -6.58 -8.73 -20.51
CA ILE A 133 -6.38 -8.62 -19.06
C ILE A 133 -7.08 -7.39 -18.55
N VAL A 134 -6.88 -6.29 -19.27
CA VAL A 134 -7.48 -5.03 -18.93
C VAL A 134 -9.00 -5.12 -19.04
N GLY A 135 -9.48 -5.94 -19.98
CA GLY A 135 -10.90 -6.12 -20.15
C GLY A 135 -11.57 -6.67 -18.90
N LYS A 136 -10.83 -7.48 -18.14
CA LYS A 136 -11.34 -8.02 -16.89
C LYS A 136 -11.43 -6.93 -15.83
N LEU A 137 -10.32 -6.25 -15.60
CA LEU A 137 -10.24 -5.30 -14.49
C LEU A 137 -10.79 -3.92 -14.84
N ARG A 138 -10.36 -3.33 -15.95
CA ARG A 138 -10.84 -2.00 -16.31
C ARG A 138 -12.29 -2.10 -16.71
N GLY A 139 -12.60 -3.19 -17.40
CA GLY A 139 -13.90 -3.39 -17.94
C GLY A 139 -14.96 -3.52 -16.86
N ALA A 140 -14.57 -4.09 -15.73
CA ALA A 140 -15.46 -4.26 -14.59
C ALA A 140 -15.45 -3.02 -13.69
N GLY A 141 -14.60 -2.06 -14.03
CA GLY A 141 -14.57 -0.82 -13.30
C GLY A 141 -13.67 -0.87 -12.07
N TYR A 142 -12.68 -1.74 -12.09
CA TYR A 142 -11.76 -1.86 -10.96
C TYR A 142 -10.62 -0.87 -11.09
N ARG A 143 -9.96 -0.57 -9.98
CA ARG A 143 -8.83 0.34 -10.00
C ARG A 143 -7.61 -0.36 -10.57
N VAL A 144 -7.40 -0.14 -11.85
CA VAL A 144 -6.35 -0.81 -12.58
C VAL A 144 -5.75 0.14 -13.61
N TYR A 145 -4.46 0.08 -13.79
CA TYR A 145 -3.80 0.87 -14.81
C TYR A 145 -2.70 0.07 -15.50
N THR A 146 -2.10 0.71 -16.48
CA THR A 146 -1.13 0.07 -17.36
C THR A 146 0.24 0.74 -17.21
N SER A 147 1.20 0.33 -18.03
CA SER A 147 2.52 0.94 -18.03
C SER A 147 2.42 2.45 -18.16
N PRO A 148 3.28 3.17 -17.41
CA PRO A 148 3.19 4.62 -17.21
C PRO A 148 2.96 5.44 -18.49
N SER A 149 3.56 5.02 -19.60
CA SER A 149 3.47 5.82 -20.81
C SER A 149 2.21 5.49 -21.64
N THR A 150 2.12 4.26 -22.14
CA THR A 150 0.99 3.85 -22.97
C THR A 150 0.97 2.34 -23.18
N PRO A 151 -0.22 1.70 -23.15
CA PRO A 151 -0.38 0.35 -23.69
C PRO A 151 -0.20 0.37 -25.20
N VAL A 152 0.73 -0.42 -25.70
CA VAL A 152 1.07 -0.34 -27.10
C VAL A 152 1.61 -1.67 -27.62
N GLN A 153 1.50 -1.86 -28.92
CA GLN A 153 1.96 -3.08 -29.56
C GLN A 153 3.47 -3.02 -29.81
N GLY A 154 4.17 -4.05 -29.37
CA GLY A 154 5.60 -4.12 -29.63
C GLY A 154 6.42 -3.73 -28.43
N LYS A 155 5.84 -2.94 -27.55
CA LYS A 155 6.53 -2.48 -26.35
C LYS A 155 5.89 -3.09 -25.12
N ILE A 156 6.64 -3.13 -24.03
CA ILE A 156 6.18 -3.77 -22.83
C ILE A 156 5.06 -2.98 -22.16
N THR A 157 3.88 -3.58 -22.11
CA THR A 157 2.75 -2.99 -21.42
C THR A 157 2.42 -3.82 -20.19
N ARG A 158 2.63 -3.22 -19.04
CA ARG A 158 2.38 -3.86 -17.77
C ARG A 158 0.95 -3.62 -17.33
N ILE A 159 0.33 -4.64 -16.76
CA ILE A 159 -1.03 -4.53 -16.24
C ILE A 159 -1.00 -4.61 -14.73
N LEU A 160 -1.42 -3.55 -14.08
CA LEU A 160 -1.30 -3.47 -12.63
C LEU A 160 -2.62 -3.07 -11.99
N VAL A 161 -2.98 -3.76 -10.94
CA VAL A 161 -4.21 -3.52 -10.23
C VAL A 161 -3.95 -2.87 -8.88
N GLY A 162 -4.75 -1.87 -8.59
CA GLY A 162 -4.69 -1.22 -7.30
C GLY A 162 -3.61 -0.17 -7.21
N PRO A 163 -3.50 0.77 -8.18
CA PRO A 163 -2.55 1.85 -8.05
C PRO A 163 -2.87 2.72 -6.86
N ASP A 164 -1.89 2.89 -5.99
CA ASP A 164 -2.08 3.69 -4.81
C ASP A 164 -0.73 4.18 -4.30
N ALA A 165 -0.76 5.10 -3.38
CA ALA A 165 0.46 5.67 -2.84
C ALA A 165 0.74 5.12 -1.45
N SER A 166 -0.10 4.19 -1.00
CA SER A 166 0.09 3.57 0.30
C SER A 166 0.27 2.07 0.14
N LYS A 167 1.42 1.59 0.55
CA LYS A 167 1.68 0.17 0.53
C LYS A 167 0.79 -0.52 1.53
N ASP A 168 0.65 0.07 2.71
CA ASP A 168 -0.13 -0.53 3.78
C ASP A 168 -1.57 -0.78 3.33
N LYS A 169 -2.18 0.25 2.76
CA LYS A 169 -3.52 0.15 2.21
C LYS A 169 -3.63 -1.00 1.22
N LEU A 170 -2.82 -0.92 0.19
CA LEU A 170 -2.94 -1.80 -0.95
C LEU A 170 -2.38 -3.20 -0.65
N LYS A 171 -1.41 -3.28 0.25
CA LYS A 171 -0.83 -4.56 0.64
C LYS A 171 -1.82 -5.31 1.53
N GLY A 172 -2.59 -4.55 2.28
CA GLY A 172 -3.64 -5.13 3.10
C GLY A 172 -4.83 -5.47 2.24
N SER A 173 -4.80 -4.94 1.03
CA SER A 173 -5.86 -5.12 0.07
C SER A 173 -5.67 -6.40 -0.77
N LEU A 174 -4.51 -7.03 -0.66
CA LEU A 174 -4.19 -8.17 -1.51
C LEU A 174 -5.09 -9.36 -1.19
N GLY A 175 -5.42 -9.51 0.09
CA GLY A 175 -6.27 -10.59 0.51
C GLY A 175 -7.61 -10.56 -0.19
N GLU A 176 -8.19 -9.36 -0.28
CA GLU A 176 -9.46 -9.20 -0.97
C GLU A 176 -9.23 -8.99 -2.47
N LEU A 177 -8.00 -8.64 -2.84
CA LEU A 177 -7.66 -8.35 -4.22
C LEU A 177 -7.78 -9.60 -5.07
N LYS A 178 -7.51 -10.74 -4.46
CA LYS A 178 -7.70 -12.04 -5.10
C LYS A 178 -9.17 -12.20 -5.52
N GLN A 179 -10.05 -11.48 -4.84
CA GLN A 179 -11.45 -11.42 -5.22
C GLN A 179 -11.69 -10.29 -6.21
N LEU A 180 -10.97 -9.18 -6.02
CA LEU A 180 -11.15 -7.98 -6.83
C LEU A 180 -10.68 -8.22 -8.27
N SER A 181 -9.46 -8.69 -8.42
CA SER A 181 -8.91 -8.96 -9.73
C SER A 181 -8.96 -10.44 -10.03
N GLY A 182 -8.57 -11.23 -9.04
CA GLY A 182 -8.52 -12.67 -9.19
C GLY A 182 -7.33 -13.10 -10.02
N LEU A 183 -6.50 -12.13 -10.36
CA LEU A 183 -5.37 -12.37 -11.23
C LEU A 183 -4.09 -12.48 -10.41
N SER A 184 -3.09 -13.13 -10.97
CA SER A 184 -1.85 -13.37 -10.27
C SER A 184 -0.91 -12.20 -10.47
N GLY A 185 -0.76 -11.39 -9.44
CA GLY A 185 0.07 -10.21 -9.56
C GLY A 185 1.11 -10.07 -8.46
N VAL A 186 2.12 -9.27 -8.74
CA VAL A 186 3.20 -9.02 -7.81
C VAL A 186 3.12 -7.60 -7.29
N VAL A 187 3.46 -7.42 -6.03
CA VAL A 187 3.48 -6.10 -5.42
C VAL A 187 4.76 -5.38 -5.85
N MET A 188 4.62 -4.43 -6.74
CA MET A 188 5.75 -3.70 -7.26
C MET A 188 5.59 -2.23 -6.99
N GLY A 189 6.70 -1.56 -6.74
CA GLY A 189 6.66 -0.17 -6.42
C GLY A 189 6.32 0.70 -7.61
N TYR A 190 5.13 1.24 -7.53
CA TYR A 190 4.58 2.19 -8.48
C TYR A 190 5.40 3.48 -8.49
N THR A 191 5.71 3.97 -9.66
CA THR A 191 6.45 5.22 -9.78
C THR A 191 6.02 6.00 -11.01
N PRO A 192 5.07 6.93 -10.85
CA PRO A 192 4.69 7.83 -11.94
C PRO A 192 5.77 8.90 -12.15
N ASN A 193 6.34 8.92 -13.34
CA ASN A 193 7.44 9.82 -13.66
C ASN A 193 7.76 9.74 -15.14
N ASP A 1 11.31 15.09 13.08
CA ASP A 1 11.44 16.20 12.10
C ASP A 1 11.83 17.51 12.77
N GLY A 2 11.24 17.77 13.94
CA GLY A 2 11.46 19.03 14.62
C GLY A 2 12.52 18.97 15.70
N GLN A 3 13.52 18.12 15.49
CA GLN A 3 14.69 17.97 16.37
C GLN A 3 14.34 17.38 17.73
N LYS A 4 15.23 16.53 18.23
CA LYS A 4 15.06 15.89 19.52
C LYS A 4 15.55 16.82 20.62
N LYS A 5 14.66 17.20 21.52
CA LYS A 5 14.97 18.17 22.54
C LYS A 5 13.98 18.11 23.70
N HIS A 6 14.50 18.32 24.90
CA HIS A 6 13.65 18.45 26.08
C HIS A 6 13.07 19.85 26.13
N TYR A 7 13.82 20.79 25.56
CA TYR A 7 13.38 22.17 25.45
C TYR A 7 13.62 22.66 24.04
N GLN A 8 14.91 22.82 23.69
CA GLN A 8 15.31 23.26 22.36
C GLN A 8 16.83 23.45 22.33
N ASP A 9 17.29 24.44 23.07
CA ASP A 9 18.70 24.75 23.16
C ASP A 9 19.20 24.48 24.58
N GLU A 10 20.31 23.76 24.67
CA GLU A 10 20.92 23.45 25.97
C GLU A 10 22.44 23.47 25.83
N PHE A 11 22.95 22.70 24.87
CA PHE A 11 24.39 22.58 24.65
C PHE A 11 25.08 22.12 25.94
N ALA A 12 24.88 20.84 26.26
CA ALA A 12 25.39 20.23 27.49
C ALA A 12 24.63 20.76 28.72
N ALA A 13 24.74 22.06 28.97
CA ALA A 13 24.10 22.68 30.12
C ALA A 13 24.15 24.20 30.01
N ILE A 14 25.37 24.74 30.00
CA ILE A 14 25.58 26.18 30.00
C ILE A 14 24.87 26.86 31.17
N PRO A 15 25.40 26.69 32.39
CA PRO A 15 24.93 27.42 33.57
C PRO A 15 25.48 28.84 33.57
N LEU A 16 25.39 29.49 32.41
CA LEU A 16 25.92 30.84 32.21
C LEU A 16 27.42 30.87 32.46
N VAL A 17 28.07 29.76 32.16
CA VAL A 17 29.52 29.66 32.31
C VAL A 17 30.22 30.21 31.05
N PRO A 18 29.95 29.64 29.85
CA PRO A 18 30.46 30.22 28.61
C PRO A 18 29.68 31.46 28.21
N LYS A 19 30.39 32.54 27.92
CA LYS A 19 29.75 33.79 27.53
C LYS A 19 29.10 33.66 26.16
N ALA A 20 29.58 32.70 25.38
CA ALA A 20 29.03 32.44 24.05
C ALA A 20 29.06 30.95 23.75
N GLY A 21 28.40 30.18 24.60
CA GLY A 21 28.36 28.74 24.41
C GLY A 21 27.37 28.33 23.34
N ASP A 22 26.36 29.17 23.12
CA ASP A 22 25.37 28.91 22.08
C ASP A 22 26.01 29.12 20.71
N ARG A 23 26.47 28.04 20.11
CA ARG A 23 27.13 28.10 18.82
C ARG A 23 26.10 28.31 17.72
N ASP A 24 24.96 27.64 17.85
CA ASP A 24 23.87 27.79 16.91
C ASP A 24 22.87 28.81 17.45
N GLU A 25 22.08 29.41 16.56
CA GLU A 25 21.11 30.42 16.98
C GLU A 25 19.83 29.76 17.46
N PRO A 26 19.51 29.91 18.75
CA PRO A 26 18.31 29.30 19.35
C PRO A 26 17.04 30.05 18.95
N ASP A 27 16.70 29.94 17.68
CA ASP A 27 15.52 30.62 17.14
C ASP A 27 14.44 29.60 16.79
N MET A 28 13.19 30.03 16.85
CA MET A 28 12.05 29.17 16.54
C MET A 28 12.05 28.78 15.06
N MET A 29 12.81 29.50 14.27
CA MET A 29 12.99 29.18 12.86
C MET A 29 14.35 29.69 12.38
N PRO A 30 15.37 28.83 12.38
CA PRO A 30 16.72 29.22 11.95
C PRO A 30 16.77 29.54 10.47
N ALA A 31 16.47 30.79 10.19
CA ALA A 31 16.42 31.31 8.84
C ALA A 31 16.31 32.84 8.87
N ALA A 32 17.14 33.49 8.09
CA ALA A 32 17.13 34.95 7.99
C ALA A 32 17.74 35.39 6.68
N THR A 33 18.99 35.00 6.47
CA THR A 33 19.63 35.17 5.18
C THR A 33 19.71 33.82 4.48
N GLN A 34 19.85 32.78 5.29
CA GLN A 34 19.84 31.41 4.82
C GLN A 34 18.92 30.57 5.69
N ALA A 35 18.49 29.43 5.18
CA ALA A 35 17.68 28.51 5.96
C ALA A 35 18.57 27.38 6.46
N LEU A 36 18.78 27.32 7.76
CA LEU A 36 19.68 26.35 8.35
C LEU A 36 18.92 25.26 9.10
N PRO A 37 18.99 24.01 8.61
CA PRO A 37 18.46 22.86 9.30
C PRO A 37 19.51 22.25 10.25
N THR A 38 20.12 23.11 11.03
CA THR A 38 21.21 22.71 11.91
C THR A 38 20.68 22.08 13.19
N GLN A 39 19.93 22.85 13.96
CA GLN A 39 19.26 22.30 15.14
C GLN A 39 18.15 21.34 14.74
N PRO A 40 17.20 21.76 13.87
CA PRO A 40 16.23 20.85 13.29
C PRO A 40 16.76 20.20 12.00
N PRO A 41 17.20 18.93 12.08
CA PRO A 41 17.84 18.23 10.95
C PRO A 41 16.89 18.00 9.77
N GLU A 42 15.66 18.45 9.91
CA GLU A 42 14.69 18.35 8.84
C GLU A 42 13.89 19.64 8.75
N GLY A 43 13.24 19.98 9.86
CA GLY A 43 12.48 21.22 9.91
C GLY A 43 11.00 20.96 10.13
N ALA A 44 10.28 21.98 10.56
CA ALA A 44 8.86 21.86 10.79
C ALA A 44 8.09 22.99 10.11
N ALA A 45 7.62 22.73 8.89
CA ALA A 45 6.84 23.71 8.17
C ALA A 45 5.39 23.69 8.64
N GLU A 46 4.86 22.48 8.79
CA GLU A 46 3.50 22.25 9.25
C GLU A 46 2.48 22.80 8.23
N GLU A 47 1.19 22.52 8.47
CA GLU A 47 0.13 22.89 7.54
C GLU A 47 0.33 22.16 6.22
N VAL A 48 0.82 20.93 6.33
CA VAL A 48 1.17 20.12 5.17
C VAL A 48 0.01 19.23 4.74
N ARG A 49 -1.02 19.17 5.58
CA ARG A 49 -2.20 18.34 5.29
C ARG A 49 -2.91 18.84 4.04
N ALA A 50 -2.83 20.15 3.80
CA ALA A 50 -3.37 20.80 2.60
C ALA A 50 -4.89 20.61 2.49
N GLY A 51 -5.31 19.49 1.94
CA GLY A 51 -6.71 19.20 1.80
C GLY A 51 -7.01 17.75 2.08
N ASP A 52 -7.99 17.49 2.92
CA ASP A 52 -8.34 16.13 3.30
C ASP A 52 -9.06 15.43 2.15
N ALA A 53 -8.36 14.49 1.51
CA ALA A 53 -8.86 13.72 0.37
C ALA A 53 -8.96 14.58 -0.89
N ALA A 54 -9.66 15.71 -0.80
CA ALA A 54 -9.84 16.61 -1.93
C ALA A 54 -10.49 15.86 -3.10
N ALA A 55 -11.66 15.29 -2.83
CA ALA A 55 -12.37 14.48 -3.81
C ALA A 55 -13.87 14.71 -3.71
N PRO A 56 -14.64 14.40 -4.77
CA PRO A 56 -16.09 14.58 -4.77
C PRO A 56 -16.77 13.98 -3.54
N SER A 57 -16.59 12.69 -3.34
CA SER A 57 -17.16 11.99 -2.19
C SER A 57 -16.61 10.57 -2.11
N LEU A 58 -17.26 9.65 -2.82
CA LEU A 58 -16.83 8.25 -2.85
C LEU A 58 -16.88 7.73 -4.28
N ASP A 59 -16.27 8.48 -5.20
CA ASP A 59 -16.24 8.07 -6.61
C ASP A 59 -15.41 6.79 -6.75
N PRO A 60 -15.80 5.91 -7.69
CA PRO A 60 -15.18 4.58 -7.84
C PRO A 60 -13.80 4.63 -8.48
N ALA A 61 -13.39 5.82 -8.95
CA ALA A 61 -12.10 6.02 -9.61
C ALA A 61 -11.99 5.20 -10.89
N THR A 62 -13.11 4.66 -11.34
CA THR A 62 -13.15 3.77 -12.48
C THR A 62 -14.46 3.94 -13.24
N ILE A 63 -14.71 3.03 -14.18
CA ILE A 63 -15.94 3.07 -14.96
C ILE A 63 -17.03 2.24 -14.30
N ALA A 64 -18.22 2.79 -14.26
CA ALA A 64 -19.37 2.10 -13.69
C ALA A 64 -20.59 2.28 -14.58
N ALA A 65 -20.62 1.52 -15.67
CA ALA A 65 -21.69 1.61 -16.64
C ALA A 65 -22.99 1.05 -16.06
N ASN A 66 -22.84 0.09 -15.14
CA ASN A 66 -23.96 -0.50 -14.42
C ASN A 66 -24.90 -1.28 -15.34
N ASN A 67 -25.81 -0.57 -16.01
CA ASN A 67 -26.80 -1.22 -16.87
C ASN A 67 -27.27 -0.27 -17.95
N THR A 68 -26.43 0.71 -18.27
CA THR A 68 -26.77 1.71 -19.27
C THR A 68 -26.92 1.06 -20.65
N GLU A 69 -26.22 -0.04 -20.87
CA GLU A 69 -26.32 -0.77 -22.13
C GLU A 69 -26.69 -2.23 -21.87
N PHE A 70 -27.29 -2.47 -20.71
CA PHE A 70 -27.80 -3.79 -20.33
C PHE A 70 -26.68 -4.80 -20.20
N GLU A 71 -26.09 -4.86 -18.99
CA GLU A 71 -24.98 -5.76 -18.69
C GLU A 71 -23.76 -5.44 -19.54
N PRO A 72 -22.76 -4.72 -18.98
CA PRO A 72 -21.52 -4.39 -19.69
C PRO A 72 -20.79 -5.64 -20.16
N GLU A 73 -20.99 -6.00 -21.43
CA GLU A 73 -20.44 -7.21 -22.01
C GLU A 73 -20.94 -8.45 -21.25
N PRO A 74 -22.13 -8.94 -21.61
CA PRO A 74 -22.77 -10.06 -20.92
C PRO A 74 -22.17 -11.40 -21.34
N ALA A 75 -21.34 -11.39 -22.37
CA ALA A 75 -20.71 -12.61 -22.85
C ALA A 75 -19.27 -12.36 -23.27
N PRO A 76 -18.36 -12.20 -22.28
CA PRO A 76 -16.93 -12.00 -22.54
C PRO A 76 -16.28 -13.26 -23.10
N VAL A 77 -15.71 -13.16 -24.29
CA VAL A 77 -15.15 -14.30 -24.97
C VAL A 77 -13.62 -14.37 -24.84
N ALA A 78 -13.10 -13.68 -23.84
CA ALA A 78 -11.67 -13.69 -23.59
C ALA A 78 -11.35 -14.67 -22.47
N PRO A 79 -10.35 -15.55 -22.69
CA PRO A 79 -9.97 -16.61 -21.74
C PRO A 79 -9.85 -16.08 -20.31
N PRO A 80 -10.69 -16.62 -19.40
CA PRO A 80 -10.77 -16.17 -17.99
C PRO A 80 -9.42 -16.20 -17.29
N LYS A 81 -8.67 -17.26 -17.49
CA LYS A 81 -7.36 -17.40 -16.88
C LYS A 81 -6.26 -17.18 -17.92
N PRO A 82 -5.52 -16.08 -17.81
CA PRO A 82 -4.41 -15.81 -18.72
C PRO A 82 -3.22 -16.71 -18.46
N LYS A 83 -2.63 -17.23 -19.54
CA LYS A 83 -1.47 -18.09 -19.42
C LYS A 83 -0.18 -17.27 -19.57
N PRO A 84 0.55 -17.08 -18.47
CA PRO A 84 1.79 -16.31 -18.48
C PRO A 84 2.96 -17.11 -19.06
N VAL A 85 3.77 -16.46 -19.86
CA VAL A 85 4.93 -17.09 -20.47
C VAL A 85 6.20 -16.46 -19.90
N GLU A 86 6.26 -16.43 -18.57
CA GLU A 86 7.35 -15.82 -17.82
C GLU A 86 7.44 -14.32 -18.11
N PRO A 87 6.71 -13.51 -17.31
CA PRO A 87 6.74 -12.05 -17.43
C PRO A 87 8.17 -11.50 -17.34
N PRO A 88 8.46 -10.41 -18.08
CA PRO A 88 9.78 -9.76 -18.08
C PRO A 88 10.32 -9.50 -16.67
N LYS A 89 11.64 -9.49 -16.57
CA LYS A 89 12.33 -9.33 -15.30
C LYS A 89 12.11 -7.93 -14.73
N PRO A 90 11.43 -7.84 -13.57
CA PRO A 90 11.21 -6.57 -12.89
C PRO A 90 12.48 -6.11 -12.18
N LYS A 91 12.50 -4.87 -11.75
CA LYS A 91 13.71 -4.28 -11.21
C LYS A 91 13.54 -3.92 -9.75
N VAL A 92 13.72 -4.93 -8.91
CA VAL A 92 13.57 -4.76 -7.46
C VAL A 92 14.92 -4.56 -6.81
N GLU A 93 15.95 -5.10 -7.45
CA GLU A 93 17.30 -5.05 -6.92
C GLU A 93 18.10 -3.97 -7.65
N ALA A 94 17.39 -3.13 -8.39
CA ALA A 94 18.00 -2.03 -9.10
C ALA A 94 18.49 -0.97 -8.12
N PRO A 95 19.73 -0.49 -8.30
CA PRO A 95 20.30 0.57 -7.46
C PRO A 95 19.41 1.80 -7.40
N PRO A 96 19.18 2.35 -6.19
CA PRO A 96 18.35 3.56 -6.00
C PRO A 96 19.01 4.81 -6.58
N ALA A 97 19.36 4.76 -7.85
CA ALA A 97 19.92 5.91 -8.55
C ALA A 97 18.83 6.89 -8.96
N PRO A 98 17.72 6.43 -9.61
CA PRO A 98 16.62 7.30 -9.99
C PRO A 98 15.72 7.61 -8.81
N LYS A 99 16.11 8.58 -8.00
CA LYS A 99 15.33 9.00 -6.86
C LYS A 99 14.12 9.81 -7.34
N PRO A 100 12.90 9.33 -7.02
CA PRO A 100 11.66 9.93 -7.49
C PRO A 100 11.46 11.36 -7.02
N GLU A 101 11.94 11.66 -5.82
CA GLU A 101 11.78 13.00 -5.26
C GLU A 101 12.89 13.30 -4.27
N PRO A 102 13.71 14.32 -4.54
CA PRO A 102 14.73 14.78 -3.60
C PRO A 102 14.15 15.70 -2.52
N LYS A 103 14.72 15.62 -1.32
CA LYS A 103 14.32 16.47 -0.19
C LYS A 103 12.82 16.34 0.10
N PRO A 104 12.41 15.25 0.77
CA PRO A 104 11.02 15.04 1.15
C PRO A 104 10.57 16.06 2.20
N VAL A 105 9.37 16.59 2.03
CA VAL A 105 8.86 17.61 2.93
C VAL A 105 7.65 17.09 3.72
N VAL A 106 7.86 15.95 4.38
CA VAL A 106 6.80 15.25 5.10
C VAL A 106 5.84 14.58 4.13
N GLU A 107 5.88 13.27 4.11
CA GLU A 107 5.09 12.50 3.17
C GLU A 107 3.65 12.36 3.63
N GLU A 108 2.76 12.28 2.66
CA GLU A 108 1.35 12.02 2.92
C GLU A 108 1.20 10.70 3.68
N LYS A 109 2.02 9.72 3.29
CA LYS A 109 2.11 8.44 3.96
C LYS A 109 3.26 7.66 3.36
N ALA A 110 3.11 7.29 2.09
CA ALA A 110 4.18 6.66 1.34
C ALA A 110 4.58 7.54 0.17
N ALA A 111 3.99 8.76 0.15
CA ALA A 111 4.24 9.77 -0.87
C ALA A 111 3.60 9.39 -2.21
N PRO A 112 3.09 10.39 -2.94
CA PRO A 112 2.37 10.18 -4.21
C PRO A 112 3.23 9.50 -5.28
N THR A 113 4.54 9.53 -5.09
CA THR A 113 5.44 8.92 -6.05
C THR A 113 6.70 8.41 -5.34
N GLY A 114 6.98 7.12 -5.50
CA GLY A 114 8.17 6.55 -4.91
C GLY A 114 7.87 5.28 -4.15
N LYS A 115 7.17 5.43 -3.03
CA LYS A 115 6.81 4.28 -2.21
C LYS A 115 5.36 3.92 -2.45
N ALA A 116 4.90 4.24 -3.64
CA ALA A 116 3.58 3.85 -4.10
C ALA A 116 3.62 2.38 -4.46
N TYR A 117 2.47 1.74 -4.60
CA TYR A 117 2.45 0.30 -4.88
C TYR A 117 1.40 -0.07 -5.91
N VAL A 118 1.67 -1.18 -6.61
CA VAL A 118 0.82 -1.70 -7.68
C VAL A 118 0.98 -3.22 -7.78
N VAL A 119 -0.05 -3.92 -8.24
CA VAL A 119 0.08 -5.37 -8.41
C VAL A 119 0.07 -5.76 -9.89
N GLN A 120 1.23 -6.16 -10.38
CA GLN A 120 1.40 -6.54 -11.80
C GLN A 120 0.91 -7.97 -12.04
N LEU A 121 -0.15 -8.12 -12.83
CA LEU A 121 -0.64 -9.47 -13.15
C LEU A 121 -0.03 -9.93 -14.46
N GLY A 122 0.19 -8.99 -15.35
CA GLY A 122 0.75 -9.31 -16.64
C GLY A 122 1.67 -8.23 -17.16
N ALA A 123 2.37 -8.53 -18.24
CA ALA A 123 3.28 -7.59 -18.88
C ALA A 123 3.73 -8.17 -20.20
N LEU A 124 3.16 -7.65 -21.27
CA LEU A 124 3.41 -8.18 -22.61
C LEU A 124 3.42 -7.05 -23.62
N LYS A 125 4.15 -7.29 -24.70
CA LYS A 125 4.36 -6.28 -25.72
C LYS A 125 3.26 -6.36 -26.78
N ASN A 126 2.31 -7.25 -26.54
CA ASN A 126 1.15 -7.38 -27.41
C ASN A 126 -0.05 -6.69 -26.78
N ALA A 127 -0.45 -5.59 -27.37
CA ALA A 127 -1.53 -4.77 -26.83
C ALA A 127 -2.88 -5.46 -26.97
N ASP A 128 -2.97 -6.42 -27.87
CA ASP A 128 -4.21 -7.16 -28.08
C ASP A 128 -4.53 -7.97 -26.86
N LYS A 129 -3.47 -8.42 -26.22
CA LYS A 129 -3.57 -9.21 -25.00
C LYS A 129 -3.72 -8.28 -23.80
N VAL A 130 -3.13 -7.09 -23.91
CA VAL A 130 -3.30 -6.05 -22.91
C VAL A 130 -4.77 -5.72 -22.73
N ASN A 131 -5.48 -5.67 -23.85
CA ASN A 131 -6.87 -5.25 -23.86
C ASN A 131 -7.78 -6.24 -23.16
N GLU A 132 -7.46 -7.53 -23.22
CA GLU A 132 -8.32 -8.53 -22.61
C GLU A 132 -8.07 -8.61 -21.11
N ILE A 133 -6.82 -8.49 -20.69
CA ILE A 133 -6.51 -8.45 -19.27
C ILE A 133 -7.16 -7.22 -18.65
N VAL A 134 -7.07 -6.12 -19.38
CA VAL A 134 -7.62 -4.86 -18.91
C VAL A 134 -9.14 -4.87 -19.00
N GLY A 135 -9.66 -5.54 -20.02
CA GLY A 135 -11.09 -5.59 -20.21
C GLY A 135 -11.79 -6.36 -19.11
N LYS A 136 -11.08 -7.31 -18.51
CA LYS A 136 -11.60 -8.07 -17.41
C LYS A 136 -11.68 -7.22 -16.14
N LEU A 137 -10.53 -6.76 -15.70
CA LEU A 137 -10.45 -6.02 -14.45
C LEU A 137 -10.87 -4.57 -14.62
N ARG A 138 -10.13 -3.82 -15.43
CA ARG A 138 -10.42 -2.40 -15.64
C ARG A 138 -11.81 -2.25 -16.25
N GLY A 139 -12.14 -3.17 -17.14
CA GLY A 139 -13.40 -3.13 -17.82
C GLY A 139 -14.58 -3.33 -16.89
N ALA A 140 -14.38 -4.14 -15.87
CA ALA A 140 -15.44 -4.42 -14.91
C ALA A 140 -15.54 -3.29 -13.88
N GLY A 141 -14.59 -2.36 -13.94
CA GLY A 141 -14.62 -1.24 -13.05
C GLY A 141 -13.69 -1.41 -11.87
N TYR A 142 -12.66 -2.22 -12.04
CA TYR A 142 -11.64 -2.37 -11.03
C TYR A 142 -10.47 -1.47 -11.37
N ARG A 143 -9.82 -0.92 -10.36
CA ARG A 143 -8.75 0.03 -10.58
C ARG A 143 -7.53 -0.66 -11.17
N VAL A 144 -7.31 -0.41 -12.44
CA VAL A 144 -6.26 -1.07 -13.20
C VAL A 144 -5.57 -0.08 -14.10
N TYR A 145 -4.26 -0.16 -14.13
CA TYR A 145 -3.50 0.66 -15.06
C TYR A 145 -2.37 -0.14 -15.69
N THR A 146 -1.70 0.50 -16.60
CA THR A 146 -0.72 -0.12 -17.46
C THR A 146 0.63 0.57 -17.32
N SER A 147 1.59 0.20 -18.17
CA SER A 147 2.93 0.78 -18.12
C SER A 147 2.85 2.31 -18.09
N PRO A 148 3.80 2.94 -17.38
CA PRO A 148 3.78 4.38 -17.07
C PRO A 148 3.28 5.28 -18.19
N SER A 149 3.73 5.07 -19.42
CA SER A 149 3.38 5.99 -20.49
C SER A 149 2.05 5.66 -21.17
N THR A 150 1.96 4.50 -21.82
CA THR A 150 0.78 4.13 -22.59
C THR A 150 0.82 2.64 -22.98
N PRO A 151 -0.33 1.95 -22.98
CA PRO A 151 -0.44 0.63 -23.63
C PRO A 151 -0.31 0.74 -25.14
N VAL A 152 0.64 0.02 -25.71
CA VAL A 152 0.86 0.07 -27.14
C VAL A 152 1.48 -1.23 -27.63
N GLN A 153 1.29 -1.51 -28.90
CA GLN A 153 1.81 -2.72 -29.50
C GLN A 153 3.29 -2.56 -29.82
N GLY A 154 4.09 -3.51 -29.38
CA GLY A 154 5.51 -3.48 -29.66
C GLY A 154 6.33 -3.13 -28.44
N LYS A 155 5.72 -2.41 -27.50
CA LYS A 155 6.37 -2.06 -26.26
C LYS A 155 5.78 -2.85 -25.12
N ILE A 156 6.58 -3.06 -24.09
CA ILE A 156 6.16 -3.87 -22.96
C ILE A 156 5.05 -3.18 -22.16
N THR A 157 3.85 -3.71 -22.26
CA THR A 157 2.72 -3.15 -21.56
C THR A 157 2.39 -4.00 -20.33
N ARG A 158 2.68 -3.42 -19.19
CA ARG A 158 2.50 -4.05 -17.90
C ARG A 158 1.07 -3.81 -17.42
N ILE A 159 0.41 -4.85 -16.93
CA ILE A 159 -0.95 -4.73 -16.43
C ILE A 159 -0.94 -4.86 -14.92
N LEU A 160 -1.35 -3.81 -14.24
CA LEU A 160 -1.24 -3.76 -12.79
C LEU A 160 -2.56 -3.35 -12.16
N VAL A 161 -2.95 -4.10 -11.15
CA VAL A 161 -4.17 -3.84 -10.42
C VAL A 161 -3.86 -3.16 -9.11
N GLY A 162 -4.66 -2.15 -8.78
CA GLY A 162 -4.53 -1.48 -7.52
C GLY A 162 -3.40 -0.48 -7.46
N PRO A 163 -3.28 0.45 -8.42
CA PRO A 163 -2.32 1.54 -8.29
C PRO A 163 -2.71 2.46 -7.16
N ASP A 164 -1.79 2.67 -6.25
CA ASP A 164 -2.05 3.57 -5.14
C ASP A 164 -0.74 4.08 -4.56
N ALA A 165 -0.80 5.25 -3.96
CA ALA A 165 0.39 5.88 -3.41
C ALA A 165 0.51 5.65 -1.92
N SER A 166 -0.45 4.94 -1.35
CA SER A 166 -0.43 4.64 0.05
C SER A 166 -0.36 3.15 0.24
N LYS A 167 0.86 2.66 0.39
CA LYS A 167 1.09 1.25 0.57
C LYS A 167 0.33 0.72 1.77
N ASP A 168 0.24 1.51 2.83
CA ASP A 168 -0.42 1.07 4.05
C ASP A 168 -1.87 0.67 3.81
N LYS A 169 -2.55 1.43 2.94
CA LYS A 169 -3.95 1.19 2.64
C LYS A 169 -4.08 0.02 1.67
N LEU A 170 -3.20 0.01 0.68
CA LEU A 170 -3.29 -0.95 -0.41
C LEU A 170 -2.62 -2.28 -0.01
N LYS A 171 -1.78 -2.24 1.01
CA LYS A 171 -1.10 -3.43 1.52
C LYS A 171 -2.11 -4.40 2.11
N GLY A 172 -3.10 -3.86 2.81
CA GLY A 172 -4.16 -4.68 3.36
C GLY A 172 -5.15 -5.04 2.28
N SER A 173 -5.04 -4.34 1.18
CA SER A 173 -5.93 -4.51 0.05
C SER A 173 -5.49 -5.68 -0.84
N LEU A 174 -4.29 -6.19 -0.61
CA LEU A 174 -3.76 -7.27 -1.45
C LEU A 174 -4.57 -8.54 -1.24
N GLY A 175 -4.91 -8.80 0.01
CA GLY A 175 -5.75 -9.94 0.31
C GLY A 175 -7.10 -9.81 -0.36
N GLU A 176 -7.57 -8.58 -0.46
CA GLU A 176 -8.82 -8.28 -1.15
C GLU A 176 -8.62 -8.33 -2.65
N LEU A 177 -7.39 -8.06 -3.09
CA LEU A 177 -7.08 -7.98 -4.50
C LEU A 177 -7.20 -9.36 -5.14
N LYS A 178 -6.78 -10.36 -4.41
CA LYS A 178 -6.92 -11.75 -4.83
C LYS A 178 -8.39 -12.11 -4.98
N GLN A 179 -9.25 -11.35 -4.32
CA GLN A 179 -10.68 -11.48 -4.47
C GLN A 179 -11.18 -10.59 -5.62
N LEU A 180 -10.64 -9.37 -5.68
CA LEU A 180 -11.08 -8.39 -6.67
C LEU A 180 -10.70 -8.81 -8.08
N SER A 181 -9.43 -9.15 -8.28
CA SER A 181 -8.96 -9.54 -9.60
C SER A 181 -8.86 -11.05 -9.70
N GLY A 182 -8.31 -11.66 -8.67
CA GLY A 182 -8.07 -13.08 -8.68
C GLY A 182 -7.02 -13.46 -9.71
N LEU A 183 -6.32 -12.46 -10.23
CA LEU A 183 -5.33 -12.68 -11.26
C LEU A 183 -3.97 -12.89 -10.64
N SER A 184 -3.09 -13.53 -11.37
CA SER A 184 -1.76 -13.82 -10.86
C SER A 184 -0.86 -12.61 -10.97
N GLY A 185 -0.79 -11.84 -9.89
CA GLY A 185 0.00 -10.64 -9.89
C GLY A 185 1.03 -10.60 -8.80
N VAL A 186 2.03 -9.76 -8.97
CA VAL A 186 3.08 -9.61 -7.98
C VAL A 186 3.07 -8.19 -7.42
N VAL A 187 3.36 -8.09 -6.14
CA VAL A 187 3.33 -6.81 -5.44
C VAL A 187 4.59 -6.02 -5.71
N MET A 188 4.46 -4.98 -6.52
CA MET A 188 5.60 -4.17 -6.92
C MET A 188 5.39 -2.72 -6.50
N GLY A 189 6.49 -2.02 -6.34
CA GLY A 189 6.41 -0.63 -5.96
C GLY A 189 6.14 0.27 -7.14
N TYR A 190 5.15 1.11 -6.98
CA TYR A 190 4.70 2.03 -8.00
C TYR A 190 5.48 3.34 -7.91
N THR A 191 5.96 3.82 -9.03
CA THR A 191 6.61 5.11 -9.08
C THR A 191 6.29 5.78 -10.43
N PRO A 192 5.23 6.60 -10.48
CA PRO A 192 4.83 7.27 -11.71
C PRO A 192 5.91 8.21 -12.23
N ASN A 193 6.07 8.24 -13.54
CA ASN A 193 7.09 9.05 -14.17
C ASN A 193 6.44 10.24 -14.87
N ASP A 1 21.33 54.56 -27.16
CA ASP A 1 20.81 54.95 -25.84
C ASP A 1 21.76 54.53 -24.73
N GLY A 2 22.04 53.24 -24.65
CA GLY A 2 22.87 52.74 -23.58
C GLY A 2 24.34 52.73 -23.93
N GLN A 3 24.89 53.90 -24.24
CA GLN A 3 26.31 54.02 -24.50
C GLN A 3 27.07 53.74 -23.22
N LYS A 4 28.01 52.82 -23.31
CA LYS A 4 28.70 52.31 -22.14
C LYS A 4 30.05 52.99 -21.96
N LYS A 5 30.39 53.30 -20.72
CA LYS A 5 31.71 53.82 -20.39
C LYS A 5 32.69 52.66 -20.22
N HIS A 6 33.98 52.94 -20.32
CA HIS A 6 35.00 51.91 -20.14
C HIS A 6 34.91 51.35 -18.73
N TYR A 7 35.05 52.21 -17.75
CA TYR A 7 34.89 51.84 -16.36
C TYR A 7 34.40 53.05 -15.58
N GLN A 8 35.26 54.06 -15.46
CA GLN A 8 34.90 55.33 -14.82
C GLN A 8 34.20 55.10 -13.50
N ASP A 9 34.75 54.21 -12.70
CA ASP A 9 34.12 53.81 -11.46
C ASP A 9 34.39 54.83 -10.37
N GLU A 10 33.44 55.70 -10.15
CA GLU A 10 33.55 56.72 -9.12
C GLU A 10 32.46 56.53 -8.09
N PHE A 11 32.85 56.43 -6.82
CA PHE A 11 31.91 56.18 -5.74
C PHE A 11 31.24 57.49 -5.30
N ALA A 12 30.60 58.14 -6.25
CA ALA A 12 29.88 59.38 -5.97
C ALA A 12 28.38 59.10 -5.83
N ALA A 13 28.09 57.98 -5.19
CA ALA A 13 26.72 57.54 -4.98
C ALA A 13 26.67 56.55 -3.82
N ILE A 14 25.46 56.25 -3.34
CA ILE A 14 25.25 55.35 -2.21
C ILE A 14 26.32 55.48 -1.12
N PRO A 15 26.32 56.63 -0.41
CA PRO A 15 27.36 56.94 0.59
C PRO A 15 27.32 56.01 1.80
N LEU A 16 27.88 54.82 1.61
CA LEU A 16 28.05 53.84 2.69
C LEU A 16 26.71 53.45 3.30
N VAL A 17 25.65 53.55 2.50
CA VAL A 17 24.32 53.20 2.95
C VAL A 17 24.01 51.71 2.70
N PRO A 18 24.13 51.21 1.44
CA PRO A 18 23.89 49.81 1.15
C PRO A 18 25.06 48.93 1.57
N LYS A 19 24.77 47.69 1.96
CA LYS A 19 25.79 46.77 2.41
C LYS A 19 26.60 46.26 1.21
N ALA A 20 27.64 47.00 0.87
CA ALA A 20 28.49 46.66 -0.25
C ALA A 20 29.85 47.34 -0.13
N GLY A 21 29.84 48.54 0.44
CA GLY A 21 31.08 49.29 0.60
C GLY A 21 31.44 50.04 -0.66
N ASP A 22 31.64 49.29 -1.74
CA ASP A 22 31.89 49.87 -3.05
C ASP A 22 30.61 49.79 -3.87
N ARG A 23 30.64 50.31 -5.09
CA ARG A 23 29.47 50.26 -5.94
C ARG A 23 29.35 48.89 -6.58
N ASP A 24 28.22 48.66 -7.25
CA ASP A 24 28.01 47.45 -8.02
C ASP A 24 28.81 47.52 -9.31
N GLU A 25 28.97 46.38 -9.96
CA GLU A 25 29.82 46.28 -11.14
C GLU A 25 29.18 46.96 -12.34
N PRO A 26 30.01 47.51 -13.25
CA PRO A 26 29.55 48.25 -14.43
C PRO A 26 28.88 47.35 -15.48
N ASP A 27 27.70 46.86 -15.15
CA ASP A 27 26.88 46.10 -16.08
C ASP A 27 25.47 46.62 -16.07
N MET A 28 24.68 46.23 -17.06
CA MET A 28 23.29 46.67 -17.15
C MET A 28 22.47 46.13 -15.99
N MET A 29 22.10 47.05 -15.08
CA MET A 29 21.31 46.75 -13.87
C MET A 29 21.75 45.44 -13.19
N PRO A 30 22.91 45.45 -12.53
CA PRO A 30 23.43 44.28 -11.83
C PRO A 30 22.97 44.22 -10.37
N ALA A 31 22.03 45.08 -10.03
CA ALA A 31 21.51 45.14 -8.67
C ALA A 31 20.06 45.60 -8.68
N ALA A 32 19.29 45.14 -7.70
CA ALA A 32 17.89 45.47 -7.60
C ALA A 32 17.65 46.60 -6.61
N THR A 33 18.35 46.55 -5.48
CA THR A 33 18.21 47.56 -4.45
C THR A 33 19.04 48.80 -4.81
N GLN A 34 20.29 48.57 -5.17
CA GLN A 34 21.15 49.66 -5.61
C GLN A 34 21.22 49.68 -7.13
N ALA A 35 22.26 50.32 -7.67
CA ALA A 35 22.41 50.51 -9.11
C ALA A 35 21.31 51.43 -9.65
N LEU A 36 20.93 52.38 -8.81
CA LEU A 36 19.94 53.37 -9.19
C LEU A 36 20.53 54.38 -10.20
N PRO A 37 21.77 54.91 -9.96
CA PRO A 37 22.44 55.78 -10.94
C PRO A 37 22.51 55.14 -12.31
N THR A 38 21.91 55.79 -13.29
CA THR A 38 21.80 55.25 -14.63
C THR A 38 23.12 55.35 -15.39
N GLN A 39 23.73 54.19 -15.63
CA GLN A 39 24.91 54.10 -16.47
C GLN A 39 24.58 54.43 -17.93
N PRO A 40 23.48 53.85 -18.49
CA PRO A 40 23.01 54.20 -19.83
C PRO A 40 22.41 55.62 -19.89
N PRO A 41 22.95 56.48 -20.76
CA PRO A 41 22.41 57.84 -20.99
C PRO A 41 21.06 57.83 -21.71
N GLU A 42 20.73 58.96 -22.33
CA GLU A 42 19.48 59.14 -23.09
C GLU A 42 18.26 59.26 -22.17
N GLY A 43 18.03 58.25 -21.35
CA GLY A 43 16.90 58.27 -20.44
C GLY A 43 17.12 59.25 -19.32
N ALA A 44 18.22 59.10 -18.62
CA ALA A 44 18.58 60.00 -17.52
C ALA A 44 20.05 59.85 -17.18
N ALA A 45 20.65 60.90 -16.65
CA ALA A 45 22.06 60.87 -16.26
C ALA A 45 22.35 61.90 -15.18
N GLU A 46 21.37 62.15 -14.33
CA GLU A 46 21.51 63.11 -13.25
C GLU A 46 21.21 62.45 -11.91
N GLU A 47 20.95 63.26 -10.88
CA GLU A 47 20.68 62.75 -9.55
C GLU A 47 21.90 62.02 -9.02
N VAL A 48 23.05 62.62 -9.23
CA VAL A 48 24.31 62.04 -8.80
C VAL A 48 25.35 63.15 -8.64
N ARG A 49 26.17 63.05 -7.60
CA ARG A 49 27.20 64.04 -7.27
C ARG A 49 26.57 65.33 -6.69
N ALA A 50 25.73 65.97 -7.49
CA ALA A 50 25.10 67.22 -7.07
C ALA A 50 23.58 67.13 -7.21
N GLY A 51 23.03 65.95 -6.95
CA GLY A 51 21.60 65.75 -7.08
C GLY A 51 21.10 64.66 -6.17
N ASP A 52 20.35 65.05 -5.14
CA ASP A 52 19.76 64.12 -4.18
C ASP A 52 20.87 63.27 -3.54
N ALA A 53 20.52 62.04 -3.12
CA ALA A 53 21.47 61.12 -2.50
C ALA A 53 22.10 61.71 -1.24
N ALA A 54 21.35 62.58 -0.57
CA ALA A 54 21.83 63.23 0.63
C ALA A 54 21.66 62.32 1.85
N ALA A 55 22.35 61.20 1.82
CA ALA A 55 22.33 60.25 2.92
C ALA A 55 23.66 60.28 3.68
N PRO A 56 23.71 61.03 4.80
CA PRO A 56 24.94 61.19 5.58
C PRO A 56 25.46 59.88 6.15
N SER A 57 26.74 59.63 5.92
CA SER A 57 27.40 58.44 6.43
C SER A 57 27.87 58.66 7.86
N LEU A 58 28.07 59.92 8.20
CA LEU A 58 28.52 60.30 9.54
C LEU A 58 27.36 60.27 10.53
N ASP A 59 26.16 60.07 10.00
CA ASP A 59 24.96 60.04 10.82
C ASP A 59 25.02 58.88 11.81
N PRO A 60 25.05 59.20 13.12
CA PRO A 60 25.22 58.21 14.18
C PRO A 60 23.95 57.40 14.44
N ALA A 61 22.86 57.79 13.79
CA ALA A 61 21.60 57.10 13.94
C ALA A 61 21.52 55.93 12.96
N THR A 62 21.57 56.25 11.67
CA THR A 62 21.43 55.26 10.62
C THR A 62 20.15 54.46 10.83
N ILE A 63 19.03 55.16 10.71
CA ILE A 63 17.73 54.59 11.07
C ILE A 63 16.92 54.17 9.85
N ALA A 64 17.45 53.22 9.10
CA ALA A 64 16.75 52.69 7.94
C ALA A 64 15.71 51.67 8.38
N ALA A 65 15.94 51.09 9.56
CA ALA A 65 15.03 50.12 10.12
C ALA A 65 13.72 50.78 10.55
N ASN A 66 12.61 50.27 10.04
CA ASN A 66 11.30 50.82 10.35
C ASN A 66 10.67 50.06 11.52
N ASN A 67 10.59 50.71 12.66
CA ASN A 67 9.95 50.10 13.82
C ASN A 67 8.51 50.56 13.92
N THR A 68 7.83 50.07 14.97
CA THR A 68 6.39 50.28 15.20
C THR A 68 5.51 49.71 14.07
N GLU A 69 5.90 49.95 12.82
CA GLU A 69 5.18 49.39 11.69
C GLU A 69 5.74 48.03 11.29
N PHE A 70 7.02 47.78 11.58
CA PHE A 70 7.65 46.52 11.22
C PHE A 70 8.34 45.88 12.41
N GLU A 71 8.24 46.55 13.54
CA GLU A 71 8.82 46.05 14.79
C GLU A 71 7.97 44.93 15.42
N PRO A 72 6.62 45.08 15.51
CA PRO A 72 5.77 44.05 16.11
C PRO A 72 5.60 42.82 15.22
N GLU A 73 6.66 42.04 15.10
CA GLU A 73 6.60 40.78 14.37
C GLU A 73 6.74 39.61 15.33
N PRO A 74 5.62 39.09 15.84
CA PRO A 74 5.61 37.96 16.77
C PRO A 74 5.81 36.62 16.07
N ALA A 75 5.51 36.58 14.77
CA ALA A 75 5.65 35.36 13.97
C ALA A 75 5.00 34.15 14.65
N PRO A 76 3.67 34.05 14.55
CA PRO A 76 2.89 32.99 15.21
C PRO A 76 3.29 31.59 14.72
N VAL A 77 3.87 30.81 15.61
CA VAL A 77 4.29 29.46 15.31
C VAL A 77 3.11 28.49 15.42
N ALA A 78 2.59 28.06 14.29
CA ALA A 78 1.46 27.14 14.27
C ALA A 78 1.91 25.74 13.86
N PRO A 79 1.83 24.78 14.78
CA PRO A 79 2.21 23.39 14.51
C PRO A 79 1.18 22.67 13.64
N PRO A 80 1.62 21.62 12.90
CA PRO A 80 0.74 20.85 12.02
C PRO A 80 -0.17 19.89 12.78
N LYS A 81 -0.93 20.43 13.72
CA LYS A 81 -1.85 19.65 14.53
C LYS A 81 -2.79 20.57 15.30
N PRO A 82 -4.10 20.44 15.08
CA PRO A 82 -5.09 21.28 15.75
C PRO A 82 -5.35 20.84 17.19
N LYS A 83 -5.38 19.53 17.41
CA LYS A 83 -5.68 18.97 18.73
C LYS A 83 -4.88 17.70 19.00
N PRO A 84 -4.99 16.63 18.17
CA PRO A 84 -4.28 15.38 18.41
C PRO A 84 -2.76 15.53 18.37
N VAL A 85 -2.12 15.23 19.48
CA VAL A 85 -0.65 15.27 19.55
C VAL A 85 -0.09 13.89 19.23
N GLU A 86 -0.45 13.41 18.04
CA GLU A 86 -0.06 12.09 17.56
C GLU A 86 -0.52 11.00 18.54
N PRO A 87 -1.76 10.52 18.36
CA PRO A 87 -2.37 9.51 19.24
C PRO A 87 -1.51 8.25 19.46
N PRO A 88 -0.95 7.61 18.41
CA PRO A 88 -0.12 6.40 18.58
C PRO A 88 1.21 6.69 19.26
N LYS A 89 1.27 6.46 20.56
CA LYS A 89 2.50 6.65 21.32
C LYS A 89 3.57 5.64 20.88
N PRO A 90 3.27 4.32 20.82
CA PRO A 90 4.23 3.33 20.36
C PRO A 90 4.34 3.33 18.84
N LYS A 91 3.19 3.34 18.18
CA LYS A 91 3.11 3.38 16.71
C LYS A 91 3.91 2.23 16.11
N VAL A 92 3.45 1.01 16.34
CA VAL A 92 4.10 -0.17 15.83
C VAL A 92 3.09 -1.28 15.57
N GLU A 93 3.36 -2.09 14.55
CA GLU A 93 2.50 -3.20 14.13
C GLU A 93 1.01 -2.84 14.19
N ALA A 94 0.67 -1.71 13.57
CA ALA A 94 -0.71 -1.24 13.52
C ALA A 94 -1.56 -2.21 12.73
N PRO A 95 -2.77 -2.53 13.24
CA PRO A 95 -3.67 -3.49 12.61
C PRO A 95 -4.04 -3.08 11.18
N PRO A 96 -3.63 -3.88 10.19
CA PRO A 96 -3.90 -3.58 8.78
C PRO A 96 -5.31 -4.00 8.37
N ALA A 97 -6.28 -3.68 9.20
CA ALA A 97 -7.67 -4.04 8.94
C ALA A 97 -8.28 -3.09 7.93
N PRO A 98 -9.14 -3.61 7.03
CA PRO A 98 -9.81 -2.79 6.01
C PRO A 98 -10.90 -1.91 6.61
N LYS A 99 -10.50 -1.04 7.52
CA LYS A 99 -11.42 -0.16 8.21
C LYS A 99 -11.28 1.27 7.71
N PRO A 100 -12.40 1.92 7.38
CA PRO A 100 -12.41 3.31 6.93
C PRO A 100 -12.14 4.28 8.08
N GLU A 101 -10.86 4.49 8.39
CA GLU A 101 -10.46 5.38 9.46
C GLU A 101 -10.97 6.81 9.22
N PRO A 102 -11.59 7.41 10.25
CA PRO A 102 -12.16 8.75 10.14
C PRO A 102 -11.09 9.85 10.19
N LYS A 103 -10.22 9.82 9.21
CA LYS A 103 -9.16 10.81 9.09
C LYS A 103 -8.99 11.23 7.64
N PRO A 104 -8.70 12.51 7.39
CA PRO A 104 -8.51 13.03 6.03
C PRO A 104 -7.21 12.56 5.43
N VAL A 105 -7.26 11.49 4.65
CA VAL A 105 -6.08 10.93 4.02
C VAL A 105 -5.74 11.68 2.74
N VAL A 106 -5.65 13.00 2.85
CA VAL A 106 -5.42 13.87 1.71
C VAL A 106 -3.95 13.96 1.39
N GLU A 107 -3.16 13.25 2.17
CA GLU A 107 -1.74 13.13 1.94
C GLU A 107 -1.38 11.66 1.74
N GLU A 108 -2.43 10.87 1.45
CA GLU A 108 -2.32 9.43 1.24
C GLU A 108 -1.89 8.73 2.53
N LYS A 109 -0.59 8.56 2.70
CA LYS A 109 0.00 7.97 3.89
C LYS A 109 1.50 7.91 3.69
N ALA A 110 1.90 7.46 2.50
CA ALA A 110 3.28 7.50 2.09
C ALA A 110 3.56 8.84 1.43
N ALA A 111 3.10 8.97 0.20
CA ALA A 111 3.16 10.23 -0.54
C ALA A 111 2.48 10.05 -1.89
N PRO A 112 1.87 11.12 -2.44
CA PRO A 112 1.09 11.04 -3.69
C PRO A 112 1.81 10.27 -4.80
N THR A 113 3.10 10.53 -4.94
CA THR A 113 3.91 9.85 -5.94
C THR A 113 5.19 9.31 -5.31
N GLY A 114 5.15 9.09 -4.00
CA GLY A 114 6.31 8.62 -3.29
C GLY A 114 6.03 7.36 -2.51
N LYS A 115 6.79 6.31 -2.82
CA LYS A 115 6.60 4.98 -2.22
C LYS A 115 5.18 4.47 -2.49
N ALA A 116 4.65 4.84 -3.64
CA ALA A 116 3.37 4.33 -4.08
C ALA A 116 3.55 2.87 -4.46
N TYR A 117 2.47 2.13 -4.54
CA TYR A 117 2.57 0.70 -4.82
C TYR A 117 1.43 0.21 -5.72
N VAL A 118 1.69 -0.86 -6.47
CA VAL A 118 0.74 -1.41 -7.47
C VAL A 118 0.94 -2.92 -7.59
N VAL A 119 -0.08 -3.66 -8.04
CA VAL A 119 0.05 -5.11 -8.20
C VAL A 119 0.07 -5.49 -9.68
N GLN A 120 1.22 -5.93 -10.17
CA GLN A 120 1.39 -6.25 -11.59
C GLN A 120 0.99 -7.69 -11.89
N LEU A 121 -0.13 -7.86 -12.59
CA LEU A 121 -0.63 -9.20 -12.89
C LEU A 121 -0.03 -9.71 -14.18
N GLY A 122 0.18 -8.79 -15.10
CA GLY A 122 0.66 -9.15 -16.41
C GLY A 122 1.59 -8.12 -17.00
N ALA A 123 2.37 -8.52 -17.99
CA ALA A 123 3.29 -7.63 -18.67
C ALA A 123 3.67 -8.24 -20.01
N LEU A 124 3.05 -7.73 -21.06
CA LEU A 124 3.23 -8.30 -22.39
C LEU A 124 3.41 -7.21 -23.41
N LYS A 125 3.89 -7.61 -24.57
CA LYS A 125 4.19 -6.67 -25.64
C LYS A 125 3.13 -6.77 -26.72
N ASN A 126 2.17 -7.65 -26.50
CA ASN A 126 1.01 -7.76 -27.36
C ASN A 126 -0.14 -6.97 -26.75
N ALA A 127 -0.48 -5.85 -27.37
CA ALA A 127 -1.55 -5.00 -26.87
C ALA A 127 -2.90 -5.70 -26.96
N ASP A 128 -2.97 -6.71 -27.82
CA ASP A 128 -4.14 -7.56 -27.94
C ASP A 128 -4.46 -8.19 -26.60
N LYS A 129 -3.41 -8.53 -25.89
CA LYS A 129 -3.54 -9.19 -24.60
C LYS A 129 -3.77 -8.16 -23.50
N VAL A 130 -3.28 -6.96 -23.72
CA VAL A 130 -3.52 -5.85 -22.82
C VAL A 130 -5.02 -5.57 -22.72
N ASN A 131 -5.69 -5.71 -23.85
CA ASN A 131 -7.12 -5.47 -23.94
C ASN A 131 -7.92 -6.54 -23.19
N GLU A 132 -7.43 -7.77 -23.19
CA GLU A 132 -8.16 -8.88 -22.59
C GLU A 132 -7.94 -8.94 -21.07
N ILE A 133 -6.85 -8.35 -20.60
CA ILE A 133 -6.62 -8.27 -19.16
C ILE A 133 -7.33 -7.04 -18.59
N VAL A 134 -7.12 -5.89 -19.21
CA VAL A 134 -7.70 -4.64 -18.76
C VAL A 134 -9.21 -4.63 -18.98
N GLY A 135 -9.65 -5.13 -20.12
CA GLY A 135 -11.06 -5.15 -20.44
C GLY A 135 -11.86 -5.95 -19.44
N LYS A 136 -11.21 -6.90 -18.78
CA LYS A 136 -11.84 -7.69 -17.75
C LYS A 136 -11.93 -6.90 -16.45
N LEU A 137 -10.78 -6.52 -15.91
CA LEU A 137 -10.75 -5.88 -14.61
C LEU A 137 -11.15 -4.41 -14.65
N ARG A 138 -10.59 -3.65 -15.58
CA ARG A 138 -10.89 -2.23 -15.65
C ARG A 138 -12.24 -2.05 -16.32
N GLY A 139 -12.59 -3.03 -17.15
CA GLY A 139 -13.88 -3.03 -17.78
C GLY A 139 -15.00 -3.26 -16.78
N ALA A 140 -14.66 -3.91 -15.68
CA ALA A 140 -15.62 -4.14 -14.60
C ALA A 140 -15.52 -3.03 -13.55
N GLY A 141 -14.68 -2.04 -13.83
CA GLY A 141 -14.60 -0.88 -12.98
C GLY A 141 -13.62 -1.03 -11.82
N TYR A 142 -12.67 -1.94 -11.94
CA TYR A 142 -11.68 -2.14 -10.90
C TYR A 142 -10.49 -1.23 -11.14
N ARG A 143 -9.75 -0.94 -10.08
CA ARG A 143 -8.57 -0.10 -10.19
C ARG A 143 -7.49 -0.83 -10.98
N VAL A 144 -7.43 -0.53 -12.26
CA VAL A 144 -6.49 -1.16 -13.16
C VAL A 144 -5.90 -0.14 -14.10
N TYR A 145 -4.61 -0.08 -14.14
CA TYR A 145 -3.93 0.76 -15.10
C TYR A 145 -2.74 0.04 -15.68
N THR A 146 -2.11 0.68 -16.62
CA THR A 146 -1.11 0.06 -17.46
C THR A 146 0.25 0.69 -17.27
N SER A 147 1.23 0.24 -18.05
CA SER A 147 2.58 0.76 -17.98
C SER A 147 2.57 2.28 -18.13
N PRO A 148 3.35 2.96 -17.26
CA PRO A 148 3.43 4.42 -17.17
C PRO A 148 3.21 5.18 -18.48
N SER A 149 3.97 4.87 -19.51
CA SER A 149 3.97 5.72 -20.70
C SER A 149 2.78 5.43 -21.62
N THR A 150 2.72 4.23 -22.20
CA THR A 150 1.65 3.88 -23.14
C THR A 150 1.64 2.39 -23.45
N PRO A 151 0.47 1.74 -23.35
CA PRO A 151 0.24 0.43 -23.97
C PRO A 151 0.29 0.50 -25.49
N VAL A 152 1.18 -0.29 -26.07
CA VAL A 152 1.28 -0.38 -27.51
C VAL A 152 1.87 -1.73 -27.89
N GLN A 153 1.61 -2.18 -29.11
CA GLN A 153 2.15 -3.44 -29.57
C GLN A 153 3.62 -3.28 -29.97
N GLY A 154 4.44 -4.16 -29.41
CA GLY A 154 5.87 -4.13 -29.68
C GLY A 154 6.66 -3.64 -28.49
N LYS A 155 6.02 -2.85 -27.64
CA LYS A 155 6.64 -2.37 -26.42
C LYS A 155 5.98 -3.07 -25.24
N ILE A 156 6.59 -2.96 -24.06
CA ILE A 156 6.11 -3.66 -22.89
C ILE A 156 4.94 -2.92 -22.25
N THR A 157 3.79 -3.58 -22.21
CA THR A 157 2.64 -3.05 -21.51
C THR A 157 2.33 -3.90 -20.29
N ARG A 158 2.66 -3.35 -19.14
CA ARG A 158 2.36 -4.00 -17.89
C ARG A 158 0.95 -3.68 -17.45
N ILE A 159 0.30 -4.65 -16.82
CA ILE A 159 -1.04 -4.46 -16.30
C ILE A 159 -1.00 -4.60 -14.80
N LEU A 160 -1.35 -3.54 -14.11
CA LEU A 160 -1.24 -3.53 -12.67
C LEU A 160 -2.53 -3.07 -12.00
N VAL A 161 -2.99 -3.89 -11.07
CA VAL A 161 -4.20 -3.64 -10.32
C VAL A 161 -3.89 -2.98 -9.00
N GLY A 162 -4.80 -2.12 -8.56
CA GLY A 162 -4.66 -1.47 -7.30
C GLY A 162 -3.59 -0.40 -7.26
N PRO A 163 -3.53 0.51 -8.24
CA PRO A 163 -2.65 1.66 -8.12
C PRO A 163 -3.05 2.51 -6.94
N ASP A 164 -2.10 2.76 -6.06
CA ASP A 164 -2.37 3.55 -4.89
C ASP A 164 -1.07 4.10 -4.33
N ALA A 165 -1.17 5.21 -3.62
CA ALA A 165 0.01 5.90 -3.13
C ALA A 165 0.26 5.60 -1.66
N SER A 166 -0.55 4.73 -1.07
CA SER A 166 -0.32 4.29 0.29
C SER A 166 -0.12 2.80 0.33
N LYS A 167 1.14 2.41 0.37
CA LYS A 167 1.53 1.03 0.34
C LYS A 167 0.94 0.23 1.48
N ASP A 168 0.90 0.83 2.67
CA ASP A 168 0.37 0.13 3.84
C ASP A 168 -1.12 -0.11 3.69
N LYS A 169 -1.81 0.91 3.21
CA LYS A 169 -3.24 0.84 2.98
C LYS A 169 -3.58 -0.22 1.93
N LEU A 170 -2.76 -0.27 0.89
CA LEU A 170 -3.00 -1.19 -0.21
C LEU A 170 -2.39 -2.57 0.08
N LYS A 171 -1.48 -2.62 1.05
CA LYS A 171 -0.82 -3.86 1.45
C LYS A 171 -1.83 -4.85 2.00
N GLY A 172 -2.85 -4.31 2.63
CA GLY A 172 -3.93 -5.13 3.13
C GLY A 172 -4.94 -5.42 2.05
N SER A 173 -4.81 -4.67 0.96
CA SER A 173 -5.74 -4.78 -0.15
C SER A 173 -5.40 -5.97 -1.04
N LEU A 174 -4.26 -6.60 -0.79
CA LEU A 174 -3.81 -7.70 -1.64
C LEU A 174 -4.64 -8.96 -1.36
N GLY A 175 -4.98 -9.16 -0.10
CA GLY A 175 -5.76 -10.32 0.30
C GLY A 175 -7.14 -10.31 -0.34
N GLU A 176 -7.70 -9.12 -0.49
CA GLU A 176 -8.99 -8.98 -1.15
C GLU A 176 -8.81 -8.87 -2.67
N LEU A 177 -7.59 -8.51 -3.08
CA LEU A 177 -7.29 -8.28 -4.50
C LEU A 177 -7.43 -9.55 -5.30
N LYS A 178 -6.92 -10.64 -4.76
CA LYS A 178 -7.05 -11.94 -5.41
C LYS A 178 -8.51 -12.35 -5.54
N GLN A 179 -9.39 -11.72 -4.79
CA GLN A 179 -10.82 -11.91 -4.95
C GLN A 179 -11.37 -10.93 -5.98
N LEU A 180 -10.84 -9.71 -5.97
CA LEU A 180 -11.30 -8.66 -6.85
C LEU A 180 -10.93 -8.98 -8.29
N SER A 181 -9.67 -9.27 -8.52
CA SER A 181 -9.18 -9.53 -9.85
C SER A 181 -9.01 -11.02 -10.10
N GLY A 182 -8.45 -11.70 -9.10
CA GLY A 182 -8.17 -13.11 -9.24
C GLY A 182 -6.96 -13.37 -10.12
N LEU A 183 -6.41 -12.28 -10.65
CA LEU A 183 -5.24 -12.37 -11.50
C LEU A 183 -4.00 -12.52 -10.63
N SER A 184 -2.99 -13.19 -11.14
CA SER A 184 -1.80 -13.46 -10.37
C SER A 184 -0.80 -12.33 -10.57
N GLY A 185 -0.67 -11.48 -9.57
CA GLY A 185 0.17 -10.31 -9.70
C GLY A 185 1.20 -10.19 -8.62
N VAL A 186 2.26 -9.45 -8.92
CA VAL A 186 3.34 -9.23 -7.98
C VAL A 186 3.29 -7.81 -7.45
N VAL A 187 3.64 -7.67 -6.19
CA VAL A 187 3.61 -6.38 -5.53
C VAL A 187 4.84 -5.57 -5.93
N MET A 188 4.62 -4.57 -6.76
CA MET A 188 5.70 -3.74 -7.26
C MET A 188 5.52 -2.32 -6.79
N GLY A 189 6.62 -1.65 -6.55
CA GLY A 189 6.58 -0.28 -6.12
C GLY A 189 6.20 0.65 -7.24
N TYR A 190 5.30 1.54 -6.95
CA TYR A 190 4.74 2.45 -7.91
C TYR A 190 5.40 3.82 -7.78
N THR A 191 5.94 4.30 -8.87
CA THR A 191 6.51 5.63 -8.92
C THR A 191 6.26 6.21 -10.31
N PRO A 192 5.16 6.96 -10.46
CA PRO A 192 4.75 7.50 -11.76
C PRO A 192 5.82 8.38 -12.40
N ASN A 193 6.25 7.97 -13.58
CA ASN A 193 7.29 8.66 -14.30
C ASN A 193 6.87 8.89 -15.75
N ASP A 1 45.79 -3.68 -27.49
CA ASP A 1 46.73 -4.77 -27.82
C ASP A 1 47.61 -5.11 -26.61
N GLY A 2 47.88 -6.39 -26.43
CA GLY A 2 48.71 -6.82 -25.32
C GLY A 2 47.90 -7.34 -24.16
N GLN A 3 46.74 -6.70 -23.94
CA GLN A 3 45.80 -7.05 -22.86
C GLN A 3 46.52 -7.40 -21.56
N LYS A 4 47.10 -6.39 -20.91
CA LYS A 4 47.84 -6.63 -19.67
C LYS A 4 47.30 -5.78 -18.52
N LYS A 5 47.93 -4.65 -18.27
CA LYS A 5 47.68 -3.85 -17.07
C LYS A 5 46.34 -3.12 -17.15
N HIS A 6 45.86 -2.88 -18.36
CA HIS A 6 44.60 -2.14 -18.54
C HIS A 6 43.40 -3.05 -18.37
N TYR A 7 43.63 -4.34 -18.14
CA TYR A 7 42.55 -5.31 -18.12
C TYR A 7 42.65 -6.26 -16.93
N GLN A 8 43.87 -6.70 -16.60
CA GLN A 8 44.09 -7.58 -15.45
C GLN A 8 43.21 -8.84 -15.58
N ASP A 9 43.38 -9.54 -16.69
CA ASP A 9 42.51 -10.67 -17.02
C ASP A 9 43.07 -12.00 -16.52
N GLU A 10 44.37 -12.21 -16.71
CA GLU A 10 44.98 -13.48 -16.30
C GLU A 10 45.44 -13.42 -14.84
N PHE A 11 46.51 -12.68 -14.58
CA PHE A 11 47.03 -12.51 -13.23
C PHE A 11 48.00 -11.34 -13.17
N ALA A 12 47.68 -10.35 -12.37
CA ALA A 12 48.51 -9.18 -12.21
C ALA A 12 48.11 -8.39 -10.98
N ALA A 13 49.02 -7.52 -10.51
CA ALA A 13 48.78 -6.64 -9.36
C ALA A 13 48.56 -7.45 -8.08
N ILE A 14 49.10 -8.65 -8.03
CA ILE A 14 49.01 -9.48 -6.84
C ILE A 14 50.05 -10.62 -6.93
N PRO A 15 51.34 -10.26 -6.93
CA PRO A 15 52.46 -11.18 -7.21
C PRO A 15 52.53 -12.35 -6.25
N LEU A 16 52.07 -13.50 -6.71
CA LEU A 16 52.15 -14.76 -5.98
C LEU A 16 51.50 -14.67 -4.60
N VAL A 17 50.66 -13.67 -4.43
CA VAL A 17 49.96 -13.43 -3.17
C VAL A 17 48.69 -14.29 -3.03
N PRO A 18 47.88 -14.52 -4.11
CA PRO A 18 46.61 -15.22 -3.98
C PRO A 18 46.79 -16.69 -3.63
N LYS A 19 47.93 -17.24 -4.07
CA LYS A 19 48.26 -18.63 -3.80
C LYS A 19 49.69 -18.90 -4.19
N ALA A 20 49.96 -18.87 -5.50
CA ALA A 20 51.30 -19.08 -6.01
C ALA A 20 51.58 -18.20 -7.23
N GLY A 21 50.52 -17.85 -7.94
CA GLY A 21 50.66 -16.99 -9.10
C GLY A 21 49.32 -16.68 -9.69
N ASP A 22 48.46 -17.69 -9.73
CA ASP A 22 47.09 -17.54 -10.19
C ASP A 22 46.24 -16.95 -9.06
N ARG A 23 45.11 -16.37 -9.44
CA ARG A 23 44.21 -15.78 -8.46
C ARG A 23 43.02 -16.70 -8.25
N ASP A 24 42.42 -17.10 -9.37
CA ASP A 24 41.17 -17.85 -9.36
C ASP A 24 41.43 -19.31 -9.01
N GLU A 25 40.60 -19.86 -8.15
CA GLU A 25 40.70 -21.27 -7.77
C GLU A 25 39.94 -22.13 -8.77
N PRO A 26 40.64 -22.99 -9.51
CA PRO A 26 40.02 -23.90 -10.48
C PRO A 26 39.62 -25.22 -9.86
N ASP A 27 38.40 -25.29 -9.33
CA ASP A 27 37.91 -26.50 -8.68
C ASP A 27 36.39 -26.55 -8.69
N MET A 28 35.85 -27.70 -9.11
CA MET A 28 34.41 -27.96 -9.10
C MET A 28 33.67 -27.12 -10.16
N MET A 29 33.57 -25.84 -9.91
CA MET A 29 32.85 -24.92 -10.79
C MET A 29 33.65 -23.63 -10.99
N PRO A 30 34.04 -22.94 -9.91
CA PRO A 30 34.92 -21.76 -10.01
C PRO A 30 36.15 -22.03 -10.88
N ALA A 31 36.31 -21.20 -11.90
CA ALA A 31 37.48 -21.26 -12.79
C ALA A 31 37.67 -22.65 -13.41
N ALA A 32 36.57 -23.37 -13.60
CA ALA A 32 36.64 -24.69 -14.20
C ALA A 32 36.57 -24.60 -15.73
N THR A 33 35.46 -24.09 -16.24
CA THR A 33 35.27 -23.98 -17.67
C THR A 33 34.39 -22.77 -18.00
N GLN A 34 34.88 -21.91 -18.89
CA GLN A 34 34.16 -20.73 -19.33
C GLN A 34 33.85 -19.80 -18.15
N ALA A 35 34.76 -19.76 -17.19
CA ALA A 35 34.59 -18.93 -16.01
C ALA A 35 34.92 -17.49 -16.35
N LEU A 36 36.16 -17.25 -16.77
CA LEU A 36 36.57 -15.94 -17.21
C LEU A 36 36.46 -15.88 -18.73
N PRO A 37 35.56 -15.02 -19.24
CA PRO A 37 35.32 -14.89 -20.69
C PRO A 37 36.60 -14.52 -21.45
N THR A 38 37.42 -13.67 -20.83
CA THR A 38 38.73 -13.29 -21.38
C THR A 38 38.67 -12.99 -22.87
N GLN A 39 37.70 -12.18 -23.27
CA GLN A 39 37.52 -11.84 -24.67
C GLN A 39 38.50 -10.75 -25.07
N PRO A 40 39.17 -10.91 -26.22
CA PRO A 40 40.14 -9.92 -26.72
C PRO A 40 39.55 -8.53 -26.82
N PRO A 41 40.04 -7.57 -26.01
CA PRO A 41 39.57 -6.19 -26.04
C PRO A 41 40.14 -5.43 -27.23
N GLU A 42 41.01 -6.09 -27.98
CA GLU A 42 41.61 -5.51 -29.17
C GLU A 42 40.88 -6.05 -30.40
N GLY A 43 40.99 -5.32 -31.50
CA GLY A 43 40.37 -5.74 -32.73
C GLY A 43 41.25 -6.69 -33.50
N ALA A 44 41.33 -7.93 -33.04
CA ALA A 44 42.12 -8.94 -33.72
C ALA A 44 41.32 -9.59 -34.83
N ALA A 45 40.13 -10.06 -34.47
CA ALA A 45 39.25 -10.71 -35.42
C ALA A 45 38.53 -9.68 -36.28
N GLU A 46 38.73 -9.76 -37.58
CA GLU A 46 38.06 -8.89 -38.53
C GLU A 46 36.56 -9.16 -38.52
N GLU A 47 35.78 -8.24 -39.07
CA GLU A 47 34.34 -8.37 -39.01
C GLU A 47 33.85 -9.46 -39.95
N VAL A 48 33.75 -10.66 -39.42
CA VAL A 48 33.21 -11.80 -40.15
C VAL A 48 32.60 -12.80 -39.19
N ARG A 49 31.34 -13.12 -39.41
CA ARG A 49 30.65 -14.08 -38.56
C ARG A 49 30.85 -15.49 -39.11
N ALA A 50 32.11 -15.91 -39.17
CA ALA A 50 32.45 -17.22 -39.71
C ALA A 50 32.65 -18.22 -38.59
N GLY A 51 31.96 -18.01 -37.48
CA GLY A 51 32.05 -18.92 -36.35
C GLY A 51 31.47 -20.28 -36.68
N ASP A 52 32.35 -21.23 -36.98
CA ASP A 52 31.96 -22.57 -37.39
C ASP A 52 31.10 -22.52 -38.64
N ALA A 53 31.52 -21.68 -39.58
CA ALA A 53 30.82 -21.53 -40.85
C ALA A 53 31.11 -22.70 -41.76
N ALA A 54 32.05 -23.54 -41.35
CA ALA A 54 32.38 -24.76 -42.07
C ALA A 54 31.27 -25.78 -41.95
N ALA A 55 30.35 -25.52 -41.00
CA ALA A 55 29.18 -26.37 -40.76
C ALA A 55 29.58 -27.77 -40.31
N PRO A 56 29.75 -27.97 -38.99
CA PRO A 56 30.07 -29.27 -38.41
C PRO A 56 28.91 -30.25 -38.58
N SER A 57 29.20 -31.54 -38.47
CA SER A 57 28.18 -32.57 -38.58
C SER A 57 27.46 -32.74 -37.24
N LEU A 58 27.82 -31.89 -36.28
CA LEU A 58 27.19 -31.88 -34.98
C LEU A 58 26.60 -30.50 -34.71
N ASP A 59 26.27 -30.21 -33.46
CA ASP A 59 25.70 -28.92 -33.09
C ASP A 59 26.73 -27.80 -33.34
N PRO A 60 26.41 -26.87 -34.25
CA PRO A 60 27.32 -25.78 -34.63
C PRO A 60 27.44 -24.70 -33.56
N ALA A 61 26.37 -24.49 -32.81
CA ALA A 61 26.35 -23.47 -31.77
C ALA A 61 25.23 -23.75 -30.78
N THR A 62 25.59 -24.04 -29.55
CA THR A 62 24.61 -24.38 -28.53
C THR A 62 23.88 -23.13 -28.07
N ILE A 63 22.78 -22.81 -28.75
CA ILE A 63 21.97 -21.66 -28.41
C ILE A 63 20.62 -22.10 -27.86
N ALA A 64 20.25 -21.56 -26.71
CA ALA A 64 18.99 -21.91 -26.07
C ALA A 64 17.93 -20.88 -26.40
N ALA A 65 16.71 -21.34 -26.62
CA ALA A 65 15.61 -20.46 -26.95
C ALA A 65 15.03 -19.81 -25.70
N ASN A 66 15.89 -19.15 -24.94
CA ASN A 66 15.50 -18.51 -23.69
C ASN A 66 14.64 -17.28 -23.96
N ASN A 67 14.72 -16.77 -25.17
CA ASN A 67 13.92 -15.63 -25.58
C ASN A 67 13.13 -15.98 -26.81
N THR A 68 12.12 -15.16 -27.10
CA THR A 68 11.16 -15.42 -28.16
C THR A 68 10.24 -16.57 -27.77
N GLU A 69 10.84 -17.69 -27.37
CA GLU A 69 10.10 -18.83 -26.86
C GLU A 69 9.65 -18.58 -25.43
N PHE A 70 10.53 -17.99 -24.63
CA PHE A 70 10.20 -17.74 -23.24
C PHE A 70 10.07 -16.25 -22.99
N GLU A 71 11.20 -15.61 -22.86
CA GLU A 71 11.25 -14.16 -22.66
C GLU A 71 10.83 -13.45 -23.96
N PRO A 72 9.65 -12.81 -23.94
CA PRO A 72 9.08 -12.17 -25.13
C PRO A 72 9.74 -10.84 -25.48
N GLU A 73 10.48 -10.25 -24.53
CA GLU A 73 11.10 -8.95 -24.74
C GLU A 73 12.01 -8.95 -25.98
N PRO A 74 12.98 -9.89 -26.10
CA PRO A 74 13.86 -9.97 -27.26
C PRO A 74 13.32 -10.89 -28.35
N ALA A 75 12.00 -10.97 -28.45
CA ALA A 75 11.37 -11.76 -29.51
C ALA A 75 11.58 -11.11 -30.88
N PRO A 76 11.40 -9.77 -31.03
CA PRO A 76 11.73 -9.08 -32.28
C PRO A 76 13.23 -9.08 -32.53
N VAL A 77 13.62 -8.87 -33.78
CA VAL A 77 15.03 -8.92 -34.18
C VAL A 77 15.75 -7.63 -33.81
N ALA A 78 15.17 -6.89 -32.88
CA ALA A 78 15.73 -5.65 -32.39
C ALA A 78 15.27 -5.42 -30.96
N PRO A 79 15.93 -6.05 -29.98
CA PRO A 79 15.55 -5.96 -28.57
C PRO A 79 15.62 -4.53 -28.04
N PRO A 80 14.52 -4.02 -27.48
CA PRO A 80 14.49 -2.70 -26.86
C PRO A 80 15.30 -2.67 -25.58
N LYS A 81 16.55 -2.22 -25.69
CA LYS A 81 17.49 -2.25 -24.58
C LYS A 81 17.03 -1.35 -23.45
N PRO A 82 17.05 -1.86 -22.21
CA PRO A 82 16.71 -1.10 -21.02
C PRO A 82 17.86 -0.19 -20.59
N LYS A 83 18.93 -0.18 -21.39
CA LYS A 83 20.08 0.68 -21.15
C LYS A 83 20.22 1.70 -22.27
N PRO A 84 19.42 2.78 -22.24
CA PRO A 84 19.43 3.80 -23.29
C PRO A 84 20.53 4.83 -23.07
N VAL A 85 21.23 5.18 -24.15
CA VAL A 85 22.31 6.16 -24.05
C VAL A 85 21.77 7.54 -24.38
N GLU A 86 20.62 7.83 -23.81
CA GLU A 86 19.90 9.05 -24.08
C GLU A 86 18.98 9.40 -22.91
N PRO A 87 19.14 10.59 -22.33
CA PRO A 87 18.32 11.04 -21.21
C PRO A 87 16.95 11.53 -21.67
N PRO A 88 15.88 11.12 -20.98
CA PRO A 88 14.52 11.58 -21.27
C PRO A 88 14.27 13.00 -20.73
N LYS A 89 15.26 13.86 -20.91
CA LYS A 89 15.20 15.22 -20.42
C LYS A 89 14.42 16.13 -21.39
N PRO A 90 14.71 16.10 -22.72
CA PRO A 90 13.96 16.90 -23.69
C PRO A 90 12.70 16.18 -24.16
N LYS A 91 12.44 15.05 -23.51
CA LYS A 91 11.30 14.19 -23.84
C LYS A 91 10.00 14.85 -23.39
N VAL A 92 8.92 14.58 -24.11
CA VAL A 92 7.60 15.13 -23.79
C VAL A 92 6.93 14.41 -22.60
N GLU A 93 7.66 14.29 -21.51
CA GLU A 93 7.13 13.66 -20.30
C GLU A 93 6.46 14.72 -19.42
N ALA A 94 5.34 15.24 -19.91
CA ALA A 94 4.61 16.30 -19.23
C ALA A 94 4.26 15.92 -17.80
N PRO A 95 4.70 16.72 -16.82
CA PRO A 95 4.40 16.48 -15.40
C PRO A 95 2.93 16.72 -15.10
N PRO A 96 2.35 15.95 -14.15
CA PRO A 96 0.95 16.09 -13.74
C PRO A 96 0.64 17.51 -13.29
N ALA A 97 0.00 18.28 -14.18
CA ALA A 97 -0.34 19.66 -13.91
C ALA A 97 -1.44 19.78 -12.85
N PRO A 98 -2.57 19.04 -12.97
CA PRO A 98 -3.65 19.08 -11.98
C PRO A 98 -3.23 18.50 -10.62
N LYS A 99 -2.61 19.32 -9.80
CA LYS A 99 -2.18 18.91 -8.46
C LYS A 99 -3.40 18.66 -7.54
N PRO A 100 -4.36 19.61 -7.45
CA PRO A 100 -5.57 19.41 -6.64
C PRO A 100 -6.54 18.41 -7.28
N GLU A 101 -6.25 17.13 -7.08
CA GLU A 101 -7.05 16.06 -7.67
C GLU A 101 -8.10 15.57 -6.68
N PRO A 102 -9.22 15.02 -7.20
CA PRO A 102 -10.34 14.55 -6.36
C PRO A 102 -10.04 13.23 -5.65
N LYS A 103 -8.76 12.99 -5.40
CA LYS A 103 -8.32 11.83 -4.65
C LYS A 103 -7.21 12.23 -3.70
N PRO A 104 -7.54 12.96 -2.62
CA PRO A 104 -6.54 13.44 -1.66
C PRO A 104 -5.86 12.28 -0.94
N VAL A 105 -4.55 12.34 -0.88
CA VAL A 105 -3.77 11.31 -0.21
C VAL A 105 -3.54 11.68 1.26
N VAL A 106 -4.62 11.64 2.03
CA VAL A 106 -4.54 11.91 3.46
C VAL A 106 -3.93 10.71 4.18
N GLU A 107 -3.19 10.97 5.26
CA GLU A 107 -2.47 9.93 6.03
C GLU A 107 -1.82 8.91 5.11
N GLU A 108 -0.89 9.39 4.29
CA GLU A 108 -0.26 8.60 3.25
C GLU A 108 0.36 7.33 3.80
N LYS A 109 1.35 7.50 4.68
CA LYS A 109 2.04 6.40 5.36
C LYS A 109 3.11 5.83 4.45
N ALA A 110 3.01 6.18 3.18
CA ALA A 110 3.98 5.81 2.18
C ALA A 110 4.34 7.05 1.36
N ALA A 111 4.11 8.22 1.98
CA ALA A 111 4.33 9.51 1.35
C ALA A 111 3.31 9.75 0.23
N PRO A 112 3.09 11.03 -0.14
CA PRO A 112 2.06 11.44 -1.10
C PRO A 112 1.96 10.54 -2.35
N THR A 113 3.11 10.17 -2.91
CA THR A 113 3.14 9.24 -4.02
C THR A 113 4.57 8.72 -4.26
N GLY A 114 5.38 8.77 -3.22
CA GLY A 114 6.76 8.34 -3.33
C GLY A 114 6.90 6.83 -3.16
N LYS A 115 6.29 6.31 -2.11
CA LYS A 115 6.36 4.88 -1.83
C LYS A 115 5.04 4.21 -2.20
N ALA A 116 4.56 4.53 -3.39
CA ALA A 116 3.30 4.00 -3.88
C ALA A 116 3.48 2.57 -4.34
N TYR A 117 2.37 1.87 -4.54
CA TYR A 117 2.41 0.48 -4.98
C TYR A 117 1.26 0.15 -5.94
N VAL A 118 1.46 -0.89 -6.75
CA VAL A 118 0.39 -1.47 -7.58
C VAL A 118 0.69 -2.96 -7.79
N VAL A 119 -0.30 -3.76 -8.17
CA VAL A 119 -0.08 -5.19 -8.36
C VAL A 119 -0.07 -5.56 -9.86
N GLN A 120 1.10 -5.93 -10.37
CA GLN A 120 1.25 -6.26 -11.79
C GLN A 120 0.81 -7.69 -12.09
N LEU A 121 -0.24 -7.83 -12.88
CA LEU A 121 -0.75 -9.16 -13.20
C LEU A 121 -0.16 -9.65 -14.51
N GLY A 122 0.07 -8.72 -15.41
CA GLY A 122 0.56 -9.08 -16.72
C GLY A 122 1.49 -8.04 -17.29
N ALA A 123 2.23 -8.44 -18.32
CA ALA A 123 3.12 -7.53 -19.02
C ALA A 123 3.46 -8.14 -20.39
N LEU A 124 2.79 -7.65 -21.42
CA LEU A 124 2.93 -8.22 -22.75
C LEU A 124 3.25 -7.13 -23.75
N LYS A 125 3.73 -7.55 -24.89
CA LYS A 125 4.07 -6.65 -25.98
C LYS A 125 2.97 -6.71 -27.03
N ASN A 126 2.07 -7.67 -26.85
CA ASN A 126 0.87 -7.78 -27.68
C ASN A 126 -0.28 -7.08 -26.98
N ALA A 127 -0.72 -5.97 -27.54
CA ALA A 127 -1.79 -5.18 -26.95
C ALA A 127 -3.11 -5.95 -26.87
N ASP A 128 -3.22 -7.03 -27.65
CA ASP A 128 -4.38 -7.90 -27.62
C ASP A 128 -4.52 -8.53 -26.24
N LYS A 129 -3.38 -8.81 -25.65
CA LYS A 129 -3.33 -9.43 -24.33
C LYS A 129 -3.46 -8.36 -23.26
N VAL A 130 -3.23 -7.12 -23.65
CA VAL A 130 -3.47 -6.01 -22.77
C VAL A 130 -4.97 -5.73 -22.68
N ASN A 131 -5.65 -5.97 -23.80
CA ASN A 131 -7.09 -5.77 -23.89
C ASN A 131 -7.84 -6.78 -23.03
N GLU A 132 -7.35 -8.01 -22.98
CA GLU A 132 -8.03 -9.09 -22.26
C GLU A 132 -7.86 -8.94 -20.76
N ILE A 133 -6.79 -8.32 -20.33
CA ILE A 133 -6.56 -8.11 -18.90
C ILE A 133 -7.28 -6.84 -18.44
N VAL A 134 -7.07 -5.76 -19.17
CA VAL A 134 -7.68 -4.47 -18.85
C VAL A 134 -9.18 -4.50 -19.09
N GLY A 135 -9.59 -5.01 -20.25
CA GLY A 135 -10.99 -5.04 -20.60
C GLY A 135 -11.81 -5.87 -19.63
N LYS A 136 -11.14 -6.79 -18.94
CA LYS A 136 -11.81 -7.62 -17.94
C LYS A 136 -11.85 -6.91 -16.59
N LEU A 137 -10.69 -6.53 -16.07
CA LEU A 137 -10.62 -5.92 -14.75
C LEU A 137 -11.00 -4.44 -14.77
N ARG A 138 -10.31 -3.64 -15.58
CA ARG A 138 -10.59 -2.21 -15.64
C ARG A 138 -11.98 -1.97 -16.20
N GLY A 139 -12.34 -2.78 -17.19
CA GLY A 139 -13.61 -2.64 -17.85
C GLY A 139 -14.77 -2.95 -16.93
N ALA A 140 -14.53 -3.76 -15.92
CA ALA A 140 -15.56 -4.11 -14.96
C ALA A 140 -15.65 -3.06 -13.85
N GLY A 141 -14.71 -2.12 -13.87
CA GLY A 141 -14.73 -1.02 -12.93
C GLY A 141 -13.63 -1.10 -11.89
N TYR A 142 -12.76 -2.10 -12.00
CA TYR A 142 -11.69 -2.28 -11.03
C TYR A 142 -10.55 -1.33 -11.32
N ARG A 143 -9.81 -0.97 -10.28
CA ARG A 143 -8.71 -0.04 -10.39
C ARG A 143 -7.56 -0.68 -11.15
N VAL A 144 -7.46 -0.38 -12.43
CA VAL A 144 -6.41 -0.94 -13.27
C VAL A 144 -5.72 0.12 -14.09
N TYR A 145 -4.41 0.07 -14.08
CA TYR A 145 -3.62 0.90 -14.97
C TYR A 145 -2.48 0.09 -15.56
N THR A 146 -1.77 0.72 -16.46
CA THR A 146 -0.77 0.05 -17.28
C THR A 146 0.62 0.61 -17.05
N SER A 147 1.58 0.11 -17.81
CA SER A 147 2.97 0.52 -17.70
C SER A 147 3.12 2.04 -17.81
N PRO A 148 4.13 2.58 -17.11
CA PRO A 148 4.44 4.01 -17.00
C PRO A 148 3.93 4.89 -18.14
N SER A 149 4.43 4.69 -19.36
CA SER A 149 4.14 5.62 -20.43
C SER A 149 2.87 5.27 -21.20
N THR A 150 2.84 4.12 -21.88
CA THR A 150 1.75 3.80 -22.78
C THR A 150 1.73 2.33 -23.19
N PRO A 151 0.56 1.68 -23.12
CA PRO A 151 0.30 0.41 -23.81
C PRO A 151 0.38 0.57 -25.32
N VAL A 152 1.21 -0.22 -25.95
CA VAL A 152 1.44 -0.09 -27.38
C VAL A 152 1.84 -1.45 -27.97
N GLN A 153 1.65 -1.59 -29.26
CA GLN A 153 1.96 -2.85 -29.94
C GLN A 153 3.46 -2.95 -30.23
N GLY A 154 4.09 -3.98 -29.68
CA GLY A 154 5.50 -4.20 -29.92
C GLY A 154 6.35 -3.91 -28.69
N LYS A 155 5.83 -3.10 -27.78
CA LYS A 155 6.56 -2.75 -26.58
C LYS A 155 5.84 -3.30 -25.35
N ILE A 156 6.57 -3.36 -24.25
CA ILE A 156 6.07 -3.97 -23.04
C ILE A 156 4.96 -3.14 -22.39
N THR A 157 3.79 -3.75 -22.26
CA THR A 157 2.69 -3.14 -21.55
C THR A 157 2.39 -3.94 -20.29
N ARG A 158 2.76 -3.38 -19.17
CA ARG A 158 2.47 -3.98 -17.89
C ARG A 158 1.07 -3.61 -17.47
N ILE A 159 0.36 -4.53 -16.88
CA ILE A 159 -0.98 -4.26 -16.40
C ILE A 159 -1.05 -4.53 -14.91
N LEU A 160 -1.45 -3.52 -14.18
CA LEU A 160 -1.37 -3.55 -12.75
C LEU A 160 -2.71 -3.18 -12.12
N VAL A 161 -3.10 -3.94 -11.12
CA VAL A 161 -4.34 -3.73 -10.42
C VAL A 161 -4.10 -3.08 -9.07
N GLY A 162 -4.89 -2.07 -8.79
CA GLY A 162 -4.89 -1.44 -7.49
C GLY A 162 -3.84 -0.38 -7.33
N PRO A 163 -3.68 0.56 -8.29
CA PRO A 163 -2.73 1.66 -8.11
C PRO A 163 -3.10 2.52 -6.91
N ASP A 164 -2.15 2.67 -6.01
CA ASP A 164 -2.39 3.47 -4.83
C ASP A 164 -1.07 3.98 -4.27
N ALA A 165 -1.12 5.17 -3.69
CA ALA A 165 0.06 5.81 -3.14
C ALA A 165 0.27 5.40 -1.69
N SER A 166 -0.70 4.72 -1.12
CA SER A 166 -0.60 4.26 0.25
C SER A 166 -0.23 2.81 0.26
N LYS A 167 1.06 2.56 0.38
CA LYS A 167 1.57 1.21 0.46
C LYS A 167 0.89 0.48 1.61
N ASP A 168 0.70 1.18 2.72
CA ASP A 168 0.13 0.57 3.92
C ASP A 168 -1.30 0.10 3.69
N LYS A 169 -2.15 1.00 3.20
CA LYS A 169 -3.55 0.67 2.95
C LYS A 169 -3.69 -0.42 1.90
N LEU A 170 -2.95 -0.27 0.82
CA LEU A 170 -3.05 -1.19 -0.30
C LEU A 170 -2.33 -2.51 0.02
N LYS A 171 -1.42 -2.46 0.98
CA LYS A 171 -0.69 -3.66 1.43
C LYS A 171 -1.66 -4.62 2.08
N GLY A 172 -2.59 -4.06 2.84
CA GLY A 172 -3.62 -4.85 3.48
C GLY A 172 -4.69 -5.22 2.51
N SER A 173 -4.64 -4.59 1.35
CA SER A 173 -5.66 -4.77 0.33
C SER A 173 -5.35 -5.93 -0.60
N LEU A 174 -4.16 -6.51 -0.49
CA LEU A 174 -3.74 -7.56 -1.41
C LEU A 174 -4.56 -8.82 -1.19
N GLY A 175 -4.87 -9.09 0.05
CA GLY A 175 -5.63 -10.28 0.39
C GLY A 175 -6.97 -10.29 -0.30
N GLU A 176 -7.65 -9.15 -0.28
CA GLU A 176 -8.95 -9.01 -0.89
C GLU A 176 -8.82 -8.75 -2.40
N LEU A 177 -7.64 -8.31 -2.82
CA LEU A 177 -7.44 -7.95 -4.22
C LEU A 177 -7.36 -9.19 -5.09
N LYS A 178 -6.78 -10.25 -4.53
CA LYS A 178 -6.74 -11.55 -5.19
C LYS A 178 -8.15 -12.12 -5.31
N GLN A 179 -9.06 -11.56 -4.56
CA GLN A 179 -10.47 -11.88 -4.68
C GLN A 179 -11.10 -10.98 -5.73
N LEU A 180 -10.65 -9.72 -5.78
CA LEU A 180 -11.18 -8.74 -6.71
C LEU A 180 -10.81 -9.09 -8.14
N SER A 181 -9.53 -9.33 -8.39
CA SER A 181 -9.10 -9.68 -9.73
C SER A 181 -8.83 -11.17 -9.83
N GLY A 182 -8.09 -11.69 -8.87
CA GLY A 182 -7.70 -13.10 -8.91
C GLY A 182 -6.60 -13.37 -9.91
N LEU A 183 -6.17 -12.30 -10.59
CA LEU A 183 -5.14 -12.39 -11.61
C LEU A 183 -3.79 -12.56 -10.96
N SER A 184 -2.84 -13.07 -11.72
CA SER A 184 -1.51 -13.38 -11.20
C SER A 184 -0.70 -12.11 -11.06
N GLY A 185 -0.74 -11.51 -9.87
CA GLY A 185 -0.13 -10.21 -9.68
C GLY A 185 1.08 -10.22 -8.78
N VAL A 186 2.09 -9.48 -9.18
CA VAL A 186 3.26 -9.27 -8.35
C VAL A 186 3.18 -7.90 -7.72
N VAL A 187 3.54 -7.83 -6.45
CA VAL A 187 3.51 -6.57 -5.72
C VAL A 187 4.69 -5.69 -6.14
N MET A 188 4.40 -4.67 -6.92
CA MET A 188 5.44 -3.82 -7.47
C MET A 188 5.27 -2.40 -6.97
N GLY A 189 6.38 -1.81 -6.54
CA GLY A 189 6.35 -0.46 -6.06
C GLY A 189 6.06 0.52 -7.18
N TYR A 190 5.24 1.50 -6.85
CA TYR A 190 4.68 2.42 -7.81
C TYR A 190 5.30 3.80 -7.66
N THR A 191 5.73 4.38 -8.76
CA THR A 191 6.22 5.74 -8.75
C THR A 191 5.87 6.43 -10.08
N PRO A 192 4.75 7.16 -10.13
CA PRO A 192 4.31 7.85 -11.34
C PRO A 192 5.24 9.00 -11.71
N ASN A 193 5.36 9.27 -12.99
CA ASN A 193 6.23 10.33 -13.47
C ASN A 193 5.45 11.61 -13.63
N ASP A 1 -48.77 27.21 12.08
CA ASP A 1 -47.74 27.26 11.02
C ASP A 1 -47.24 28.69 10.83
N GLY A 2 -46.00 28.82 10.38
CA GLY A 2 -45.43 30.13 10.17
C GLY A 2 -44.54 30.56 11.30
N GLN A 3 -43.71 31.58 11.04
CA GLN A 3 -42.78 32.12 12.02
C GLN A 3 -41.79 31.06 12.50
N LYS A 4 -40.76 30.83 11.68
CA LYS A 4 -39.74 29.84 11.99
C LYS A 4 -38.78 30.35 13.05
N LYS A 5 -39.22 30.36 14.30
CA LYS A 5 -38.37 30.74 15.42
C LYS A 5 -37.84 29.48 16.09
N HIS A 6 -36.69 29.58 16.74
CA HIS A 6 -36.10 28.43 17.43
C HIS A 6 -35.73 28.78 18.88
N TYR A 7 -36.41 29.76 19.43
CA TYR A 7 -36.08 30.25 20.76
C TYR A 7 -37.35 30.37 21.60
N GLN A 8 -37.17 30.75 22.87
CA GLN A 8 -38.26 30.84 23.83
C GLN A 8 -38.85 29.44 24.05
N ASP A 9 -37.96 28.44 23.98
CA ASP A 9 -38.31 27.03 24.16
C ASP A 9 -39.07 26.46 22.97
N GLU A 10 -38.47 25.47 22.32
CA GLU A 10 -39.09 24.82 21.17
C GLU A 10 -39.99 23.67 21.61
N PHE A 11 -40.62 23.85 22.76
CA PHE A 11 -41.44 22.83 23.42
C PHE A 11 -40.60 21.60 23.81
N ALA A 12 -40.28 20.77 22.84
CA ALA A 12 -39.52 19.55 23.10
C ALA A 12 -38.90 19.02 21.82
N ALA A 13 -37.67 18.52 21.93
CA ALA A 13 -36.95 17.99 20.79
C ALA A 13 -37.35 16.54 20.55
N ILE A 14 -38.62 16.34 20.19
CA ILE A 14 -39.15 15.00 19.98
C ILE A 14 -39.70 14.83 18.56
N PRO A 15 -38.83 14.54 17.60
CA PRO A 15 -39.22 14.33 16.20
C PRO A 15 -39.84 12.94 15.99
N LEU A 16 -41.02 12.74 16.59
CA LEU A 16 -41.76 11.49 16.42
C LEU A 16 -40.98 10.31 17.01
N VAL A 17 -40.26 10.56 18.09
CA VAL A 17 -39.50 9.51 18.76
C VAL A 17 -40.34 8.84 19.85
N PRO A 18 -40.94 9.60 20.80
CA PRO A 18 -41.79 9.05 21.84
C PRO A 18 -43.25 9.04 21.42
N LYS A 19 -44.10 8.41 22.23
CA LYS A 19 -45.54 8.46 21.99
C LYS A 19 -46.12 9.72 22.63
N ALA A 20 -45.58 10.85 22.19
CA ALA A 20 -45.98 12.15 22.69
C ALA A 20 -45.39 13.23 21.80
N GLY A 21 -46.19 14.24 21.49
CA GLY A 21 -45.72 15.34 20.68
C GLY A 21 -46.16 16.66 21.25
N ASP A 22 -46.77 17.49 20.40
CA ASP A 22 -47.29 18.78 20.83
C ASP A 22 -48.31 18.58 21.96
N ARG A 23 -48.05 19.21 23.08
CA ARG A 23 -48.88 19.07 24.27
C ARG A 23 -48.58 20.18 25.25
N ASP A 24 -49.19 21.33 25.02
CA ASP A 24 -48.89 22.54 25.78
C ASP A 24 -49.10 22.33 27.27
N GLU A 25 -48.02 22.31 28.01
CA GLU A 25 -48.10 22.29 29.46
C GLU A 25 -48.23 23.72 29.97
N PRO A 26 -49.35 24.06 30.59
CA PRO A 26 -49.64 25.42 31.03
C PRO A 26 -48.84 25.83 32.27
N ASP A 27 -47.91 24.98 32.66
CA ASP A 27 -47.07 25.27 33.82
C ASP A 27 -45.63 24.90 33.52
N MET A 28 -45.02 25.66 32.62
CA MET A 28 -43.62 25.45 32.24
C MET A 28 -43.13 26.66 31.44
N MET A 29 -43.64 26.79 30.22
CA MET A 29 -43.30 27.92 29.35
C MET A 29 -44.50 28.34 28.51
N PRO A 30 -45.20 27.40 27.85
CA PRO A 30 -46.46 27.72 27.16
C PRO A 30 -47.56 27.98 28.17
N ALA A 31 -48.14 29.15 28.08
CA ALA A 31 -49.25 29.51 28.96
C ALA A 31 -50.52 28.79 28.53
N ALA A 32 -50.79 28.84 27.23
CA ALA A 32 -51.95 28.16 26.64
C ALA A 32 -52.00 28.46 25.15
N THR A 33 -53.05 27.99 24.47
CA THR A 33 -53.25 28.31 23.06
C THR A 33 -53.57 29.80 22.91
N GLN A 34 -53.98 30.43 24.00
CA GLN A 34 -54.30 31.85 24.01
C GLN A 34 -53.02 32.67 24.17
N ALA A 35 -51.96 32.02 24.60
CA ALA A 35 -50.70 32.70 24.87
C ALA A 35 -49.52 31.79 24.55
N LEU A 36 -49.08 31.82 23.30
CA LEU A 36 -47.92 31.05 22.87
C LEU A 36 -46.64 31.73 23.34
N PRO A 37 -45.50 30.99 23.39
CA PRO A 37 -44.22 31.54 23.85
C PRO A 37 -43.58 32.49 22.82
N THR A 38 -44.20 33.66 22.65
CA THR A 38 -43.70 34.69 21.74
C THR A 38 -43.62 34.17 20.30
N GLN A 39 -44.65 33.43 19.91
CA GLN A 39 -44.74 32.86 18.57
C GLN A 39 -46.10 32.21 18.35
N PRO A 40 -47.15 33.04 18.17
CA PRO A 40 -48.53 32.57 17.96
C PRO A 40 -48.72 31.61 16.76
N PRO A 41 -48.14 31.90 15.56
CA PRO A 41 -48.30 31.03 14.38
C PRO A 41 -47.95 29.58 14.66
N GLU A 42 -46.82 29.37 15.31
CA GLU A 42 -46.39 28.04 15.70
C GLU A 42 -45.29 28.17 16.74
N GLY A 43 -45.22 27.18 17.61
CA GLY A 43 -44.30 27.24 18.74
C GLY A 43 -42.96 26.63 18.41
N ALA A 44 -42.30 27.19 17.39
CA ALA A 44 -40.96 26.78 16.97
C ALA A 44 -40.94 25.39 16.32
N ALA A 45 -41.87 24.53 16.70
CA ALA A 45 -41.91 23.16 16.23
C ALA A 45 -42.41 23.04 14.79
N GLU A 46 -42.29 24.13 14.03
CA GLU A 46 -42.58 24.09 12.60
C GLU A 46 -41.34 23.58 11.88
N GLU A 47 -40.20 23.77 12.52
CA GLU A 47 -38.94 23.28 12.01
C GLU A 47 -38.21 22.53 13.12
N VAL A 48 -38.46 21.23 13.22
CA VAL A 48 -37.88 20.43 14.28
C VAL A 48 -36.42 20.10 13.98
N ARG A 49 -35.52 20.89 14.54
CA ARG A 49 -34.09 20.67 14.35
C ARG A 49 -33.61 19.58 15.31
N ALA A 50 -34.10 19.63 16.54
CA ALA A 50 -33.80 18.65 17.59
C ALA A 50 -32.33 18.68 18.03
N GLY A 51 -31.44 18.34 17.11
CA GLY A 51 -30.03 18.22 17.45
C GLY A 51 -29.22 19.44 17.08
N ASP A 52 -28.10 19.21 16.41
CA ASP A 52 -27.17 20.28 16.04
C ASP A 52 -26.68 21.01 17.27
N ALA A 53 -26.01 20.26 18.15
CA ALA A 53 -25.41 20.80 19.39
C ALA A 53 -26.46 21.11 20.45
N ALA A 54 -27.69 21.34 20.02
CA ALA A 54 -28.76 21.69 20.94
C ALA A 54 -29.27 20.47 21.71
N ALA A 55 -29.26 19.31 21.08
CA ALA A 55 -29.76 18.08 21.70
C ALA A 55 -29.06 17.78 23.03
N PRO A 56 -27.71 17.69 23.06
CA PRO A 56 -26.99 17.45 24.31
C PRO A 56 -26.95 18.69 25.20
N SER A 57 -27.18 19.85 24.59
CA SER A 57 -27.09 21.14 25.25
C SER A 57 -25.63 21.47 25.59
N LEU A 58 -25.04 20.66 26.45
CA LEU A 58 -23.63 20.81 26.82
C LEU A 58 -22.83 19.63 26.31
N ASP A 59 -21.56 19.86 26.00
CA ASP A 59 -20.69 18.83 25.46
C ASP A 59 -20.18 17.91 26.56
N PRO A 60 -20.30 16.59 26.36
CA PRO A 60 -19.80 15.59 27.33
C PRO A 60 -18.28 15.59 27.43
N ALA A 61 -17.64 16.23 26.46
CA ALA A 61 -16.19 16.32 26.43
C ALA A 61 -15.69 17.26 27.52
N THR A 62 -15.18 16.69 28.60
CA THR A 62 -14.68 17.47 29.72
C THR A 62 -13.31 18.07 29.39
N ILE A 63 -12.46 17.29 28.74
CA ILE A 63 -11.15 17.77 28.33
C ILE A 63 -10.99 17.66 26.81
N ALA A 64 -11.34 16.50 26.26
CA ALA A 64 -11.35 16.28 24.83
C ALA A 64 -12.00 14.94 24.49
N ALA A 65 -11.19 13.89 24.41
CA ALA A 65 -11.68 12.55 24.07
C ALA A 65 -10.53 11.56 23.90
N ASN A 66 -9.49 12.00 23.22
CA ASN A 66 -8.41 11.09 22.79
C ASN A 66 -7.25 11.06 23.79
N ASN A 67 -7.57 10.93 25.07
CA ASN A 67 -6.55 10.89 26.11
C ASN A 67 -7.01 10.03 27.28
N THR A 68 -6.94 8.71 27.12
CA THR A 68 -7.19 7.79 28.22
C THR A 68 -6.09 7.96 29.26
N GLU A 69 -4.86 7.87 28.77
CA GLU A 69 -3.69 8.23 29.55
C GLU A 69 -2.95 9.37 28.83
N PHE A 70 -3.13 9.41 27.51
CA PHE A 70 -2.49 10.41 26.66
C PHE A 70 -2.89 10.21 25.20
N GLU A 71 -3.58 9.12 24.96
CA GLU A 71 -4.07 8.78 23.62
C GLU A 71 -5.37 8.00 23.76
N PRO A 72 -6.12 7.76 22.66
CA PRO A 72 -7.36 6.99 22.71
C PRO A 72 -7.15 5.59 23.27
N GLU A 73 -6.39 4.79 22.56
CA GLU A 73 -6.11 3.42 22.99
C GLU A 73 -5.13 2.76 22.01
N PRO A 74 -4.09 2.10 22.54
CA PRO A 74 -3.14 1.33 21.73
C PRO A 74 -3.82 0.13 21.06
N ALA A 75 -4.10 0.28 19.76
CA ALA A 75 -4.84 -0.71 18.99
C ALA A 75 -6.22 -0.94 19.61
N PRO A 76 -7.16 -0.01 19.36
CA PRO A 76 -8.50 -0.03 19.96
C PRO A 76 -9.30 -1.26 19.57
N VAL A 77 -10.08 -1.78 20.52
CA VAL A 77 -10.90 -2.95 20.30
C VAL A 77 -12.31 -2.55 19.88
N ALA A 78 -12.44 -1.33 19.43
CA ALA A 78 -13.72 -0.78 19.01
C ALA A 78 -14.21 -1.41 17.69
N PRO A 79 -13.37 -1.46 16.63
CA PRO A 79 -13.75 -2.10 15.36
C PRO A 79 -13.95 -3.61 15.53
N PRO A 80 -14.73 -4.23 14.63
CA PRO A 80 -15.02 -5.66 14.67
C PRO A 80 -13.81 -6.50 14.25
N LYS A 81 -12.83 -5.83 13.67
CA LYS A 81 -11.59 -6.48 13.29
C LYS A 81 -10.60 -6.40 14.45
N PRO A 82 -9.98 -7.54 14.81
CA PRO A 82 -8.96 -7.58 15.86
C PRO A 82 -7.74 -6.73 15.52
N LYS A 83 -7.64 -5.57 16.15
CA LYS A 83 -6.51 -4.68 15.93
C LYS A 83 -5.33 -5.07 16.82
N PRO A 84 -5.52 -5.24 18.16
CA PRO A 84 -4.43 -5.66 19.04
C PRO A 84 -4.10 -7.13 18.89
N VAL A 85 -3.10 -7.42 18.09
CA VAL A 85 -2.65 -8.78 17.89
C VAL A 85 -1.49 -9.06 18.84
N GLU A 86 -1.77 -8.79 20.10
CA GLU A 86 -0.80 -9.02 21.17
C GLU A 86 -0.46 -10.50 21.35
N PRO A 87 -1.46 -11.42 21.30
CA PRO A 87 -1.21 -12.86 21.31
C PRO A 87 -0.01 -13.26 20.45
N PRO A 88 0.95 -14.00 21.03
CA PRO A 88 2.18 -14.38 20.34
C PRO A 88 1.97 -15.51 19.35
N LYS A 89 3.08 -16.01 18.80
CA LYS A 89 3.06 -17.09 17.81
C LYS A 89 2.37 -16.62 16.53
N PRO A 90 3.02 -15.75 15.75
CA PRO A 90 2.49 -15.23 14.51
C PRO A 90 3.02 -16.00 13.30
N LYS A 91 3.93 -16.93 13.60
CA LYS A 91 4.58 -17.77 12.61
C LYS A 91 5.35 -16.90 11.62
N VAL A 92 6.20 -16.01 12.16
CA VAL A 92 6.98 -15.04 11.38
C VAL A 92 6.21 -14.48 10.18
N GLU A 93 6.57 -14.90 8.98
CA GLU A 93 5.88 -14.44 7.78
C GLU A 93 5.13 -15.59 7.12
N ALA A 94 4.07 -16.04 7.78
CA ALA A 94 3.22 -17.10 7.26
C ALA A 94 2.61 -16.69 5.92
N PRO A 95 3.00 -17.38 4.83
CA PRO A 95 2.50 -17.10 3.48
C PRO A 95 0.97 -17.21 3.35
N PRO A 96 0.32 -18.32 3.81
CA PRO A 96 -1.13 -18.46 3.69
C PRO A 96 -1.85 -17.91 4.91
N ALA A 97 -1.39 -16.77 5.40
CA ALA A 97 -2.00 -16.12 6.55
C ALA A 97 -3.37 -15.56 6.20
N PRO A 98 -4.41 -15.91 6.98
CA PRO A 98 -5.77 -15.40 6.76
C PRO A 98 -5.86 -13.89 6.93
N LYS A 99 -4.87 -13.33 7.59
CA LYS A 99 -4.77 -11.89 7.79
C LYS A 99 -3.53 -11.35 7.09
N PRO A 100 -3.73 -10.63 5.98
CA PRO A 100 -2.65 -10.05 5.18
C PRO A 100 -1.69 -9.18 5.99
N GLU A 101 -2.25 -8.43 6.92
CA GLU A 101 -1.46 -7.59 7.83
C GLU A 101 -1.85 -7.88 9.28
N PRO A 102 -1.18 -8.85 9.92
CA PRO A 102 -1.44 -9.22 11.31
C PRO A 102 -0.96 -8.15 12.29
N LYS A 103 0.35 -7.95 12.34
CA LYS A 103 0.95 -6.98 13.23
C LYS A 103 1.62 -5.88 12.42
N PRO A 104 0.84 -4.85 12.01
CA PRO A 104 1.35 -3.77 11.17
C PRO A 104 2.20 -2.78 11.95
N VAL A 105 3.42 -3.19 12.24
CA VAL A 105 4.37 -2.32 12.94
C VAL A 105 5.16 -1.52 11.91
N VAL A 106 4.44 -1.03 10.93
CA VAL A 106 5.05 -0.34 9.80
C VAL A 106 4.08 0.65 9.18
N GLU A 107 4.59 1.84 8.87
CA GLU A 107 3.80 2.84 8.15
C GLU A 107 4.42 3.06 6.78
N GLU A 108 3.94 4.10 6.08
CA GLU A 108 4.36 4.38 4.71
C GLU A 108 5.88 4.31 4.52
N LYS A 109 6.59 5.39 4.88
CA LYS A 109 8.05 5.47 4.73
C LYS A 109 8.45 5.57 3.25
N ALA A 110 7.77 4.81 2.41
CA ALA A 110 7.92 4.90 0.97
C ALA A 110 7.36 6.23 0.47
N ALA A 111 6.47 6.80 1.30
CA ALA A 111 5.80 8.06 1.02
C ALA A 111 4.70 7.89 -0.02
N PRO A 112 3.61 8.68 0.09
CA PRO A 112 2.44 8.55 -0.80
C PRO A 112 2.80 8.57 -2.28
N THR A 113 3.10 9.74 -2.81
CA THR A 113 3.40 9.89 -4.22
C THR A 113 4.89 9.70 -4.47
N GLY A 114 5.67 9.71 -3.39
CA GLY A 114 7.10 9.46 -3.50
C GLY A 114 7.38 8.08 -4.03
N LYS A 115 6.82 7.08 -3.35
CA LYS A 115 6.96 5.69 -3.78
C LYS A 115 5.67 4.94 -3.49
N ALA A 116 4.70 5.13 -4.37
CA ALA A 116 3.41 4.45 -4.30
C ALA A 116 3.57 3.01 -4.74
N TYR A 117 2.53 2.22 -4.52
CA TYR A 117 2.57 0.80 -4.89
C TYR A 117 1.36 0.37 -5.74
N VAL A 118 1.53 -0.71 -6.52
CA VAL A 118 0.44 -1.33 -7.31
C VAL A 118 0.73 -2.85 -7.46
N VAL A 119 -0.26 -3.64 -7.88
CA VAL A 119 -0.04 -5.07 -8.08
C VAL A 119 0.05 -5.41 -9.57
N GLN A 120 1.23 -5.82 -10.02
CA GLN A 120 1.45 -6.11 -11.44
C GLN A 120 1.10 -7.55 -11.78
N LEU A 121 -0.04 -7.74 -12.44
CA LEU A 121 -0.53 -9.08 -12.76
C LEU A 121 0.10 -9.59 -14.03
N GLY A 122 0.30 -8.69 -14.97
CA GLY A 122 0.76 -9.08 -16.27
C GLY A 122 1.69 -8.07 -16.88
N ALA A 123 2.33 -8.46 -17.97
CA ALA A 123 3.28 -7.63 -18.67
C ALA A 123 3.63 -8.26 -20.01
N LEU A 124 3.02 -7.74 -21.06
CA LEU A 124 3.14 -8.33 -22.38
C LEU A 124 3.29 -7.26 -23.43
N LYS A 125 3.91 -7.64 -24.53
CA LYS A 125 4.21 -6.73 -25.61
C LYS A 125 3.12 -6.81 -26.67
N ASN A 126 2.17 -7.71 -26.44
CA ASN A 126 1.04 -7.87 -27.32
C ASN A 126 -0.15 -7.12 -26.73
N ALA A 127 -0.47 -5.97 -27.31
CA ALA A 127 -1.58 -5.16 -26.86
C ALA A 127 -2.91 -5.89 -27.07
N ASP A 128 -2.86 -6.88 -27.94
CA ASP A 128 -3.99 -7.76 -28.18
C ASP A 128 -4.38 -8.48 -26.90
N LYS A 129 -3.38 -8.77 -26.12
CA LYS A 129 -3.56 -9.49 -24.87
C LYS A 129 -3.78 -8.51 -23.72
N VAL A 130 -3.20 -7.32 -23.86
CA VAL A 130 -3.45 -6.23 -22.92
C VAL A 130 -4.94 -5.91 -22.87
N ASN A 131 -5.57 -5.97 -24.04
CA ASN A 131 -6.99 -5.68 -24.18
C ASN A 131 -7.84 -6.62 -23.33
N GLU A 132 -7.35 -7.84 -23.11
CA GLU A 132 -8.08 -8.81 -22.30
C GLU A 132 -7.99 -8.43 -20.84
N ILE A 133 -6.77 -8.44 -20.34
CA ILE A 133 -6.51 -8.18 -18.92
C ILE A 133 -7.12 -6.87 -18.50
N VAL A 134 -6.93 -5.86 -19.33
CA VAL A 134 -7.44 -4.54 -19.03
C VAL A 134 -8.95 -4.48 -19.20
N GLY A 135 -9.45 -5.13 -20.25
CA GLY A 135 -10.89 -5.19 -20.45
C GLY A 135 -11.58 -5.89 -19.30
N LYS A 136 -10.90 -6.86 -18.73
CA LYS A 136 -11.40 -7.62 -17.61
C LYS A 136 -11.48 -6.76 -16.35
N LEU A 137 -10.35 -6.20 -15.94
CA LEU A 137 -10.29 -5.44 -14.71
C LEU A 137 -10.72 -3.99 -14.89
N ARG A 138 -10.12 -3.30 -15.85
CA ARG A 138 -10.40 -1.88 -16.04
C ARG A 138 -11.82 -1.69 -16.55
N GLY A 139 -12.25 -2.60 -17.40
CA GLY A 139 -13.55 -2.51 -18.02
C GLY A 139 -14.68 -2.77 -17.05
N ALA A 140 -14.37 -3.50 -15.98
CA ALA A 140 -15.36 -3.81 -14.95
C ALA A 140 -15.38 -2.74 -13.87
N GLY A 141 -14.54 -1.72 -14.06
CA GLY A 141 -14.55 -0.59 -13.14
C GLY A 141 -13.63 -0.76 -11.96
N TYR A 142 -12.62 -1.61 -12.09
CA TYR A 142 -11.66 -1.81 -11.02
C TYR A 142 -10.51 -0.83 -11.16
N ARG A 143 -9.86 -0.53 -10.04
CA ARG A 143 -8.73 0.38 -10.07
C ARG A 143 -7.52 -0.37 -10.61
N VAL A 144 -7.25 -0.15 -11.88
CA VAL A 144 -6.18 -0.83 -12.58
C VAL A 144 -5.55 0.13 -13.56
N TYR A 145 -4.25 0.07 -13.70
CA TYR A 145 -3.56 0.85 -14.71
C TYR A 145 -2.46 0.03 -15.37
N THR A 146 -1.84 0.65 -16.34
CA THR A 146 -0.89 -0.02 -17.22
C THR A 146 0.53 0.48 -16.97
N SER A 147 1.46 0.00 -17.77
CA SER A 147 2.84 0.44 -17.70
C SER A 147 2.93 1.96 -17.80
N PRO A 148 3.95 2.54 -17.14
CA PRO A 148 4.15 3.98 -17.00
C PRO A 148 3.67 4.82 -18.17
N SER A 149 4.24 4.62 -19.35
CA SER A 149 4.00 5.55 -20.45
C SER A 149 2.74 5.22 -21.26
N THR A 150 2.70 4.07 -21.92
CA THR A 150 1.59 3.76 -22.82
C THR A 150 1.58 2.29 -23.24
N PRO A 151 0.42 1.59 -23.10
CA PRO A 151 0.18 0.32 -23.77
C PRO A 151 0.26 0.46 -25.28
N VAL A 152 1.12 -0.34 -25.89
CA VAL A 152 1.34 -0.27 -27.30
C VAL A 152 1.80 -1.62 -27.83
N GLN A 153 1.66 -1.84 -29.12
CA GLN A 153 2.06 -3.09 -29.73
C GLN A 153 3.56 -3.12 -29.96
N GLY A 154 4.22 -4.11 -29.39
CA GLY A 154 5.65 -4.28 -29.60
C GLY A 154 6.47 -3.94 -28.37
N LYS A 155 5.92 -3.09 -27.52
CA LYS A 155 6.60 -2.69 -26.30
C LYS A 155 5.90 -3.30 -25.09
N ILE A 156 6.62 -3.36 -23.98
CA ILE A 156 6.13 -4.04 -22.80
C ILE A 156 5.01 -3.24 -22.11
N THR A 157 3.79 -3.75 -22.21
CA THR A 157 2.66 -3.18 -21.51
C THR A 157 2.38 -3.99 -20.26
N ARG A 158 2.60 -3.38 -19.12
CA ARG A 158 2.38 -4.03 -17.85
C ARG A 158 0.99 -3.73 -17.35
N ILE A 159 0.38 -4.69 -16.69
CA ILE A 159 -0.96 -4.51 -16.15
C ILE A 159 -0.90 -4.58 -14.64
N LEU A 160 -1.31 -3.51 -13.99
CA LEU A 160 -1.18 -3.40 -12.55
C LEU A 160 -2.52 -3.01 -11.92
N VAL A 161 -2.98 -3.83 -10.99
CA VAL A 161 -4.22 -3.60 -10.30
C VAL A 161 -3.99 -3.00 -8.93
N GLY A 162 -4.77 -1.99 -8.63
CA GLY A 162 -4.77 -1.38 -7.32
C GLY A 162 -3.69 -0.33 -7.15
N PRO A 163 -3.53 0.63 -8.09
CA PRO A 163 -2.60 1.72 -7.90
C PRO A 163 -3.02 2.55 -6.70
N ASP A 164 -2.11 2.74 -5.78
CA ASP A 164 -2.41 3.52 -4.60
C ASP A 164 -1.14 4.06 -3.98
N ALA A 165 -1.27 5.18 -3.30
CA ALA A 165 -0.13 5.86 -2.73
C ALA A 165 0.16 5.36 -1.31
N SER A 166 -0.62 4.38 -0.87
CA SER A 166 -0.37 3.76 0.41
C SER A 166 -0.07 2.30 0.22
N LYS A 167 1.21 1.99 0.21
CA LYS A 167 1.67 0.65 0.01
C LYS A 167 1.10 -0.31 1.05
N ASP A 168 1.02 0.14 2.28
CA ASP A 168 0.56 -0.71 3.38
C ASP A 168 -0.94 -0.96 3.29
N LYS A 169 -1.69 0.11 3.07
CA LYS A 169 -3.14 0.00 2.95
C LYS A 169 -3.52 -0.92 1.80
N LEU A 170 -2.75 -0.85 0.74
CA LEU A 170 -3.02 -1.66 -0.44
C LEU A 170 -2.42 -3.06 -0.28
N LYS A 171 -1.40 -3.17 0.56
CA LYS A 171 -0.72 -4.45 0.80
C LYS A 171 -1.60 -5.35 1.66
N GLY A 172 -2.33 -4.74 2.58
CA GLY A 172 -3.27 -5.48 3.40
C GLY A 172 -4.49 -5.83 2.59
N SER A 173 -4.59 -5.18 1.45
CA SER A 173 -5.72 -5.35 0.55
C SER A 173 -5.49 -6.45 -0.46
N LEU A 174 -4.28 -6.98 -0.51
CA LEU A 174 -3.93 -7.99 -1.49
C LEU A 174 -4.72 -9.27 -1.25
N GLY A 175 -4.96 -9.58 0.03
CA GLY A 175 -5.68 -10.78 0.37
C GLY A 175 -7.06 -10.81 -0.25
N GLU A 176 -7.75 -9.67 -0.20
CA GLU A 176 -9.07 -9.55 -0.76
C GLU A 176 -9.00 -9.21 -2.25
N LEU A 177 -7.84 -8.70 -2.68
CA LEU A 177 -7.68 -8.27 -4.06
C LEU A 177 -7.69 -9.48 -4.98
N LYS A 178 -7.26 -10.60 -4.45
CA LYS A 178 -7.33 -11.88 -5.16
C LYS A 178 -8.78 -12.24 -5.47
N GLN A 179 -9.71 -11.58 -4.79
CA GLN A 179 -11.11 -11.71 -5.11
C GLN A 179 -11.52 -10.65 -6.15
N LEU A 180 -11.04 -9.41 -5.97
CA LEU A 180 -11.38 -8.31 -6.86
C LEU A 180 -10.92 -8.57 -8.28
N SER A 181 -9.65 -8.83 -8.42
CA SER A 181 -9.07 -9.10 -9.72
C SER A 181 -8.96 -10.60 -9.97
N GLY A 182 -8.50 -11.31 -8.96
CA GLY A 182 -8.28 -12.74 -9.08
C GLY A 182 -7.08 -13.05 -9.94
N LEU A 183 -6.40 -12.00 -10.39
CA LEU A 183 -5.27 -12.14 -11.27
C LEU A 183 -4.01 -12.36 -10.44
N SER A 184 -3.04 -13.04 -11.02
CA SER A 184 -1.81 -13.35 -10.32
C SER A 184 -0.78 -12.26 -10.54
N GLY A 185 -0.57 -11.44 -9.53
CA GLY A 185 0.29 -10.29 -9.69
C GLY A 185 1.35 -10.16 -8.61
N VAL A 186 2.37 -9.38 -8.93
CA VAL A 186 3.46 -9.10 -8.01
C VAL A 186 3.26 -7.72 -7.41
N VAL A 187 3.56 -7.59 -6.14
CA VAL A 187 3.44 -6.31 -5.46
C VAL A 187 4.63 -5.42 -5.84
N MET A 188 4.36 -4.45 -6.69
CA MET A 188 5.42 -3.62 -7.26
C MET A 188 5.16 -2.16 -6.95
N GLY A 189 6.16 -1.34 -7.22
CA GLY A 189 6.06 0.06 -6.90
C GLY A 189 5.35 0.85 -7.97
N TYR A 190 4.93 2.04 -7.59
CA TYR A 190 4.11 2.92 -8.42
C TYR A 190 4.74 4.30 -8.50
N THR A 191 4.95 4.78 -9.71
CA THR A 191 5.45 6.11 -9.91
C THR A 191 4.86 6.69 -11.20
N PRO A 192 3.74 7.43 -11.07
CA PRO A 192 3.05 8.02 -12.22
C PRO A 192 3.83 9.18 -12.83
N ASN A 193 3.67 9.38 -14.14
CA ASN A 193 4.31 10.47 -14.85
C ASN A 193 3.40 10.94 -15.98
N ASP A 1 -30.60 21.42 24.24
CA ASP A 1 -29.41 21.69 23.38
C ASP A 1 -28.43 22.56 24.12
N GLY A 2 -27.43 21.93 24.73
CA GLY A 2 -26.44 22.67 25.49
C GLY A 2 -25.51 23.47 24.60
N GLN A 3 -24.82 24.42 25.21
CA GLN A 3 -23.86 25.27 24.52
C GLN A 3 -24.54 26.18 23.50
N LYS A 4 -24.50 25.76 22.22
CA LYS A 4 -25.02 26.57 21.12
C LYS A 4 -24.36 27.95 21.07
N LYS A 5 -23.14 28.02 21.62
CA LYS A 5 -22.39 29.27 21.68
C LYS A 5 -20.96 28.96 22.08
N HIS A 6 -20.18 30.01 22.37
CA HIS A 6 -18.77 29.85 22.72
C HIS A 6 -17.99 29.19 21.59
N TYR A 7 -18.28 29.60 20.37
CA TYR A 7 -17.58 29.08 19.22
C TYR A 7 -17.35 30.19 18.19
N GLN A 8 -16.69 31.24 18.62
CA GLN A 8 -16.29 32.30 17.71
C GLN A 8 -14.92 31.99 17.13
N ASP A 9 -14.77 30.75 16.70
CA ASP A 9 -13.52 30.28 16.11
C ASP A 9 -13.52 30.62 14.63
N GLU A 10 -12.48 31.31 14.20
CA GLU A 10 -12.33 31.71 12.80
C GLU A 10 -12.38 30.51 11.88
N PHE A 11 -13.38 30.49 10.99
CA PHE A 11 -13.49 29.42 10.02
C PHE A 11 -12.44 29.55 8.92
N ALA A 12 -11.28 28.99 9.19
CA ALA A 12 -10.20 28.95 8.20
C ALA A 12 -10.27 27.63 7.44
N ALA A 13 -11.04 26.71 7.97
CA ALA A 13 -11.22 25.40 7.37
C ALA A 13 -12.72 25.09 7.26
N ILE A 14 -13.09 23.81 7.37
CA ILE A 14 -14.47 23.37 7.25
C ILE A 14 -15.04 23.74 5.86
N PRO A 15 -14.60 23.02 4.82
CA PRO A 15 -15.12 23.19 3.46
C PRO A 15 -16.43 22.43 3.28
N LEU A 16 -17.38 22.71 4.17
CA LEU A 16 -18.71 22.09 4.15
C LEU A 16 -18.60 20.58 4.35
N VAL A 17 -17.55 20.15 5.02
CA VAL A 17 -17.37 18.73 5.32
C VAL A 17 -18.23 18.31 6.52
N PRO A 18 -18.03 18.89 7.72
CA PRO A 18 -18.93 18.67 8.86
C PRO A 18 -20.22 19.48 8.73
N LYS A 19 -20.96 19.24 7.64
CA LYS A 19 -22.18 19.97 7.32
C LYS A 19 -21.88 21.42 6.95
N ALA A 20 -22.87 22.10 6.39
CA ALA A 20 -22.69 23.46 5.89
C ALA A 20 -22.82 24.49 7.01
N GLY A 21 -22.04 24.31 8.06
CA GLY A 21 -22.04 25.24 9.17
C GLY A 21 -21.13 26.43 8.91
N ASP A 22 -20.36 26.34 7.83
CA ASP A 22 -19.46 27.42 7.44
C ASP A 22 -20.22 28.50 6.69
N ARG A 23 -20.02 29.74 7.12
CA ARG A 23 -20.66 30.90 6.50
C ARG A 23 -22.18 30.79 6.62
N ASP A 24 -22.63 30.31 7.77
CA ASP A 24 -24.06 30.21 8.05
C ASP A 24 -24.65 31.61 8.19
N GLU A 25 -25.71 31.89 7.45
CA GLU A 25 -26.23 33.26 7.36
C GLU A 25 -27.19 33.59 8.50
N PRO A 26 -26.81 34.55 9.35
CA PRO A 26 -27.66 35.02 10.46
C PRO A 26 -28.66 36.08 10.01
N ASP A 27 -29.12 35.95 8.76
CA ASP A 27 -30.03 36.92 8.18
C ASP A 27 -31.48 36.50 8.37
N MET A 28 -31.81 35.31 7.89
CA MET A 28 -33.20 34.84 7.94
C MET A 28 -33.53 34.20 9.28
N MET A 29 -33.22 32.91 9.41
CA MET A 29 -33.55 32.16 10.61
C MET A 29 -32.31 31.53 11.27
N PRO A 30 -31.35 30.96 10.49
CA PRO A 30 -30.07 30.52 11.03
C PRO A 30 -29.41 31.59 11.89
N ALA A 31 -29.07 31.20 13.13
CA ALA A 31 -28.42 32.07 14.10
C ALA A 31 -29.33 33.23 14.53
N ALA A 32 -30.58 33.16 14.13
CA ALA A 32 -31.57 34.14 14.55
C ALA A 32 -32.57 33.50 15.50
N THR A 33 -32.94 32.26 15.20
CA THR A 33 -33.83 31.50 16.06
C THR A 33 -33.04 30.90 17.23
N GLN A 34 -31.81 30.51 16.95
CA GLN A 34 -30.92 30.00 17.97
C GLN A 34 -29.76 30.96 18.17
N ALA A 35 -28.85 30.63 19.09
CA ALA A 35 -27.72 31.49 19.37
C ALA A 35 -26.66 31.40 18.26
N LEU A 36 -25.84 30.36 18.32
CA LEU A 36 -24.78 30.16 17.33
C LEU A 36 -24.76 28.71 16.87
N PRO A 37 -25.53 28.38 15.81
CA PRO A 37 -25.64 27.03 15.30
C PRO A 37 -24.66 26.73 14.17
N THR A 38 -23.52 27.39 14.17
CA THR A 38 -22.50 27.16 13.15
C THR A 38 -21.91 25.76 13.31
N GLN A 39 -21.34 25.51 14.47
CA GLN A 39 -20.87 24.17 14.83
C GLN A 39 -21.28 23.85 16.26
N PRO A 40 -22.57 23.51 16.45
CA PRO A 40 -23.12 23.23 17.78
C PRO A 40 -22.81 21.81 18.24
N PRO A 41 -22.24 21.65 19.44
CA PRO A 41 -21.94 20.33 20.02
C PRO A 41 -23.19 19.55 20.37
N GLU A 42 -24.31 20.26 20.45
CA GLU A 42 -25.59 19.65 20.74
C GLU A 42 -26.59 19.99 19.66
N GLY A 43 -27.68 19.25 19.61
CA GLY A 43 -28.71 19.52 18.64
C GLY A 43 -28.79 18.48 17.56
N ALA A 44 -29.28 18.89 16.39
CA ALA A 44 -29.45 17.99 15.25
C ALA A 44 -30.49 16.91 15.55
N ALA A 45 -31.74 17.31 15.56
CA ALA A 45 -32.85 16.39 15.77
C ALA A 45 -33.33 15.83 14.44
N GLU A 46 -33.89 14.63 14.46
CA GLU A 46 -34.37 14.00 13.25
C GLU A 46 -35.86 14.25 13.05
N GLU A 47 -36.21 14.80 11.88
CA GLU A 47 -37.60 15.11 11.51
C GLU A 47 -38.16 16.28 12.31
N VAL A 48 -38.17 16.15 13.63
CA VAL A 48 -38.77 17.13 14.52
C VAL A 48 -38.08 18.49 14.37
N ARG A 49 -38.75 19.40 13.68
CA ARG A 49 -38.25 20.75 13.42
C ARG A 49 -37.03 20.72 12.50
N ALA A 50 -36.85 19.59 11.82
CA ALA A 50 -35.73 19.44 10.89
C ALA A 50 -36.22 19.30 9.46
N GLY A 51 -37.44 18.78 9.30
CA GLY A 51 -38.01 18.61 7.97
C GLY A 51 -38.50 19.91 7.38
N ASP A 52 -37.59 20.64 6.75
CA ASP A 52 -37.92 21.93 6.16
C ASP A 52 -37.10 22.15 4.90
N ALA A 53 -37.51 23.12 4.08
CA ALA A 53 -36.81 23.41 2.84
C ALA A 53 -35.57 24.28 3.10
N ALA A 54 -34.68 23.78 3.93
CA ALA A 54 -33.46 24.48 4.28
C ALA A 54 -32.32 23.50 4.52
N ALA A 55 -31.84 22.91 3.43
CA ALA A 55 -30.75 21.93 3.47
C ALA A 55 -31.18 20.63 4.15
N PRO A 56 -31.39 19.56 3.36
CA PRO A 56 -31.78 18.25 3.88
C PRO A 56 -30.76 17.69 4.87
N SER A 57 -29.53 18.19 4.76
CA SER A 57 -28.44 17.82 5.66
C SER A 57 -28.03 16.36 5.47
N LEU A 58 -27.09 15.89 6.29
CA LEU A 58 -26.63 14.52 6.21
C LEU A 58 -26.36 13.99 7.61
N ASP A 59 -26.85 12.79 7.89
CA ASP A 59 -26.67 12.17 9.19
C ASP A 59 -25.26 11.65 9.37
N PRO A 60 -24.64 11.94 10.52
CA PRO A 60 -23.30 11.44 10.85
C PRO A 60 -23.31 9.97 11.23
N ALA A 61 -24.53 9.42 11.33
CA ALA A 61 -24.75 8.01 11.68
C ALA A 61 -24.27 7.70 13.10
N THR A 62 -22.99 7.41 13.25
CA THR A 62 -22.40 6.99 14.53
C THR A 62 -23.20 5.89 15.22
N ILE A 63 -24.08 6.26 16.15
CA ILE A 63 -24.89 5.30 16.86
C ILE A 63 -26.05 4.84 15.99
N ALA A 64 -26.58 5.75 15.20
CA ALA A 64 -27.72 5.46 14.34
C ALA A 64 -27.27 5.33 12.88
N ALA A 65 -26.78 4.16 12.54
CA ALA A 65 -26.30 3.91 11.18
C ALA A 65 -27.33 3.17 10.35
N ASN A 66 -28.03 2.22 10.97
CA ASN A 66 -29.02 1.42 10.27
C ASN A 66 -30.00 0.76 11.24
N ASN A 67 -29.52 -0.21 12.00
CA ASN A 67 -30.38 -0.95 12.92
C ASN A 67 -30.51 -0.23 14.26
N THR A 68 -30.93 1.02 14.19
CA THR A 68 -31.24 1.77 15.40
C THR A 68 -32.76 1.86 15.55
N GLU A 69 -33.44 1.74 14.42
CA GLU A 69 -34.89 1.72 14.38
C GLU A 69 -35.35 0.73 13.31
N PHE A 70 -34.53 -0.29 13.11
CA PHE A 70 -34.77 -1.34 12.11
C PHE A 70 -34.93 -0.74 10.71
N GLU A 71 -33.97 0.07 10.29
CA GLU A 71 -34.02 0.70 8.99
C GLU A 71 -33.58 -0.29 7.92
N PRO A 72 -34.45 -0.59 6.94
CA PRO A 72 -34.12 -1.48 5.85
C PRO A 72 -33.19 -0.82 4.83
N GLU A 73 -32.32 -1.60 4.21
CA GLU A 73 -31.43 -1.08 3.19
C GLU A 73 -31.57 -1.88 1.89
N PRO A 74 -32.70 -1.74 1.19
CA PRO A 74 -32.96 -2.46 -0.06
C PRO A 74 -32.14 -1.91 -1.21
N ALA A 75 -32.33 -0.63 -1.50
CA ALA A 75 -31.59 0.04 -2.54
C ALA A 75 -31.19 1.45 -2.10
N PRO A 76 -29.89 1.73 -1.98
CA PRO A 76 -29.40 3.01 -1.49
C PRO A 76 -29.75 4.17 -2.42
N VAL A 77 -30.26 5.24 -1.83
CA VAL A 77 -30.62 6.43 -2.57
C VAL A 77 -29.61 7.54 -2.29
N ALA A 78 -28.73 7.77 -3.26
CA ALA A 78 -27.65 8.77 -3.15
C ALA A 78 -26.88 8.59 -1.84
N PRO A 79 -26.22 7.45 -1.66
CA PRO A 79 -25.56 7.11 -0.39
C PRO A 79 -24.21 7.81 -0.22
N PRO A 80 -23.94 8.30 1.00
CA PRO A 80 -22.64 8.90 1.34
C PRO A 80 -21.55 7.84 1.37
N LYS A 81 -21.99 6.60 1.53
CA LYS A 81 -21.11 5.45 1.46
C LYS A 81 -21.56 4.57 0.29
N PRO A 82 -20.71 4.42 -0.74
CA PRO A 82 -21.05 3.66 -1.96
C PRO A 82 -21.13 2.14 -1.73
N LYS A 83 -21.92 1.75 -0.74
CA LYS A 83 -22.11 0.35 -0.41
C LYS A 83 -23.04 -0.32 -1.42
N PRO A 84 -22.52 -1.28 -2.20
CA PRO A 84 -23.33 -2.00 -3.17
C PRO A 84 -24.17 -3.09 -2.52
N VAL A 85 -25.49 -2.97 -2.63
CA VAL A 85 -26.39 -3.95 -2.07
C VAL A 85 -26.61 -5.08 -3.06
N GLU A 86 -25.52 -5.56 -3.60
CA GLU A 86 -25.53 -6.56 -4.66
C GLU A 86 -24.45 -7.61 -4.43
N PRO A 87 -24.51 -8.75 -5.13
CA PRO A 87 -23.46 -9.78 -5.07
C PRO A 87 -22.08 -9.22 -5.46
N PRO A 88 -21.00 -10.01 -5.26
CA PRO A 88 -19.62 -9.61 -5.63
C PRO A 88 -19.44 -9.57 -7.16
N LYS A 89 -20.35 -8.86 -7.80
CA LYS A 89 -20.37 -8.71 -9.25
C LYS A 89 -21.49 -7.72 -9.61
N PRO A 90 -21.29 -6.43 -9.27
CA PRO A 90 -22.33 -5.39 -9.32
C PRO A 90 -23.26 -5.54 -10.52
N LYS A 91 -22.68 -5.51 -11.71
CA LYS A 91 -23.41 -5.77 -12.92
C LYS A 91 -22.63 -6.73 -13.80
N VAL A 92 -21.65 -7.39 -13.17
CA VAL A 92 -20.67 -8.22 -13.88
C VAL A 92 -19.78 -7.34 -14.77
N GLU A 93 -20.37 -6.80 -15.82
CA GLU A 93 -19.67 -5.90 -16.73
C GLU A 93 -20.14 -4.46 -16.50
N ALA A 94 -19.99 -4.00 -15.26
CA ALA A 94 -20.40 -2.64 -14.90
C ALA A 94 -19.49 -1.61 -15.56
N PRO A 95 -20.03 -0.83 -16.51
CA PRO A 95 -19.25 0.14 -17.28
C PRO A 95 -18.50 1.13 -16.39
N PRO A 96 -17.17 1.11 -16.45
CA PRO A 96 -16.32 2.01 -15.67
C PRO A 96 -16.32 3.42 -16.24
N ALA A 97 -15.83 4.37 -15.46
CA ALA A 97 -15.66 5.72 -15.93
C ALA A 97 -14.52 5.76 -16.94
N PRO A 98 -14.66 6.56 -18.01
CA PRO A 98 -13.64 6.64 -19.06
C PRO A 98 -12.39 7.40 -18.61
N LYS A 99 -12.21 7.48 -17.30
CA LYS A 99 -11.09 8.18 -16.70
C LYS A 99 -10.53 7.39 -15.53
N PRO A 100 -9.87 6.25 -15.80
CA PRO A 100 -9.32 5.38 -14.76
C PRO A 100 -8.00 5.93 -14.20
N GLU A 101 -8.07 7.14 -13.67
CA GLU A 101 -6.92 7.82 -13.13
C GLU A 101 -6.50 7.20 -11.80
N PRO A 102 -5.19 6.99 -11.59
CA PRO A 102 -4.67 6.42 -10.35
C PRO A 102 -4.74 7.41 -9.19
N LYS A 103 -5.95 7.65 -8.71
CA LYS A 103 -6.17 8.54 -7.59
C LYS A 103 -6.05 7.80 -6.27
N PRO A 104 -5.16 8.27 -5.37
CA PRO A 104 -5.06 7.73 -4.01
C PRO A 104 -6.34 7.99 -3.22
N VAL A 105 -6.90 6.94 -2.64
CA VAL A 105 -8.18 7.05 -1.95
C VAL A 105 -8.01 7.49 -0.50
N VAL A 106 -7.27 8.58 -0.32
CA VAL A 106 -7.03 9.18 0.99
C VAL A 106 -6.18 8.23 1.85
N GLU A 107 -5.76 8.71 3.02
CA GLU A 107 -5.03 7.91 4.00
C GLU A 107 -3.60 7.65 3.55
N GLU A 108 -2.76 8.65 3.71
CA GLU A 108 -1.36 8.55 3.34
C GLU A 108 -0.61 7.69 4.37
N LYS A 109 0.51 7.16 3.95
CA LYS A 109 1.28 6.24 4.79
C LYS A 109 2.61 5.94 4.11
N ALA A 110 2.60 6.03 2.79
CA ALA A 110 3.80 5.85 2.00
C ALA A 110 4.13 7.14 1.28
N ALA A 111 3.66 8.26 1.84
CA ALA A 111 3.86 9.60 1.29
C ALA A 111 3.12 9.80 -0.03
N PRO A 112 2.73 11.05 -0.35
CA PRO A 112 2.02 11.39 -1.59
C PRO A 112 2.78 10.94 -2.83
N THR A 113 2.45 9.75 -3.31
CA THR A 113 3.12 9.11 -4.45
C THR A 113 4.63 9.07 -4.30
N GLY A 114 5.10 9.07 -3.07
CA GLY A 114 6.53 8.95 -2.82
C GLY A 114 6.97 7.51 -2.85
N LYS A 115 6.21 6.67 -2.17
CA LYS A 115 6.44 5.24 -2.17
C LYS A 115 5.14 4.54 -2.51
N ALA A 116 4.59 4.89 -3.67
CA ALA A 116 3.32 4.35 -4.11
C ALA A 116 3.50 2.95 -4.64
N TYR A 117 2.40 2.22 -4.79
CA TYR A 117 2.45 0.84 -5.24
C TYR A 117 1.27 0.50 -6.14
N VAL A 118 1.49 -0.44 -7.05
CA VAL A 118 0.43 -1.03 -7.86
C VAL A 118 0.80 -2.50 -8.11
N VAL A 119 -0.18 -3.37 -8.34
CA VAL A 119 0.11 -4.78 -8.50
C VAL A 119 0.16 -5.15 -9.98
N GLN A 120 1.30 -5.67 -10.43
CA GLN A 120 1.44 -6.10 -11.82
C GLN A 120 0.90 -7.51 -12.02
N LEU A 121 -0.31 -7.63 -12.57
CA LEU A 121 -0.91 -8.93 -12.76
C LEU A 121 -0.48 -9.50 -14.10
N GLY A 122 -0.14 -8.59 -15.02
CA GLY A 122 0.36 -8.99 -16.32
C GLY A 122 1.31 -7.96 -16.89
N ALA A 123 2.15 -8.40 -17.82
CA ALA A 123 3.06 -7.52 -18.53
C ALA A 123 3.46 -8.15 -19.85
N LEU A 124 2.83 -7.70 -20.92
CA LEU A 124 2.98 -8.34 -22.21
C LEU A 124 3.42 -7.33 -23.24
N LYS A 125 4.14 -7.84 -24.22
CA LYS A 125 4.58 -7.04 -25.34
C LYS A 125 3.57 -7.19 -26.46
N ASN A 126 2.57 -8.01 -26.19
CA ASN A 126 1.45 -8.22 -27.09
C ASN A 126 0.24 -7.49 -26.55
N ALA A 127 -0.14 -6.38 -27.19
CA ALA A 127 -1.28 -5.59 -26.76
C ALA A 127 -2.57 -6.40 -26.86
N ASP A 128 -2.49 -7.49 -27.62
CA ASP A 128 -3.61 -8.41 -27.80
C ASP A 128 -4.13 -8.90 -26.45
N LYS A 129 -3.21 -9.08 -25.53
CA LYS A 129 -3.56 -9.56 -24.20
C LYS A 129 -3.87 -8.41 -23.26
N VAL A 130 -3.20 -7.27 -23.48
CA VAL A 130 -3.42 -6.07 -22.69
C VAL A 130 -4.90 -5.67 -22.72
N ASN A 131 -5.50 -5.76 -23.90
CA ASN A 131 -6.90 -5.40 -24.09
C ASN A 131 -7.83 -6.29 -23.27
N GLU A 132 -7.45 -7.56 -23.10
CA GLU A 132 -8.27 -8.50 -22.36
C GLU A 132 -8.21 -8.21 -20.89
N ILE A 133 -6.98 -8.26 -20.37
CA ILE A 133 -6.74 -8.06 -18.95
C ILE A 133 -7.38 -6.76 -18.47
N VAL A 134 -7.19 -5.71 -19.25
CA VAL A 134 -7.76 -4.43 -18.92
C VAL A 134 -9.27 -4.45 -19.10
N GLY A 135 -9.74 -5.05 -20.18
CA GLY A 135 -11.17 -5.15 -20.42
C GLY A 135 -11.87 -5.92 -19.32
N LYS A 136 -11.14 -6.85 -18.71
CA LYS A 136 -11.65 -7.63 -17.61
C LYS A 136 -11.74 -6.79 -16.33
N LEU A 137 -10.59 -6.31 -15.86
CA LEU A 137 -10.56 -5.59 -14.59
C LEU A 137 -11.05 -4.15 -14.71
N ARG A 138 -10.61 -3.44 -15.74
CA ARG A 138 -11.08 -2.07 -15.92
C ARG A 138 -12.56 -2.09 -16.24
N GLY A 139 -12.93 -2.98 -17.16
CA GLY A 139 -14.29 -3.05 -17.65
C GLY A 139 -15.28 -3.49 -16.59
N ALA A 140 -14.80 -4.14 -15.54
CA ALA A 140 -15.66 -4.56 -14.44
C ALA A 140 -15.81 -3.44 -13.43
N GLY A 141 -14.97 -2.42 -13.56
CA GLY A 141 -15.05 -1.26 -12.68
C GLY A 141 -13.99 -1.27 -11.60
N TYR A 142 -12.91 -2.01 -11.82
CA TYR A 142 -11.85 -2.08 -10.84
C TYR A 142 -10.75 -1.09 -11.17
N ARG A 143 -10.00 -0.67 -10.15
CA ARG A 143 -8.91 0.25 -10.35
C ARG A 143 -7.73 -0.47 -10.96
N VAL A 144 -7.53 -0.20 -12.23
CA VAL A 144 -6.49 -0.84 -12.99
C VAL A 144 -5.89 0.16 -13.97
N TYR A 145 -4.59 0.14 -14.10
CA TYR A 145 -3.94 0.93 -15.13
C TYR A 145 -2.79 0.15 -15.74
N THR A 146 -2.19 0.75 -16.73
CA THR A 146 -1.15 0.10 -17.51
C THR A 146 0.21 0.68 -17.13
N SER A 147 1.26 0.23 -17.81
CA SER A 147 2.59 0.74 -17.55
C SER A 147 2.61 2.27 -17.66
N PRO A 148 3.39 2.92 -16.77
CA PRO A 148 3.36 4.38 -16.56
C PRO A 148 3.17 5.21 -17.82
N SER A 149 3.92 4.92 -18.88
CA SER A 149 3.92 5.80 -20.03
C SER A 149 2.78 5.47 -21.00
N THR A 150 2.76 4.26 -21.58
CA THR A 150 1.78 3.94 -22.62
C THR A 150 1.72 2.42 -22.92
N PRO A 151 0.51 1.86 -23.09
CA PRO A 151 0.31 0.58 -23.76
C PRO A 151 0.65 0.67 -25.24
N VAL A 152 1.53 -0.18 -25.73
CA VAL A 152 1.95 -0.11 -27.10
C VAL A 152 2.23 -1.51 -27.66
N GLN A 153 2.07 -1.66 -28.96
CA GLN A 153 2.22 -2.95 -29.61
C GLN A 153 3.68 -3.27 -29.88
N GLY A 154 4.14 -4.41 -29.37
CA GLY A 154 5.50 -4.84 -29.63
C GLY A 154 6.43 -4.54 -28.47
N LYS A 155 5.98 -3.73 -27.54
CA LYS A 155 6.78 -3.37 -26.39
C LYS A 155 6.04 -3.74 -25.12
N ILE A 156 6.77 -3.83 -24.03
CA ILE A 156 6.23 -4.34 -22.77
C ILE A 156 5.16 -3.40 -22.20
N THR A 157 3.92 -3.86 -22.20
CA THR A 157 2.83 -3.15 -21.57
C THR A 157 2.40 -3.88 -20.32
N ARG A 158 2.55 -3.22 -19.19
CA ARG A 158 2.28 -3.82 -17.91
C ARG A 158 0.84 -3.50 -17.48
N ILE A 159 0.17 -4.48 -16.90
CA ILE A 159 -1.16 -4.28 -16.37
C ILE A 159 -1.13 -4.31 -14.86
N LEU A 160 -1.45 -3.20 -14.26
CA LEU A 160 -1.28 -3.04 -12.82
C LEU A 160 -2.61 -2.72 -12.16
N VAL A 161 -3.03 -3.61 -11.29
CA VAL A 161 -4.27 -3.48 -10.57
C VAL A 161 -4.03 -2.84 -9.21
N GLY A 162 -4.88 -1.89 -8.87
CA GLY A 162 -4.84 -1.29 -7.56
C GLY A 162 -3.79 -0.21 -7.42
N PRO A 163 -3.73 0.76 -8.36
CA PRO A 163 -2.81 1.89 -8.19
C PRO A 163 -3.18 2.72 -6.99
N ASP A 164 -2.22 2.91 -6.10
CA ASP A 164 -2.46 3.68 -4.91
C ASP A 164 -1.15 4.23 -4.37
N ALA A 165 -1.26 5.25 -3.54
CA ALA A 165 -0.08 5.91 -3.00
C ALA A 165 0.20 5.49 -1.57
N SER A 166 -0.64 4.60 -1.04
CA SER A 166 -0.43 4.08 0.29
C SER A 166 -0.12 2.60 0.22
N LYS A 167 1.17 2.31 0.24
CA LYS A 167 1.64 0.94 0.14
C LYS A 167 1.04 0.07 1.23
N ASP A 168 1.18 0.50 2.48
CA ASP A 168 0.74 -0.30 3.61
C ASP A 168 -0.76 -0.55 3.56
N LYS A 169 -1.51 0.41 3.04
CA LYS A 169 -2.95 0.28 2.92
C LYS A 169 -3.30 -0.70 1.80
N LEU A 170 -2.59 -0.61 0.69
CA LEU A 170 -2.87 -1.45 -0.47
C LEU A 170 -2.18 -2.83 -0.31
N LYS A 171 -1.20 -2.87 0.57
CA LYS A 171 -0.44 -4.10 0.85
C LYS A 171 -1.34 -5.12 1.53
N GLY A 172 -2.21 -4.63 2.38
CA GLY A 172 -3.16 -5.50 3.04
C GLY A 172 -4.32 -5.81 2.14
N SER A 173 -4.38 -5.07 1.05
CA SER A 173 -5.47 -5.17 0.10
C SER A 173 -5.25 -6.28 -0.92
N LEU A 174 -4.06 -6.87 -0.91
CA LEU A 174 -3.72 -7.90 -1.88
C LEU A 174 -4.50 -9.18 -1.60
N GLY A 175 -4.69 -9.46 -0.32
CA GLY A 175 -5.43 -10.65 0.08
C GLY A 175 -6.84 -10.66 -0.44
N GLU A 176 -7.46 -9.48 -0.46
CA GLU A 176 -8.80 -9.35 -1.02
C GLU A 176 -8.72 -9.12 -2.52
N LEU A 177 -7.55 -8.74 -3.01
CA LEU A 177 -7.37 -8.41 -4.42
C LEU A 177 -7.50 -9.64 -5.31
N LYS A 178 -7.05 -10.79 -4.82
CA LYS A 178 -7.24 -12.05 -5.54
C LYS A 178 -8.73 -12.38 -5.65
N GLN A 179 -9.53 -11.71 -4.84
CA GLN A 179 -10.97 -11.81 -4.94
C GLN A 179 -11.49 -10.76 -5.91
N LEU A 180 -10.85 -9.59 -5.89
CA LEU A 180 -11.26 -8.46 -6.71
C LEU A 180 -10.94 -8.71 -8.19
N SER A 181 -9.71 -9.06 -8.48
CA SER A 181 -9.28 -9.29 -9.84
C SER A 181 -9.29 -10.78 -10.16
N GLY A 182 -8.77 -11.56 -9.22
CA GLY A 182 -8.61 -12.99 -9.42
C GLY A 182 -7.44 -13.27 -10.35
N LEU A 183 -6.80 -12.19 -10.79
CA LEU A 183 -5.61 -12.26 -11.60
C LEU A 183 -4.42 -12.52 -10.69
N SER A 184 -3.31 -12.96 -11.25
CA SER A 184 -2.12 -13.19 -10.45
C SER A 184 -1.01 -12.21 -10.76
N GLY A 185 -0.74 -11.31 -9.80
CA GLY A 185 0.25 -10.29 -10.01
C GLY A 185 1.36 -10.30 -8.99
N VAL A 186 2.35 -9.45 -9.24
CA VAL A 186 3.45 -9.24 -8.32
C VAL A 186 3.44 -7.79 -7.85
N VAL A 187 3.85 -7.58 -6.61
CA VAL A 187 3.78 -6.27 -6.00
C VAL A 187 4.98 -5.42 -6.40
N MET A 188 4.72 -4.35 -7.13
CA MET A 188 5.78 -3.46 -7.58
C MET A 188 5.50 -2.04 -7.17
N GLY A 189 6.57 -1.29 -6.96
CA GLY A 189 6.43 0.06 -6.50
C GLY A 189 6.01 1.01 -7.61
N TYR A 190 4.97 1.75 -7.32
CA TYR A 190 4.42 2.73 -8.22
C TYR A 190 5.19 4.03 -8.07
N THR A 191 5.79 4.48 -9.14
CA THR A 191 6.58 5.68 -9.09
C THR A 191 6.26 6.58 -10.28
N PRO A 192 5.31 7.51 -10.11
CA PRO A 192 5.01 8.52 -11.11
C PRO A 192 6.17 9.49 -11.28
N ASN A 193 6.54 9.76 -12.51
CA ASN A 193 7.66 10.65 -12.78
C ASN A 193 7.17 12.07 -13.01
#